data_8SSE
#
_entry.id   8SSE
#
_cell.length_a   166.135
_cell.length_b   95.844
_cell.length_c   238.745
_cell.angle_alpha   90.000
_cell.angle_beta   91.956
_cell.angle_gamma   90.000
#
_symmetry.space_group_name_H-M   'C 1 2 1'
#
loop_
_entity.id
_entity.type
_entity.pdbx_description
1 polymer 'Methionine synthase'
2 non-polymer COBALAMIN
3 water water
#
_entity_poly.entity_id   1
_entity_poly.type   'polypeptide(L)'
_entity_poly.pdbx_seq_one_letter_code
;PLLERLKRRVVEGRKQGLEADLEEALKAGHKPLDLINGPLLAGMKEVGDLFGAGKMQLPFVLQAAEVMKRAVAYLEPHME
KKGEGKGTLVLATVKGDVHDIGKNLVDIILSNNGYRVVNLGIKVPIEEILKAVEAHKPHAVGMSGLLVKSTLVMKENLEY
MRDRGYTLPVILGGAALTRSYVEELRAIYPNVYYAEDAFEGLRLMEELTGHAPPELTRKAPARPKREAPKVAPRARPVGE
APAVPRPPFFGVRVEEGLDLATIAHYVNKLALYRGQWGYSRKGLSREAWQALVEREAEPVFQRLLKEAMAEGWLEPKVLY
GFFPVAREGEELLVFSPETGEVLERFRFPRQKGGGLSLVDYFRPRFAAPLGDEADWMPKEAFRAGARDVLGVQLVTMGEA
PSRKAQALFASGAYQDYLFVHGFSVEMTEALAEYWHKRMRQMWGIAHQDATEIQKLFQQGYQGARYSFGYPACPDLADQA
KLDRLMGFHRVGVRLTENFQLEPEHATSALVVHHPEARYFSVD
;
_entity_poly.pdbx_strand_id   A,B,C,D,E,F
#
loop_
_chem_comp.id
_chem_comp.type
_chem_comp.name
_chem_comp.formula
B12 non-polymer COBALAMIN 'C62 H89 Co N13 O14 P 2'
#
# COMPACT_ATOMS: atom_id res chain seq x y z
N PRO A 1 -14.76 2.82 18.38
CA PRO A 1 -15.89 3.30 19.21
C PRO A 1 -16.99 3.90 18.34
N LEU A 2 -18.03 4.45 19.00
CA LEU A 2 -19.11 5.19 18.35
C LEU A 2 -18.69 6.61 17.95
N LEU A 3 -17.65 7.19 18.58
CA LEU A 3 -17.07 8.49 18.21
C LEU A 3 -16.45 8.45 16.81
N GLU A 4 -15.71 7.38 16.49
CA GLU A 4 -15.14 7.17 15.15
C GLU A 4 -16.23 6.89 14.11
N ARG A 5 -17.34 6.25 14.52
CA ARG A 5 -18.48 5.93 13.67
C ARG A 5 -19.29 7.17 13.27
N LEU A 6 -19.44 8.15 14.17
CA LEU A 6 -20.08 9.44 13.86
C LEU A 6 -19.22 10.30 12.93
N LYS A 7 -17.88 10.24 13.06
CA LYS A 7 -16.96 10.84 12.09
C LYS A 7 -17.10 10.19 10.69
N ARG A 8 -17.22 8.85 10.67
CA ARG A 8 -17.32 8.07 9.45
C ARG A 8 -18.60 8.43 8.67
N ARG A 9 -19.73 8.60 9.39
CA ARG A 9 -21.04 8.91 8.79
C ARG A 9 -21.07 10.25 8.05
N VAL A 10 -20.29 11.24 8.52
CA VAL A 10 -20.10 12.51 7.84
C VAL A 10 -19.30 12.29 6.54
N VAL A 11 -18.12 11.65 6.62
CA VAL A 11 -17.18 11.60 5.50
C VAL A 11 -17.73 10.71 4.36
N GLU A 12 -18.44 9.63 4.69
CA GLU A 12 -19.12 8.78 3.72
C GLU A 12 -20.47 9.38 3.29
N GLY A 13 -21.14 10.13 4.15
CA GLY A 13 -22.38 10.81 3.83
C GLY A 13 -23.59 9.89 4.02
N ARG A 14 -23.61 9.11 5.13
CA ARG A 14 -24.63 8.11 5.42
C ARG A 14 -25.67 8.68 6.39
N LYS A 15 -26.83 9.09 5.87
CA LYS A 15 -27.94 9.61 6.67
C LYS A 15 -28.74 8.46 7.29
N GLN A 16 -28.89 7.33 6.56
CA GLN A 16 -29.74 6.21 6.97
C GLN A 16 -29.04 5.42 8.11
N GLY A 17 -29.57 5.59 9.34
CA GLY A 17 -29.03 5.03 10.58
C GLY A 17 -28.28 6.04 11.46
N LEU A 18 -28.34 7.33 11.11
CA LEU A 18 -27.67 8.40 11.82
C LEU A 18 -28.38 8.68 13.15
N GLU A 19 -29.72 8.85 13.11
CA GLU A 19 -30.51 9.24 14.28
C GLU A 19 -30.51 8.17 15.38
N ALA A 20 -30.31 6.89 14.99
CA ALA A 20 -30.01 5.81 15.93
C ALA A 20 -28.66 6.00 16.63
N ASP A 21 -27.60 6.35 15.87
CA ASP A 21 -26.24 6.49 16.38
C ASP A 21 -26.05 7.75 17.25
N LEU A 22 -26.81 8.83 16.95
CA LEU A 22 -26.84 10.03 17.78
C LEU A 22 -27.50 9.74 19.13
N GLU A 23 -28.67 9.08 19.11
CA GLU A 23 -29.41 8.70 20.32
C GLU A 23 -28.59 7.77 21.22
N GLU A 24 -27.82 6.84 20.61
CA GLU A 24 -26.93 5.92 21.32
C GLU A 24 -25.77 6.66 22.01
N ALA A 25 -25.20 7.69 21.36
CA ALA A 25 -24.06 8.42 21.89
C ALA A 25 -24.41 9.34 23.07
N LEU A 26 -25.61 9.95 23.05
CA LEU A 26 -26.12 10.81 24.11
C LEU A 26 -26.38 10.03 25.40
N LYS A 27 -27.00 8.83 25.29
CA LYS A 27 -27.23 7.94 26.41
C LYS A 27 -25.91 7.36 26.92
N ALA A 28 -24.92 7.14 26.02
CA ALA A 28 -23.60 6.68 26.40
C ALA A 28 -22.81 7.73 27.20
N GLY A 29 -23.29 8.97 27.29
CA GLY A 29 -22.73 10.00 28.16
C GLY A 29 -21.92 11.04 27.38
N HIS A 30 -22.53 11.62 26.33
CA HIS A 30 -21.96 12.78 25.63
C HIS A 30 -23.06 13.80 25.40
N LYS A 31 -22.77 15.09 25.57
CA LYS A 31 -23.76 16.16 25.46
C LYS A 31 -24.00 16.44 23.97
N PRO A 32 -25.15 17.04 23.56
CA PRO A 32 -25.40 17.46 22.19
C PRO A 32 -24.26 18.24 21.49
N LEU A 33 -23.80 19.33 22.14
CA LEU A 33 -22.73 20.14 21.56
C LEU A 33 -21.39 19.43 21.72
N ASP A 34 -21.30 18.44 22.64
CA ASP A 34 -20.11 17.64 22.85
C ASP A 34 -19.61 16.98 21.57
N LEU A 35 -20.53 16.53 20.70
CA LEU A 35 -20.21 15.85 19.46
C LEU A 35 -20.38 16.72 18.22
N ILE A 36 -21.15 17.83 18.29
CA ILE A 36 -21.26 18.81 17.20
C ILE A 36 -19.87 19.33 16.85
N ASN A 37 -19.22 19.97 17.84
CA ASN A 37 -17.85 20.45 17.72
C ASN A 37 -16.86 19.31 17.87
N GLY A 38 -17.31 18.09 18.29
CA GLY A 38 -16.38 16.99 18.55
C GLY A 38 -16.08 16.16 17.30
N PRO A 39 -16.54 14.88 17.22
CA PRO A 39 -16.21 14.00 16.09
C PRO A 39 -16.72 14.47 14.71
N LEU A 40 -17.97 14.97 14.66
CA LEU A 40 -18.64 15.38 13.43
C LEU A 40 -17.82 16.48 12.74
N LEU A 41 -17.54 17.61 13.41
CA LEU A 41 -16.78 18.71 12.82
C LEU A 41 -15.35 18.30 12.43
N ALA A 42 -14.79 17.28 13.08
CA ALA A 42 -13.57 16.60 12.64
C ALA A 42 -13.75 15.94 11.27
N GLY A 43 -14.93 15.31 11.07
CA GLY A 43 -15.34 14.72 9.80
C GLY A 43 -15.45 15.76 8.67
N MET A 44 -16.17 16.88 8.97
CA MET A 44 -16.38 17.97 8.03
C MET A 44 -15.09 18.72 7.67
N LYS A 45 -14.12 18.79 8.60
CA LYS A 45 -12.80 19.39 8.35
C LYS A 45 -11.96 18.48 7.45
N GLU A 46 -12.06 17.16 7.62
CA GLU A 46 -11.33 16.19 6.79
C GLU A 46 -11.84 16.23 5.35
N VAL A 47 -13.17 16.33 5.17
CA VAL A 47 -13.83 16.50 3.88
C VAL A 47 -13.36 17.79 3.19
N GLY A 48 -13.14 18.88 3.96
CA GLY A 48 -12.55 20.10 3.45
C GLY A 48 -11.11 19.95 2.97
N ASP A 49 -10.31 19.14 3.69
CA ASP A 49 -8.93 18.83 3.33
C ASP A 49 -8.89 18.01 2.04
N LEU A 50 -9.74 16.97 1.97
CA LEU A 50 -9.88 16.12 0.79
C LEU A 50 -10.26 16.92 -0.47
N PHE A 51 -11.26 17.82 -0.37
CA PHE A 51 -11.73 18.65 -1.49
C PHE A 51 -10.64 19.65 -1.89
N GLY A 52 -9.92 20.22 -0.90
CA GLY A 52 -8.74 21.05 -1.12
C GLY A 52 -7.62 20.35 -1.92
N ALA A 53 -7.42 19.04 -1.71
CA ALA A 53 -6.42 18.23 -2.39
C ALA A 53 -6.93 17.55 -3.68
N GLY A 54 -8.25 17.58 -3.97
CA GLY A 54 -8.81 16.92 -5.15
C GLY A 54 -8.90 15.39 -5.01
N LYS A 55 -9.26 14.89 -3.81
CA LYS A 55 -9.54 13.48 -3.54
C LYS A 55 -11.01 13.18 -3.23
N MET A 56 -11.86 14.19 -2.94
CA MET A 56 -13.31 14.07 -2.84
C MET A 56 -13.98 15.08 -3.79
N GLN A 57 -15.03 14.65 -4.51
CA GLN A 57 -15.76 15.48 -5.46
C GLN A 57 -16.93 16.19 -4.77
N LEU A 58 -17.37 17.34 -5.33
CA LEU A 58 -18.33 18.26 -4.71
C LEU A 58 -19.71 17.67 -4.40
N PRO A 59 -20.29 16.71 -5.16
CA PRO A 59 -21.55 16.07 -4.78
C PRO A 59 -21.54 15.26 -3.48
N PHE A 60 -20.36 14.77 -3.06
CA PHE A 60 -20.18 14.05 -1.81
C PHE A 60 -19.87 15.01 -0.65
N VAL A 61 -19.27 16.19 -0.94
CA VAL A 61 -19.05 17.25 0.05
C VAL A 61 -20.42 17.73 0.54
N LEU A 62 -21.35 17.99 -0.38
CA LEU A 62 -22.70 18.40 -0.02
C LEU A 62 -23.51 17.25 0.56
N GLN A 63 -23.13 15.99 0.27
CA GLN A 63 -23.72 14.83 0.93
C GLN A 63 -23.24 14.70 2.37
N ALA A 64 -21.98 15.08 2.65
CA ALA A 64 -21.46 15.19 4.01
C ALA A 64 -22.18 16.28 4.81
N ALA A 65 -22.44 17.44 4.19
CA ALA A 65 -23.13 18.56 4.82
C ALA A 65 -24.58 18.23 5.17
N GLU A 66 -25.25 17.41 4.32
CA GLU A 66 -26.57 16.85 4.59
C GLU A 66 -26.58 16.07 5.91
N VAL A 67 -25.54 15.26 6.18
CA VAL A 67 -25.43 14.47 7.40
C VAL A 67 -25.25 15.37 8.63
N MET A 68 -24.35 16.37 8.50
CA MET A 68 -24.05 17.30 9.56
C MET A 68 -25.29 18.14 9.90
N LYS A 69 -25.96 18.68 8.86
CA LYS A 69 -27.18 19.45 9.00
C LYS A 69 -28.28 18.64 9.69
N ARG A 70 -28.40 17.35 9.34
CA ARG A 70 -29.40 16.45 9.91
C ARG A 70 -29.05 16.08 11.37
N ALA A 71 -27.75 15.96 11.71
CA ALA A 71 -27.28 15.74 13.08
C ALA A 71 -27.66 16.91 14.01
N VAL A 72 -27.36 18.14 13.58
CA VAL A 72 -27.64 19.36 14.33
C VAL A 72 -29.15 19.56 14.50
N ALA A 73 -29.96 19.18 13.51
CA ALA A 73 -31.43 19.23 13.59
C ALA A 73 -31.99 18.29 14.65
N TYR A 74 -31.39 17.10 14.79
CA TYR A 74 -31.78 16.11 15.79
C TYR A 74 -31.38 16.54 17.21
N LEU A 75 -30.21 17.21 17.35
CA LEU A 75 -29.68 17.69 18.64
C LEU A 75 -30.20 19.09 19.04
N GLU A 76 -31.03 19.78 18.23
CA GLU A 76 -31.48 21.14 18.51
C GLU A 76 -32.56 21.20 19.59
N PRO A 77 -33.55 20.27 19.70
CA PRO A 77 -34.45 20.21 20.87
C PRO A 77 -33.79 20.08 22.25
N HIS A 78 -32.71 19.29 22.33
CA HIS A 78 -31.97 19.07 23.57
C HIS A 78 -31.19 20.32 23.99
N MET A 79 -30.66 21.06 22.98
CA MET A 79 -29.87 22.26 23.20
C MET A 79 -30.78 23.47 23.36
N GLU A 80 -30.33 24.46 24.14
CA GLU A 80 -30.99 25.77 24.30
C GLU A 80 -29.95 26.85 23.99
N LYS A 81 -29.52 26.88 22.70
CA LYS A 81 -28.47 27.77 22.22
C LYS A 81 -29.00 28.56 21.03
N GLU A 84 -24.82 28.84 19.03
CA GLU A 84 -23.74 29.69 19.63
C GLU A 84 -22.40 29.29 19.01
N GLY A 85 -22.26 29.60 17.72
CA GLY A 85 -21.23 29.05 16.84
C GLY A 85 -19.88 29.73 17.02
N LYS A 86 -18.96 29.49 16.07
CA LYS A 86 -17.56 29.91 16.15
C LYS A 86 -17.38 31.38 15.74
N GLY A 87 -18.40 32.00 15.11
CA GLY A 87 -18.35 33.34 14.58
C GLY A 87 -19.46 33.51 13.55
N THR A 88 -19.83 34.73 13.20
CA THR A 88 -20.97 34.97 12.32
C THR A 88 -20.51 35.63 11.03
N LEU A 89 -21.06 35.19 9.86
CA LEU A 89 -20.99 35.90 8.59
C LEU A 89 -22.41 36.38 8.26
N VAL A 90 -22.57 37.70 8.05
CA VAL A 90 -23.74 38.27 7.39
C VAL A 90 -23.47 38.23 5.89
N LEU A 91 -24.30 37.47 5.15
CA LEU A 91 -24.06 37.09 3.77
C LEU A 91 -25.22 37.55 2.89
N ALA A 92 -24.93 38.29 1.80
CA ALA A 92 -25.96 38.82 0.89
C ALA A 92 -25.50 38.79 -0.57
N THR A 93 -26.45 38.71 -1.52
CA THR A 93 -26.19 39.06 -2.91
C THR A 93 -26.55 40.54 -3.13
N VAL A 94 -25.74 41.22 -3.96
CA VAL A 94 -25.76 42.69 -4.04
C VAL A 94 -27.03 43.19 -4.72
N LYS A 95 -27.31 44.48 -4.52
CA LYS A 95 -28.40 45.23 -5.14
C LYS A 95 -28.27 45.14 -6.66
N GLY A 96 -29.41 44.86 -7.30
CA GLY A 96 -29.50 44.63 -8.72
C GLY A 96 -28.89 43.30 -9.18
N ASP A 97 -29.07 42.25 -8.38
CA ASP A 97 -28.58 40.91 -8.72
C ASP A 97 -29.45 39.87 -8.06
N VAL A 98 -29.73 38.80 -8.80
CA VAL A 98 -30.72 37.77 -8.47
C VAL A 98 -30.09 36.40 -8.27
N HIS A 99 -28.74 36.33 -8.34
CA HIS A 99 -28.02 35.10 -8.57
C HIS A 99 -27.60 34.60 -7.19
N ASP A 100 -27.99 33.36 -6.81
CA ASP A 100 -27.90 32.92 -5.43
C ASP A 100 -27.33 31.52 -5.27
N ILE A 101 -26.66 30.94 -6.28
CA ILE A 101 -26.06 29.62 -6.08
C ILE A 101 -24.74 29.73 -5.30
N GLY A 102 -23.91 30.74 -5.62
CA GLY A 102 -22.62 30.90 -4.97
C GLY A 102 -22.77 31.24 -3.48
N LYS A 103 -23.54 32.28 -3.19
CA LYS A 103 -23.86 32.70 -1.84
C LYS A 103 -24.45 31.54 -1.01
N ASN A 104 -25.44 30.81 -1.54
CA ASN A 104 -26.02 29.67 -0.83
C ASN A 104 -25.00 28.53 -0.66
N LEU A 105 -24.01 28.36 -1.55
CA LEU A 105 -22.93 27.38 -1.40
C LEU A 105 -22.01 27.74 -0.26
N VAL A 106 -21.73 29.03 -0.08
CA VAL A 106 -20.97 29.54 1.07
C VAL A 106 -21.73 29.19 2.36
N ASP A 107 -23.05 29.52 2.39
CA ASP A 107 -23.95 29.25 3.50
C ASP A 107 -23.86 27.79 3.96
N ILE A 108 -23.86 26.84 3.01
CA ILE A 108 -23.85 25.41 3.33
C ILE A 108 -22.52 25.00 3.97
N ILE A 109 -21.39 25.44 3.38
CA ILE A 109 -20.06 25.06 3.83
C ILE A 109 -19.76 25.67 5.20
N LEU A 110 -20.02 26.98 5.39
CA LEU A 110 -19.73 27.66 6.63
C LEU A 110 -20.63 27.13 7.75
N SER A 111 -21.94 26.99 7.50
CA SER A 111 -22.88 26.50 8.51
C SER A 111 -22.51 25.10 9.02
N ASN A 112 -22.17 24.18 8.13
CA ASN A 112 -21.79 22.81 8.49
C ASN A 112 -20.32 22.71 8.93
N ASN A 113 -19.56 23.82 8.97
CA ASN A 113 -18.27 23.86 9.66
C ASN A 113 -18.35 24.64 11.00
N GLY A 114 -19.57 24.86 11.54
CA GLY A 114 -19.77 25.44 12.85
C GLY A 114 -19.72 26.97 12.92
N TYR A 115 -19.80 27.70 11.80
CA TYR A 115 -20.02 29.14 11.79
C TYR A 115 -21.51 29.45 11.57
N ARG A 116 -21.91 30.65 11.98
CA ARG A 116 -23.29 31.11 11.86
C ARG A 116 -23.38 31.94 10.58
N VAL A 117 -24.41 31.70 9.75
CA VAL A 117 -24.61 32.41 8.48
C VAL A 117 -26.01 33.05 8.52
N VAL A 118 -26.04 34.38 8.31
CA VAL A 118 -27.28 35.14 8.24
C VAL A 118 -27.50 35.47 6.77
N ASN A 119 -28.21 34.56 6.04
CA ASN A 119 -28.40 34.71 4.59
C ASN A 119 -29.50 35.75 4.34
N LEU A 120 -29.16 36.92 3.78
CA LEU A 120 -30.12 38.01 3.52
C LEU A 120 -30.79 37.96 2.15
N GLY A 121 -30.52 36.94 1.31
CA GLY A 121 -31.23 36.78 0.04
C GLY A 121 -30.59 37.57 -1.11
N ILE A 122 -31.41 38.06 -2.04
CA ILE A 122 -30.95 38.63 -3.30
C ILE A 122 -31.45 40.07 -3.38
N LYS A 123 -30.80 40.89 -4.23
CA LYS A 123 -31.10 42.30 -4.46
C LYS A 123 -31.04 43.10 -3.15
N VAL A 124 -30.06 42.80 -2.27
CA VAL A 124 -30.01 43.34 -0.90
C VAL A 124 -29.21 44.64 -0.99
N PRO A 125 -29.78 45.84 -0.69
CA PRO A 125 -28.99 47.06 -0.63
C PRO A 125 -28.17 47.13 0.67
N ILE A 126 -27.15 47.99 0.68
CA ILE A 126 -26.18 48.08 1.78
C ILE A 126 -26.81 48.61 3.08
N GLU A 127 -27.88 49.43 2.96
CA GLU A 127 -28.76 49.82 4.05
C GLU A 127 -29.22 48.59 4.85
N GLU A 128 -29.77 47.59 4.15
CA GLU A 128 -30.30 46.35 4.72
C GLU A 128 -29.19 45.47 5.31
N ILE A 129 -28.02 45.44 4.63
CA ILE A 129 -26.89 44.61 5.02
C ILE A 129 -26.34 45.14 6.34
N LEU A 130 -26.17 46.46 6.45
CA LEU A 130 -25.63 47.08 7.66
C LEU A 130 -26.61 47.11 8.83
N LYS A 131 -27.93 47.08 8.58
CA LYS A 131 -28.94 46.83 9.61
C LYS A 131 -28.69 45.47 10.25
N ALA A 132 -28.44 44.44 9.42
CA ALA A 132 -28.07 43.10 9.90
C ALA A 132 -26.75 43.09 10.69
N VAL A 133 -25.75 43.90 10.30
CA VAL A 133 -24.46 43.92 10.98
C VAL A 133 -24.64 44.51 12.37
N GLU A 134 -25.52 45.52 12.53
CA GLU A 134 -25.83 46.13 13.81
C GLU A 134 -26.50 45.13 14.76
N ALA A 135 -27.48 44.36 14.25
CA ALA A 135 -28.24 43.39 15.04
C ALA A 135 -27.36 42.24 15.56
N HIS A 136 -26.58 41.63 14.65
CA HIS A 136 -25.87 40.38 14.90
C HIS A 136 -24.43 40.63 15.39
N LYS A 137 -23.78 41.73 14.96
CA LYS A 137 -22.38 42.08 15.26
C LYS A 137 -21.46 40.94 14.81
N PRO A 138 -21.40 40.63 13.49
CA PRO A 138 -20.65 39.47 12.98
C PRO A 138 -19.15 39.75 12.94
N HIS A 139 -18.36 38.68 12.74
CA HIS A 139 -16.93 38.80 12.41
C HIS A 139 -16.68 39.36 11.01
N ALA A 140 -17.51 39.04 9.98
CA ALA A 140 -17.36 39.57 8.62
C ALA A 140 -18.69 39.77 7.90
N VAL A 141 -18.66 40.58 6.84
CA VAL A 141 -19.75 40.65 5.86
C VAL A 141 -19.30 40.02 4.54
N GLY A 142 -20.23 39.28 3.92
CA GLY A 142 -20.05 38.65 2.62
C GLY A 142 -20.88 39.34 1.56
N MET A 143 -20.37 39.47 0.33
CA MET A 143 -21.18 39.97 -0.79
C MET A 143 -20.90 39.13 -2.03
N SER A 144 -21.96 38.54 -2.63
CA SER A 144 -21.93 37.77 -3.87
C SER A 144 -22.49 38.63 -5.01
N GLY A 145 -21.79 38.58 -6.14
CA GLY A 145 -22.29 39.09 -7.41
C GLY A 145 -22.38 37.98 -8.47
N LEU A 146 -22.67 38.43 -9.68
CA LEU A 146 -22.57 37.60 -10.88
C LEU A 146 -21.74 38.35 -11.90
N LEU A 147 -22.28 39.47 -12.39
CA LEU A 147 -21.77 40.19 -13.53
C LEU A 147 -20.90 41.34 -13.03
N VAL A 148 -20.23 42.06 -13.96
CA VAL A 148 -19.20 43.04 -13.65
C VAL A 148 -19.89 44.29 -13.08
N LYS A 149 -21.12 44.57 -13.50
CA LYS A 149 -21.91 45.66 -12.93
C LYS A 149 -22.29 45.36 -11.50
N SER A 150 -22.36 44.08 -11.08
CA SER A 150 -22.49 43.71 -9.65
C SER A 150 -21.23 43.98 -8.82
N THR A 151 -20.02 43.95 -9.42
CA THR A 151 -18.79 44.35 -8.73
C THR A 151 -18.76 45.85 -8.48
N LEU A 152 -19.26 46.65 -9.43
CA LEU A 152 -19.34 48.11 -9.29
C LEU A 152 -20.28 48.54 -8.17
N VAL A 153 -21.32 47.76 -7.87
CA VAL A 153 -22.17 47.94 -6.70
C VAL A 153 -21.37 47.60 -5.44
N MET A 154 -20.60 46.51 -5.43
CA MET A 154 -19.75 46.14 -4.31
C MET A 154 -18.77 47.27 -3.92
N LYS A 155 -18.26 48.01 -4.93
CA LYS A 155 -17.38 49.14 -4.73
C LYS A 155 -18.13 50.28 -4.04
N GLU A 156 -19.29 50.66 -4.58
CA GLU A 156 -20.16 51.65 -3.99
C GLU A 156 -20.55 51.27 -2.56
N ASN A 157 -20.71 49.95 -2.27
CA ASN A 157 -20.99 49.45 -0.94
C ASN A 157 -19.83 49.64 0.03
N LEU A 158 -18.59 49.46 -0.47
CA LEU A 158 -17.39 49.71 0.34
C LEU A 158 -17.22 51.19 0.58
N GLU A 159 -17.49 52.03 -0.44
CA GLU A 159 -17.53 53.48 -0.24
C GLU A 159 -18.57 53.88 0.81
N TYR A 160 -19.79 53.33 0.75
CA TYR A 160 -20.85 53.52 1.76
C TYR A 160 -20.31 53.08 3.13
N MET A 161 -19.70 51.90 3.26
CA MET A 161 -19.33 51.32 4.54
C MET A 161 -18.21 52.10 5.23
N ARG A 162 -17.20 52.59 4.47
CA ARG A 162 -16.13 53.44 5.00
C ARG A 162 -16.71 54.80 5.39
N ASP A 163 -17.59 55.41 4.58
CA ASP A 163 -18.27 56.69 4.85
C ASP A 163 -19.04 56.66 6.18
N ARG A 164 -19.72 55.54 6.47
CA ARG A 164 -20.33 55.26 7.76
C ARG A 164 -19.34 54.97 8.87
N GLY A 165 -18.19 54.38 8.52
CA GLY A 165 -17.08 54.11 9.42
C GLY A 165 -17.08 52.68 9.93
N TYR A 166 -17.48 51.74 9.07
CA TYR A 166 -17.28 50.34 9.32
C TYR A 166 -15.86 50.01 8.89
N THR A 167 -15.22 49.18 9.73
CA THR A 167 -13.86 48.69 9.53
C THR A 167 -13.86 47.15 9.45
N LEU A 168 -15.05 46.51 9.52
CA LEU A 168 -15.21 45.07 9.62
C LEU A 168 -14.77 44.42 8.32
N PRO A 169 -14.18 43.21 8.31
CA PRO A 169 -13.76 42.61 7.05
C PRO A 169 -14.93 42.34 6.10
N VAL A 170 -14.71 42.65 4.83
CA VAL A 170 -15.66 42.43 3.75
C VAL A 170 -15.10 41.34 2.83
N ILE A 171 -15.62 40.10 2.89
CA ILE A 171 -15.27 39.04 1.93
C ILE A 171 -16.12 39.20 0.66
N LEU A 172 -15.50 39.51 -0.49
CA LEU A 172 -16.19 39.60 -1.78
C LEU A 172 -15.91 38.34 -2.61
N GLY A 173 -16.96 37.82 -3.27
CA GLY A 173 -16.80 36.77 -4.25
C GLY A 173 -17.79 36.92 -5.39
N GLY A 174 -17.49 36.21 -6.50
CA GLY A 174 -18.32 36.32 -7.68
C GLY A 174 -17.64 35.76 -8.92
N ALA A 175 -18.50 35.38 -9.90
CA ALA A 175 -18.04 34.85 -11.18
C ALA A 175 -17.16 35.89 -11.86
N ALA A 176 -17.72 37.09 -12.12
CA ALA A 176 -17.03 38.19 -12.80
C ALA A 176 -15.91 38.81 -11.96
N LEU A 177 -16.02 38.73 -10.62
CA LEU A 177 -15.04 39.34 -9.74
C LEU A 177 -13.72 38.58 -9.79
N THR A 178 -12.61 39.34 -9.92
CA THR A 178 -11.25 38.80 -10.02
C THR A 178 -10.48 39.17 -8.77
N ARG A 179 -9.36 38.50 -8.55
CA ARG A 179 -8.49 38.77 -7.43
C ARG A 179 -7.84 40.15 -7.58
N SER A 180 -7.32 40.48 -8.79
CA SER A 180 -6.64 41.73 -9.10
C SER A 180 -7.49 42.96 -8.77
N TYR A 181 -8.83 42.86 -9.01
CA TYR A 181 -9.75 43.96 -8.78
C TYR A 181 -9.96 44.22 -7.30
N VAL A 182 -10.12 43.15 -6.49
CA VAL A 182 -10.28 43.27 -5.04
C VAL A 182 -9.05 43.89 -4.37
N GLU A 183 -7.83 43.68 -4.91
CA GLU A 183 -6.63 44.34 -4.40
C GLU A 183 -6.65 45.85 -4.69
N GLU A 184 -7.16 46.28 -5.86
CA GLU A 184 -7.33 47.69 -6.17
C GLU A 184 -8.41 48.33 -5.28
N LEU A 185 -9.43 47.55 -4.85
CA LEU A 185 -10.47 48.02 -3.93
C LEU A 185 -9.97 48.20 -2.50
N ARG A 186 -8.80 47.67 -2.13
CA ARG A 186 -8.20 47.91 -0.82
C ARG A 186 -7.83 49.38 -0.61
N ALA A 187 -7.68 50.14 -1.71
CA ALA A 187 -7.65 51.59 -1.71
C ALA A 187 -8.83 52.20 -0.92
N ILE A 188 -10.04 51.86 -1.35
CA ILE A 188 -11.29 52.34 -0.79
C ILE A 188 -11.45 51.78 0.62
N TYR A 189 -11.38 50.46 0.76
CA TYR A 189 -11.66 49.75 2.01
C TYR A 189 -10.58 48.70 2.23
N PRO A 190 -9.49 49.03 2.97
CA PRO A 190 -8.37 48.10 3.17
C PRO A 190 -8.62 46.66 3.61
N ASN A 191 -9.69 46.43 4.41
CA ASN A 191 -10.02 45.15 5.00
C ASN A 191 -11.00 44.39 4.09
N VAL A 192 -10.60 44.15 2.84
CA VAL A 192 -11.40 43.51 1.80
C VAL A 192 -10.61 42.33 1.28
N TYR A 193 -11.27 41.18 1.10
CA TYR A 193 -10.67 39.91 0.76
C TYR A 193 -11.43 39.27 -0.40
N TYR A 194 -10.74 38.72 -1.41
CA TYR A 194 -11.37 37.92 -2.48
C TYR A 194 -11.52 36.46 -2.03
N ALA A 195 -12.55 35.77 -2.54
CA ALA A 195 -12.76 34.34 -2.32
C ALA A 195 -13.12 33.68 -3.64
N GLU A 196 -12.19 32.84 -4.15
CA GLU A 196 -12.33 32.09 -5.40
C GLU A 196 -13.43 31.05 -5.29
N ASP A 197 -13.50 30.33 -4.18
CA ASP A 197 -14.60 29.40 -3.89
C ASP A 197 -15.06 29.57 -2.44
N ALA A 198 -16.07 28.78 -2.06
CA ALA A 198 -16.57 28.71 -0.70
C ALA A 198 -15.50 28.26 0.31
N PHE A 199 -14.57 27.36 -0.09
CA PHE A 199 -13.52 26.87 0.80
C PHE A 199 -12.46 27.92 1.08
N GLU A 200 -12.18 28.80 0.11
CA GLU A 200 -11.40 30.02 0.38
C GLU A 200 -12.14 30.94 1.38
N GLY A 201 -13.47 31.06 1.21
CA GLY A 201 -14.33 31.74 2.17
C GLY A 201 -14.31 31.16 3.58
N LEU A 202 -14.18 29.82 3.71
CA LEU A 202 -14.04 29.15 4.99
C LEU A 202 -12.69 29.49 5.65
N ARG A 203 -11.56 29.40 4.89
CA ARG A 203 -10.22 29.69 5.41
C ARG A 203 -10.12 31.15 5.92
N LEU A 204 -10.66 32.12 5.15
CA LEU A 204 -10.76 33.53 5.56
C LEU A 204 -11.50 33.65 6.91
N MET A 205 -12.66 33.01 7.03
CA MET A 205 -13.46 33.00 8.24
C MET A 205 -12.75 32.27 9.38
N GLU A 206 -11.88 31.27 9.08
CA GLU A 206 -11.04 30.61 10.07
C GLU A 206 -10.02 31.62 10.64
N GLU A 207 -9.27 32.30 9.74
CA GLU A 207 -8.28 33.30 10.11
C GLU A 207 -8.89 34.48 10.88
N LEU A 208 -10.05 34.99 10.42
CA LEU A 208 -10.73 36.13 11.03
C LEU A 208 -11.31 35.81 12.41
N THR A 209 -11.68 34.55 12.70
CA THR A 209 -12.11 34.09 14.03
C THR A 209 -10.96 33.46 14.83
N GLY A 210 -9.71 33.50 14.34
CA GLY A 210 -8.54 33.09 15.12
C GLY A 210 -8.34 31.57 15.23
N HIS A 211 -9.07 30.77 14.44
CA HIS A 211 -8.88 29.34 14.38
C HIS A 211 -7.80 28.96 13.35
N ALA A 212 -6.96 29.92 12.86
CA ALA A 212 -5.98 29.62 11.83
C ALA A 212 -4.80 30.60 11.85
N PRO A 213 -3.61 30.17 11.35
CA PRO A 213 -2.48 31.07 11.24
C PRO A 213 -2.68 32.07 10.09
N PRO A 214 -2.64 33.40 10.36
CA PRO A 214 -2.89 34.41 9.34
C PRO A 214 -2.03 34.26 8.09
N GLU A 215 -2.67 34.08 6.93
CA GLU A 215 -2.04 33.88 5.63
C GLU A 215 -2.66 34.81 4.58
N LEU A 216 -3.93 34.52 4.23
CA LEU A 216 -4.70 35.30 3.27
C LEU A 216 -4.94 36.67 3.85
N THR A 217 -5.21 36.73 5.16
CA THR A 217 -5.29 37.98 5.91
C THR A 217 -3.88 38.57 6.09
N ARG A 218 -3.64 39.77 5.49
CA ARG A 218 -2.44 40.57 5.72
C ARG A 218 -2.86 42.02 5.97
N PRO A 233 -1.72 43.59 -34.05
CA PRO A 233 -1.80 44.15 -35.41
C PRO A 233 -1.85 43.16 -36.57
N ARG A 234 -1.18 41.99 -36.48
CA ARG A 234 -1.44 40.80 -37.30
C ARG A 234 -2.96 40.54 -37.29
N ALA A 235 -3.60 40.53 -38.46
CA ALA A 235 -5.01 40.14 -38.59
C ALA A 235 -5.29 39.61 -40.00
N ARG A 236 -6.12 38.54 -40.13
CA ARG A 236 -6.83 38.29 -41.38
C ARG A 236 -7.86 39.43 -41.54
N PRO A 237 -7.91 40.19 -42.68
CA PRO A 237 -9.03 41.13 -42.92
C PRO A 237 -10.32 40.37 -43.25
N VAL A 238 -11.48 40.81 -42.71
CA VAL A 238 -12.76 40.18 -42.98
C VAL A 238 -13.21 40.63 -44.36
N GLY A 239 -13.56 39.65 -45.23
CA GLY A 239 -14.04 39.90 -46.59
C GLY A 239 -15.57 39.99 -46.63
N GLU A 240 -16.12 40.35 -47.82
CA GLU A 240 -17.55 40.29 -48.10
C GLU A 240 -18.03 38.85 -48.02
N ALA A 241 -19.30 38.71 -47.69
CA ALA A 241 -19.93 37.42 -47.52
C ALA A 241 -20.37 36.90 -48.90
N PRO A 242 -20.73 35.58 -49.02
CA PRO A 242 -21.28 35.04 -50.26
C PRO A 242 -22.53 35.75 -50.78
N ALA A 243 -23.53 35.87 -49.91
CA ALA A 243 -24.79 36.57 -50.16
C ALA A 243 -25.43 36.97 -48.83
N VAL A 244 -26.46 37.84 -48.91
CA VAL A 244 -27.24 38.24 -47.76
C VAL A 244 -28.32 37.18 -47.65
N PRO A 245 -28.35 36.31 -46.62
CA PRO A 245 -29.41 35.32 -46.49
C PRO A 245 -30.74 35.96 -46.02
N ARG A 246 -31.84 35.36 -46.45
CA ARG A 246 -33.18 35.89 -46.32
C ARG A 246 -33.79 35.25 -45.07
N PRO A 247 -34.38 36.06 -44.15
CA PRO A 247 -34.99 35.50 -42.93
C PRO A 247 -36.41 35.01 -43.22
N PRO A 248 -37.01 34.13 -42.40
CA PRO A 248 -38.42 33.74 -42.59
C PRO A 248 -39.38 34.93 -42.47
N PHE A 249 -39.06 35.88 -41.60
CA PHE A 249 -39.76 37.14 -41.48
C PHE A 249 -38.84 38.23 -40.92
N PHE A 250 -39.36 39.45 -40.82
CA PHE A 250 -38.70 40.55 -40.14
C PHE A 250 -39.52 40.95 -38.91
N GLY A 251 -38.86 41.39 -37.86
CA GLY A 251 -39.45 41.55 -36.54
C GLY A 251 -39.26 40.32 -35.65
N VAL A 252 -39.98 40.33 -34.51
CA VAL A 252 -39.71 39.40 -33.42
C VAL A 252 -41.01 38.67 -32.98
N ARG A 253 -40.95 37.35 -32.84
CA ARG A 253 -42.09 36.52 -32.45
C ARG A 253 -41.72 35.62 -31.27
N VAL A 254 -42.76 35.10 -30.58
CA VAL A 254 -42.65 34.25 -29.40
C VAL A 254 -42.67 32.82 -29.88
N GLU A 255 -42.14 31.86 -29.14
CA GLU A 255 -42.31 30.44 -29.37
C GLU A 255 -42.30 29.80 -27.99
N GLU A 256 -43.33 29.02 -27.66
CA GLU A 256 -43.37 28.34 -26.37
C GLU A 256 -43.47 26.83 -26.51
N GLY A 257 -43.87 26.32 -27.68
CA GLY A 257 -44.09 24.91 -27.86
C GLY A 257 -42.79 24.18 -28.10
N LEU A 258 -42.00 23.94 -27.03
CA LEU A 258 -40.65 23.38 -27.15
C LEU A 258 -40.56 22.14 -26.27
N ASP A 259 -40.08 21.02 -26.83
CA ASP A 259 -39.98 19.77 -26.10
C ASP A 259 -38.70 19.79 -25.28
N LEU A 260 -38.81 19.39 -24.00
CA LEU A 260 -37.64 19.31 -23.13
C LEU A 260 -36.68 18.19 -23.56
N ALA A 261 -37.24 17.10 -24.09
CA ALA A 261 -36.47 15.98 -24.61
C ALA A 261 -35.60 16.38 -25.80
N THR A 262 -36.11 17.24 -26.71
CA THR A 262 -35.34 17.72 -27.87
C THR A 262 -34.18 18.62 -27.42
N ILE A 263 -34.41 19.44 -26.39
CA ILE A 263 -33.42 20.37 -25.87
C ILE A 263 -32.31 19.60 -25.16
N ALA A 264 -32.68 18.55 -24.39
CA ALA A 264 -31.73 17.71 -23.65
C ALA A 264 -30.64 17.05 -24.50
N HIS A 265 -30.90 16.81 -25.78
CA HIS A 265 -29.91 16.35 -26.75
C HIS A 265 -28.85 17.41 -27.03
N TYR A 266 -29.06 18.70 -26.70
CA TYR A 266 -28.08 19.78 -26.88
C TYR A 266 -27.30 20.11 -25.59
N VAL A 267 -27.42 19.30 -24.51
CA VAL A 267 -26.80 19.61 -23.22
C VAL A 267 -25.34 19.21 -23.34
N ASN A 268 -24.48 20.11 -22.85
CA ASN A 268 -23.05 19.94 -22.88
C ASN A 268 -22.66 19.12 -21.65
N LYS A 269 -22.66 17.79 -21.76
CA LYS A 269 -22.61 16.89 -20.61
C LYS A 269 -21.34 17.08 -19.77
N LEU A 270 -20.21 17.52 -20.36
CA LEU A 270 -18.97 17.80 -19.63
C LEU A 270 -19.12 19.08 -18.80
N ALA A 271 -19.64 20.17 -19.41
CA ALA A 271 -19.94 21.42 -18.73
C ALA A 271 -20.88 21.24 -17.54
N LEU A 272 -21.79 20.26 -17.62
CA LEU A 272 -22.69 19.88 -16.54
C LEU A 272 -21.97 19.02 -15.49
N TYR A 273 -21.27 17.95 -15.90
CA TYR A 273 -20.72 16.99 -14.96
C TYR A 273 -19.47 17.54 -14.26
N ARG A 274 -18.50 18.04 -15.05
CA ARG A 274 -17.30 18.66 -14.50
C ARG A 274 -17.60 20.09 -14.06
N GLY A 275 -18.07 20.94 -14.99
CA GLY A 275 -18.15 22.38 -14.77
C GLY A 275 -19.08 22.80 -13.62
N GLN A 276 -20.29 22.21 -13.58
CA GLN A 276 -21.35 22.57 -12.65
C GLN A 276 -21.41 21.64 -11.44
N TRP A 277 -21.50 20.32 -11.67
CA TRP A 277 -21.63 19.35 -10.58
C TRP A 277 -20.28 19.03 -9.89
N GLY A 278 -19.15 19.32 -10.52
CA GLY A 278 -17.85 19.10 -9.92
C GLY A 278 -17.41 17.64 -9.88
N TYR A 279 -17.91 16.78 -10.80
CA TYR A 279 -17.37 15.45 -11.00
C TYR A 279 -16.05 15.56 -11.77
N SER A 280 -14.92 15.33 -11.08
CA SER A 280 -13.57 15.37 -11.63
C SER A 280 -13.34 14.14 -12.52
N ARG A 281 -12.77 14.40 -13.72
CA ARG A 281 -12.27 13.36 -14.61
C ARG A 281 -10.76 13.13 -14.41
N LYS A 282 -10.00 14.22 -14.24
CA LYS A 282 -8.58 14.24 -14.56
C LYS A 282 -7.79 13.45 -13.53
N GLY A 283 -6.79 12.67 -14.01
CA GLY A 283 -6.09 11.62 -13.26
C GLY A 283 -6.74 10.23 -13.36
N LEU A 284 -7.73 10.07 -14.25
CA LEU A 284 -8.39 8.79 -14.50
C LEU A 284 -8.47 8.57 -16.01
N SER A 285 -8.63 7.28 -16.37
CA SER A 285 -8.73 6.85 -17.75
C SER A 285 -10.07 7.28 -18.36
N ARG A 286 -10.19 7.11 -19.69
CA ARG A 286 -11.38 7.41 -20.44
C ARG A 286 -12.46 6.34 -20.24
N GLU A 287 -12.06 5.07 -20.00
CA GLU A 287 -12.99 4.03 -19.60
C GLU A 287 -13.41 4.17 -18.13
N ALA A 288 -12.51 4.70 -17.26
CA ALA A 288 -12.82 5.02 -15.88
C ALA A 288 -13.78 6.21 -15.71
N TRP A 289 -13.65 7.23 -16.58
CA TRP A 289 -14.58 8.35 -16.64
C TRP A 289 -15.93 7.90 -17.20
N GLN A 290 -15.89 7.10 -18.28
CA GLN A 290 -17.09 6.60 -18.93
C GLN A 290 -17.94 5.76 -17.95
N ALA A 291 -17.29 4.95 -17.09
CA ALA A 291 -17.96 4.17 -16.06
C ALA A 291 -18.56 5.06 -14.97
N LEU A 292 -17.88 6.16 -14.59
CA LEU A 292 -18.42 7.10 -13.61
C LEU A 292 -19.67 7.79 -14.16
N VAL A 293 -19.64 8.23 -15.42
CA VAL A 293 -20.79 8.84 -16.05
C VAL A 293 -21.99 7.88 -16.03
N GLU A 294 -21.80 6.63 -16.46
CA GLU A 294 -22.84 5.59 -16.50
C GLU A 294 -23.45 5.34 -15.11
N ARG A 295 -22.60 5.27 -14.06
CA ARG A 295 -23.04 4.97 -12.71
C ARG A 295 -23.62 6.22 -12.02
N GLU A 296 -22.88 7.34 -12.01
CA GLU A 296 -23.17 8.50 -11.15
C GLU A 296 -23.88 9.62 -11.92
N ALA A 297 -23.30 10.07 -13.04
CA ALA A 297 -23.67 11.34 -13.67
C ALA A 297 -24.93 11.20 -14.51
N GLU A 298 -24.96 10.21 -15.41
CA GLU A 298 -26.04 9.98 -16.38
C GLU A 298 -27.37 9.69 -15.66
N PRO A 299 -27.50 8.78 -14.66
CA PRO A 299 -28.81 8.51 -14.02
C PRO A 299 -29.43 9.66 -13.24
N VAL A 300 -28.60 10.57 -12.73
CA VAL A 300 -29.05 11.83 -12.13
C VAL A 300 -29.61 12.73 -13.23
N PHE A 301 -28.91 12.86 -14.37
CA PHE A 301 -29.38 13.62 -15.53
C PHE A 301 -30.71 13.06 -16.05
N GLN A 302 -30.83 11.72 -16.09
CA GLN A 302 -32.05 11.03 -16.51
C GLN A 302 -33.20 11.23 -15.53
N ARG A 303 -32.91 11.28 -14.22
CA ARG A 303 -33.91 11.49 -13.17
C ARG A 303 -34.50 12.90 -13.26
N LEU A 304 -33.62 13.93 -13.35
CA LEU A 304 -34.04 15.33 -13.33
C LEU A 304 -34.78 15.71 -14.62
N LEU A 305 -34.57 15.00 -15.74
CA LEU A 305 -35.37 15.26 -16.93
C LEU A 305 -36.80 14.74 -16.74
N LYS A 306 -36.96 13.48 -16.27
CA LYS A 306 -38.27 12.90 -15.96
C LYS A 306 -39.04 13.80 -15.01
N GLU A 307 -38.36 14.26 -13.94
CA GLU A 307 -38.91 15.20 -12.97
C GLU A 307 -39.35 16.52 -13.65
N ALA A 308 -38.43 17.17 -14.37
CA ALA A 308 -38.68 18.52 -14.90
C ALA A 308 -39.79 18.52 -15.94
N MET A 309 -39.98 17.38 -16.62
CA MET A 309 -41.08 17.19 -17.56
C MET A 309 -42.40 16.98 -16.83
N ALA A 310 -42.44 16.05 -15.85
CA ALA A 310 -43.64 15.69 -15.11
C ALA A 310 -44.08 16.80 -14.14
N GLU A 311 -43.16 17.27 -13.26
CA GLU A 311 -43.39 18.33 -12.30
C GLU A 311 -43.43 19.76 -12.92
N GLY A 312 -42.97 19.94 -14.16
CA GLY A 312 -43.16 21.19 -14.90
C GLY A 312 -42.29 22.35 -14.42
N TRP A 313 -41.11 22.08 -13.80
CA TRP A 313 -40.26 23.11 -13.23
C TRP A 313 -39.19 23.60 -14.19
N LEU A 314 -39.22 23.20 -15.47
CA LEU A 314 -38.65 23.97 -16.56
C LEU A 314 -39.76 24.36 -17.53
N GLU A 315 -39.84 25.66 -17.86
CA GLU A 315 -40.82 26.23 -18.77
C GLU A 315 -40.07 26.90 -19.92
N PRO A 316 -39.58 26.15 -20.94
CA PRO A 316 -38.80 26.74 -22.04
C PRO A 316 -39.63 27.70 -22.89
N LYS A 317 -39.20 28.95 -22.99
CA LYS A 317 -39.80 29.95 -23.87
C LYS A 317 -38.69 30.53 -24.76
N VAL A 318 -39.05 31.11 -25.91
CA VAL A 318 -38.10 31.78 -26.78
C VAL A 318 -38.73 33.02 -27.37
N LEU A 319 -37.96 34.11 -27.32
CA LEU A 319 -38.28 35.30 -28.08
C LEU A 319 -37.23 35.41 -29.17
N TYR A 320 -37.62 35.53 -30.45
CA TYR A 320 -36.67 35.48 -31.58
C TYR A 320 -37.14 36.25 -32.81
N GLY A 321 -36.19 36.58 -33.68
CA GLY A 321 -36.49 37.43 -34.83
C GLY A 321 -35.27 37.80 -35.70
N PHE A 322 -35.51 38.74 -36.63
CA PHE A 322 -34.54 39.19 -37.61
C PHE A 322 -34.78 40.69 -37.91
N PHE A 323 -33.74 41.42 -38.32
CA PHE A 323 -33.83 42.85 -38.58
C PHE A 323 -33.02 43.28 -39.81
N PRO A 324 -33.48 44.29 -40.60
CA PRO A 324 -32.66 44.97 -41.59
C PRO A 324 -31.63 45.84 -40.86
N VAL A 325 -30.33 45.65 -41.20
CA VAL A 325 -29.20 46.32 -40.55
C VAL A 325 -28.24 46.81 -41.65
N ALA A 326 -27.28 47.62 -41.19
CA ALA A 326 -26.14 48.07 -41.98
C ALA A 326 -24.99 48.48 -41.06
N ARG A 327 -23.77 48.49 -41.57
CA ARG A 327 -22.65 49.17 -40.93
C ARG A 327 -22.56 50.61 -41.48
N GLU A 328 -22.42 51.58 -40.57
CA GLU A 328 -21.97 52.91 -40.91
C GLU A 328 -20.78 53.26 -40.04
N GLY A 329 -19.57 53.11 -40.61
CA GLY A 329 -18.36 53.24 -39.82
C GLY A 329 -18.23 52.13 -38.78
N GLU A 330 -18.14 52.54 -37.50
CA GLU A 330 -17.98 51.62 -36.39
C GLU A 330 -19.31 51.29 -35.71
N GLU A 331 -20.44 51.85 -36.23
CA GLU A 331 -21.77 51.57 -35.71
C GLU A 331 -22.45 50.51 -36.60
N LEU A 332 -23.18 49.58 -35.95
CA LEU A 332 -24.15 48.71 -36.60
C LEU A 332 -25.56 49.31 -36.40
N LEU A 333 -26.16 49.88 -37.45
CA LEU A 333 -27.52 50.42 -37.40
C LEU A 333 -28.52 49.27 -37.43
N VAL A 334 -29.66 49.44 -36.76
CA VAL A 334 -30.80 48.53 -36.87
C VAL A 334 -32.02 49.34 -37.31
N PHE A 335 -32.57 48.98 -38.47
CA PHE A 335 -33.70 49.64 -39.12
C PHE A 335 -35.00 48.94 -38.69
N SER A 336 -36.10 49.72 -38.71
CA SER A 336 -37.44 49.17 -38.50
C SER A 336 -37.87 48.47 -39.79
N PRO A 337 -38.36 47.21 -39.74
CA PRO A 337 -38.93 46.61 -40.94
C PRO A 337 -40.15 47.36 -41.50
N GLU A 338 -40.93 48.02 -40.60
CA GLU A 338 -42.14 48.71 -40.96
C GLU A 338 -41.86 50.16 -41.37
N THR A 339 -41.15 50.96 -40.54
CA THR A 339 -40.90 52.37 -40.86
C THR A 339 -39.60 52.62 -41.64
N GLY A 340 -38.58 51.74 -41.51
CA GLY A 340 -37.27 52.00 -42.07
C GLY A 340 -36.38 52.93 -41.25
N GLU A 341 -36.84 53.46 -40.11
CA GLU A 341 -36.05 54.45 -39.37
C GLU A 341 -35.10 53.65 -38.53
N VAL A 342 -33.99 54.29 -38.10
CA VAL A 342 -32.97 53.64 -37.31
C VAL A 342 -33.48 53.57 -35.87
N LEU A 343 -33.58 52.35 -35.31
CA LEU A 343 -34.09 52.11 -33.98
C LEU A 343 -32.99 52.13 -32.94
N GLU A 344 -31.95 51.35 -33.20
CA GLU A 344 -30.76 51.26 -32.35
C GLU A 344 -29.53 51.32 -33.23
N ARG A 345 -28.41 51.73 -32.62
CA ARG A 345 -27.06 51.73 -33.19
C ARG A 345 -26.20 51.02 -32.15
N PHE A 346 -25.34 50.08 -32.57
CA PHE A 346 -24.41 49.43 -31.67
C PHE A 346 -22.97 49.81 -32.05
N ARG A 347 -22.30 50.52 -31.14
CA ARG A 347 -20.87 50.78 -31.19
C ARG A 347 -20.16 49.63 -30.47
N PHE A 348 -19.71 48.62 -31.25
CA PHE A 348 -18.98 47.49 -30.70
C PHE A 348 -17.49 47.77 -30.63
N PRO A 349 -16.74 47.18 -29.66
CA PRO A 349 -15.31 47.44 -29.53
C PRO A 349 -14.52 46.67 -30.60
N ARG A 350 -13.36 47.28 -30.97
CA ARG A 350 -12.43 46.73 -31.94
C ARG A 350 -11.17 46.32 -31.20
N GLN A 351 -10.52 45.24 -31.69
CA GLN A 351 -9.28 44.72 -31.12
C GLN A 351 -8.16 45.73 -31.29
N LYS A 352 -7.13 45.57 -30.44
CA LYS A 352 -6.01 46.50 -30.32
C LYS A 352 -5.25 46.55 -31.65
N GLY A 353 -4.97 47.78 -32.12
CA GLY A 353 -4.25 48.00 -33.38
C GLY A 353 -5.06 47.65 -34.61
N GLY A 354 -6.31 48.12 -34.60
CA GLY A 354 -7.28 48.01 -35.68
C GLY A 354 -7.56 46.59 -36.14
N GLY A 355 -7.82 45.66 -35.20
CA GLY A 355 -8.08 44.27 -35.50
C GLY A 355 -9.56 44.07 -35.79
N LEU A 356 -10.16 43.05 -35.20
CA LEU A 356 -11.52 42.60 -35.52
C LEU A 356 -12.56 43.34 -34.67
N SER A 357 -13.73 43.64 -35.26
CA SER A 357 -14.93 44.10 -34.59
C SER A 357 -16.12 43.28 -35.08
N LEU A 358 -17.27 43.34 -34.40
CA LEU A 358 -18.49 42.67 -34.89
C LEU A 358 -19.06 43.41 -36.08
N VAL A 359 -18.97 44.75 -36.16
CA VAL A 359 -19.45 45.53 -37.30
C VAL A 359 -18.84 45.05 -38.62
N ASP A 360 -17.62 44.49 -38.57
CA ASP A 360 -16.98 43.91 -39.75
C ASP A 360 -17.71 42.70 -40.32
N TYR A 361 -18.66 42.05 -39.62
CA TYR A 361 -19.50 41.03 -40.24
C TYR A 361 -20.75 41.56 -40.98
N PHE A 362 -20.90 42.87 -41.14
CA PHE A 362 -22.12 43.48 -41.67
C PHE A 362 -21.80 44.35 -42.87
N ARG A 363 -22.69 44.28 -43.88
CA ARG A 363 -22.51 45.00 -45.12
C ARG A 363 -22.60 46.49 -44.86
N PRO A 364 -21.86 47.34 -45.57
CA PRO A 364 -21.98 48.78 -45.43
C PRO A 364 -23.35 49.32 -45.86
N ARG A 365 -23.72 50.48 -45.31
CA ARG A 365 -24.95 51.13 -45.67
C ARG A 365 -24.85 51.59 -47.13
N PHE A 366 -26.00 51.44 -47.86
CA PHE A 366 -26.12 51.72 -49.29
C PHE A 366 -25.16 50.91 -50.18
N ALA A 367 -24.66 49.76 -49.66
CA ALA A 367 -23.81 48.85 -50.42
C ALA A 367 -24.58 48.31 -51.60
N ALA A 368 -23.92 48.24 -52.77
CA ALA A 368 -24.53 47.72 -53.97
C ALA A 368 -24.82 46.24 -53.71
N PRO A 369 -26.09 45.77 -53.84
CA PRO A 369 -26.45 44.40 -53.43
C PRO A 369 -25.65 43.27 -54.09
N LEU A 370 -25.34 42.24 -53.29
CA LEU A 370 -24.57 41.10 -53.73
C LEU A 370 -25.39 40.29 -54.73
N GLY A 371 -26.62 39.95 -54.35
CA GLY A 371 -27.58 39.27 -55.20
C GLY A 371 -28.87 40.08 -55.33
N ASP A 372 -30.02 39.41 -55.22
CA ASP A 372 -31.32 39.99 -55.54
C ASP A 372 -32.02 40.29 -54.22
N GLU A 373 -31.29 40.85 -53.24
CA GLU A 373 -31.83 41.10 -51.90
C GLU A 373 -32.85 42.24 -51.91
N ALA A 374 -32.73 43.20 -52.85
CA ALA A 374 -33.74 44.22 -53.07
C ALA A 374 -35.13 43.66 -53.38
N ASP A 375 -35.26 42.41 -53.86
CA ASP A 375 -36.54 41.75 -54.13
C ASP A 375 -37.34 41.50 -52.85
N TRP A 376 -36.65 41.32 -51.70
CA TRP A 376 -37.26 40.91 -50.44
C TRP A 376 -36.95 41.76 -49.21
N MET A 377 -35.90 42.59 -49.24
CA MET A 377 -35.53 43.48 -48.12
C MET A 377 -36.72 44.45 -47.90
N PRO A 378 -37.15 44.78 -46.65
CA PRO A 378 -38.22 45.73 -46.43
C PRO A 378 -37.96 47.08 -47.14
N LYS A 379 -38.93 47.47 -47.99
CA LYS A 379 -38.89 48.60 -48.91
C LYS A 379 -38.31 49.85 -48.26
N GLU A 380 -38.78 50.16 -47.04
CA GLU A 380 -38.49 51.42 -46.37
C GLU A 380 -37.04 51.39 -45.87
N ALA A 381 -36.67 50.28 -45.18
CA ALA A 381 -35.34 49.98 -44.67
C ALA A 381 -34.29 50.04 -45.78
N PHE A 382 -34.56 49.41 -46.93
CA PHE A 382 -33.61 49.33 -48.02
C PHE A 382 -33.41 50.70 -48.64
N ARG A 383 -34.48 51.51 -48.79
CA ARG A 383 -34.35 52.90 -49.28
C ARG A 383 -33.55 53.74 -48.30
N ALA A 384 -33.73 53.50 -46.98
CA ALA A 384 -32.94 54.09 -45.90
C ALA A 384 -31.49 53.57 -45.84
N GLY A 385 -31.14 52.47 -46.54
CA GLY A 385 -29.78 52.03 -46.75
C GLY A 385 -29.43 50.69 -46.11
N ALA A 386 -30.37 50.02 -45.44
CA ALA A 386 -30.12 48.70 -44.87
C ALA A 386 -29.79 47.67 -45.94
N ARG A 387 -28.67 46.92 -45.73
CA ARG A 387 -28.22 45.99 -46.75
C ARG A 387 -27.90 44.60 -46.22
N ASP A 388 -27.99 44.37 -44.89
CA ASP A 388 -27.71 43.06 -44.31
C ASP A 388 -28.80 42.74 -43.28
N VAL A 389 -28.78 41.48 -42.80
CA VAL A 389 -29.82 40.88 -41.96
C VAL A 389 -29.13 40.38 -40.71
N LEU A 390 -29.58 40.85 -39.52
CA LEU A 390 -29.11 40.37 -38.24
C LEU A 390 -30.20 39.54 -37.57
N GLY A 391 -29.83 38.37 -37.03
CA GLY A 391 -30.69 37.53 -36.19
C GLY A 391 -30.51 37.89 -34.72
N VAL A 392 -31.55 37.65 -33.88
CA VAL A 392 -31.56 37.90 -32.43
C VAL A 392 -32.41 36.83 -31.77
N GLN A 393 -31.98 36.30 -30.62
CA GLN A 393 -32.75 35.35 -29.82
C GLN A 393 -32.58 35.68 -28.32
N LEU A 394 -33.67 35.57 -27.54
CA LEU A 394 -33.62 35.37 -26.11
C LEU A 394 -34.26 34.02 -25.82
N VAL A 395 -33.57 33.17 -25.05
CA VAL A 395 -34.16 31.99 -24.44
C VAL A 395 -34.27 32.18 -22.92
N THR A 396 -35.07 31.31 -22.26
CA THR A 396 -35.34 31.34 -20.83
C THR A 396 -35.99 30.03 -20.41
N MET A 397 -35.80 29.61 -19.17
CA MET A 397 -36.47 28.46 -18.58
C MET A 397 -37.41 28.87 -17.44
N GLY A 398 -37.69 30.19 -17.29
CA GLY A 398 -38.68 30.67 -16.34
C GLY A 398 -38.15 30.85 -14.92
N GLU A 399 -39.06 31.38 -14.07
CA GLU A 399 -38.85 31.50 -12.63
C GLU A 399 -38.93 30.12 -11.96
N ALA A 400 -39.63 29.14 -12.57
CA ALA A 400 -39.88 27.80 -12.03
C ALA A 400 -38.65 27.04 -11.52
N PRO A 401 -37.51 26.94 -12.25
CA PRO A 401 -36.35 26.22 -11.74
C PRO A 401 -35.64 26.92 -10.59
N SER A 402 -35.65 28.29 -10.61
CA SER A 402 -35.17 29.11 -9.50
C SER A 402 -35.97 28.78 -8.24
N ARG A 403 -37.31 28.69 -8.36
CA ARG A 403 -38.20 28.30 -7.27
C ARG A 403 -37.96 26.87 -6.76
N LYS A 404 -37.85 25.91 -7.68
CA LYS A 404 -37.57 24.52 -7.35
C LYS A 404 -36.28 24.36 -6.55
N ALA A 405 -35.24 25.11 -6.93
CA ALA A 405 -33.93 25.03 -6.29
C ALA A 405 -33.95 25.63 -4.87
N GLN A 406 -34.58 26.80 -4.70
CA GLN A 406 -34.76 27.45 -3.39
C GLN A 406 -35.51 26.54 -2.42
N ALA A 407 -36.48 25.74 -2.92
CA ALA A 407 -37.19 24.72 -2.16
C ALA A 407 -36.26 23.65 -1.57
N LEU A 408 -35.37 23.09 -2.41
CA LEU A 408 -34.46 22.02 -2.02
C LEU A 408 -33.44 22.52 -1.00
N PHE A 409 -32.85 23.70 -1.25
CA PHE A 409 -31.88 24.33 -0.37
C PHE A 409 -32.49 24.60 1.00
N ALA A 410 -33.75 25.07 1.01
CA ALA A 410 -34.48 25.39 2.23
C ALA A 410 -34.74 24.14 3.07
N SER A 411 -35.19 23.04 2.41
CA SER A 411 -35.43 21.77 3.08
C SER A 411 -34.14 21.02 3.45
N GLY A 412 -32.99 21.38 2.84
CA GLY A 412 -31.69 20.89 3.26
C GLY A 412 -31.11 19.77 2.39
N ALA A 413 -31.78 19.43 1.27
CA ALA A 413 -31.23 18.54 0.24
C ALA A 413 -30.18 19.31 -0.57
N TYR A 414 -28.98 19.45 -0.01
CA TYR A 414 -27.94 20.27 -0.58
C TYR A 414 -27.34 19.63 -1.83
N GLN A 415 -27.25 18.28 -1.86
CA GLN A 415 -26.83 17.52 -3.02
C GLN A 415 -27.78 17.77 -4.18
N ASP A 416 -29.10 17.58 -3.94
CA ASP A 416 -30.11 17.77 -4.97
C ASP A 416 -30.23 19.25 -5.38
N TYR A 417 -29.97 20.18 -4.44
CA TYR A 417 -29.87 21.61 -4.71
C TYR A 417 -28.81 21.87 -5.77
N LEU A 418 -27.65 21.20 -5.61
CA LEU A 418 -26.54 21.37 -6.54
C LEU A 418 -26.94 20.85 -7.91
N PHE A 419 -27.46 19.61 -7.92
CA PHE A 419 -27.76 18.92 -9.16
C PHE A 419 -28.80 19.69 -9.98
N VAL A 420 -29.94 20.01 -9.33
CA VAL A 420 -31.05 20.72 -9.95
C VAL A 420 -30.66 22.10 -10.49
N HIS A 421 -29.78 22.82 -9.79
CA HIS A 421 -29.27 24.10 -10.28
C HIS A 421 -28.56 23.90 -11.63
N GLY A 422 -27.48 23.11 -11.61
CA GLY A 422 -26.62 22.93 -12.78
C GLY A 422 -27.34 22.39 -14.01
N PHE A 423 -28.26 21.43 -13.76
CA PHE A 423 -29.20 20.95 -14.76
C PHE A 423 -29.94 22.12 -15.42
N SER A 424 -30.59 22.96 -14.62
CA SER A 424 -31.37 24.11 -15.12
C SER A 424 -30.52 25.07 -15.97
N VAL A 425 -29.30 25.31 -15.51
CA VAL A 425 -28.34 26.22 -16.14
C VAL A 425 -27.87 25.67 -17.49
N GLU A 426 -27.46 24.39 -17.52
CA GLU A 426 -26.94 23.77 -18.74
C GLU A 426 -28.07 23.41 -19.71
N MET A 427 -29.28 23.17 -19.19
CA MET A 427 -30.47 23.08 -20.01
C MET A 427 -30.83 24.42 -20.65
N THR A 428 -30.58 25.55 -19.95
CA THR A 428 -30.80 26.89 -20.49
C THR A 428 -29.84 27.18 -21.63
N GLU A 429 -28.56 26.79 -21.45
CA GLU A 429 -27.56 26.92 -22.50
C GLU A 429 -27.90 26.03 -23.70
N ALA A 430 -28.37 24.80 -23.41
CA ALA A 430 -28.79 23.86 -24.44
C ALA A 430 -29.89 24.44 -25.32
N LEU A 431 -30.81 25.20 -24.72
CA LEU A 431 -31.90 25.85 -25.44
C LEU A 431 -31.38 26.96 -26.34
N ALA A 432 -30.40 27.74 -25.86
CA ALA A 432 -29.76 28.73 -26.71
C ALA A 432 -29.12 28.06 -27.92
N GLU A 433 -28.53 26.87 -27.71
CA GLU A 433 -27.84 26.10 -28.75
C GLU A 433 -28.84 25.47 -29.72
N TYR A 434 -29.84 24.76 -29.19
CA TYR A 434 -30.90 24.19 -29.99
C TYR A 434 -31.53 25.28 -30.84
N TRP A 435 -31.91 26.42 -30.23
CA TRP A 435 -32.60 27.46 -30.95
C TRP A 435 -31.69 28.13 -31.98
N HIS A 436 -30.37 28.19 -31.73
CA HIS A 436 -29.45 28.68 -32.75
C HIS A 436 -29.53 27.81 -34.01
N LYS A 437 -29.54 26.47 -33.84
CA LYS A 437 -29.69 25.54 -34.95
C LYS A 437 -30.93 25.88 -35.76
N ARG A 438 -32.01 26.08 -35.00
CA ARG A 438 -33.31 26.39 -35.55
C ARG A 438 -33.33 27.76 -36.24
N MET A 439 -32.53 28.71 -35.72
CA MET A 439 -32.37 30.03 -36.29
C MET A 439 -31.56 29.95 -37.57
N ARG A 440 -30.61 29.00 -37.68
CA ARG A 440 -29.89 28.79 -38.94
C ARG A 440 -30.83 28.21 -40.03
N GLN A 441 -31.65 27.19 -39.66
CA GLN A 441 -32.49 26.48 -40.60
C GLN A 441 -33.42 27.48 -41.27
N MET A 442 -34.21 28.20 -40.45
CA MET A 442 -35.11 29.28 -40.86
C MET A 442 -34.49 30.25 -41.86
N TRP A 443 -33.25 30.63 -41.52
CA TRP A 443 -32.48 31.59 -42.28
C TRP A 443 -31.99 30.99 -43.61
N GLY A 444 -31.79 29.66 -43.58
CA GLY A 444 -31.43 28.84 -44.72
C GLY A 444 -29.92 28.64 -44.77
N ILE A 445 -29.24 28.66 -43.59
CA ILE A 445 -27.78 28.54 -43.48
C ILE A 445 -27.41 27.28 -42.68
N ALA A 446 -28.26 26.22 -42.75
CA ALA A 446 -28.06 24.96 -42.06
C ALA A 446 -27.66 23.83 -43.02
N HIS A 447 -27.22 24.15 -44.25
CA HIS A 447 -26.57 23.20 -45.17
C HIS A 447 -25.32 22.58 -44.54
N GLN A 448 -24.55 23.39 -43.78
CA GLN A 448 -23.21 23.09 -43.29
C GLN A 448 -23.19 22.85 -41.77
N ASP A 449 -24.25 22.28 -41.18
CA ASP A 449 -24.32 21.98 -39.75
C ASP A 449 -23.58 20.68 -39.45
N ALA A 450 -23.27 20.46 -38.16
CA ALA A 450 -22.52 19.30 -37.69
C ALA A 450 -23.35 18.02 -37.76
N THR A 451 -22.71 16.86 -38.05
CA THR A 451 -23.37 15.56 -38.09
C THR A 451 -23.59 14.99 -36.68
N GLU A 452 -22.65 15.23 -35.74
CA GLU A 452 -22.81 14.92 -34.31
C GLU A 452 -23.29 16.15 -33.52
N ILE A 453 -23.84 15.89 -32.30
CA ILE A 453 -24.15 16.87 -31.26
C ILE A 453 -22.87 17.56 -30.76
N GLN A 454 -21.79 16.76 -30.60
CA GLN A 454 -20.57 17.17 -29.91
C GLN A 454 -19.83 18.28 -30.69
N LYS A 455 -19.97 18.29 -32.03
CA LYS A 455 -19.26 19.21 -32.90
C LYS A 455 -20.00 20.55 -33.08
N LEU A 456 -21.27 20.67 -32.59
CA LEU A 456 -21.95 21.96 -32.49
C LEU A 456 -21.33 22.88 -31.42
N PHE A 457 -20.79 22.29 -30.34
CA PHE A 457 -20.11 23.05 -29.29
C PHE A 457 -18.84 23.70 -29.85
N GLN A 458 -18.13 22.98 -30.75
CA GLN A 458 -16.96 23.49 -31.48
C GLN A 458 -17.44 24.13 -32.80
N GLN A 459 -18.37 25.09 -32.66
CA GLN A 459 -19.03 25.75 -33.80
C GLN A 459 -19.54 24.64 -34.72
N GLY A 460 -18.98 24.42 -35.94
CA GLY A 460 -19.49 23.43 -36.87
C GLY A 460 -20.85 23.88 -37.43
N TYR A 461 -20.91 25.16 -37.86
CA TYR A 461 -22.06 25.77 -38.48
C TYR A 461 -21.69 27.14 -39.06
N GLN A 462 -22.60 27.75 -39.81
CA GLN A 462 -22.35 29.05 -40.45
C GLN A 462 -22.67 30.18 -39.48
N GLY A 463 -21.79 31.17 -39.41
CA GLY A 463 -21.91 32.25 -38.46
C GLY A 463 -21.69 31.83 -37.01
N ALA A 464 -22.04 32.76 -36.10
CA ALA A 464 -21.92 32.53 -34.68
C ALA A 464 -22.85 33.45 -33.89
N ARG A 465 -23.04 33.11 -32.59
CA ARG A 465 -23.87 33.92 -31.70
C ARG A 465 -23.01 34.65 -30.67
N TYR A 466 -23.23 35.96 -30.53
CA TYR A 466 -22.48 36.84 -29.63
C TYR A 466 -23.45 37.32 -28.56
N SER A 467 -23.32 36.78 -27.33
CA SER A 467 -24.08 37.24 -26.17
C SER A 467 -23.42 38.50 -25.58
N PHE A 468 -24.22 39.50 -25.16
CA PHE A 468 -23.68 40.74 -24.60
C PHE A 468 -23.06 40.49 -23.25
N GLY A 469 -21.90 41.11 -22.94
CA GLY A 469 -21.12 40.81 -21.74
C GLY A 469 -19.81 40.09 -22.03
N TYR A 470 -19.82 39.19 -23.03
CA TYR A 470 -18.65 38.53 -23.59
C TYR A 470 -17.76 39.51 -24.33
N PRO A 471 -16.44 39.18 -24.54
CA PRO A 471 -15.43 40.21 -24.85
C PRO A 471 -15.68 41.02 -26.13
N ALA A 472 -16.26 40.35 -27.12
CA ALA A 472 -16.57 40.88 -28.43
C ALA A 472 -17.53 42.07 -28.38
N CYS A 473 -18.47 42.05 -27.40
CA CYS A 473 -19.57 42.98 -27.28
C CYS A 473 -19.94 43.12 -25.79
N PRO A 474 -19.02 43.60 -24.92
CA PRO A 474 -19.08 43.37 -23.47
C PRO A 474 -19.93 44.30 -22.59
N ASP A 475 -20.42 45.39 -23.20
CA ASP A 475 -21.27 46.40 -22.61
C ASP A 475 -22.60 45.72 -22.36
N LEU A 476 -22.93 45.49 -21.08
CA LEU A 476 -24.18 44.85 -20.72
C LEU A 476 -25.37 45.81 -20.84
N ALA A 477 -25.14 47.12 -20.90
CA ALA A 477 -26.22 48.09 -21.11
C ALA A 477 -26.74 48.07 -22.55
N ASP A 478 -26.09 47.36 -23.49
CA ASP A 478 -26.69 47.09 -24.80
C ASP A 478 -27.83 46.08 -24.70
N GLN A 479 -27.98 45.30 -23.61
CA GLN A 479 -29.14 44.41 -23.42
C GLN A 479 -30.46 45.19 -23.29
N ALA A 480 -30.42 46.47 -22.86
CA ALA A 480 -31.57 47.35 -22.90
C ALA A 480 -31.96 47.71 -24.32
N LYS A 481 -30.99 47.91 -25.21
CA LYS A 481 -31.23 48.16 -26.63
C LYS A 481 -31.89 46.94 -27.26
N LEU A 482 -31.49 45.73 -26.81
CA LEU A 482 -32.04 44.48 -27.31
C LEU A 482 -33.46 44.25 -26.83
N ASP A 483 -33.78 44.63 -25.59
CA ASP A 483 -35.14 44.59 -25.04
C ASP A 483 -36.08 45.59 -25.76
N ARG A 484 -35.62 46.79 -26.09
CA ARG A 484 -36.35 47.79 -26.89
C ARG A 484 -36.75 47.23 -28.24
N LEU A 485 -35.90 46.38 -28.85
CA LEU A 485 -36.19 45.77 -30.14
C LEU A 485 -37.14 44.60 -29.97
N MET A 486 -36.88 43.70 -28.98
CA MET A 486 -37.53 42.39 -28.89
C MET A 486 -38.75 42.38 -27.95
N GLY A 487 -38.61 42.96 -26.76
CA GLY A 487 -39.68 43.05 -25.77
C GLY A 487 -39.64 41.86 -24.84
N PHE A 488 -38.75 41.88 -23.86
CA PHE A 488 -38.41 40.70 -23.07
C PHE A 488 -39.57 40.22 -22.20
N HIS A 489 -40.44 41.13 -21.77
CA HIS A 489 -41.71 40.84 -21.07
C HIS A 489 -42.56 39.78 -21.75
N ARG A 490 -42.46 39.64 -23.08
CA ARG A 490 -43.26 38.74 -23.86
C ARG A 490 -42.97 37.27 -23.57
N VAL A 491 -41.85 36.94 -22.90
CA VAL A 491 -41.53 35.62 -22.35
C VAL A 491 -41.16 35.76 -20.85
N GLY A 492 -41.72 36.78 -20.18
CA GLY A 492 -41.59 36.98 -18.75
C GLY A 492 -40.19 37.31 -18.24
N VAL A 493 -39.40 37.98 -19.09
CA VAL A 493 -38.04 38.34 -18.73
C VAL A 493 -38.01 39.87 -18.52
N ARG A 494 -37.23 40.24 -17.48
CA ARG A 494 -37.07 41.59 -16.99
C ARG A 494 -35.57 41.90 -16.87
N LEU A 495 -35.19 43.16 -17.08
CA LEU A 495 -33.85 43.67 -16.78
C LEU A 495 -33.80 44.34 -15.38
N THR A 496 -32.74 44.07 -14.63
CA THR A 496 -32.35 44.65 -13.35
C THR A 496 -31.67 46.01 -13.58
N GLU A 497 -31.33 46.73 -12.50
CA GLU A 497 -30.51 47.95 -12.52
C GLU A 497 -29.09 47.68 -13.07
N ASN A 498 -28.55 46.49 -12.76
CA ASN A 498 -27.25 46.04 -13.23
C ASN A 498 -27.35 45.27 -14.54
N PHE A 499 -28.50 45.30 -15.22
CA PHE A 499 -28.77 44.77 -16.54
C PHE A 499 -28.68 43.25 -16.61
N GLN A 500 -29.00 42.59 -15.48
CA GLN A 500 -29.15 41.14 -15.42
C GLN A 500 -30.56 40.75 -15.88
N LEU A 501 -30.69 39.57 -16.47
CA LEU A 501 -31.96 38.98 -16.86
C LEU A 501 -32.58 38.31 -15.65
N GLU A 502 -33.86 38.59 -15.46
CA GLU A 502 -34.70 38.07 -14.40
C GLU A 502 -35.88 37.37 -15.07
N PRO A 503 -36.07 36.03 -14.96
CA PRO A 503 -35.27 35.12 -14.11
C PRO A 503 -33.82 34.87 -14.52
N GLU A 504 -33.00 34.38 -13.56
CA GLU A 504 -31.57 34.20 -13.73
C GLU A 504 -31.26 33.19 -14.84
N HIS A 505 -32.11 32.16 -15.04
CA HIS A 505 -31.91 31.16 -16.08
C HIS A 505 -32.43 31.64 -17.43
N ALA A 506 -31.73 32.65 -18.01
CA ALA A 506 -32.08 33.21 -19.31
C ALA A 506 -30.84 33.78 -19.98
N THR A 507 -30.77 33.72 -21.33
CA THR A 507 -29.58 34.14 -22.05
C THR A 507 -29.97 34.71 -23.41
N SER A 508 -29.65 35.98 -23.67
CA SER A 508 -29.74 36.63 -24.98
C SER A 508 -28.51 36.38 -25.84
N ALA A 509 -28.69 36.43 -27.18
CA ALA A 509 -27.60 36.27 -28.15
C ALA A 509 -27.92 36.99 -29.47
N LEU A 510 -26.93 37.63 -30.12
CA LEU A 510 -27.02 38.15 -31.48
C LEU A 510 -26.54 37.08 -32.45
N VAL A 511 -27.38 36.72 -33.45
CA VAL A 511 -27.15 35.55 -34.31
C VAL A 511 -26.67 36.08 -35.66
N VAL A 512 -25.39 35.83 -36.01
CA VAL A 512 -24.71 36.38 -37.19
C VAL A 512 -24.66 35.28 -38.27
N HIS A 513 -24.94 35.63 -39.53
CA HIS A 513 -24.94 34.66 -40.65
C HIS A 513 -23.56 34.51 -41.30
N HIS A 514 -22.71 35.55 -41.26
CA HIS A 514 -21.48 35.63 -42.02
C HIS A 514 -20.61 34.41 -41.74
N PRO A 515 -20.11 33.62 -42.73
CA PRO A 515 -19.45 32.33 -42.45
C PRO A 515 -18.11 32.45 -41.75
N GLU A 516 -17.42 33.62 -41.91
CA GLU A 516 -16.13 33.86 -41.30
C GLU A 516 -16.23 34.27 -39.83
N ALA A 517 -17.45 34.39 -39.27
CA ALA A 517 -17.64 34.89 -37.91
C ALA A 517 -17.33 33.77 -36.94
N ARG A 518 -16.23 33.93 -36.17
CA ARG A 518 -15.95 33.12 -34.98
C ARG A 518 -15.54 34.02 -33.84
N TYR A 519 -15.35 33.43 -32.64
CA TYR A 519 -15.19 34.17 -31.39
C TYR A 519 -13.76 34.67 -31.22
N PHE A 520 -13.66 35.85 -30.59
CA PHE A 520 -12.41 36.55 -30.38
C PHE A 520 -12.50 37.37 -29.09
N SER A 521 -11.32 37.76 -28.57
CA SER A 521 -11.20 38.56 -27.36
C SER A 521 -10.56 39.90 -27.71
N VAL A 522 -11.18 41.01 -27.28
CA VAL A 522 -10.57 42.33 -27.33
C VAL A 522 -9.56 42.55 -26.21
N ASP A 523 -9.68 41.86 -25.07
CA ASP A 523 -8.78 41.92 -23.92
C ASP A 523 -8.00 40.60 -23.70
N PRO B 1 -24.78 -1.23 -16.12
CA PRO B 1 -26.04 -1.60 -16.76
C PRO B 1 -27.07 -2.08 -15.72
N LEU B 2 -28.22 -2.55 -16.23
CA LEU B 2 -29.25 -3.20 -15.41
C LEU B 2 -28.89 -4.65 -15.05
N LEU B 3 -28.00 -5.31 -15.81
CA LEU B 3 -27.43 -6.62 -15.52
C LEU B 3 -26.68 -6.65 -14.18
N GLU B 4 -25.83 -5.64 -13.96
CA GLU B 4 -25.07 -5.49 -12.72
C GLU B 4 -25.99 -5.12 -11.55
N ARG B 5 -27.10 -4.38 -11.83
CA ARG B 5 -28.09 -3.99 -10.83
C ARG B 5 -28.93 -5.16 -10.32
N LEU B 6 -29.27 -6.13 -11.20
CA LEU B 6 -29.97 -7.35 -10.80
C LEU B 6 -29.07 -8.28 -9.98
N LYS B 7 -27.77 -8.33 -10.29
CA LYS B 7 -26.80 -9.03 -9.45
C LYS B 7 -26.68 -8.38 -8.06
N ARG B 8 -26.67 -7.03 -8.02
CA ARG B 8 -26.56 -6.24 -6.80
C ARG B 8 -27.73 -6.53 -5.85
N ARG B 9 -28.96 -6.61 -6.41
CA ARG B 9 -30.19 -6.82 -5.64
C ARG B 9 -30.21 -8.16 -4.89
N VAL B 10 -29.58 -9.21 -5.47
CA VAL B 10 -29.39 -10.50 -4.82
C VAL B 10 -28.41 -10.36 -3.66
N VAL B 11 -27.21 -9.81 -3.90
CA VAL B 11 -26.11 -9.80 -2.93
C VAL B 11 -26.42 -8.93 -1.72
N GLU B 12 -27.11 -7.79 -1.93
CA GLU B 12 -27.57 -6.91 -0.85
C GLU B 12 -28.88 -7.43 -0.24
N GLY B 13 -29.71 -8.12 -1.02
CA GLY B 13 -30.96 -8.68 -0.53
C GLY B 13 -32.10 -7.65 -0.55
N ARG B 14 -32.19 -6.85 -1.64
CA ARG B 14 -33.12 -5.75 -1.79
C ARG B 14 -34.34 -6.19 -2.61
N LYS B 15 -35.45 -6.48 -1.93
CA LYS B 15 -36.69 -6.94 -2.55
C LYS B 15 -37.47 -5.76 -3.14
N GLN B 16 -37.46 -4.61 -2.44
CA GLN B 16 -38.29 -3.46 -2.77
C GLN B 16 -37.73 -2.74 -4.00
N GLY B 17 -38.43 -2.88 -5.15
CA GLY B 17 -38.02 -2.37 -6.46
C GLY B 17 -37.46 -3.44 -7.41
N LEU B 18 -37.57 -4.73 -7.04
CA LEU B 18 -37.06 -5.84 -7.82
C LEU B 18 -37.93 -6.07 -9.07
N GLU B 19 -39.26 -6.18 -8.88
CA GLU B 19 -40.18 -6.53 -9.96
C GLU B 19 -40.27 -5.43 -11.02
N ALA B 20 -39.96 -4.17 -10.66
CA ALA B 20 -39.72 -3.10 -11.63
C ALA B 20 -38.48 -3.36 -12.50
N ASP B 21 -37.36 -3.78 -11.88
CA ASP B 21 -36.08 -4.00 -12.55
C ASP B 21 -36.10 -5.26 -13.44
N LEU B 22 -36.85 -6.30 -13.04
CA LEU B 22 -37.06 -7.50 -13.86
C LEU B 22 -37.86 -7.17 -15.12
N GLU B 23 -38.98 -6.44 -14.95
CA GLU B 23 -39.85 -6.03 -16.05
C GLU B 23 -39.11 -5.15 -17.06
N GLU B 24 -38.22 -4.26 -16.57
CA GLU B 24 -37.40 -3.38 -17.39
C GLU B 24 -36.38 -4.16 -18.22
N ALA B 25 -35.78 -5.21 -17.64
CA ALA B 25 -34.71 -5.97 -18.30
C ALA B 25 -35.20 -6.85 -19.44
N LEU B 26 -36.40 -7.45 -19.30
CA LEU B 26 -36.97 -8.36 -20.29
C LEU B 26 -37.45 -7.60 -21.51
N LYS B 27 -38.11 -6.46 -21.31
CA LYS B 27 -38.51 -5.57 -22.41
C LYS B 27 -37.27 -4.95 -23.07
N ALA B 28 -36.21 -4.75 -22.30
CA ALA B 28 -34.90 -4.33 -22.81
C ALA B 28 -34.10 -5.52 -23.35
N GLY B 29 -34.74 -6.64 -23.75
CA GLY B 29 -34.12 -7.71 -24.53
C GLY B 29 -33.30 -8.78 -23.79
N HIS B 30 -33.77 -9.26 -22.63
CA HIS B 30 -33.14 -10.39 -21.94
C HIS B 30 -34.22 -11.41 -21.59
N LYS B 31 -34.06 -12.68 -22.00
CA LYS B 31 -35.07 -13.69 -21.78
C LYS B 31 -35.09 -14.08 -20.29
N PRO B 32 -36.24 -14.60 -19.75
CA PRO B 32 -36.29 -15.11 -18.37
C PRO B 32 -35.16 -16.05 -17.96
N LEU B 33 -34.86 -17.07 -18.78
CA LEU B 33 -33.81 -18.04 -18.52
C LEU B 33 -32.41 -17.42 -18.58
N ASP B 34 -32.22 -16.40 -19.46
CA ASP B 34 -30.97 -15.67 -19.58
C ASP B 34 -30.61 -14.98 -18.27
N LEU B 35 -31.58 -14.28 -17.64
CA LEU B 35 -31.32 -13.54 -16.40
C LEU B 35 -31.10 -14.49 -15.23
N ILE B 36 -31.93 -15.56 -15.15
CA ILE B 36 -31.86 -16.55 -14.08
C ILE B 36 -30.48 -17.19 -14.02
N ASN B 37 -30.04 -17.79 -15.14
CA ASN B 37 -28.77 -18.50 -15.19
C ASN B 37 -27.56 -17.56 -15.23
N GLY B 38 -27.76 -16.24 -15.39
CA GLY B 38 -26.66 -15.30 -15.53
C GLY B 38 -26.43 -14.50 -14.25
N PRO B 39 -26.78 -13.17 -14.24
CA PRO B 39 -26.46 -12.29 -13.11
C PRO B 39 -27.04 -12.71 -11.76
N LEU B 40 -28.33 -13.06 -11.72
CA LEU B 40 -29.00 -13.55 -10.52
C LEU B 40 -28.23 -14.74 -9.89
N LEU B 41 -27.95 -15.76 -10.68
CA LEU B 41 -27.17 -16.91 -10.25
C LEU B 41 -25.71 -16.52 -9.96
N ALA B 42 -25.17 -15.54 -10.70
CA ALA B 42 -23.87 -14.95 -10.38
C ALA B 42 -23.89 -14.27 -9.01
N GLY B 43 -25.00 -13.58 -8.67
CA GLY B 43 -25.26 -13.00 -7.37
C GLY B 43 -25.28 -14.02 -6.24
N MET B 44 -26.05 -15.10 -6.43
CA MET B 44 -26.17 -16.19 -5.45
C MET B 44 -24.87 -16.98 -5.27
N LYS B 45 -24.02 -17.07 -6.32
CA LYS B 45 -22.71 -17.70 -6.22
C LYS B 45 -21.73 -16.81 -5.45
N GLU B 46 -21.82 -15.47 -5.59
CA GLU B 46 -21.00 -14.51 -4.84
C GLU B 46 -21.32 -14.58 -3.35
N VAL B 47 -22.61 -14.70 -3.00
CA VAL B 47 -23.08 -14.87 -1.64
C VAL B 47 -22.57 -16.18 -1.04
N GLY B 48 -22.48 -17.24 -1.85
CA GLY B 48 -21.85 -18.50 -1.45
C GLY B 48 -20.35 -18.38 -1.15
N ASP B 49 -19.64 -17.56 -1.96
CA ASP B 49 -18.23 -17.25 -1.78
C ASP B 49 -18.02 -16.48 -0.47
N LEU B 50 -18.85 -15.44 -0.26
CA LEU B 50 -18.83 -14.60 0.93
C LEU B 50 -19.05 -15.42 2.22
N PHE B 51 -20.07 -16.31 2.23
CA PHE B 51 -20.39 -17.14 3.39
C PHE B 51 -19.27 -18.16 3.63
N GLY B 52 -18.72 -18.73 2.54
CA GLY B 52 -17.51 -19.56 2.57
C GLY B 52 -16.29 -18.90 3.21
N ALA B 53 -16.10 -17.60 3.02
CA ALA B 53 -15.00 -16.82 3.58
C ALA B 53 -15.31 -16.20 4.95
N GLY B 54 -16.58 -16.17 5.40
CA GLY B 54 -16.96 -15.47 6.63
C GLY B 54 -16.95 -13.94 6.51
N LYS B 55 -17.44 -13.40 5.37
CA LYS B 55 -17.70 -11.98 5.16
C LYS B 55 -19.18 -11.62 5.08
N MET B 56 -20.09 -12.61 4.91
CA MET B 56 -21.53 -12.46 5.02
C MET B 56 -22.05 -13.48 6.04
N GLN B 57 -22.96 -13.00 6.91
CA GLN B 57 -23.63 -13.80 7.94
C GLN B 57 -24.90 -14.42 7.37
N LEU B 58 -25.34 -15.53 7.98
CA LEU B 58 -26.42 -16.40 7.49
C LEU B 58 -27.79 -15.72 7.35
N PRO B 59 -28.22 -14.73 8.17
CA PRO B 59 -29.47 -14.00 7.93
C PRO B 59 -29.54 -13.17 6.64
N PHE B 60 -28.39 -12.76 6.10
CA PHE B 60 -28.30 -12.04 4.83
C PHE B 60 -28.20 -13.02 3.65
N VAL B 61 -27.67 -14.24 3.85
CA VAL B 61 -27.67 -15.31 2.87
C VAL B 61 -29.11 -15.68 2.52
N LEU B 62 -29.94 -15.88 3.55
CA LEU B 62 -31.35 -16.20 3.37
C LEU B 62 -32.14 -14.98 2.88
N GLN B 63 -31.63 -13.76 3.12
CA GLN B 63 -32.18 -12.53 2.53
C GLN B 63 -31.91 -12.47 1.03
N ALA B 64 -30.72 -12.94 0.62
CA ALA B 64 -30.40 -13.09 -0.80
C ALA B 64 -31.30 -14.11 -1.50
N ALA B 65 -31.55 -15.26 -0.84
CA ALA B 65 -32.39 -16.32 -1.38
C ALA B 65 -33.85 -15.88 -1.57
N GLU B 66 -34.36 -15.03 -0.65
CA GLU B 66 -35.67 -14.38 -0.78
C GLU B 66 -35.78 -13.62 -2.09
N VAL B 67 -34.73 -12.86 -2.48
CA VAL B 67 -34.73 -12.07 -3.71
C VAL B 67 -34.75 -12.97 -4.94
N MET B 68 -33.90 -14.03 -4.92
CA MET B 68 -33.77 -14.99 -6.00
C MET B 68 -35.09 -15.75 -6.21
N LYS B 69 -35.69 -16.24 -5.09
CA LYS B 69 -36.97 -16.95 -5.09
C LYS B 69 -38.07 -16.05 -5.66
N ARG B 70 -38.06 -14.75 -5.30
CA ARG B 70 -39.07 -13.80 -5.75
C ARG B 70 -38.88 -13.43 -7.23
N ALA B 71 -37.61 -13.38 -7.71
CA ALA B 71 -37.30 -13.19 -9.13
C ALA B 71 -37.85 -14.31 -10.02
N VAL B 72 -37.57 -15.57 -9.63
CA VAL B 72 -38.00 -16.76 -10.35
C VAL B 72 -39.53 -16.88 -10.37
N ALA B 73 -40.21 -16.45 -9.29
CA ALA B 73 -41.67 -16.44 -9.20
C ALA B 73 -42.29 -15.45 -10.20
N TYR B 74 -41.65 -14.28 -10.37
CA TYR B 74 -42.09 -13.26 -11.31
C TYR B 74 -41.87 -13.67 -12.77
N LEU B 75 -40.78 -14.39 -13.07
CA LEU B 75 -40.43 -14.84 -14.41
C LEU B 75 -41.05 -16.20 -14.80
N GLU B 76 -41.81 -16.88 -13.90
CA GLU B 76 -42.36 -18.21 -14.18
C GLU B 76 -43.55 -18.18 -15.15
N PRO B 77 -44.49 -17.20 -15.11
CA PRO B 77 -45.50 -17.05 -16.18
C PRO B 77 -45.00 -16.89 -17.62
N HIS B 78 -43.89 -16.16 -17.80
CA HIS B 78 -43.26 -15.95 -19.10
C HIS B 78 -42.60 -17.21 -19.64
N MET B 79 -42.04 -18.04 -18.73
CA MET B 79 -41.37 -19.29 -19.07
C MET B 79 -42.40 -20.42 -19.17
N GLU B 80 -42.12 -21.44 -20.01
CA GLU B 80 -42.93 -22.66 -20.14
C GLU B 80 -42.09 -23.89 -19.86
N LYS B 81 -41.62 -24.01 -18.60
CA LYS B 81 -40.65 -24.99 -18.14
C LYS B 81 -41.24 -25.75 -16.96
N GLU B 84 -36.65 -26.18 -15.88
CA GLU B 84 -35.84 -27.43 -15.69
C GLU B 84 -34.42 -27.10 -15.21
N GLY B 85 -34.06 -27.45 -13.95
CA GLY B 85 -32.85 -26.98 -13.30
C GLY B 85 -31.59 -27.74 -13.73
N LYS B 86 -30.49 -27.57 -12.97
CA LYS B 86 -29.16 -28.10 -13.31
C LYS B 86 -29.01 -29.58 -12.93
N GLY B 87 -29.95 -30.12 -12.13
CA GLY B 87 -29.95 -31.48 -11.62
C GLY B 87 -30.89 -31.52 -10.43
N THR B 88 -31.32 -32.73 -10.03
CA THR B 88 -32.35 -32.87 -9.02
C THR B 88 -31.78 -33.59 -7.79
N LEU B 89 -32.13 -33.11 -6.58
CA LEU B 89 -31.95 -33.84 -5.33
C LEU B 89 -33.34 -34.18 -4.80
N VAL B 90 -33.59 -35.49 -4.57
CA VAL B 90 -34.72 -35.94 -3.77
C VAL B 90 -34.29 -35.91 -2.30
N LEU B 91 -34.97 -35.11 -1.48
CA LEU B 91 -34.55 -34.75 -0.13
C LEU B 91 -35.64 -35.14 0.86
N ALA B 92 -35.31 -35.90 1.92
CA ALA B 92 -36.28 -36.34 2.95
C ALA B 92 -35.66 -36.34 4.34
N THR B 93 -36.48 -36.20 5.40
CA THR B 93 -36.09 -36.58 6.75
C THR B 93 -36.55 -38.02 7.00
N VAL B 94 -35.72 -38.78 7.74
CA VAL B 94 -35.86 -40.24 7.84
C VAL B 94 -37.08 -40.63 8.66
N LYS B 95 -37.49 -41.91 8.52
CA LYS B 95 -38.57 -42.54 9.27
C LYS B 95 -38.27 -42.45 10.76
N GLY B 96 -39.30 -42.05 11.53
CA GLY B 96 -39.20 -41.83 12.95
C GLY B 96 -38.41 -40.57 13.33
N ASP B 97 -38.55 -39.51 12.54
CA ASP B 97 -37.92 -38.22 12.82
C ASP B 97 -38.79 -37.09 12.25
N VAL B 98 -38.92 -36.02 13.05
CA VAL B 98 -39.86 -34.94 12.80
C VAL B 98 -39.15 -33.60 12.55
N HIS B 99 -37.79 -33.63 12.54
CA HIS B 99 -36.96 -32.44 12.63
C HIS B 99 -36.63 -32.00 11.19
N ASP B 100 -36.97 -30.76 10.83
CA ASP B 100 -36.97 -30.32 9.44
C ASP B 100 -36.28 -28.98 9.20
N ILE B 101 -35.47 -28.45 10.13
CA ILE B 101 -34.80 -27.17 9.87
C ILE B 101 -33.58 -27.36 8.95
N GLY B 102 -32.77 -28.41 9.19
CA GLY B 102 -31.58 -28.63 8.39
C GLY B 102 -31.91 -28.99 6.94
N LYS B 103 -32.81 -29.99 6.77
CA LYS B 103 -33.36 -30.38 5.48
C LYS B 103 -33.90 -29.17 4.69
N ASN B 104 -34.74 -28.36 5.32
CA ASN B 104 -35.32 -27.18 4.67
C ASN B 104 -34.25 -26.12 4.36
N LEU B 105 -33.15 -26.03 5.15
CA LEU B 105 -32.02 -25.14 4.85
C LEU B 105 -31.28 -25.57 3.59
N VAL B 106 -31.11 -26.87 3.41
CA VAL B 106 -30.54 -27.43 2.19
C VAL B 106 -31.43 -27.04 0.99
N ASP B 107 -32.75 -27.28 1.12
CA ASP B 107 -33.77 -26.96 0.10
C ASP B 107 -33.64 -25.51 -0.37
N ILE B 108 -33.46 -24.54 0.57
CA ILE B 108 -33.40 -23.12 0.23
C ILE B 108 -32.14 -22.81 -0.57
N ILE B 109 -30.98 -23.31 -0.12
CA ILE B 109 -29.68 -23.03 -0.74
C ILE B 109 -29.59 -23.66 -2.12
N LEU B 110 -29.96 -24.95 -2.25
CA LEU B 110 -29.89 -25.65 -3.53
C LEU B 110 -30.88 -25.06 -4.53
N SER B 111 -32.14 -24.83 -4.13
CA SER B 111 -33.17 -24.27 -5.02
C SER B 111 -32.77 -22.91 -5.58
N ASN B 112 -32.27 -22.01 -4.74
CA ASN B 112 -31.85 -20.68 -5.16
C ASN B 112 -30.45 -20.68 -5.78
N ASN B 113 -29.77 -21.84 -5.91
CA ASN B 113 -28.58 -21.98 -6.74
C ASN B 113 -28.87 -22.75 -8.04
N GLY B 114 -30.15 -22.85 -8.44
CA GLY B 114 -30.55 -23.41 -9.72
C GLY B 114 -30.60 -24.94 -9.81
N TYR B 115 -30.61 -25.67 -8.67
CA TYR B 115 -30.92 -27.09 -8.64
C TYR B 115 -32.38 -27.29 -8.22
N ARG B 116 -32.91 -28.48 -8.57
CA ARG B 116 -34.28 -28.84 -8.25
C ARG B 116 -34.26 -29.67 -6.96
N VAL B 117 -35.14 -29.34 -6.01
CA VAL B 117 -35.24 -30.04 -4.72
C VAL B 117 -36.67 -30.55 -4.58
N VAL B 118 -36.80 -31.87 -4.41
CA VAL B 118 -38.08 -32.52 -4.21
C VAL B 118 -38.17 -32.87 -2.73
N ASN B 119 -38.71 -31.93 -1.92
CA ASN B 119 -38.76 -32.05 -0.47
C ASN B 119 -39.90 -33.00 -0.09
N LEU B 120 -39.61 -34.20 0.44
CA LEU B 120 -40.62 -35.21 0.78
C LEU B 120 -41.12 -35.11 2.23
N GLY B 121 -40.66 -34.13 3.04
CA GLY B 121 -41.21 -33.89 4.37
C GLY B 121 -40.51 -34.72 5.44
N ILE B 122 -41.26 -35.14 6.48
CA ILE B 122 -40.71 -35.76 7.67
C ILE B 122 -41.31 -37.15 7.81
N LYS B 123 -40.64 -38.02 8.58
CA LYS B 123 -41.03 -39.40 8.83
C LYS B 123 -41.19 -40.20 7.52
N VAL B 124 -40.30 -39.99 6.56
CA VAL B 124 -40.43 -40.51 5.20
C VAL B 124 -39.75 -41.89 5.18
N PRO B 125 -40.48 -43.02 4.92
CA PRO B 125 -39.82 -44.32 4.75
C PRO B 125 -39.13 -44.43 3.38
N ILE B 126 -38.21 -45.39 3.26
CA ILE B 126 -37.36 -45.56 2.07
C ILE B 126 -38.16 -46.03 0.84
N GLU B 127 -39.26 -46.75 1.04
CA GLU B 127 -40.23 -47.07 0.01
C GLU B 127 -40.73 -45.81 -0.69
N GLU B 128 -41.14 -44.79 0.08
CA GLU B 128 -41.60 -43.50 -0.43
C GLU B 128 -40.49 -42.70 -1.13
N ILE B 129 -39.26 -42.78 -0.59
CA ILE B 129 -38.11 -42.04 -1.10
C ILE B 129 -37.75 -42.59 -2.48
N LEU B 130 -37.70 -43.93 -2.60
CA LEU B 130 -37.33 -44.57 -3.85
C LEU B 130 -38.42 -44.53 -4.92
N LYS B 131 -39.71 -44.39 -4.53
CA LYS B 131 -40.78 -44.06 -5.46
C LYS B 131 -40.51 -42.71 -6.12
N ALA B 132 -40.09 -41.71 -5.31
CA ALA B 132 -39.69 -40.41 -5.82
C ALA B 132 -38.47 -40.47 -6.74
N VAL B 133 -37.49 -41.36 -6.45
CA VAL B 133 -36.28 -41.48 -7.27
C VAL B 133 -36.65 -42.04 -8.65
N GLU B 134 -37.62 -42.98 -8.71
CA GLU B 134 -38.10 -43.55 -9.95
C GLU B 134 -38.79 -42.49 -10.82
N ALA B 135 -39.65 -41.66 -10.20
CA ALA B 135 -40.43 -40.63 -10.89
C ALA B 135 -39.54 -39.54 -11.49
N HIS B 136 -38.63 -38.99 -10.68
CA HIS B 136 -37.86 -37.80 -11.01
C HIS B 136 -36.53 -38.14 -11.68
N LYS B 137 -35.90 -39.30 -11.34
CA LYS B 137 -34.59 -39.74 -11.80
C LYS B 137 -33.55 -38.67 -11.46
N PRO B 138 -33.32 -38.41 -10.14
CA PRO B 138 -32.42 -37.35 -9.71
C PRO B 138 -30.96 -37.75 -9.85
N HIS B 139 -30.07 -36.76 -9.72
CA HIS B 139 -28.63 -37.01 -9.60
C HIS B 139 -28.27 -37.59 -8.23
N ALA B 140 -28.95 -37.22 -7.12
CA ALA B 140 -28.68 -37.76 -5.79
C ALA B 140 -29.93 -37.84 -4.91
N VAL B 141 -29.82 -38.60 -3.81
CA VAL B 141 -30.80 -38.69 -2.73
C VAL B 141 -30.18 -38.05 -1.49
N GLY B 142 -30.96 -37.26 -0.73
CA GLY B 142 -30.58 -36.67 0.54
C GLY B 142 -31.37 -37.28 1.68
N MET B 143 -30.73 -37.43 2.87
CA MET B 143 -31.44 -37.90 4.06
C MET B 143 -30.98 -37.10 5.28
N SER B 144 -31.93 -36.46 6.00
CA SER B 144 -31.70 -35.66 7.21
C SER B 144 -32.18 -36.47 8.41
N GLY B 145 -31.34 -36.48 9.46
CA GLY B 145 -31.68 -36.93 10.80
C GLY B 145 -31.57 -35.81 11.82
N LEU B 146 -31.77 -36.23 13.09
CA LEU B 146 -31.47 -35.40 14.24
C LEU B 146 -30.57 -36.21 15.16
N LEU B 147 -31.15 -37.28 15.71
CA LEU B 147 -30.58 -38.06 16.79
C LEU B 147 -29.86 -39.25 16.18
N VAL B 148 -29.13 -40.00 17.02
CA VAL B 148 -28.24 -41.06 16.58
C VAL B 148 -29.07 -42.27 16.12
N LYS B 149 -30.25 -42.46 16.70
CA LYS B 149 -31.19 -43.47 16.25
C LYS B 149 -31.70 -43.17 14.84
N SER B 150 -31.72 -41.88 14.42
CA SER B 150 -32.03 -41.50 13.04
C SER B 150 -30.91 -41.86 12.04
N THR B 151 -29.64 -41.93 12.51
CA THR B 151 -28.54 -42.41 11.68
C THR B 151 -28.66 -43.91 11.43
N LEU B 152 -29.10 -44.68 12.44
CA LEU B 152 -29.32 -46.12 12.32
C LEU B 152 -30.40 -46.47 11.31
N VAL B 153 -31.42 -45.61 11.15
CA VAL B 153 -32.42 -45.73 10.10
C VAL B 153 -31.76 -45.46 8.74
N MET B 154 -30.93 -44.41 8.62
CA MET B 154 -30.21 -44.11 7.40
C MET B 154 -29.38 -45.31 6.90
N LYS B 155 -28.80 -46.08 7.83
CA LYS B 155 -28.01 -47.26 7.49
C LYS B 155 -28.91 -48.34 6.93
N GLU B 156 -30.02 -48.64 7.62
CA GLU B 156 -31.02 -49.59 7.14
C GLU B 156 -31.56 -49.18 5.77
N ASN B 157 -31.68 -47.87 5.51
CA ASN B 157 -32.08 -47.35 4.21
C ASN B 157 -31.02 -47.61 3.11
N LEU B 158 -29.73 -47.52 3.46
CA LEU B 158 -28.66 -47.82 2.54
C LEU B 158 -28.62 -49.33 2.28
N GLU B 159 -28.84 -50.15 3.32
CA GLU B 159 -28.98 -51.61 3.15
C GLU B 159 -30.14 -51.94 2.20
N TYR B 160 -31.31 -51.28 2.39
CA TYR B 160 -32.46 -51.39 1.48
C TYR B 160 -32.05 -50.98 0.06
N MET B 161 -31.38 -49.83 -0.13
CA MET B 161 -31.08 -49.27 -1.44
C MET B 161 -30.10 -50.13 -2.25
N ARG B 162 -29.07 -50.70 -1.59
CA ARG B 162 -28.10 -51.59 -2.21
C ARG B 162 -28.80 -52.90 -2.59
N ASP B 163 -29.64 -53.45 -1.68
CA ASP B 163 -30.42 -54.67 -1.90
C ASP B 163 -31.31 -54.60 -3.14
N ARG B 164 -31.93 -53.46 -3.45
CA ARG B 164 -32.60 -53.24 -4.75
C ARG B 164 -31.65 -53.02 -5.90
N GLY B 165 -30.48 -52.44 -5.61
CA GLY B 165 -29.45 -52.16 -6.60
C GLY B 165 -29.53 -50.73 -7.13
N TYR B 166 -29.76 -49.80 -6.19
CA TYR B 166 -29.45 -48.41 -6.44
C TYR B 166 -27.95 -48.23 -6.20
N THR B 167 -27.32 -47.44 -7.08
CA THR B 167 -25.95 -47.00 -6.97
C THR B 167 -25.88 -45.46 -6.90
N LEU B 168 -27.03 -44.77 -6.88
CA LEU B 168 -27.15 -43.31 -6.86
C LEU B 168 -26.44 -42.73 -5.65
N PRO B 169 -25.76 -41.57 -5.70
CA PRO B 169 -25.17 -41.00 -4.51
C PRO B 169 -26.21 -40.65 -3.45
N VAL B 170 -25.89 -41.00 -2.20
CA VAL B 170 -26.71 -40.72 -1.03
C VAL B 170 -25.95 -39.70 -0.17
N ILE B 171 -26.36 -38.41 -0.18
CA ILE B 171 -25.81 -37.37 0.69
C ILE B 171 -26.54 -37.47 2.04
N LEU B 172 -25.81 -37.82 3.13
CA LEU B 172 -26.35 -37.87 4.48
C LEU B 172 -25.88 -36.64 5.27
N GLY B 173 -26.81 -36.05 6.05
CA GLY B 173 -26.43 -35.05 7.04
C GLY B 173 -27.30 -35.14 8.28
N GLY B 174 -26.81 -34.55 9.36
CA GLY B 174 -27.51 -34.56 10.63
C GLY B 174 -26.64 -33.96 11.74
N ALA B 175 -27.32 -33.47 12.80
CA ALA B 175 -26.69 -33.00 14.01
C ALA B 175 -25.81 -34.10 14.61
N ALA B 176 -26.42 -35.26 14.94
CA ALA B 176 -25.75 -36.41 15.53
C ALA B 176 -24.76 -37.09 14.57
N LEU B 177 -25.00 -37.03 13.26
CA LEU B 177 -24.18 -37.74 12.28
C LEU B 177 -22.83 -37.04 12.14
N THR B 178 -21.76 -37.85 12.17
CA THR B 178 -20.37 -37.43 12.07
C THR B 178 -19.79 -37.88 10.74
N ARG B 179 -18.64 -37.32 10.37
CA ARG B 179 -17.94 -37.71 9.16
C ARG B 179 -17.40 -39.13 9.27
N SER B 180 -16.79 -39.48 10.42
CA SER B 180 -16.20 -40.81 10.69
C SER B 180 -17.18 -41.96 10.47
N TYR B 181 -18.47 -41.72 10.85
CA TYR B 181 -19.50 -42.74 10.75
C TYR B 181 -19.91 -42.99 9.30
N VAL B 182 -20.07 -41.92 8.51
CA VAL B 182 -20.40 -42.01 7.08
C VAL B 182 -19.30 -42.74 6.27
N GLU B 183 -18.02 -42.64 6.68
CA GLU B 183 -16.94 -43.40 6.04
C GLU B 183 -17.06 -44.90 6.33
N GLU B 184 -17.48 -45.28 7.55
CA GLU B 184 -17.74 -46.67 7.90
C GLU B 184 -18.98 -47.21 7.16
N LEU B 185 -19.96 -46.35 6.83
CA LEU B 185 -21.13 -46.72 6.03
C LEU B 185 -20.81 -46.97 4.55
N ARG B 186 -19.65 -46.52 4.04
CA ARG B 186 -19.23 -46.81 2.68
C ARG B 186 -19.00 -48.31 2.44
N ALA B 187 -18.78 -49.07 3.52
CA ALA B 187 -18.88 -50.53 3.52
C ALA B 187 -20.17 -51.04 2.88
N ILE B 188 -21.30 -50.61 3.43
CA ILE B 188 -22.64 -51.00 3.00
C ILE B 188 -22.91 -50.41 1.60
N TYR B 189 -22.75 -49.09 1.46
CA TYR B 189 -23.13 -48.34 0.27
C TYR B 189 -22.00 -47.39 -0.08
N PRO B 190 -21.03 -47.80 -0.94
CA PRO B 190 -19.87 -46.96 -1.28
C PRO B 190 -20.09 -45.51 -1.74
N ASN B 191 -21.23 -45.22 -2.40
CA ASN B 191 -21.53 -43.86 -2.88
C ASN B 191 -22.34 -43.06 -1.86
N VAL B 192 -21.77 -42.90 -0.65
CA VAL B 192 -22.38 -42.18 0.47
C VAL B 192 -21.41 -41.07 0.86
N TYR B 193 -21.94 -39.86 1.06
CA TYR B 193 -21.16 -38.66 1.33
C TYR B 193 -21.74 -37.95 2.55
N TYR B 194 -20.88 -37.47 3.46
CA TYR B 194 -21.31 -36.62 4.58
C TYR B 194 -21.38 -35.15 4.14
N ALA B 195 -22.29 -34.37 4.75
CA ALA B 195 -22.41 -32.95 4.55
C ALA B 195 -22.56 -32.26 5.89
N GLU B 196 -21.51 -31.50 6.27
CA GLU B 196 -21.41 -30.72 7.50
C GLU B 196 -22.47 -29.61 7.55
N ASP B 197 -22.66 -28.90 6.42
CA ASP B 197 -23.64 -27.86 6.28
C ASP B 197 -24.34 -28.00 4.92
N ALA B 198 -25.29 -27.09 4.67
CA ALA B 198 -25.95 -26.95 3.38
C ALA B 198 -24.97 -26.63 2.23
N PHE B 199 -23.94 -25.82 2.51
CA PHE B 199 -22.97 -25.40 1.52
C PHE B 199 -22.04 -26.53 1.10
N GLU B 200 -21.73 -27.46 2.03
CA GLU B 200 -21.11 -28.73 1.67
C GLU B 200 -22.02 -29.58 0.77
N GLY B 201 -23.33 -29.59 1.08
CA GLY B 201 -24.35 -30.19 0.24
C GLY B 201 -24.44 -29.59 -1.16
N LEU B 202 -24.21 -28.26 -1.30
CA LEU B 202 -24.17 -27.59 -2.59
C LEU B 202 -22.96 -28.03 -3.41
N ARG B 203 -21.75 -28.04 -2.81
CA ARG B 203 -20.51 -28.45 -3.48
C ARG B 203 -20.58 -29.90 -3.99
N LEU B 204 -21.10 -30.84 -3.16
CA LEU B 204 -21.37 -32.23 -3.56
C LEU B 204 -22.27 -32.28 -4.79
N MET B 205 -23.38 -31.53 -4.78
CA MET B 205 -24.33 -31.45 -5.89
C MET B 205 -23.70 -30.79 -7.11
N GLU B 206 -22.73 -29.87 -6.92
CA GLU B 206 -21.96 -29.29 -8.02
C GLU B 206 -21.09 -30.37 -8.69
N GLU B 207 -20.29 -31.11 -7.88
CA GLU B 207 -19.42 -32.19 -8.35
C GLU B 207 -20.23 -33.32 -9.03
N LEU B 208 -21.36 -33.73 -8.43
CA LEU B 208 -22.18 -34.83 -8.92
C LEU B 208 -22.91 -34.47 -10.23
N THR B 209 -23.22 -33.19 -10.48
CA THR B 209 -23.76 -32.72 -11.77
C THR B 209 -22.69 -32.21 -12.73
N GLY B 210 -21.39 -32.32 -12.38
CA GLY B 210 -20.29 -32.00 -13.30
C GLY B 210 -19.99 -30.51 -13.45
N HIS B 211 -20.57 -29.64 -12.60
CA HIS B 211 -20.29 -28.21 -12.59
C HIS B 211 -19.09 -27.88 -11.69
N ALA B 212 -18.25 -28.87 -11.30
CA ALA B 212 -17.13 -28.66 -10.42
C ALA B 212 -16.13 -29.81 -10.56
N PRO B 213 -14.84 -29.57 -10.23
CA PRO B 213 -13.85 -30.64 -10.20
C PRO B 213 -14.09 -31.60 -9.03
N PRO B 214 -14.15 -32.93 -9.26
CA PRO B 214 -14.20 -33.91 -8.17
C PRO B 214 -13.17 -33.65 -7.07
N GLU B 215 -13.63 -33.45 -5.83
CA GLU B 215 -12.80 -33.18 -4.65
C GLU B 215 -13.27 -34.07 -3.50
N LEU B 216 -14.47 -33.76 -2.99
CA LEU B 216 -15.11 -34.53 -1.92
C LEU B 216 -15.43 -35.91 -2.49
N THR B 217 -15.94 -35.95 -3.74
CA THR B 217 -16.18 -37.19 -4.45
C THR B 217 -14.86 -37.83 -4.87
N ARG B 218 -14.59 -39.04 -4.36
CA ARG B 218 -13.56 -39.95 -4.86
C ARG B 218 -14.21 -41.33 -5.11
N ARG B 234 -5.68 -41.23 38.58
CA ARG B 234 -6.45 -39.98 38.27
C ARG B 234 -7.95 -40.28 38.46
N ALA B 235 -8.61 -39.63 39.44
CA ALA B 235 -10.04 -39.74 39.75
C ALA B 235 -10.39 -38.89 40.99
N ARG B 236 -11.69 -38.53 41.14
CA ARG B 236 -12.31 -38.05 42.38
C ARG B 236 -13.45 -39.03 42.75
N PRO B 237 -13.49 -39.68 43.94
CA PRO B 237 -14.70 -40.40 44.41
C PRO B 237 -15.80 -39.42 44.84
N VAL B 238 -17.07 -39.70 44.48
CA VAL B 238 -18.22 -38.94 44.96
C VAL B 238 -18.50 -39.34 46.41
N GLY B 239 -18.62 -38.35 47.32
CA GLY B 239 -19.02 -38.57 48.73
C GLY B 239 -20.54 -38.54 48.95
N GLU B 240 -21.00 -38.99 50.13
CA GLU B 240 -22.42 -38.89 50.53
C GLU B 240 -22.79 -37.43 50.68
N ALA B 241 -24.07 -37.15 50.51
CA ALA B 241 -24.64 -35.82 50.44
C ALA B 241 -24.81 -35.21 51.84
N PRO B 242 -25.06 -33.87 51.95
CA PRO B 242 -25.39 -33.24 53.24
C PRO B 242 -26.64 -33.81 53.92
N ALA B 243 -27.75 -33.83 53.17
CA ALA B 243 -29.01 -34.47 53.57
C ALA B 243 -29.86 -34.77 52.33
N VAL B 244 -30.94 -35.55 52.54
CA VAL B 244 -31.90 -35.85 51.49
C VAL B 244 -32.87 -34.70 51.50
N PRO B 245 -32.92 -33.83 50.45
CA PRO B 245 -33.87 -32.72 50.43
C PRO B 245 -35.28 -33.23 50.09
N ARG B 246 -36.26 -32.50 50.64
CA ARG B 246 -37.65 -32.87 50.70
C ARG B 246 -38.33 -32.24 49.49
N PRO B 247 -39.09 -33.01 48.66
CA PRO B 247 -39.79 -32.43 47.51
C PRO B 247 -41.12 -31.81 47.95
N PRO B 248 -41.75 -30.93 47.17
CA PRO B 248 -43.08 -30.41 47.51
C PRO B 248 -44.15 -31.51 47.60
N PHE B 249 -44.01 -32.49 46.70
CA PHE B 249 -44.82 -33.70 46.70
C PHE B 249 -44.05 -34.84 46.02
N PHE B 250 -44.65 -36.01 45.98
CA PHE B 250 -44.16 -37.15 45.23
C PHE B 250 -45.17 -37.48 44.13
N GLY B 251 -44.67 -37.92 42.99
CA GLY B 251 -45.45 -38.04 41.76
C GLY B 251 -45.30 -36.83 40.85
N VAL B 252 -46.15 -36.77 39.81
CA VAL B 252 -45.96 -35.88 38.67
C VAL B 252 -47.24 -35.07 38.42
N ARG B 253 -47.07 -33.73 38.27
CA ARG B 253 -48.16 -32.80 38.01
C ARG B 253 -47.86 -31.96 36.77
N VAL B 254 -48.92 -31.38 36.19
CA VAL B 254 -48.85 -30.54 35.00
C VAL B 254 -48.70 -29.10 35.49
N GLU B 255 -48.15 -28.20 34.69
CA GLU B 255 -48.21 -26.77 34.94
C GLU B 255 -48.28 -26.10 33.58
N GLU B 256 -49.36 -25.38 33.30
CA GLU B 256 -49.43 -24.44 32.17
C GLU B 256 -49.69 -23.11 32.82
N GLY B 257 -49.91 -22.05 32.01
CA GLY B 257 -50.07 -20.71 32.56
C GLY B 257 -48.72 -20.23 33.08
N LEU B 258 -47.79 -20.13 32.13
CA LEU B 258 -46.42 -19.70 32.35
C LEU B 258 -46.21 -18.49 31.45
N ASP B 259 -45.66 -17.41 32.02
CA ASP B 259 -45.48 -16.15 31.31
C ASP B 259 -44.28 -16.31 30.37
N LEU B 260 -44.49 -16.01 29.07
CA LEU B 260 -43.41 -16.02 28.09
C LEU B 260 -42.36 -14.95 28.38
N ALA B 261 -42.77 -13.81 28.96
CA ALA B 261 -41.85 -12.76 29.39
C ALA B 261 -40.86 -13.24 30.47
N THR B 262 -41.31 -14.06 31.44
CA THR B 262 -40.44 -14.59 32.49
C THR B 262 -39.44 -15.60 31.91
N ILE B 263 -39.87 -16.39 30.93
CA ILE B 263 -39.03 -17.41 30.29
C ILE B 263 -37.96 -16.72 29.42
N ALA B 264 -38.33 -15.64 28.71
CA ALA B 264 -37.42 -14.86 27.85
C ALA B 264 -36.19 -14.29 28.56
N HIS B 265 -36.30 -14.03 29.87
CA HIS B 265 -35.18 -13.66 30.72
C HIS B 265 -34.17 -14.78 30.88
N TYR B 266 -34.49 -16.06 30.58
CA TYR B 266 -33.59 -17.21 30.64
C TYR B 266 -32.99 -17.62 29.29
N VAL B 267 -33.17 -16.79 28.22
CA VAL B 267 -32.71 -17.14 26.89
C VAL B 267 -31.22 -16.87 26.84
N ASN B 268 -30.49 -17.82 26.25
CA ASN B 268 -29.05 -17.78 26.12
C ASN B 268 -28.76 -16.99 24.85
N LYS B 269 -28.60 -15.65 24.99
CA LYS B 269 -28.60 -14.75 23.84
C LYS B 269 -27.52 -15.07 22.79
N LEU B 270 -26.38 -15.60 23.24
CA LEU B 270 -25.29 -15.96 22.35
C LEU B 270 -25.63 -17.23 21.56
N ALA B 271 -26.13 -18.27 22.24
CA ALA B 271 -26.61 -19.50 21.62
C ALA B 271 -27.68 -19.25 20.55
N LEU B 272 -28.51 -18.20 20.73
CA LEU B 272 -29.50 -17.77 19.77
C LEU B 272 -28.86 -16.96 18.63
N TYR B 273 -28.06 -15.94 18.94
CA TYR B 273 -27.56 -15.02 17.92
C TYR B 273 -26.44 -15.67 17.10
N ARG B 274 -25.42 -16.22 17.77
CA ARG B 274 -24.33 -16.92 17.09
C ARG B 274 -24.76 -18.33 16.68
N GLY B 275 -25.17 -19.16 17.66
CA GLY B 275 -25.40 -20.58 17.45
C GLY B 275 -26.48 -20.92 16.43
N GLN B 276 -27.64 -20.25 16.54
CA GLN B 276 -28.85 -20.53 15.76
C GLN B 276 -28.98 -19.59 14.55
N TRP B 277 -28.94 -18.27 14.78
CA TRP B 277 -29.13 -17.28 13.72
C TRP B 277 -27.88 -17.06 12.89
N GLY B 278 -26.68 -17.44 13.37
CA GLY B 278 -25.45 -17.31 12.60
C GLY B 278 -24.91 -15.89 12.51
N TYR B 279 -25.25 -15.00 13.47
CA TYR B 279 -24.62 -13.70 13.59
C TYR B 279 -23.23 -13.89 14.20
N SER B 280 -22.17 -13.71 13.39
CA SER B 280 -20.78 -13.87 13.80
C SER B 280 -20.34 -12.74 14.74
N ARG B 281 -19.75 -13.15 15.89
CA ARG B 281 -19.12 -12.26 16.87
C ARG B 281 -17.62 -12.15 16.60
N LYS B 282 -16.96 -13.29 16.36
CA LYS B 282 -15.50 -13.39 16.38
C LYS B 282 -14.92 -12.65 15.17
N GLY B 283 -13.77 -11.98 15.39
CA GLY B 283 -13.13 -11.08 14.44
C GLY B 283 -13.50 -9.60 14.61
N LEU B 284 -14.39 -9.26 15.56
CA LEU B 284 -14.78 -7.90 15.87
C LEU B 284 -14.71 -7.65 17.37
N SER B 285 -14.70 -6.35 17.72
CA SER B 285 -14.60 -5.87 19.09
C SER B 285 -15.86 -6.20 19.89
N ARG B 286 -15.78 -6.00 21.21
CA ARG B 286 -16.89 -6.22 22.12
C ARG B 286 -17.92 -5.10 22.06
N GLU B 287 -17.49 -3.87 21.75
CA GLU B 287 -18.37 -2.75 21.45
C GLU B 287 -18.95 -2.89 20.04
N ALA B 288 -18.23 -3.49 19.08
CA ALA B 288 -18.74 -3.80 17.74
C ALA B 288 -19.79 -4.90 17.73
N TRP B 289 -19.64 -5.92 18.60
CA TRP B 289 -20.63 -6.96 18.81
C TRP B 289 -21.86 -6.39 19.52
N GLN B 290 -21.62 -5.58 20.57
CA GLN B 290 -22.69 -4.96 21.34
C GLN B 290 -23.57 -4.05 20.46
N ALA B 291 -22.97 -3.32 19.53
CA ALA B 291 -23.68 -2.49 18.56
C ALA B 291 -24.49 -3.33 17.58
N LEU B 292 -23.95 -4.50 17.14
CA LEU B 292 -24.69 -5.40 16.26
C LEU B 292 -25.92 -5.97 16.97
N VAL B 293 -25.76 -6.40 18.22
CA VAL B 293 -26.88 -6.89 19.03
C VAL B 293 -27.98 -5.82 19.11
N GLU B 294 -27.64 -4.58 19.49
CA GLU B 294 -28.57 -3.46 19.62
C GLU B 294 -29.31 -3.17 18.32
N ARG B 295 -28.61 -3.19 17.18
CA ARG B 295 -29.19 -2.83 15.89
C ARG B 295 -29.94 -4.03 15.28
N GLU B 296 -29.29 -5.21 15.19
CA GLU B 296 -29.78 -6.34 14.39
C GLU B 296 -30.46 -7.41 15.25
N ALA B 297 -29.78 -7.91 16.30
CA ALA B 297 -30.17 -9.14 16.98
C ALA B 297 -31.32 -8.90 17.96
N GLU B 298 -31.16 -7.91 18.86
CA GLU B 298 -32.10 -7.61 19.94
C GLU B 298 -33.47 -7.20 19.40
N PRO B 299 -33.65 -6.28 18.42
CA PRO B 299 -34.99 -5.90 17.94
C PRO B 299 -35.80 -7.00 17.24
N VAL B 300 -35.11 -7.97 16.62
CA VAL B 300 -35.73 -9.18 16.10
C VAL B 300 -36.23 -10.04 17.27
N PHE B 301 -35.40 -10.25 18.32
CA PHE B 301 -35.79 -10.98 19.52
C PHE B 301 -36.99 -10.32 20.22
N GLN B 302 -36.99 -8.96 20.27
CA GLN B 302 -38.08 -8.18 20.85
C GLN B 302 -39.36 -8.29 20.03
N ARG B 303 -39.24 -8.34 18.68
CA ARG B 303 -40.38 -8.46 17.78
C ARG B 303 -41.04 -9.83 17.93
N LEU B 304 -40.26 -10.92 17.89
CA LEU B 304 -40.77 -12.29 17.96
C LEU B 304 -41.37 -12.61 19.33
N LEU B 305 -40.95 -11.93 20.42
CA LEU B 305 -41.64 -12.13 21.70
C LEU B 305 -43.04 -11.51 21.67
N LYS B 306 -43.15 -10.23 21.24
CA LYS B 306 -44.44 -9.54 21.08
C LYS B 306 -45.38 -10.36 20.22
N GLU B 307 -44.89 -10.87 19.08
CA GLU B 307 -45.63 -11.75 18.18
C GLU B 307 -46.07 -13.02 18.90
N ALA B 308 -45.14 -13.77 19.51
CA ALA B 308 -45.42 -15.08 20.07
C ALA B 308 -46.40 -15.01 21.23
N MET B 309 -46.42 -13.85 21.93
CA MET B 309 -47.39 -13.60 22.99
C MET B 309 -48.77 -13.27 22.40
N ALA B 310 -48.83 -12.34 21.44
CA ALA B 310 -50.08 -11.87 20.83
C ALA B 310 -50.72 -12.93 19.92
N GLU B 311 -49.95 -13.45 18.96
CA GLU B 311 -50.37 -14.50 18.02
C GLU B 311 -50.47 -15.90 18.66
N GLY B 312 -49.87 -16.14 19.84
CA GLY B 312 -50.05 -17.38 20.59
C GLY B 312 -49.32 -18.60 20.01
N TRP B 313 -48.22 -18.41 19.26
CA TRP B 313 -47.53 -19.51 18.59
C TRP B 313 -46.39 -20.10 19.43
N LEU B 314 -46.25 -19.71 20.69
CA LEU B 314 -45.62 -20.54 21.72
C LEU B 314 -46.65 -20.85 22.81
N GLU B 315 -46.80 -22.15 23.13
CA GLU B 315 -47.70 -22.63 24.16
C GLU B 315 -46.87 -23.39 25.20
N PRO B 316 -46.19 -22.69 26.16
CA PRO B 316 -45.37 -23.35 27.17
C PRO B 316 -46.19 -24.23 28.11
N LYS B 317 -45.84 -25.52 28.20
CA LYS B 317 -46.38 -26.45 29.18
C LYS B 317 -45.21 -27.10 29.92
N VAL B 318 -45.45 -27.65 31.11
CA VAL B 318 -44.44 -28.40 31.85
C VAL B 318 -45.09 -29.58 32.54
N LEU B 319 -44.46 -30.73 32.40
CA LEU B 319 -44.79 -31.90 33.18
C LEU B 319 -43.61 -32.12 34.12
N TYR B 320 -43.85 -32.24 35.45
CA TYR B 320 -42.79 -32.25 36.44
C TYR B 320 -43.20 -33.00 37.72
N GLY B 321 -42.19 -33.41 38.48
CA GLY B 321 -42.42 -34.22 39.66
C GLY B 321 -41.14 -34.68 40.37
N PHE B 322 -41.34 -35.61 41.33
CA PHE B 322 -40.29 -36.13 42.21
C PHE B 322 -40.62 -37.57 42.56
N PHE B 323 -39.59 -38.42 42.82
CA PHE B 323 -39.77 -39.84 43.09
C PHE B 323 -38.85 -40.35 44.20
N PRO B 324 -39.30 -41.33 45.06
CA PRO B 324 -38.42 -42.08 45.95
C PRO B 324 -37.58 -43.02 45.09
N VAL B 325 -36.24 -42.93 45.27
CA VAL B 325 -35.25 -43.69 44.51
C VAL B 325 -34.22 -44.28 45.48
N ALA B 326 -33.41 -45.17 44.90
CA ALA B 326 -32.23 -45.74 45.54
C ALA B 326 -31.26 -46.23 44.46
N ARG B 327 -29.98 -46.37 44.83
CA ARG B 327 -29.01 -47.12 44.06
C ARG B 327 -29.00 -48.58 44.58
N GLU B 328 -29.04 -49.52 43.65
CA GLU B 328 -28.76 -50.93 43.87
C GLU B 328 -27.64 -51.35 42.89
N GLY B 329 -26.38 -51.29 43.35
CA GLY B 329 -25.22 -51.48 42.50
C GLY B 329 -25.11 -50.39 41.45
N GLU B 330 -25.17 -50.76 40.16
CA GLU B 330 -25.05 -49.82 39.06
C GLU B 330 -26.43 -49.38 38.51
N GLU B 331 -27.53 -49.85 39.13
CA GLU B 331 -28.89 -49.48 38.75
C GLU B 331 -29.42 -48.40 39.71
N LEU B 332 -30.15 -47.42 39.16
CA LEU B 332 -30.97 -46.47 39.92
C LEU B 332 -32.42 -46.94 39.89
N LEU B 333 -32.94 -47.47 40.99
CA LEU B 333 -34.33 -47.90 41.11
C LEU B 333 -35.24 -46.69 41.31
N VAL B 334 -36.46 -46.75 40.78
CA VAL B 334 -37.49 -45.72 41.01
C VAL B 334 -38.73 -46.41 41.59
N PHE B 335 -39.10 -46.02 42.82
CA PHE B 335 -40.17 -46.60 43.59
C PHE B 335 -41.47 -45.80 43.35
N SER B 336 -42.63 -46.47 43.52
CA SER B 336 -43.92 -45.81 43.45
C SER B 336 -44.15 -45.07 44.76
N PRO B 337 -44.55 -43.78 44.73
CA PRO B 337 -44.97 -43.10 45.96
C PRO B 337 -46.18 -43.72 46.66
N GLU B 338 -47.10 -44.33 45.87
CA GLU B 338 -48.31 -44.94 46.42
C GLU B 338 -48.05 -46.40 46.83
N THR B 339 -47.53 -47.26 45.93
CA THR B 339 -47.36 -48.69 46.26
C THR B 339 -46.01 -49.04 46.87
N GLY B 340 -44.95 -48.27 46.59
CA GLY B 340 -43.60 -48.64 46.99
C GLY B 340 -42.91 -49.65 46.08
N GLU B 341 -43.55 -50.14 45.00
CA GLU B 341 -42.93 -51.17 44.19
C GLU B 341 -41.97 -50.48 43.23
N VAL B 342 -40.99 -51.23 42.71
CA VAL B 342 -40.02 -50.66 41.78
C VAL B 342 -40.69 -50.56 40.41
N LEU B 343 -40.76 -49.35 39.85
CA LEU B 343 -41.43 -49.10 38.57
C LEU B 343 -40.46 -49.20 37.41
N GLU B 344 -39.33 -48.49 37.51
CA GLU B 344 -38.27 -48.50 36.53
C GLU B 344 -36.93 -48.62 37.26
N ARG B 345 -35.92 -49.08 36.50
CA ARG B 345 -34.52 -49.19 36.89
C ARG B 345 -33.73 -48.54 35.74
N PHE B 346 -32.71 -47.73 36.05
CA PHE B 346 -31.84 -47.18 35.02
C PHE B 346 -30.41 -47.70 35.27
N ARG B 347 -29.88 -48.50 34.33
CA ARG B 347 -28.44 -48.80 34.25
C ARG B 347 -27.75 -47.69 33.46
N PHE B 348 -27.18 -46.70 34.18
CA PHE B 348 -26.40 -45.64 33.57
C PHE B 348 -24.95 -46.06 33.35
N PRO B 349 -24.26 -45.57 32.28
CA PRO B 349 -22.88 -45.96 31.99
C PRO B 349 -21.89 -45.27 32.91
N ARG B 350 -20.76 -45.96 33.17
CA ARG B 350 -19.66 -45.47 33.99
C ARG B 350 -18.46 -45.15 33.11
N GLN B 351 -17.67 -44.12 33.51
CA GLN B 351 -16.48 -43.69 32.78
C GLN B 351 -15.40 -44.76 32.85
N LYS B 352 -14.40 -44.60 31.96
CA LYS B 352 -13.33 -45.56 31.74
C LYS B 352 -12.54 -45.79 33.01
N GLY B 353 -12.33 -47.08 33.34
CA GLY B 353 -11.53 -47.50 34.48
C GLY B 353 -12.17 -47.17 35.81
N GLY B 354 -13.49 -47.45 35.93
CA GLY B 354 -14.26 -47.20 37.14
C GLY B 354 -14.30 -45.74 37.60
N GLY B 355 -14.61 -44.81 36.68
CA GLY B 355 -14.74 -43.39 36.99
C GLY B 355 -16.14 -43.06 37.49
N LEU B 356 -16.74 -41.99 36.96
CA LEU B 356 -18.00 -41.45 37.46
C LEU B 356 -19.20 -42.05 36.72
N SER B 357 -20.32 -42.24 37.46
CA SER B 357 -21.63 -42.60 36.91
C SER B 357 -22.68 -41.69 37.52
N LEU B 358 -23.90 -41.63 36.95
CA LEU B 358 -25.00 -40.88 37.59
C LEU B 358 -25.50 -41.54 38.87
N VAL B 359 -25.51 -42.90 38.92
CA VAL B 359 -25.93 -43.66 40.10
C VAL B 359 -25.13 -43.24 41.35
N ASP B 360 -23.89 -42.78 41.17
CA ASP B 360 -23.09 -42.27 42.27
C ASP B 360 -23.66 -41.04 42.97
N TYR B 361 -24.63 -40.30 42.37
CA TYR B 361 -25.29 -39.22 43.11
C TYR B 361 -26.50 -39.66 43.98
N PHE B 362 -26.75 -40.97 44.13
CA PHE B 362 -27.94 -41.51 44.76
C PHE B 362 -27.54 -42.43 45.91
N ARG B 363 -28.32 -42.34 46.99
CA ARG B 363 -28.02 -43.06 48.22
C ARG B 363 -28.26 -44.54 47.96
N PRO B 364 -27.52 -45.49 48.57
CA PRO B 364 -27.82 -46.91 48.45
C PRO B 364 -29.17 -47.33 49.03
N ARG B 365 -29.70 -48.43 48.51
CA ARG B 365 -30.94 -48.99 49.04
C ARG B 365 -30.72 -49.45 50.49
N PHE B 366 -31.72 -49.20 51.35
CA PHE B 366 -31.70 -49.43 52.79
C PHE B 366 -30.56 -48.72 53.55
N ALA B 367 -30.03 -47.63 52.96
CA ALA B 367 -29.01 -46.82 53.61
C ALA B 367 -29.57 -46.20 54.89
N ALA B 368 -28.76 -46.20 55.96
CA ALA B 368 -29.15 -45.60 57.23
C ALA B 368 -29.33 -44.10 56.97
N PRO B 369 -30.50 -43.49 57.25
CA PRO B 369 -30.77 -42.11 56.88
C PRO B 369 -29.78 -41.05 57.39
N LEU B 370 -29.50 -40.06 56.55
CA LEU B 370 -28.60 -38.96 56.88
C LEU B 370 -29.20 -38.12 58.00
N GLY B 371 -30.44 -37.69 57.78
CA GLY B 371 -31.22 -36.94 58.77
C GLY B 371 -32.51 -37.65 59.11
N ASP B 372 -33.61 -36.90 59.24
CA ASP B 372 -34.90 -37.43 59.67
C ASP B 372 -35.80 -37.62 58.44
N GLU B 373 -35.26 -38.18 57.36
CA GLU B 373 -36.00 -38.36 56.10
C GLU B 373 -37.10 -39.42 56.22
N ALA B 374 -36.93 -40.40 57.13
CA ALA B 374 -37.97 -41.32 57.54
C ALA B 374 -39.26 -40.67 58.02
N ASP B 375 -39.24 -39.39 58.47
CA ASP B 375 -40.44 -38.61 58.81
C ASP B 375 -41.40 -38.43 57.63
N TRP B 376 -40.84 -38.29 56.41
CA TRP B 376 -41.54 -37.76 55.23
C TRP B 376 -41.45 -38.64 53.97
N MET B 377 -40.46 -39.55 53.87
CA MET B 377 -40.33 -40.41 52.71
C MET B 377 -41.59 -41.29 52.63
N PRO B 378 -42.16 -41.62 51.44
CA PRO B 378 -43.37 -42.43 51.38
C PRO B 378 -43.18 -43.77 52.11
N LYS B 379 -44.06 -44.05 53.11
CA LYS B 379 -44.04 -45.20 54.00
C LYS B 379 -43.67 -46.50 53.27
N GLU B 380 -44.31 -46.74 52.11
CA GLU B 380 -44.21 -48.01 51.41
C GLU B 380 -42.83 -48.13 50.73
N ALA B 381 -42.46 -47.06 50.00
CA ALA B 381 -41.17 -46.89 49.33
C ALA B 381 -40.01 -47.02 50.30
N PHE B 382 -40.08 -46.39 51.47
CA PHE B 382 -39.00 -46.39 52.45
C PHE B 382 -38.85 -47.77 53.06
N ARG B 383 -39.96 -48.48 53.34
CA ARG B 383 -39.89 -49.89 53.79
C ARG B 383 -39.30 -50.79 52.71
N ALA B 384 -39.62 -50.52 51.43
CA ALA B 384 -39.01 -51.16 50.27
C ALA B 384 -37.54 -50.78 50.03
N GLY B 385 -37.05 -49.69 50.66
CA GLY B 385 -35.64 -49.36 50.70
C GLY B 385 -35.23 -48.08 50.02
N ALA B 386 -36.18 -47.31 49.45
CA ALA B 386 -35.89 -46.02 48.85
C ALA B 386 -35.35 -45.04 49.90
N ARG B 387 -34.21 -44.38 49.57
CA ARG B 387 -33.54 -43.50 50.53
C ARG B 387 -33.17 -42.15 49.95
N ASP B 388 -33.40 -41.88 48.65
CA ASP B 388 -33.10 -40.58 48.05
C ASP B 388 -34.26 -40.15 47.15
N VAL B 389 -34.19 -38.89 46.67
CA VAL B 389 -35.25 -38.21 45.94
C VAL B 389 -34.68 -37.76 44.61
N LEU B 390 -35.32 -38.18 43.50
CA LEU B 390 -34.97 -37.76 42.15
C LEU B 390 -36.06 -36.84 41.62
N GLY B 391 -35.66 -35.70 41.06
CA GLY B 391 -36.54 -34.80 40.32
C GLY B 391 -36.55 -35.16 38.83
N VAL B 392 -37.67 -34.84 38.14
CA VAL B 392 -37.86 -35.08 36.70
C VAL B 392 -38.66 -33.90 36.14
N GLN B 393 -38.31 -33.42 34.94
CA GLN B 393 -39.09 -32.43 34.21
C GLN B 393 -39.13 -32.79 32.71
N LEU B 394 -40.29 -32.58 32.06
CA LEU B 394 -40.41 -32.40 30.62
C LEU B 394 -40.99 -30.99 30.40
N VAL B 395 -40.32 -30.19 29.55
CA VAL B 395 -40.90 -28.97 29.01
C VAL B 395 -41.21 -29.14 27.52
N THR B 396 -42.03 -28.21 26.99
CA THR B 396 -42.46 -28.18 25.59
C THR B 396 -43.03 -26.81 25.25
N MET B 397 -42.90 -26.38 24.00
CA MET B 397 -43.55 -25.18 23.49
C MET B 397 -44.64 -25.51 22.45
N GLY B 398 -45.04 -26.80 22.33
CA GLY B 398 -46.18 -27.20 21.52
C GLY B 398 -45.85 -27.42 20.05
N GLU B 399 -46.89 -27.84 19.31
CA GLU B 399 -46.86 -27.97 17.86
C GLU B 399 -46.93 -26.59 17.19
N ALA B 400 -47.46 -25.57 17.89
CA ALA B 400 -47.67 -24.22 17.38
C ALA B 400 -46.47 -23.55 16.71
N PRO B 401 -45.25 -23.55 17.30
CA PRO B 401 -44.10 -22.92 16.65
C PRO B 401 -43.60 -23.66 15.42
N SER B 402 -43.71 -25.02 15.43
CA SER B 402 -43.44 -25.87 14.29
C SER B 402 -44.37 -25.49 13.14
N ARG B 403 -45.66 -25.28 13.41
CA ARG B 403 -46.66 -24.83 12.44
C ARG B 403 -46.36 -23.44 11.87
N LYS B 404 -46.08 -22.48 12.77
CA LYS B 404 -45.74 -21.11 12.39
C LYS B 404 -44.52 -21.07 11.46
N ALA B 405 -43.52 -21.91 11.72
CA ALA B 405 -42.29 -21.94 10.94
C ALA B 405 -42.52 -22.54 9.55
N GLN B 406 -43.26 -23.66 9.46
CA GLN B 406 -43.64 -24.29 8.19
C GLN B 406 -44.44 -23.33 7.30
N ALA B 407 -45.26 -22.45 7.90
CA ALA B 407 -45.97 -21.38 7.20
C ALA B 407 -45.01 -20.39 6.51
N LEU B 408 -44.00 -19.91 7.24
CA LEU B 408 -43.04 -18.93 6.74
C LEU B 408 -42.20 -19.52 5.60
N PHE B 409 -41.69 -20.74 5.81
CA PHE B 409 -40.89 -21.47 4.83
C PHE B 409 -41.67 -21.68 3.54
N ALA B 410 -42.96 -22.05 3.67
CA ALA B 410 -43.84 -22.31 2.54
C ALA B 410 -44.11 -21.03 1.74
N SER B 411 -44.37 -19.91 2.43
CA SER B 411 -44.58 -18.62 1.79
C SER B 411 -43.30 -17.98 1.25
N GLY B 412 -42.11 -18.43 1.72
CA GLY B 412 -40.84 -18.03 1.16
C GLY B 412 -40.08 -16.95 1.96
N ALA B 413 -40.59 -16.56 3.15
CA ALA B 413 -39.85 -15.72 4.10
C ALA B 413 -38.77 -16.57 4.79
N TYR B 414 -37.66 -16.79 4.08
CA TYR B 414 -36.59 -17.69 4.53
C TYR B 414 -35.80 -17.10 5.70
N GLN B 415 -35.62 -15.77 5.71
CA GLN B 415 -35.00 -15.05 6.80
C GLN B 415 -35.81 -15.22 8.07
N ASP B 416 -37.12 -14.94 7.99
CA ASP B 416 -38.02 -15.05 9.13
C ASP B 416 -38.19 -16.50 9.56
N TYR B 417 -38.14 -17.45 8.61
CA TYR B 417 -38.12 -18.88 8.88
C TYR B 417 -36.95 -19.22 9.80
N LEU B 418 -35.77 -18.65 9.50
CA LEU B 418 -34.57 -18.89 10.29
C LEU B 418 -34.78 -18.35 11.71
N PHE B 419 -35.21 -17.08 11.78
CA PHE B 419 -35.31 -16.36 13.04
C PHE B 419 -36.30 -17.07 13.97
N VAL B 420 -37.52 -17.30 13.46
CA VAL B 420 -38.60 -17.91 14.22
C VAL B 420 -38.26 -19.31 14.72
N HIS B 421 -37.53 -20.11 13.92
CA HIS B 421 -37.07 -21.42 14.36
C HIS B 421 -36.19 -21.28 15.61
N GLY B 422 -35.06 -20.58 15.47
CA GLY B 422 -34.05 -20.47 16.53
C GLY B 422 -34.59 -19.87 17.83
N PHE B 423 -35.46 -18.85 17.69
CA PHE B 423 -36.22 -18.28 18.78
C PHE B 423 -36.95 -19.39 19.53
N SER B 424 -37.78 -20.19 18.81
CA SER B 424 -38.56 -21.26 19.42
C SER B 424 -37.71 -22.31 20.14
N VAL B 425 -36.56 -22.63 19.54
CA VAL B 425 -35.62 -23.62 20.07
C VAL B 425 -34.98 -23.12 21.36
N GLU B 426 -34.45 -21.87 21.33
CA GLU B 426 -33.75 -21.31 22.48
C GLU B 426 -34.73 -20.86 23.56
N MET B 427 -35.97 -20.52 23.18
CA MET B 427 -37.05 -20.33 24.14
C MET B 427 -37.43 -21.64 24.83
N THR B 428 -37.35 -22.79 24.12
CA THR B 428 -37.60 -24.10 24.70
C THR B 428 -36.54 -24.47 25.72
N GLU B 429 -35.27 -24.18 25.38
CA GLU B 429 -34.16 -24.39 26.30
C GLU B 429 -34.28 -23.46 27.51
N ALA B 430 -34.69 -22.21 27.28
CA ALA B 430 -34.92 -21.23 28.34
C ALA B 430 -35.96 -21.73 29.36
N LEU B 431 -37.01 -22.41 28.87
CA LEU B 431 -38.04 -23.00 29.70
C LEU B 431 -37.49 -24.14 30.54
N ALA B 432 -36.65 -24.99 29.95
CA ALA B 432 -35.99 -26.04 30.72
C ALA B 432 -35.16 -25.42 31.86
N GLU B 433 -34.50 -24.28 31.57
CA GLU B 433 -33.63 -23.58 32.52
C GLU B 433 -34.46 -22.87 33.60
N TYR B 434 -35.46 -22.08 33.17
CA TYR B 434 -36.37 -21.43 34.09
C TYR B 434 -36.99 -22.45 35.04
N TRP B 435 -37.53 -23.55 34.47
CA TRP B 435 -38.19 -24.55 35.29
C TRP B 435 -37.22 -25.29 36.21
N HIS B 436 -35.94 -25.45 35.81
CA HIS B 436 -34.93 -26.00 36.71
C HIS B 436 -34.81 -25.14 37.98
N LYS B 437 -34.74 -23.81 37.80
CA LYS B 437 -34.69 -22.87 38.92
C LYS B 437 -35.86 -23.10 39.87
N ARG B 438 -37.03 -23.23 39.26
CA ARG B 438 -38.28 -23.44 39.94
C ARG B 438 -38.31 -24.81 40.62
N MET B 439 -37.65 -25.81 40.02
CA MET B 439 -37.52 -27.15 40.57
C MET B 439 -36.60 -27.14 41.78
N ARG B 440 -35.59 -26.25 41.79
CA ARG B 440 -34.70 -26.12 42.95
C ARG B 440 -35.46 -25.46 44.11
N GLN B 441 -36.22 -24.38 43.83
CA GLN B 441 -36.88 -23.62 44.86
C GLN B 441 -37.80 -24.56 45.64
N MET B 442 -38.73 -25.22 44.93
CA MET B 442 -39.65 -26.25 45.43
C MET B 442 -38.99 -27.27 46.37
N TRP B 443 -37.83 -27.73 45.88
CA TRP B 443 -37.05 -28.74 46.56
C TRP B 443 -36.36 -28.18 47.81
N GLY B 444 -36.09 -26.86 47.76
CA GLY B 444 -35.58 -26.07 48.86
C GLY B 444 -34.07 -25.92 48.75
N ILE B 445 -33.52 -25.94 47.52
CA ILE B 445 -32.08 -25.96 47.27
C ILE B 445 -31.68 -24.70 46.48
N ALA B 446 -32.42 -23.59 46.66
CA ALA B 446 -32.25 -22.32 45.93
C ALA B 446 -31.82 -21.15 46.85
N HIS B 447 -30.63 -21.23 47.42
CA HIS B 447 -30.05 -20.14 48.21
C HIS B 447 -28.62 -19.85 47.78
N GLN B 448 -27.88 -20.87 47.32
CA GLN B 448 -26.71 -20.72 46.44
C GLN B 448 -27.08 -20.69 44.95
N ASP B 449 -28.22 -20.12 44.53
CA ASP B 449 -28.46 -19.81 43.10
C ASP B 449 -27.70 -18.55 42.68
N ALA B 450 -27.57 -18.36 41.36
CA ALA B 450 -26.82 -17.25 40.78
C ALA B 450 -27.57 -15.93 40.94
N THR B 451 -26.84 -14.81 41.14
CA THR B 451 -27.43 -13.46 41.21
C THR B 451 -27.76 -12.91 39.81
N GLU B 452 -26.93 -13.25 38.80
CA GLU B 452 -27.18 -12.96 37.39
C GLU B 452 -27.84 -14.16 36.69
N ILE B 453 -28.52 -13.88 35.55
CA ILE B 453 -29.02 -14.87 34.59
C ILE B 453 -27.85 -15.60 33.92
N GLN B 454 -26.75 -14.88 33.64
CA GLN B 454 -25.63 -15.36 32.84
C GLN B 454 -24.89 -16.48 33.54
N LYS B 455 -24.89 -16.51 34.88
CA LYS B 455 -24.15 -17.50 35.66
C LYS B 455 -24.97 -18.76 35.96
N LEU B 456 -26.27 -18.79 35.60
CA LEU B 456 -27.05 -20.04 35.57
C LEU B 456 -26.64 -20.97 34.43
N PHE B 457 -26.13 -20.42 33.31
CA PHE B 457 -25.61 -21.22 32.19
C PHE B 457 -24.25 -21.85 32.53
N GLN B 458 -23.51 -21.37 33.55
CA GLN B 458 -22.31 -21.98 34.07
C GLN B 458 -22.57 -23.00 35.19
N GLN B 459 -23.84 -23.43 35.42
CA GLN B 459 -24.30 -24.33 36.48
C GLN B 459 -24.04 -23.73 37.87
N GLY B 460 -24.50 -22.47 38.07
CA GLY B 460 -24.34 -21.72 39.31
C GLY B 460 -25.52 -21.96 40.26
N TYR B 461 -25.62 -23.21 40.76
CA TYR B 461 -26.75 -23.72 41.54
C TYR B 461 -26.40 -25.09 42.10
N GLN B 462 -27.26 -25.65 42.97
CA GLN B 462 -27.04 -26.96 43.57
C GLN B 462 -27.59 -28.06 42.66
N GLY B 463 -26.80 -29.12 42.49
CA GLY B 463 -27.16 -30.18 41.59
C GLY B 463 -27.08 -29.81 40.11
N ALA B 464 -27.64 -30.68 39.27
CA ALA B 464 -27.63 -30.52 37.83
C ALA B 464 -28.70 -31.36 37.16
N ARG B 465 -29.02 -31.00 35.90
CA ARG B 465 -29.98 -31.72 35.08
C ARG B 465 -29.28 -32.48 33.95
N TYR B 466 -29.61 -33.78 33.84
CA TYR B 466 -29.03 -34.69 32.86
C TYR B 466 -30.13 -35.10 31.90
N SER B 467 -30.11 -34.57 30.66
CA SER B 467 -31.06 -34.97 29.61
C SER B 467 -30.60 -36.29 28.95
N PHE B 468 -31.54 -37.21 28.66
CA PHE B 468 -31.19 -38.53 28.11
C PHE B 468 -30.75 -38.38 26.66
N GLY B 469 -29.69 -39.11 26.26
CA GLY B 469 -29.05 -38.90 24.95
C GLY B 469 -27.67 -38.28 25.05
N TYR B 470 -27.46 -37.38 26.01
CA TYR B 470 -26.15 -36.83 26.35
C TYR B 470 -25.23 -37.90 26.94
N PRO B 471 -23.87 -37.70 26.90
CA PRO B 471 -22.90 -38.74 27.21
C PRO B 471 -23.08 -39.49 28.53
N ALA B 472 -23.48 -38.73 29.57
CA ALA B 472 -23.64 -39.24 30.93
C ALA B 472 -24.67 -40.38 31.04
N CYS B 473 -25.72 -40.28 30.21
CA CYS B 473 -26.93 -41.09 30.25
C CYS B 473 -27.50 -41.22 28.83
N PRO B 474 -26.75 -41.80 27.87
CA PRO B 474 -26.99 -41.60 26.43
C PRO B 474 -28.02 -42.47 25.70
N ASP B 475 -28.49 -43.51 26.40
CA ASP B 475 -29.50 -44.43 25.92
C ASP B 475 -30.79 -43.62 25.84
N LEU B 476 -31.23 -43.33 24.60
CA LEU B 476 -32.44 -42.57 24.36
C LEU B 476 -33.70 -43.42 24.59
N ALA B 477 -33.59 -44.76 24.62
CA ALA B 477 -34.71 -45.64 24.93
C ALA B 477 -35.10 -45.60 26.41
N ASP B 478 -34.29 -44.98 27.29
CA ASP B 478 -34.73 -44.66 28.64
C ASP B 478 -35.78 -43.55 28.67
N GLN B 479 -35.99 -42.76 27.60
CA GLN B 479 -37.10 -41.79 27.50
C GLN B 479 -38.48 -42.46 27.53
N ALA B 480 -38.57 -43.73 27.11
CA ALA B 480 -39.80 -44.52 27.27
C ALA B 480 -40.06 -44.86 28.74
N LYS B 481 -39.00 -45.14 29.51
CA LYS B 481 -39.12 -45.37 30.94
C LYS B 481 -39.58 -44.08 31.63
N LEU B 482 -39.11 -42.91 31.16
CA LEU B 482 -39.50 -41.63 31.72
C LEU B 482 -40.96 -41.27 31.39
N ASP B 483 -41.45 -41.63 30.20
CA ASP B 483 -42.85 -41.47 29.81
C ASP B 483 -43.77 -42.38 30.65
N ARG B 484 -43.38 -43.64 30.93
CA ARG B 484 -44.11 -44.55 31.82
C ARG B 484 -44.26 -43.97 33.22
N LEU B 485 -43.29 -43.19 33.69
CA LEU B 485 -43.35 -42.53 35.00
C LEU B 485 -44.23 -41.29 34.93
N MET B 486 -44.02 -40.41 33.92
CA MET B 486 -44.57 -39.05 33.89
C MET B 486 -45.91 -38.95 33.13
N GLY B 487 -45.95 -39.54 31.92
CA GLY B 487 -47.13 -39.55 31.08
C GLY B 487 -47.10 -38.35 30.14
N PHE B 488 -46.33 -38.44 29.05
CA PHE B 488 -45.99 -37.29 28.23
C PHE B 488 -47.21 -36.71 27.50
N HIS B 489 -48.22 -37.56 27.19
CA HIS B 489 -49.52 -37.14 26.67
C HIS B 489 -50.19 -35.99 27.44
N ARG B 490 -49.91 -35.88 28.73
CA ARG B 490 -50.53 -34.92 29.62
C ARG B 490 -50.14 -33.47 29.29
N VAL B 491 -49.08 -33.25 28.48
CA VAL B 491 -48.72 -31.96 27.88
C VAL B 491 -48.59 -32.09 26.36
N GLY B 492 -49.33 -33.07 25.77
CA GLY B 492 -49.40 -33.29 24.32
C GLY B 492 -48.10 -33.74 23.65
N VAL B 493 -47.26 -34.47 24.40
CA VAL B 493 -45.98 -34.93 23.89
C VAL B 493 -46.08 -36.45 23.66
N ARG B 494 -45.44 -36.88 22.56
CA ARG B 494 -45.47 -38.26 22.08
C ARG B 494 -44.04 -38.70 21.76
N LEU B 495 -43.73 -40.00 21.97
CA LEU B 495 -42.49 -40.61 21.50
C LEU B 495 -42.69 -41.31 20.16
N THR B 496 -41.74 -41.13 19.22
CA THR B 496 -41.69 -41.86 17.95
C THR B 496 -40.88 -43.17 18.11
N GLU B 497 -40.71 -43.93 17.02
CA GLU B 497 -40.00 -45.20 17.02
C GLU B 497 -38.50 -45.03 17.33
N ASN B 498 -37.93 -43.87 16.91
CA ASN B 498 -36.54 -43.52 17.19
C ASN B 498 -36.41 -42.73 18.51
N PHE B 499 -37.47 -42.69 19.35
CA PHE B 499 -37.50 -42.13 20.68
C PHE B 499 -37.34 -40.60 20.68
N GLN B 500 -37.76 -39.93 19.60
CA GLN B 500 -37.78 -38.48 19.53
C GLN B 500 -39.09 -37.96 20.14
N LEU B 501 -39.04 -36.75 20.71
CA LEU B 501 -40.19 -36.08 21.29
C LEU B 501 -40.91 -35.35 20.18
N GLU B 502 -42.24 -35.52 20.14
CA GLU B 502 -43.13 -34.92 19.16
C GLU B 502 -44.19 -34.14 19.94
N PRO B 503 -44.29 -32.78 19.84
CA PRO B 503 -43.49 -31.93 18.94
C PRO B 503 -41.99 -31.79 19.21
N GLU B 504 -41.25 -31.37 18.16
CA GLU B 504 -39.79 -31.33 18.15
C GLU B 504 -39.26 -30.35 19.19
N HIS B 505 -39.97 -29.25 19.47
CA HIS B 505 -39.57 -28.26 20.48
C HIS B 505 -39.99 -28.70 21.87
N ALA B 506 -39.31 -29.72 22.39
CA ALA B 506 -39.54 -30.29 23.72
C ALA B 506 -38.27 -30.95 24.23
N THR B 507 -38.05 -30.92 25.55
CA THR B 507 -36.82 -31.44 26.14
C THR B 507 -37.09 -31.99 27.53
N SER B 508 -36.87 -33.30 27.76
CA SER B 508 -36.84 -33.95 29.06
C SER B 508 -35.49 -33.82 29.78
N ALA B 509 -35.49 -33.92 31.14
CA ALA B 509 -34.30 -33.85 31.97
C ALA B 509 -34.51 -34.55 33.31
N LEU B 510 -33.45 -35.22 33.85
CA LEU B 510 -33.42 -35.74 35.23
C LEU B 510 -32.78 -34.67 36.12
N VAL B 511 -33.47 -34.26 37.22
CA VAL B 511 -33.08 -33.14 38.07
C VAL B 511 -32.48 -33.72 39.35
N VAL B 512 -31.16 -33.57 39.56
CA VAL B 512 -30.40 -34.14 40.68
C VAL B 512 -30.14 -33.02 41.70
N HIS B 513 -30.30 -33.33 43.01
CA HIS B 513 -30.10 -32.37 44.11
C HIS B 513 -28.65 -32.32 44.60
N HIS B 514 -27.90 -33.43 44.47
CA HIS B 514 -26.60 -33.63 45.09
C HIS B 514 -25.67 -32.47 44.69
N PRO B 515 -25.00 -31.74 45.61
CA PRO B 515 -24.26 -30.53 45.22
C PRO B 515 -23.00 -30.78 44.39
N GLU B 516 -22.39 -32.00 44.52
CA GLU B 516 -21.21 -32.37 43.77
C GLU B 516 -21.53 -32.79 42.33
N ALA B 517 -22.81 -32.82 41.91
CA ALA B 517 -23.19 -33.25 40.58
C ALA B 517 -22.89 -32.15 39.59
N ARG B 518 -21.91 -32.40 38.70
CA ARG B 518 -21.64 -31.59 37.51
C ARG B 518 -21.43 -32.50 36.32
N TYR B 519 -21.32 -31.88 35.12
CA TYR B 519 -21.37 -32.59 33.84
C TYR B 519 -20.04 -33.23 33.48
N PHE B 520 -20.13 -34.39 32.82
CA PHE B 520 -18.97 -35.20 32.46
C PHE B 520 -19.26 -35.97 31.18
N SER B 521 -18.18 -36.44 30.54
CA SER B 521 -18.25 -37.22 29.32
C SER B 521 -17.70 -38.62 29.59
N VAL B 522 -18.47 -39.68 29.33
CA VAL B 522 -17.92 -41.03 29.15
C VAL B 522 -17.51 -41.20 27.68
N ASP B 523 -18.38 -40.72 26.74
CA ASP B 523 -18.37 -40.92 25.30
C ASP B 523 -18.35 -39.52 24.67
N PRO C 1 27.08 -0.96 11.77
CA PRO C 1 28.46 -0.69 12.22
C PRO C 1 28.56 0.64 12.95
N LEU C 2 29.79 1.02 13.31
CA LEU C 2 30.10 2.33 13.89
C LEU C 2 30.11 3.46 12.84
N LEU C 3 30.31 3.14 11.55
CA LEU C 3 30.19 4.09 10.43
C LEU C 3 28.79 4.68 10.32
N GLU C 4 27.76 3.82 10.42
CA GLU C 4 26.37 4.24 10.38
C GLU C 4 25.96 5.02 11.64
N ARG C 5 26.60 4.70 12.79
CA ARG C 5 26.36 5.39 14.05
C ARG C 5 26.94 6.80 14.09
N LEU C 6 28.10 7.04 13.45
CA LEU C 6 28.67 8.38 13.30
C LEU C 6 27.84 9.26 12.34
N LYS C 7 27.26 8.66 11.29
CA LYS C 7 26.28 9.35 10.44
C LYS C 7 25.01 9.72 11.22
N ARG C 8 24.54 8.80 12.08
CA ARG C 8 23.34 8.97 12.90
C ARG C 8 23.51 10.15 13.87
N ARG C 9 24.70 10.27 14.50
CA ARG C 9 25.02 11.30 15.48
C ARG C 9 24.93 12.72 14.91
N VAL C 10 25.28 12.90 13.64
CA VAL C 10 25.12 14.16 12.92
C VAL C 10 23.63 14.45 12.70
N VAL C 11 22.86 13.49 12.11
CA VAL C 11 21.49 13.74 11.65
C VAL C 11 20.55 13.99 12.84
N GLU C 12 20.75 13.26 13.95
CA GLU C 12 19.99 13.47 15.19
C GLU C 12 20.54 14.63 16.00
N GLY C 13 21.85 14.91 15.91
CA GLY C 13 22.48 16.01 16.61
C GLY C 13 22.87 15.64 18.05
N ARG C 14 23.44 14.43 18.23
CA ARG C 14 23.79 13.83 19.52
C ARG C 14 25.28 14.06 19.80
N LYS C 15 25.60 15.05 20.65
CA LYS C 15 26.95 15.34 21.09
C LYS C 15 27.37 14.41 22.23
N GLN C 16 26.44 14.01 23.12
CA GLN C 16 26.75 13.25 24.33
C GLN C 16 27.07 11.80 23.96
N GLY C 17 28.36 11.43 24.03
CA GLY C 17 28.90 10.15 23.60
C GLY C 17 29.61 10.14 22.24
N LEU C 18 29.86 11.34 21.68
CA LEU C 18 30.48 11.52 20.37
C LEU C 18 31.98 11.20 20.47
N GLU C 19 32.68 11.80 21.43
CA GLU C 19 34.14 11.69 21.56
C GLU C 19 34.58 10.28 21.91
N ALA C 20 33.71 9.49 22.56
CA ALA C 20 33.89 8.05 22.72
C ALA C 20 33.84 7.30 21.38
N ASP C 21 32.85 7.62 20.53
CA ASP C 21 32.62 6.94 19.25
C ASP C 21 33.67 7.31 18.19
N LEU C 22 34.22 8.53 18.24
CA LEU C 22 35.33 8.95 17.38
C LEU C 22 36.61 8.21 17.76
N GLU C 23 36.92 8.15 19.06
CA GLU C 23 38.10 7.45 19.58
C GLU C 23 38.06 5.95 19.25
N GLU C 24 36.86 5.34 19.30
CA GLU C 24 36.64 3.94 18.95
C GLU C 24 36.86 3.68 17.46
N ALA C 25 36.45 4.61 16.58
CA ALA C 25 36.56 4.46 15.13
C ALA C 25 38.00 4.59 14.61
N LEU C 26 38.82 5.45 15.23
CA LEU C 26 40.24 5.64 14.90
C LEU C 26 41.06 4.39 15.22
N LYS C 27 40.85 3.80 16.42
CA LYS C 27 41.48 2.56 16.83
C LYS C 27 40.99 1.39 15.98
N ALA C 28 39.72 1.42 15.52
CA ALA C 28 39.20 0.43 14.59
C ALA C 28 39.85 0.51 13.21
N GLY C 29 40.64 1.58 12.94
CA GLY C 29 41.42 1.73 11.73
C GLY C 29 40.70 2.60 10.68
N HIS C 30 40.38 3.85 11.06
CA HIS C 30 39.77 4.81 10.14
C HIS C 30 40.49 6.15 10.30
N LYS C 31 41.02 6.72 9.21
CA LYS C 31 41.80 7.95 9.27
C LYS C 31 40.88 9.15 9.49
N PRO C 32 41.37 10.28 10.06
CA PRO C 32 40.54 11.47 10.29
C PRO C 32 39.72 11.96 9.09
N LEU C 33 40.39 12.23 7.95
CA LEU C 33 39.72 12.74 6.76
C LEU C 33 38.83 11.67 6.14
N ASP C 34 39.15 10.38 6.37
CA ASP C 34 38.30 9.27 5.98
C ASP C 34 36.90 9.38 6.58
N LEU C 35 36.83 9.64 7.89
CA LEU C 35 35.56 9.81 8.58
C LEU C 35 34.87 11.12 8.18
N ILE C 36 35.67 12.21 8.11
CA ILE C 36 35.20 13.56 7.81
C ILE C 36 34.51 13.58 6.45
N ASN C 37 35.23 13.18 5.38
CA ASN C 37 34.64 13.16 4.04
C ASN C 37 33.76 11.92 3.84
N GLY C 38 33.69 11.00 4.85
CA GLY C 38 32.95 9.78 4.72
C GLY C 38 31.55 9.89 5.32
N PRO C 39 31.25 9.18 6.45
CA PRO C 39 29.90 9.16 7.02
C PRO C 39 29.39 10.52 7.54
N LEU C 40 30.24 11.29 8.21
CA LEU C 40 29.89 12.58 8.81
C LEU C 40 29.34 13.55 7.75
N LEU C 41 30.07 13.75 6.66
CA LEU C 41 29.65 14.59 5.54
C LEU C 41 28.42 14.03 4.83
N ALA C 42 28.28 12.70 4.79
CA ALA C 42 27.06 12.04 4.33
C ALA C 42 25.87 12.40 5.20
N GLY C 43 26.08 12.48 6.54
CA GLY C 43 25.10 12.94 7.51
C GLY C 43 24.66 14.38 7.28
N MET C 44 25.63 15.29 7.11
CA MET C 44 25.38 16.71 6.85
C MET C 44 24.71 16.97 5.48
N LYS C 45 24.95 16.13 4.47
CA LYS C 45 24.28 16.19 3.18
C LYS C 45 22.82 15.71 3.32
N GLU C 46 22.55 14.70 4.15
CA GLU C 46 21.20 14.20 4.40
C GLU C 46 20.34 15.27 5.08
N VAL C 47 20.95 15.97 6.06
CA VAL C 47 20.32 17.09 6.76
C VAL C 47 20.00 18.23 5.78
N GLY C 48 20.87 18.48 4.80
CA GLY C 48 20.59 19.43 3.73
C GLY C 48 19.44 19.03 2.81
N ASP C 49 19.30 17.70 2.53
CA ASP C 49 18.22 17.14 1.75
C ASP C 49 16.88 17.31 2.49
N LEU C 50 16.91 16.94 3.79
CA LEU C 50 15.75 17.06 4.67
C LEU C 50 15.25 18.51 4.77
N PHE C 51 16.16 19.49 4.98
CA PHE C 51 15.82 20.91 5.11
C PHE C 51 15.31 21.44 3.77
N GLY C 52 15.92 21.01 2.65
CA GLY C 52 15.43 21.26 1.29
C GLY C 52 13.98 20.81 1.05
N ALA C 53 13.58 19.67 1.63
CA ALA C 53 12.24 19.10 1.51
C ALA C 53 11.26 19.56 2.61
N GLY C 54 11.72 20.25 3.67
CA GLY C 54 10.88 20.66 4.78
C GLY C 54 10.49 19.53 5.73
N LYS C 55 11.41 18.58 6.00
CA LYS C 55 11.27 17.48 6.96
C LYS C 55 12.18 17.60 8.18
N MET C 56 13.15 18.53 8.18
CA MET C 56 13.94 18.96 9.32
C MET C 56 13.83 20.49 9.43
N GLN C 57 13.62 20.98 10.67
CA GLN C 57 13.56 22.41 10.99
C GLN C 57 14.96 22.94 11.31
N LEU C 58 15.16 24.26 11.14
CA LEU C 58 16.47 24.93 11.22
C LEU C 58 17.18 24.79 12.58
N PRO C 59 16.51 24.74 13.76
CA PRO C 59 17.21 24.48 15.02
C PRO C 59 17.93 23.13 15.16
N PHE C 60 17.48 22.12 14.41
CA PHE C 60 18.13 20.80 14.37
C PHE C 60 19.24 20.74 13.31
N VAL C 61 19.15 21.57 12.25
CA VAL C 61 20.21 21.72 11.25
C VAL C 61 21.46 22.26 11.93
N LEU C 62 21.30 23.31 12.76
CA LEU C 62 22.40 23.90 13.48
C LEU C 62 22.83 23.00 14.64
N GLN C 63 21.95 22.10 15.13
CA GLN C 63 22.31 21.08 16.10
C GLN C 63 23.17 19.99 15.45
N ALA C 64 22.90 19.67 14.19
CA ALA C 64 23.76 18.79 13.39
C ALA C 64 25.15 19.37 13.18
N ALA C 65 25.22 20.67 12.85
CA ALA C 65 26.47 21.38 12.60
C ALA C 65 27.34 21.44 13.86
N GLU C 66 26.72 21.58 15.05
CA GLU C 66 27.40 21.49 16.35
C GLU C 66 28.16 20.16 16.47
N VAL C 67 27.55 19.04 16.07
CA VAL C 67 28.16 17.71 16.16
C VAL C 67 29.34 17.60 15.20
N MET C 68 29.16 18.07 13.94
CA MET C 68 30.17 18.03 12.90
C MET C 68 31.36 18.90 13.31
N LYS C 69 31.10 20.14 13.78
CA LYS C 69 32.13 21.06 14.25
C LYS C 69 32.91 20.46 15.42
N ARG C 70 32.23 19.76 16.33
CA ARG C 70 32.85 19.14 17.49
C ARG C 70 33.66 17.89 17.10
N ALA C 71 33.21 17.14 16.07
CA ALA C 71 33.96 16.01 15.50
C ALA C 71 35.30 16.45 14.90
N VAL C 72 35.28 17.49 14.05
CA VAL C 72 36.45 18.05 13.40
C VAL C 72 37.45 18.62 14.43
N ALA C 73 36.96 19.21 15.54
CA ALA C 73 37.80 19.72 16.62
C ALA C 73 38.55 18.60 17.34
N TYR C 74 37.89 17.44 17.54
CA TYR C 74 38.49 16.27 18.17
C TYR C 74 39.53 15.58 17.27
N LEU C 75 39.29 15.57 15.94
CA LEU C 75 40.19 14.95 14.96
C LEU C 75 41.29 15.89 14.43
N GLU C 76 41.38 17.16 14.88
CA GLU C 76 42.34 18.13 14.38
C GLU C 76 43.76 17.87 14.89
N PRO C 77 44.01 17.46 16.17
CA PRO C 77 45.35 17.00 16.60
C PRO C 77 46.00 15.86 15.81
N HIS C 78 45.20 14.88 15.37
CA HIS C 78 45.67 13.75 14.58
C HIS C 78 46.04 14.16 13.16
N MET C 79 45.29 15.12 12.59
CA MET C 79 45.47 15.62 11.23
C MET C 79 46.53 16.72 11.22
N GLU C 80 47.18 16.89 10.06
CA GLU C 80 48.32 17.78 9.85
C GLU C 80 48.00 18.69 8.65
N LYS C 81 47.01 19.57 8.83
CA LYS C 81 46.69 20.68 7.93
C LYS C 81 46.79 22.00 8.69
N GLU C 84 42.09 22.46 4.52
CA GLU C 84 42.32 22.17 3.07
C GLU C 84 41.05 21.48 2.52
N GLY C 85 39.97 22.27 2.46
CA GLY C 85 38.62 21.81 2.18
C GLY C 85 38.38 21.56 0.69
N LYS C 86 37.10 21.49 0.30
CA LYS C 86 36.65 21.32 -1.08
C LYS C 86 36.82 22.58 -1.93
N GLY C 87 36.86 23.75 -1.29
CA GLY C 87 37.17 25.03 -1.91
C GLY C 87 36.94 26.14 -0.90
N THR C 88 37.33 27.39 -1.22
CA THR C 88 37.31 28.45 -0.21
C THR C 88 36.33 29.55 -0.63
N LEU C 89 35.54 30.08 0.34
CA LEU C 89 34.79 31.33 0.21
C LEU C 89 35.42 32.35 1.17
N VAL C 90 35.84 33.51 0.62
CA VAL C 90 36.14 34.70 1.40
C VAL C 90 34.81 35.44 1.57
N LEU C 91 34.36 35.60 2.82
CA LEU C 91 33.02 36.03 3.19
C LEU C 91 33.07 37.26 4.08
N ALA C 92 32.36 38.35 3.71
CA ALA C 92 32.38 39.63 4.44
C ALA C 92 30.99 40.29 4.46
N THR C 93 30.71 41.10 5.48
CA THR C 93 29.62 42.09 5.43
C THR C 93 30.19 43.42 4.94
N VAL C 94 29.39 44.15 4.13
CA VAL C 94 29.91 45.29 3.36
C VAL C 94 30.20 46.49 4.26
N LYS C 95 30.99 47.43 3.71
CA LYS C 95 31.34 48.70 4.32
C LYS C 95 30.04 49.48 4.62
N GLY C 96 30.01 50.06 5.83
CA GLY C 96 28.86 50.74 6.39
C GLY C 96 27.72 49.80 6.76
N ASP C 97 28.02 48.60 7.28
CA ASP C 97 27.00 47.64 7.71
C ASP C 97 27.56 46.77 8.83
N VAL C 98 26.72 46.50 9.83
CA VAL C 98 27.09 45.88 11.11
C VAL C 98 26.39 44.53 11.32
N HIS C 99 25.62 44.08 10.30
CA HIS C 99 24.64 43.03 10.46
C HIS C 99 25.31 41.72 10.05
N ASP C 100 25.36 40.71 10.94
CA ASP C 100 26.22 39.54 10.74
C ASP C 100 25.52 38.21 11.01
N ILE C 101 24.18 38.13 11.06
CA ILE C 101 23.53 36.85 11.31
C ILE C 101 23.48 36.01 10.02
N GLY C 102 23.17 36.64 8.88
CA GLY C 102 23.09 35.92 7.62
C GLY C 102 24.45 35.39 7.16
N LYS C 103 25.44 36.28 7.11
CA LYS C 103 26.83 35.93 6.83
C LYS C 103 27.34 34.78 7.72
N ASN C 104 27.14 34.86 9.03
CA ASN C 104 27.56 33.81 9.95
C ASN C 104 26.75 32.52 9.76
N LEU C 105 25.47 32.58 9.28
CA LEU C 105 24.68 31.39 8.94
C LEU C 105 25.27 30.67 7.73
N VAL C 106 25.75 31.44 6.74
CA VAL C 106 26.46 30.89 5.59
C VAL C 106 27.71 30.16 6.10
N ASP C 107 28.53 30.84 6.94
CA ASP C 107 29.76 30.32 7.53
C ASP C 107 29.52 28.94 8.17
N ILE C 108 28.43 28.78 8.93
CA ILE C 108 28.15 27.54 9.66
C ILE C 108 27.85 26.40 8.68
N ILE C 109 26.98 26.66 7.69
CA ILE C 109 26.52 25.64 6.76
C ILE C 109 27.66 25.20 5.84
N LEU C 110 28.38 26.16 5.25
CA LEU C 110 29.48 25.86 4.33
C LEU C 110 30.61 25.15 5.07
N SER C 111 31.05 25.64 6.24
CA SER C 111 32.12 25.03 7.01
C SER C 111 31.84 23.57 7.39
N ASN C 112 30.64 23.28 7.86
CA ASN C 112 30.25 21.93 8.25
C ASN C 112 29.81 21.08 7.03
N ASN C 113 29.85 21.61 5.80
CA ASN C 113 29.76 20.81 4.58
C ASN C 113 31.12 20.66 3.87
N GLY C 114 32.24 20.92 4.58
CA GLY C 114 33.58 20.70 4.09
C GLY C 114 34.14 21.76 3.14
N TYR C 115 33.58 22.96 3.08
CA TYR C 115 34.18 24.13 2.44
C TYR C 115 34.87 25.01 3.48
N ARG C 116 35.85 25.79 3.03
CA ARG C 116 36.64 26.66 3.89
C ARG C 116 36.01 28.06 3.83
N VAL C 117 35.81 28.71 5.00
CA VAL C 117 35.18 30.03 5.08
C VAL C 117 36.15 30.95 5.82
N VAL C 118 36.54 32.05 5.17
CA VAL C 118 37.39 33.07 5.73
C VAL C 118 36.49 34.26 6.09
N ASN C 119 35.95 34.26 7.33
CA ASN C 119 34.98 35.26 7.75
C ASN C 119 35.71 36.55 8.10
N LEU C 120 35.55 37.63 7.32
CA LEU C 120 36.25 38.90 7.54
C LEU C 120 35.47 39.89 8.42
N GLY C 121 34.30 39.54 8.96
CA GLY C 121 33.60 40.38 9.94
C GLY C 121 32.67 41.41 9.29
N ILE C 122 32.53 42.59 9.90
CA ILE C 122 31.54 43.59 9.53
C ILE C 122 32.27 44.86 9.14
N LYS C 123 31.61 45.75 8.39
CA LYS C 123 32.15 47.03 7.91
C LYS C 123 33.44 46.82 7.09
N VAL C 124 33.50 45.78 6.25
CA VAL C 124 34.72 45.36 5.59
C VAL C 124 34.77 46.11 4.25
N PRO C 125 35.76 47.00 3.98
CA PRO C 125 35.89 47.60 2.65
C PRO C 125 36.48 46.61 1.65
N ILE C 126 36.29 46.90 0.35
CA ILE C 126 36.69 46.03 -0.75
C ILE C 126 38.21 45.89 -0.87
N GLU C 127 38.97 46.92 -0.44
CA GLU C 127 40.42 46.88 -0.27
C GLU C 127 40.83 45.67 0.59
N GLU C 128 40.19 45.51 1.77
CA GLU C 128 40.44 44.44 2.73
C GLU C 128 40.01 43.08 2.19
N ILE C 129 38.87 43.05 1.45
CA ILE C 129 38.29 41.81 0.92
C ILE C 129 39.23 41.26 -0.13
N LEU C 130 39.72 42.13 -1.04
CA LEU C 130 40.59 41.71 -2.13
C LEU C 130 42.02 41.38 -1.68
N LYS C 131 42.50 41.96 -0.56
CA LYS C 131 43.72 41.52 0.08
C LYS C 131 43.60 40.06 0.51
N ALA C 132 42.45 39.69 1.11
CA ALA C 132 42.14 38.30 1.46
C ALA C 132 42.06 37.39 0.24
N VAL C 133 41.53 37.87 -0.90
CA VAL C 133 41.39 37.04 -2.10
C VAL C 133 42.78 36.73 -2.66
N GLU C 134 43.73 37.69 -2.58
CA GLU C 134 45.12 37.49 -3.00
C GLU C 134 45.80 36.43 -2.13
N ALA C 135 45.62 36.50 -0.81
CA ALA C 135 46.24 35.59 0.16
C ALA C 135 45.76 34.14 -0.01
N HIS C 136 44.44 33.95 -0.05
CA HIS C 136 43.81 32.64 0.03
C HIS C 136 43.55 32.02 -1.34
N LYS C 137 43.31 32.86 -2.38
CA LYS C 137 42.98 32.47 -3.76
C LYS C 137 41.75 31.56 -3.75
N PRO C 138 40.57 32.08 -3.28
CA PRO C 138 39.37 31.27 -3.12
C PRO C 138 38.67 30.98 -4.44
N HIS C 139 37.71 30.05 -4.43
CA HIS C 139 36.81 29.83 -5.55
C HIS C 139 35.79 30.97 -5.71
N ALA C 140 35.28 31.59 -4.61
CA ALA C 140 34.34 32.71 -4.70
C ALA C 140 34.55 33.74 -3.58
N VAL C 141 34.04 34.97 -3.82
CA VAL C 141 33.91 36.01 -2.79
C VAL C 141 32.41 36.19 -2.45
N GLY C 142 32.10 36.29 -1.16
CA GLY C 142 30.75 36.45 -0.61
C GLY C 142 30.54 37.84 -0.02
N MET C 143 29.36 38.46 -0.17
CA MET C 143 29.09 39.75 0.44
C MET C 143 27.66 39.79 1.00
N SER C 144 27.51 40.07 2.31
CA SER C 144 26.24 40.22 3.00
C SER C 144 25.96 41.71 3.24
N GLY C 145 24.70 42.10 2.97
CA GLY C 145 24.14 43.37 3.39
C GLY C 145 22.98 43.19 4.36
N LEU C 146 22.35 44.34 4.65
CA LEU C 146 21.05 44.37 5.33
C LEU C 146 20.12 45.23 4.49
N LEU C 147 20.44 46.52 4.42
CA LEU C 147 19.57 47.55 3.87
C LEU C 147 19.94 47.80 2.42
N VAL C 148 19.14 48.63 1.73
CA VAL C 148 19.23 48.82 0.28
C VAL C 148 20.47 49.66 -0.01
N LYS C 149 20.86 50.55 0.92
CA LYS C 149 22.10 51.29 0.81
C LYS C 149 23.31 50.37 0.90
N SER C 150 23.20 49.19 1.57
CA SER C 150 24.24 48.17 1.55
C SER C 150 24.37 47.44 0.18
N THR C 151 23.27 47.36 -0.61
CA THR C 151 23.34 46.84 -1.98
C THR C 151 24.08 47.82 -2.90
N LEU C 152 23.89 49.13 -2.71
CA LEU C 152 24.56 50.16 -3.49
C LEU C 152 26.09 50.15 -3.27
N VAL C 153 26.54 49.77 -2.07
CA VAL C 153 27.95 49.52 -1.78
C VAL C 153 28.42 48.28 -2.54
N MET C 154 27.61 47.18 -2.54
CA MET C 154 27.95 45.97 -3.28
C MET C 154 28.20 46.26 -4.78
N LYS C 155 27.43 47.20 -5.34
CA LYS C 155 27.58 47.59 -6.73
C LYS C 155 28.90 48.30 -6.96
N GLU C 156 29.20 49.30 -6.13
CA GLU C 156 30.48 50.00 -6.15
C GLU C 156 31.64 49.02 -5.95
N ASN C 157 31.46 47.97 -5.14
CA ASN C 157 32.46 46.92 -4.95
C ASN C 157 32.69 46.08 -6.22
N LEU C 158 31.63 45.79 -6.99
CA LEU C 158 31.74 45.08 -8.25
C LEU C 158 32.38 45.98 -9.28
N GLU C 159 32.04 47.27 -9.30
CA GLU C 159 32.76 48.23 -10.15
C GLU C 159 34.26 48.29 -9.81
N TYR C 160 34.61 48.34 -8.51
CA TYR C 160 35.99 48.24 -8.02
C TYR C 160 36.62 46.94 -8.50
N MET C 161 35.96 45.78 -8.34
CA MET C 161 36.53 44.47 -8.65
C MET C 161 36.79 44.26 -10.14
N ARG C 162 35.90 44.74 -11.04
CA ARG C 162 36.10 44.69 -12.48
C ARG C 162 37.25 45.64 -12.87
N ASP C 163 37.27 46.86 -12.31
CA ASP C 163 38.31 47.87 -12.55
C ASP C 163 39.71 47.33 -12.22
N ARG C 164 39.84 46.58 -11.11
CA ARG C 164 41.04 45.82 -10.76
C ARG C 164 41.31 44.63 -11.66
N GLY C 165 40.26 44.02 -12.21
CA GLY C 165 40.34 42.92 -13.14
C GLY C 165 40.17 41.56 -12.47
N TYR C 166 39.31 41.51 -11.43
CA TYR C 166 38.84 40.26 -10.87
C TYR C 166 37.70 39.79 -11.77
N THR C 167 37.71 38.48 -12.05
CA THR C 167 36.66 37.78 -12.79
C THR C 167 36.02 36.68 -11.92
N LEU C 168 36.43 36.54 -10.65
CA LEU C 168 36.05 35.48 -9.74
C LEU C 168 34.56 35.60 -9.44
N PRO C 169 33.82 34.51 -9.21
CA PRO C 169 32.40 34.65 -8.88
C PRO C 169 32.19 35.41 -7.56
N VAL C 170 31.20 36.31 -7.60
CA VAL C 170 30.77 37.09 -6.43
C VAL C 170 29.36 36.62 -6.03
N ILE C 171 29.23 35.83 -4.95
CA ILE C 171 27.93 35.47 -4.39
C ILE C 171 27.42 36.61 -3.50
N LEU C 172 26.32 37.30 -3.88
CA LEU C 172 25.70 38.34 -3.07
C LEU C 172 24.44 37.78 -2.37
N GLY C 173 24.26 38.15 -1.10
CA GLY C 173 23.03 37.88 -0.41
C GLY C 173 22.68 38.99 0.58
N GLY C 174 21.40 39.02 0.97
CA GLY C 174 20.95 40.07 1.88
C GLY C 174 19.44 40.17 1.93
N ALA C 175 19.00 40.76 3.07
CA ALA C 175 17.58 40.94 3.34
C ALA C 175 16.96 41.79 2.23
N ALA C 176 17.48 43.03 2.05
CA ALA C 176 17.00 43.99 1.06
C ALA C 176 17.32 43.57 -0.38
N LEU C 177 18.39 42.79 -0.58
CA LEU C 177 18.82 42.40 -1.92
C LEU C 177 17.84 41.38 -2.50
N THR C 178 17.44 41.61 -3.76
CA THR C 178 16.47 40.80 -4.48
C THR C 178 17.19 40.09 -5.63
N ARG C 179 16.55 39.08 -6.20
CA ARG C 179 17.08 38.34 -7.35
C ARG C 179 17.14 39.24 -8.58
N SER C 180 16.06 40.00 -8.84
CA SER C 180 15.91 40.98 -9.94
C SER C 180 17.10 41.92 -10.05
N TYR C 181 17.57 42.42 -8.89
CA TYR C 181 18.61 43.43 -8.82
C TYR C 181 19.96 42.83 -9.17
N VAL C 182 20.27 41.62 -8.65
CA VAL C 182 21.52 40.92 -8.96
C VAL C 182 21.65 40.58 -10.46
N GLU C 183 20.52 40.33 -11.16
CA GLU C 183 20.53 40.10 -12.61
C GLU C 183 20.88 41.38 -13.37
N GLU C 184 20.40 42.56 -12.91
CA GLU C 184 20.75 43.83 -13.50
C GLU C 184 22.23 44.17 -13.23
N LEU C 185 22.81 43.70 -12.10
CA LEU C 185 24.22 43.87 -11.77
C LEU C 185 25.14 43.02 -12.63
N ARG C 186 24.64 42.01 -13.35
CA ARG C 186 25.44 41.23 -14.28
C ARG C 186 25.97 42.07 -15.44
N ALA C 187 25.31 43.21 -15.72
CA ALA C 187 25.85 44.28 -16.56
C ALA C 187 27.29 44.67 -16.16
N ILE C 188 27.45 45.10 -14.91
CA ILE C 188 28.72 45.55 -14.36
C ILE C 188 29.69 44.37 -14.25
N TYR C 189 29.25 43.30 -13.59
CA TYR C 189 30.09 42.15 -13.25
C TYR C 189 29.32 40.88 -13.59
N PRO C 190 29.48 40.31 -14.83
CA PRO C 190 28.72 39.13 -15.24
C PRO C 190 28.67 37.90 -14.35
N ASN C 191 29.77 37.66 -13.57
CA ASN C 191 29.93 36.49 -12.74
C ASN C 191 29.43 36.78 -11.31
N VAL C 192 28.16 37.17 -11.19
CA VAL C 192 27.51 37.56 -9.93
C VAL C 192 26.26 36.72 -9.77
N TYR C 193 26.05 36.18 -8.56
CA TYR C 193 24.99 35.22 -8.25
C TYR C 193 24.24 35.67 -7.00
N TYR C 194 22.91 35.62 -6.98
CA TYR C 194 22.11 35.87 -5.80
C TYR C 194 21.96 34.57 -4.97
N ALA C 195 21.82 34.70 -3.65
CA ALA C 195 21.57 33.59 -2.74
C ALA C 195 20.47 33.99 -1.76
N GLU C 196 19.29 33.35 -1.90
CA GLU C 196 18.11 33.56 -1.08
C GLU C 196 18.36 33.12 0.36
N ASP C 197 19.01 31.96 0.56
CA ASP C 197 19.44 31.49 1.87
C ASP C 197 20.86 30.93 1.79
N ALA C 198 21.37 30.47 2.94
CA ALA C 198 22.64 29.76 3.05
C ALA C 198 22.71 28.50 2.19
N PHE C 199 21.60 27.75 2.05
CA PHE C 199 21.58 26.52 1.27
C PHE C 199 21.63 26.77 -0.22
N GLU C 200 21.09 27.91 -0.69
CA GLU C 200 21.37 28.41 -2.04
C GLU C 200 22.86 28.74 -2.23
N GLY C 201 23.45 29.36 -1.20
CA GLY C 201 24.88 29.61 -1.16
C GLY C 201 25.75 28.36 -1.19
N LEU C 202 25.27 27.25 -0.58
CA LEU C 202 25.95 25.96 -0.62
C LEU C 202 25.91 25.37 -2.03
N ARG C 203 24.73 25.35 -2.69
CA ARG C 203 24.56 24.84 -4.07
C ARG C 203 25.46 25.58 -5.07
N LEU C 204 25.53 26.93 -4.99
CA LEU C 204 26.43 27.77 -5.80
C LEU C 204 27.88 27.32 -5.61
N MET C 205 28.30 27.17 -4.36
CA MET C 205 29.65 26.72 -4.01
C MET C 205 29.90 25.28 -4.46
N GLU C 206 28.86 24.42 -4.52
CA GLU C 206 28.95 23.08 -5.08
C GLU C 206 29.26 23.16 -6.58
N GLU C 207 28.43 23.93 -7.33
CA GLU C 207 28.60 24.11 -8.77
C GLU C 207 29.95 24.74 -9.13
N LEU C 208 30.37 25.78 -8.39
CA LEU C 208 31.61 26.50 -8.65
C LEU C 208 32.86 25.66 -8.36
N THR C 209 32.79 24.69 -7.42
CA THR C 209 33.87 23.73 -7.17
C THR C 209 33.70 22.41 -7.92
N GLY C 210 32.68 22.29 -8.81
CA GLY C 210 32.53 21.12 -9.68
C GLY C 210 31.95 19.87 -9.01
N HIS C 211 31.41 20.00 -7.78
CA HIS C 211 30.72 18.92 -7.08
C HIS C 211 29.22 18.90 -7.43
N ALA C 212 28.80 19.56 -8.54
CA ALA C 212 27.43 19.62 -8.98
C ALA C 212 27.37 19.97 -10.48
N PRO C 213 26.28 19.59 -11.18
CA PRO C 213 26.05 20.04 -12.56
C PRO C 213 25.66 21.51 -12.59
N PRO C 214 26.23 22.35 -13.49
CA PRO C 214 25.87 23.77 -13.58
C PRO C 214 24.37 23.98 -13.81
N GLU C 215 23.70 24.67 -12.90
CA GLU C 215 22.27 24.97 -12.94
C GLU C 215 22.04 26.46 -12.71
N LEU C 216 22.30 26.92 -11.49
CA LEU C 216 22.20 28.32 -11.12
C LEU C 216 23.27 29.10 -11.90
N THR C 217 24.47 28.51 -12.01
CA THR C 217 25.56 29.05 -12.82
C THR C 217 25.26 28.82 -14.30
N ARG C 218 25.11 29.93 -15.06
CA ARG C 218 24.93 29.93 -16.51
C ARG C 218 25.88 30.96 -17.14
N PRO C 233 -7.54 59.67 -7.04
CA PRO C 233 -6.73 58.60 -6.42
C PRO C 233 -7.14 57.14 -6.65
N ARG C 234 -8.45 56.89 -6.91
CA ARG C 234 -9.15 55.62 -6.72
C ARG C 234 -8.80 55.08 -5.33
N ALA C 235 -9.24 55.84 -4.32
CA ALA C 235 -8.92 55.73 -2.91
C ALA C 235 -9.75 56.73 -2.10
N ARG C 236 -9.67 56.67 -0.76
CA ARG C 236 -10.28 57.68 0.12
C ARG C 236 -9.48 58.98 0.03
N PRO C 237 -10.03 60.16 -0.39
CA PRO C 237 -9.29 61.43 -0.27
C PRO C 237 -9.10 61.81 1.20
N VAL C 238 -8.07 62.59 1.49
CA VAL C 238 -7.60 63.02 2.81
C VAL C 238 -8.79 63.41 3.70
N GLY C 239 -8.80 62.99 4.96
CA GLY C 239 -9.81 63.47 5.92
C GLY C 239 -9.20 64.35 7.00
N GLU C 240 -9.86 65.43 7.49
CA GLU C 240 -9.46 66.09 8.74
C GLU C 240 -9.71 65.17 9.91
N ALA C 241 -8.91 65.35 10.94
CA ALA C 241 -8.95 64.50 12.11
C ALA C 241 -10.01 65.05 13.07
N PRO C 242 -10.44 64.25 14.09
CA PRO C 242 -11.31 64.71 15.17
C PRO C 242 -10.78 65.93 15.93
N ALA C 243 -9.54 65.83 16.43
CA ALA C 243 -8.84 66.91 17.12
C ALA C 243 -7.32 66.71 17.08
N VAL C 244 -6.57 67.76 17.44
CA VAL C 244 -5.12 67.67 17.59
C VAL C 244 -4.90 67.19 19.00
N PRO C 245 -4.42 65.95 19.25
CA PRO C 245 -4.18 65.49 20.62
C PRO C 245 -2.88 66.14 21.20
N ARG C 246 -2.90 66.31 22.52
CA ARG C 246 -1.94 67.10 23.25
C ARG C 246 -0.91 66.12 23.81
N PRO C 247 0.42 66.39 23.60
CA PRO C 247 1.46 65.49 24.09
C PRO C 247 1.78 65.78 25.56
N PRO C 248 2.41 64.88 26.33
CA PRO C 248 2.82 65.18 27.71
C PRO C 248 3.83 66.34 27.77
N PHE C 249 4.70 66.44 26.76
CA PHE C 249 5.62 67.55 26.58
C PHE C 249 6.01 67.70 25.11
N PHE C 250 6.83 68.71 24.81
CA PHE C 250 7.43 68.89 23.50
C PHE C 250 8.95 68.77 23.64
N GLY C 251 9.63 68.25 22.61
CA GLY C 251 11.01 67.80 22.70
C GLY C 251 11.11 66.30 23.04
N VAL C 252 12.32 65.87 23.38
CA VAL C 252 12.71 64.47 23.39
C VAL C 252 13.44 64.15 24.70
N ARG C 253 13.01 63.06 25.37
CA ARG C 253 13.59 62.62 26.63
C ARG C 253 13.98 61.14 26.53
N VAL C 254 14.86 60.73 27.44
CA VAL C 254 15.39 59.37 27.52
C VAL C 254 14.47 58.61 28.47
N GLU C 255 14.41 57.29 28.38
CA GLU C 255 13.79 56.43 29.39
C GLU C 255 14.63 55.18 29.41
N GLU C 256 15.23 54.86 30.56
CA GLU C 256 15.84 53.56 30.80
C GLU C 256 15.02 52.99 31.94
N GLY C 257 15.36 51.80 32.42
CA GLY C 257 14.68 51.28 33.59
C GLY C 257 13.24 50.88 33.20
N LEU C 258 13.21 49.88 32.31
CA LEU C 258 12.03 49.25 31.74
C LEU C 258 12.16 47.78 32.05
N ASP C 259 11.08 47.14 32.50
CA ASP C 259 11.08 45.73 32.89
C ASP C 259 11.10 44.87 31.62
N LEU C 260 12.06 43.95 31.51
CA LEU C 260 12.12 42.99 30.40
C LEU C 260 10.90 42.04 30.41
N ALA C 261 10.35 41.74 31.59
CA ALA C 261 9.15 40.93 31.72
C ALA C 261 7.93 41.61 31.09
N THR C 262 7.76 42.93 31.24
CA THR C 262 6.68 43.69 30.64
C THR C 262 6.79 43.71 29.11
N ILE C 263 8.03 43.81 28.59
CA ILE C 263 8.29 43.87 27.16
C ILE C 263 8.03 42.49 26.52
N ALA C 264 8.41 41.40 27.22
CA ALA C 264 8.21 40.02 26.75
C ALA C 264 6.74 39.65 26.45
N HIS C 265 5.79 40.30 27.11
CA HIS C 265 4.37 40.18 26.82
C HIS C 265 4.01 40.77 25.46
N TYR C 266 4.84 41.60 24.82
CA TYR C 266 4.61 42.17 23.49
C TYR C 266 5.32 41.41 22.36
N VAL C 267 5.92 40.23 22.64
CA VAL C 267 6.73 39.50 21.66
C VAL C 267 5.74 38.77 20.76
N ASN C 268 6.01 38.84 19.46
CA ASN C 268 5.19 38.24 18.43
C ASN C 268 5.65 36.80 18.28
N LYS C 269 5.03 35.87 19.04
CA LYS C 269 5.57 34.52 19.22
C LYS C 269 5.72 33.74 17.90
N LEU C 270 4.87 34.02 16.90
CA LEU C 270 4.97 33.37 15.59
C LEU C 270 6.16 33.90 14.81
N ALA C 271 6.32 35.24 14.76
CA ALA C 271 7.48 35.91 14.14
C ALA C 271 8.82 35.44 14.72
N LEU C 272 8.84 35.07 16.01
CA LEU C 272 10.00 34.49 16.65
C LEU C 272 10.16 33.00 16.32
N TYR C 273 9.11 32.21 16.49
CA TYR C 273 9.23 30.75 16.36
C TYR C 273 9.33 30.32 14.89
N ARG C 274 8.43 30.80 14.04
CA ARG C 274 8.47 30.53 12.60
C ARG C 274 9.50 31.44 11.92
N GLY C 275 9.31 32.75 12.03
CA GLY C 275 10.04 33.73 11.24
C GLY C 275 11.56 33.71 11.45
N GLN C 276 11.98 33.68 12.73
CA GLN C 276 13.38 33.79 13.15
C GLN C 276 14.01 32.43 13.43
N TRP C 277 13.38 31.61 14.30
CA TRP C 277 13.94 30.30 14.67
C TRP C 277 13.70 29.21 13.62
N GLY C 278 12.75 29.39 12.71
CA GLY C 278 12.46 28.42 11.67
C GLY C 278 11.74 27.15 12.14
N TYR C 279 10.97 27.21 13.24
CA TYR C 279 10.04 26.16 13.62
C TYR C 279 8.82 26.20 12.69
N SER C 280 8.68 25.23 11.77
CA SER C 280 7.59 25.17 10.80
C SER C 280 6.24 24.86 11.48
N ARG C 281 5.23 25.70 11.16
CA ARG C 281 3.84 25.64 11.58
C ARG C 281 3.02 24.96 10.50
N LYS C 282 3.33 25.21 9.20
CA LYS C 282 2.63 24.65 8.06
C LYS C 282 2.74 23.12 8.03
N GLY C 283 1.63 22.46 7.65
CA GLY C 283 1.58 21.03 7.42
C GLY C 283 0.93 20.23 8.55
N LEU C 284 0.71 20.84 9.73
CA LEU C 284 0.15 20.16 10.91
C LEU C 284 -0.93 21.02 11.55
N SER C 285 -1.68 20.38 12.46
CA SER C 285 -2.82 20.98 13.15
C SER C 285 -2.39 22.08 14.11
N ARG C 286 -3.39 22.81 14.62
CA ARG C 286 -3.17 23.87 15.60
C ARG C 286 -2.97 23.30 17.00
N GLU C 287 -3.49 22.10 17.32
CA GLU C 287 -3.14 21.35 18.53
C GLU C 287 -1.74 20.74 18.41
N ALA C 288 -1.32 20.34 17.20
CA ALA C 288 0.04 19.85 16.94
C ALA C 288 1.12 20.96 17.01
N TRP C 289 0.77 22.17 16.56
CA TRP C 289 1.61 23.35 16.71
C TRP C 289 1.69 23.78 18.18
N GLN C 290 0.54 23.79 18.87
CA GLN C 290 0.45 24.19 20.27
C GLN C 290 1.29 23.26 21.16
N ALA C 291 1.31 21.95 20.86
CA ALA C 291 2.15 20.98 21.56
C ALA C 291 3.63 21.23 21.30
N LEU C 292 4.01 21.60 20.05
CA LEU C 292 5.39 21.92 19.72
C LEU C 292 5.85 23.15 20.49
N VAL C 293 5.04 24.20 20.53
CA VAL C 293 5.34 25.41 21.29
C VAL C 293 5.61 25.08 22.76
N GLU C 294 4.70 24.32 23.41
CA GLU C 294 4.82 23.91 24.81
C GLU C 294 6.11 23.13 25.08
N ARG C 295 6.47 22.20 24.18
CA ARG C 295 7.64 21.34 24.36
C ARG C 295 8.93 22.07 23.95
N GLU C 296 8.99 22.66 22.73
CA GLU C 296 10.23 23.11 22.10
C GLU C 296 10.40 24.62 22.22
N ALA C 297 9.41 25.42 21.79
CA ALA C 297 9.58 26.85 21.53
C ALA C 297 9.53 27.66 22.81
N GLU C 298 8.46 27.46 23.62
CA GLU C 298 8.17 28.23 24.83
C GLU C 298 9.28 28.06 25.87
N PRO C 299 9.78 26.85 26.24
CA PRO C 299 10.82 26.71 27.28
C PRO C 299 12.18 27.34 26.95
N VAL C 300 12.51 27.42 25.65
CA VAL C 300 13.68 28.15 25.18
C VAL C 300 13.44 29.66 25.39
N PHE C 301 12.26 30.18 25.01
CA PHE C 301 11.90 31.59 25.23
C PHE C 301 11.92 31.94 26.72
N GLN C 302 11.43 31.02 27.57
CA GLN C 302 11.43 31.17 29.02
C GLN C 302 12.84 31.15 29.62
N ARG C 303 13.73 30.31 29.06
CA ARG C 303 15.11 30.22 29.52
C ARG C 303 15.89 31.49 29.18
N LEU C 304 15.79 31.97 27.93
CA LEU C 304 16.51 33.17 27.48
C LEU C 304 16.01 34.45 28.15
N LEU C 305 14.76 34.51 28.64
CA LEU C 305 14.33 35.66 29.44
C LEU C 305 15.00 35.65 30.81
N LYS C 306 14.97 34.51 31.54
CA LYS C 306 15.66 34.33 32.82
C LYS C 306 17.12 34.73 32.70
N GLU C 307 17.80 34.23 31.64
CA GLU C 307 19.18 34.55 31.33
C GLU C 307 19.36 36.04 31.10
N ALA C 308 18.59 36.63 30.18
CA ALA C 308 18.80 38.02 29.74
C ALA C 308 18.55 39.01 30.87
N MET C 309 17.68 38.62 31.82
CA MET C 309 17.43 39.41 33.02
C MET C 309 18.59 39.30 34.00
N ALA C 310 19.01 38.06 34.33
CA ALA C 310 20.07 37.80 35.30
C ALA C 310 21.46 38.20 34.79
N GLU C 311 21.85 37.72 33.59
CA GLU C 311 23.11 38.03 32.91
C GLU C 311 23.17 39.45 32.32
N GLY C 312 22.05 40.15 32.14
CA GLY C 312 22.03 41.56 31.78
C GLY C 312 22.38 41.84 30.31
N TRP C 313 22.17 40.86 29.39
CA TRP C 313 22.58 40.99 28.00
C TRP C 313 21.48 41.54 27.10
N LEU C 314 20.34 41.98 27.65
CA LEU C 314 19.50 42.98 27.02
C LEU C 314 19.44 44.21 27.92
N GLU C 315 19.74 45.38 27.32
CA GLU C 315 19.76 46.68 27.98
C GLU C 315 18.74 47.59 27.30
N PRO C 316 17.42 47.46 27.59
CA PRO C 316 16.40 48.27 26.91
C PRO C 316 16.55 49.74 27.25
N LYS C 317 16.67 50.57 26.23
CA LYS C 317 16.65 52.03 26.33
C LYS C 317 15.55 52.55 25.40
N VAL C 318 15.08 53.77 25.63
CA VAL C 318 14.18 54.45 24.70
C VAL C 318 14.51 55.92 24.66
N LEU C 319 14.58 56.45 23.45
CA LEU C 319 14.61 57.88 23.23
C LEU C 319 13.28 58.24 22.59
N TYR C 320 12.52 59.20 23.13
CA TYR C 320 11.14 59.49 22.68
C TYR C 320 10.70 60.93 22.93
N GLY C 321 9.69 61.36 22.18
CA GLY C 321 9.26 62.75 22.21
C GLY C 321 8.12 63.11 21.27
N PHE C 322 7.88 64.42 21.15
CA PHE C 322 6.79 65.01 20.37
C PHE C 322 7.25 66.36 19.82
N PHE C 323 6.70 66.77 18.67
CA PHE C 323 7.07 68.03 18.01
C PHE C 323 5.88 68.76 17.41
N PRO C 324 5.84 70.13 17.41
CA PRO C 324 4.95 70.92 16.60
C PRO C 324 5.33 70.78 15.13
N VAL C 325 4.35 70.40 14.29
CA VAL C 325 4.52 70.14 12.86
C VAL C 325 3.37 70.80 12.10
N ALA C 326 3.55 70.80 10.78
CA ALA C 326 2.54 71.23 9.81
C ALA C 326 2.86 70.61 8.45
N ARG C 327 1.85 70.48 7.59
CA ARG C 327 2.05 70.24 6.17
C ARG C 327 2.10 71.58 5.42
N GLU C 328 3.09 71.74 4.56
CA GLU C 328 3.17 72.80 3.57
C GLU C 328 3.38 72.14 2.22
N GLY C 329 2.30 71.97 1.46
CA GLY C 329 2.30 71.19 0.25
C GLY C 329 2.62 69.72 0.51
N GLU C 330 3.72 69.25 -0.09
CA GLU C 330 4.14 67.86 0.01
C GLU C 330 5.20 67.66 1.09
N GLU C 331 5.59 68.73 1.81
CA GLU C 331 6.57 68.69 2.88
C GLU C 331 5.84 68.66 4.23
N LEU C 332 6.36 67.88 5.17
CA LEU C 332 6.03 67.93 6.58
C LEU C 332 7.11 68.74 7.31
N LEU C 333 6.80 69.98 7.73
CA LEU C 333 7.73 70.81 8.49
C LEU C 333 7.76 70.33 9.95
N VAL C 334 8.92 70.44 10.61
CA VAL C 334 9.06 70.19 12.04
C VAL C 334 9.65 71.44 12.68
N PHE C 335 8.87 72.04 13.60
CA PHE C 335 9.16 73.29 14.27
C PHE C 335 9.89 73.01 15.59
N SER C 336 10.73 73.97 16.04
CA SER C 336 11.36 73.91 17.36
C SER C 336 10.33 74.28 18.42
N PRO C 337 10.16 73.48 19.50
CA PRO C 337 9.32 73.90 20.63
C PRO C 337 9.75 75.19 21.30
N GLU C 338 11.10 75.45 21.33
CA GLU C 338 11.68 76.62 21.98
C GLU C 338 11.69 77.82 21.03
N THR C 339 12.29 77.70 19.82
CA THR C 339 12.41 78.84 18.90
C THR C 339 11.23 79.01 17.93
N GLY C 340 10.51 77.93 17.58
CA GLY C 340 9.52 77.99 16.51
C GLY C 340 10.08 77.90 15.09
N GLU C 341 11.40 77.82 14.88
CA GLU C 341 11.96 77.86 13.54
C GLU C 341 11.85 76.45 13.00
N VAL C 342 11.88 76.31 11.67
CA VAL C 342 11.74 75.01 11.03
C VAL C 342 13.08 74.31 11.12
N LEU C 343 13.11 73.12 11.73
CA LEU C 343 14.35 72.37 11.94
C LEU C 343 14.60 71.40 10.79
N GLU C 344 13.60 70.60 10.47
CA GLU C 344 13.61 69.65 9.39
C GLU C 344 12.31 69.74 8.60
N ARG C 345 12.35 69.26 7.36
CA ARG C 345 11.27 69.17 6.39
C ARG C 345 11.39 67.77 5.83
N PHE C 346 10.27 67.03 5.75
CA PHE C 346 10.26 65.69 5.17
C PHE C 346 9.37 65.72 3.91
N ARG C 347 9.98 65.54 2.73
CA ARG C 347 9.30 65.28 1.49
C ARG C 347 9.07 63.77 1.34
N PHE C 348 7.91 63.28 1.76
CA PHE C 348 7.55 61.86 1.67
C PHE C 348 6.96 61.54 0.31
N PRO C 349 7.10 60.27 -0.19
CA PRO C 349 6.58 59.88 -1.51
C PRO C 349 5.07 59.66 -1.45
N ARG C 350 4.42 59.92 -2.60
CA ARG C 350 3.00 59.81 -2.81
C ARG C 350 2.78 58.64 -3.78
N GLN C 351 1.66 57.92 -3.61
CA GLN C 351 1.24 56.81 -4.48
C GLN C 351 0.90 57.33 -5.86
N LYS C 352 0.87 56.43 -6.86
CA LYS C 352 0.65 56.74 -8.27
C LYS C 352 -0.72 57.43 -8.45
N GLY C 353 -0.74 58.54 -9.18
CA GLY C 353 -1.98 59.08 -9.73
C GLY C 353 -2.77 59.85 -8.67
N GLY C 354 -2.06 60.81 -8.05
CA GLY C 354 -2.46 61.41 -6.77
C GLY C 354 -2.14 60.39 -5.71
N GLY C 355 -3.10 59.70 -5.12
CA GLY C 355 -2.86 58.66 -4.13
C GLY C 355 -2.44 59.18 -2.76
N LEU C 356 -2.08 58.27 -1.85
CA LEU C 356 -1.82 58.59 -0.44
C LEU C 356 -0.35 58.96 -0.19
N SER C 357 -0.10 59.89 0.73
CA SER C 357 1.21 60.23 1.27
C SER C 357 1.11 60.32 2.79
N LEU C 358 2.22 60.32 3.52
CA LEU C 358 2.19 60.55 4.98
C LEU C 358 1.81 61.98 5.35
N VAL C 359 2.22 63.00 4.54
CA VAL C 359 1.87 64.41 4.76
C VAL C 359 0.36 64.62 4.86
N ASP C 360 -0.42 63.75 4.21
CA ASP C 360 -1.87 63.78 4.30
C ASP C 360 -2.41 63.49 5.69
N TYR C 361 -1.63 62.91 6.63
CA TYR C 361 -2.08 62.80 8.03
C TYR C 361 -1.81 64.02 8.93
N PHE C 362 -1.35 65.14 8.35
CA PHE C 362 -0.92 66.31 9.11
C PHE C 362 -1.71 67.53 8.64
N ARG C 363 -2.04 68.38 9.63
CA ARG C 363 -2.84 69.55 9.39
C ARG C 363 -2.03 70.53 8.58
N PRO C 364 -2.62 71.33 7.68
CA PRO C 364 -1.90 72.36 6.95
C PRO C 364 -1.36 73.46 7.83
N ARG C 365 -0.31 74.13 7.35
CA ARG C 365 0.27 75.27 8.04
C ARG C 365 -0.75 76.40 8.07
N PHE C 366 -0.81 77.08 9.24
CA PHE C 366 -1.77 78.15 9.53
C PHE C 366 -3.25 77.70 9.45
N ALA C 367 -3.51 76.38 9.58
CA ALA C 367 -4.86 75.85 9.56
C ALA C 367 -5.63 76.37 10.76
N ALA C 368 -6.91 76.74 10.55
CA ALA C 368 -7.72 77.28 11.63
C ALA C 368 -7.94 76.17 12.66
N PRO C 369 -7.58 76.34 13.95
CA PRO C 369 -7.57 75.23 14.90
C PRO C 369 -8.89 74.48 15.08
N LEU C 370 -8.80 73.15 15.18
CA LEU C 370 -9.95 72.28 15.31
C LEU C 370 -10.61 72.51 16.65
N GLY C 371 -9.80 72.44 17.72
CA GLY C 371 -10.23 72.66 19.10
C GLY C 371 -9.43 73.80 19.73
N ASP C 372 -9.00 73.60 20.99
CA ASP C 372 -8.42 74.66 21.79
C ASP C 372 -6.90 74.52 21.83
N GLU C 373 -6.29 74.13 20.68
CA GLU C 373 -4.88 73.75 20.63
C GLU C 373 -3.96 74.97 20.81
N ALA C 374 -4.41 76.17 20.42
CA ALA C 374 -3.70 77.41 20.71
C ALA C 374 -3.47 77.66 22.21
N ASP C 375 -4.22 77.01 23.11
CA ASP C 375 -4.03 77.08 24.57
C ASP C 375 -2.70 76.48 25.00
N TRP C 376 -2.21 75.47 24.28
CA TRP C 376 -1.08 74.65 24.69
C TRP C 376 0.03 74.46 23.65
N MET C 377 -0.22 74.70 22.35
CA MET C 377 0.78 74.58 21.30
C MET C 377 1.90 75.59 21.60
N PRO C 378 3.21 75.28 21.43
CA PRO C 378 4.27 76.22 21.76
C PRO C 378 4.08 77.55 21.03
N LYS C 379 4.05 78.65 21.79
CA LYS C 379 3.76 80.02 21.38
C LYS C 379 4.42 80.38 20.05
N GLU C 380 5.72 80.07 19.96
CA GLU C 380 6.55 80.51 18.87
C GLU C 380 6.21 79.70 17.59
N ALA C 381 6.16 78.35 17.74
CA ALA C 381 5.77 77.38 16.72
C ALA C 381 4.41 77.68 16.13
N PHE C 382 3.42 77.96 16.97
CA PHE C 382 2.07 78.19 16.52
C PHE C 382 1.99 79.51 15.74
N ARG C 383 2.70 80.56 16.18
CA ARG C 383 2.78 81.81 15.42
C ARG C 383 3.49 81.62 14.09
N ALA C 384 4.51 80.74 14.06
CA ALA C 384 5.17 80.28 12.83
C ALA C 384 4.29 79.36 11.95
N GLY C 385 3.19 78.82 12.46
CA GLY C 385 2.16 78.15 11.67
C GLY C 385 1.98 76.67 11.96
N ALA C 386 2.71 76.10 12.94
CA ALA C 386 2.55 74.71 13.33
C ALA C 386 1.16 74.45 13.91
N ARG C 387 0.47 73.40 13.40
CA ARG C 387 -0.90 73.14 13.79
C ARG C 387 -1.17 71.69 14.15
N ASP C 388 -0.18 70.79 14.05
CA ASP C 388 -0.35 69.37 14.43
C ASP C 388 0.87 68.92 15.22
N VAL C 389 0.73 67.70 15.80
CA VAL C 389 1.69 67.14 16.75
C VAL C 389 2.13 65.79 16.21
N LEU C 390 3.46 65.60 16.02
CA LEU C 390 4.05 64.34 15.58
C LEU C 390 4.82 63.71 16.74
N GLY C 391 4.59 62.42 16.99
CA GLY C 391 5.36 61.62 17.93
C GLY C 391 6.55 60.96 17.20
N VAL C 392 7.65 60.70 17.96
CA VAL C 392 8.87 60.05 17.48
C VAL C 392 9.41 59.16 18.58
N GLN C 393 9.85 57.94 18.26
CA GLN C 393 10.51 57.04 19.21
C GLN C 393 11.73 56.37 18.51
N LEU C 394 12.84 56.21 19.25
CA LEU C 394 13.86 55.23 18.99
C LEU C 394 13.89 54.26 20.18
N VAL C 395 13.80 52.95 19.91
CA VAL C 395 14.15 51.92 20.89
C VAL C 395 15.45 51.22 20.52
N THR C 396 16.03 50.47 21.48
CA THR C 396 17.35 49.82 21.39
C THR C 396 17.44 48.76 22.47
N MET C 397 18.14 47.67 22.23
CA MET C 397 18.52 46.70 23.25
C MET C 397 20.03 46.66 23.49
N GLY C 398 20.79 47.60 22.92
CA GLY C 398 22.20 47.80 23.26
C GLY C 398 23.14 46.95 22.41
N GLU C 399 24.46 47.15 22.63
CA GLU C 399 25.52 46.35 22.07
C GLU C 399 25.58 44.97 22.75
N ALA C 400 25.06 44.82 23.98
CA ALA C 400 25.11 43.63 24.80
C ALA C 400 24.63 42.34 24.15
N PRO C 401 23.45 42.30 23.47
CA PRO C 401 23.00 41.06 22.82
C PRO C 401 23.84 40.68 21.60
N SER C 402 24.33 41.69 20.85
CA SER C 402 25.27 41.51 19.75
C SER C 402 26.53 40.83 20.26
N ARG C 403 27.06 41.28 21.40
CA ARG C 403 28.21 40.67 22.06
C ARG C 403 27.95 39.23 22.53
N LYS C 404 26.83 39.01 23.21
CA LYS C 404 26.42 37.68 23.69
C LYS C 404 26.31 36.68 22.55
N ALA C 405 25.78 37.11 21.40
CA ALA C 405 25.60 36.24 20.24
C ALA C 405 26.93 35.88 19.58
N GLN C 406 27.83 36.85 19.39
CA GLN C 406 29.17 36.63 18.86
C GLN C 406 29.98 35.67 19.73
N ALA C 407 29.76 35.69 21.06
CA ALA C 407 30.32 34.73 22.01
C ALA C 407 29.90 33.29 21.72
N LEU C 408 28.60 33.06 21.52
CA LEU C 408 28.04 31.75 21.27
C LEU C 408 28.53 31.19 19.94
N PHE C 409 28.48 32.02 18.89
CA PHE C 409 28.93 31.65 17.54
C PHE C 409 30.40 31.26 17.55
N ALA C 410 31.22 32.02 18.30
CA ALA C 410 32.65 31.78 18.43
C ALA C 410 32.94 30.47 19.13
N SER C 411 32.23 30.18 20.24
CA SER C 411 32.37 28.94 21.00
C SER C 411 31.76 27.74 20.28
N GLY C 412 30.87 27.97 19.31
CA GLY C 412 30.35 26.93 18.42
C GLY C 412 28.96 26.42 18.81
N ALA C 413 28.28 27.04 19.80
CA ALA C 413 26.89 26.79 20.11
C ALA C 413 26.01 27.46 19.05
N TYR C 414 25.91 26.83 17.87
CA TYR C 414 25.24 27.42 16.72
C TYR C 414 23.73 27.44 16.90
N GLN C 415 23.17 26.42 17.58
CA GLN C 415 21.77 26.38 17.94
C GLN C 415 21.42 27.55 18.84
N ASP C 416 22.19 27.72 19.94
CA ASP C 416 21.95 28.79 20.90
C ASP C 416 22.25 30.16 20.28
N TYR C 417 23.21 30.24 19.34
CA TYR C 417 23.48 31.43 18.53
C TYR C 417 22.22 31.86 17.80
N LEU C 418 21.51 30.89 17.21
CA LEU C 418 20.29 31.16 16.45
C LEU C 418 19.23 31.70 17.39
N PHE C 419 19.03 30.97 18.51
CA PHE C 419 17.96 31.26 19.44
C PHE C 419 18.14 32.67 20.03
N VAL C 420 19.32 32.94 20.59
CA VAL C 420 19.65 34.21 21.23
C VAL C 420 19.57 35.40 20.25
N HIS C 421 19.94 35.23 18.98
CA HIS C 421 19.77 36.26 17.97
C HIS C 421 18.29 36.65 17.84
N GLY C 422 17.47 35.69 17.43
CA GLY C 422 16.06 35.92 17.13
C GLY C 422 15.26 36.48 18.29
N PHE C 423 15.55 35.97 19.50
CA PHE C 423 15.06 36.49 20.77
C PHE C 423 15.34 37.98 20.84
N SER C 424 16.62 38.37 20.71
CA SER C 424 17.03 39.78 20.80
C SER C 424 16.31 40.69 19.79
N VAL C 425 16.15 40.18 18.57
CA VAL C 425 15.53 40.90 17.46
C VAL C 425 14.03 41.09 17.73
N GLU C 426 13.33 40.02 18.11
CA GLU C 426 11.89 40.09 18.34
C GLU C 426 11.57 40.76 19.69
N MET C 427 12.49 40.69 20.67
CA MET C 427 12.41 41.51 21.86
C MET C 427 12.59 43.00 21.57
N THR C 428 13.43 43.35 20.56
CA THR C 428 13.61 44.73 20.12
C THR C 428 12.35 45.26 19.46
N GLU C 429 11.70 44.43 18.64
CA GLU C 429 10.43 44.78 18.03
C GLU C 429 9.34 44.92 19.10
N ALA C 430 9.34 44.01 20.07
CA ALA C 430 8.39 44.04 21.19
C ALA C 430 8.48 45.35 21.96
N LEU C 431 9.70 45.88 22.13
CA LEU C 431 9.93 47.16 22.80
C LEU C 431 9.38 48.33 21.98
N ALA C 432 9.56 48.30 20.66
CA ALA C 432 8.95 49.28 19.80
C ALA C 432 7.44 49.28 19.97
N GLU C 433 6.84 48.08 20.12
CA GLU C 433 5.41 47.87 20.25
C GLU C 433 4.92 48.31 21.62
N TYR C 434 5.56 47.82 22.68
CA TYR C 434 5.27 48.23 24.04
C TYR C 434 5.33 49.75 24.15
N TRP C 435 6.42 50.36 23.67
CA TRP C 435 6.59 51.79 23.78
C TRP C 435 5.59 52.56 22.92
N HIS C 436 5.14 52.00 21.78
CA HIS C 436 4.06 52.62 21.02
C HIS C 436 2.80 52.75 21.87
N LYS C 437 2.43 51.67 22.59
CA LYS C 437 1.29 51.68 23.51
C LYS C 437 1.43 52.83 24.48
N ARG C 438 2.64 52.92 25.04
CA ARG C 438 2.99 53.92 26.03
C ARG C 438 3.00 55.32 25.42
N MET C 439 3.34 55.44 24.13
CA MET C 439 3.31 56.70 23.38
C MET C 439 1.88 57.11 23.12
N ARG C 440 0.95 56.15 22.95
CA ARG C 440 -0.47 56.47 22.81
C ARG C 440 -1.03 56.98 24.15
N GLN C 441 -0.71 56.30 25.26
CA GLN C 441 -1.26 56.60 26.58
C GLN C 441 -0.95 58.04 26.91
N MET C 442 0.33 58.39 26.91
CA MET C 442 0.87 59.73 27.11
C MET C 442 0.14 60.80 26.33
N TRP C 443 -0.08 60.46 25.07
CA TRP C 443 -0.70 61.36 24.12
C TRP C 443 -2.21 61.49 24.38
N GLY C 444 -2.77 60.43 24.98
CA GLY C 444 -4.15 60.34 25.44
C GLY C 444 -5.03 59.70 24.38
N ILE C 445 -4.46 58.80 23.55
CA ILE C 445 -5.14 58.16 22.43
C ILE C 445 -5.17 56.62 22.63
N ALA C 446 -5.15 56.17 23.90
CA ALA C 446 -5.19 54.76 24.28
C ALA C 446 -6.57 54.34 24.83
N HIS C 447 -7.63 55.15 24.62
CA HIS C 447 -9.02 54.78 24.82
C HIS C 447 -9.40 53.53 24.00
N GLN C 448 -8.88 53.44 22.75
CA GLN C 448 -9.32 52.48 21.73
C GLN C 448 -8.27 51.38 21.48
N ASP C 449 -7.49 50.97 22.51
CA ASP C 449 -6.47 49.94 22.37
C ASP C 449 -7.12 48.56 22.42
N ALA C 450 -6.35 47.53 21.99
CA ALA C 450 -6.81 46.15 21.91
C ALA C 450 -6.97 45.52 23.30
N THR C 451 -7.95 44.61 23.48
CA THR C 451 -8.14 43.84 24.71
C THR C 451 -7.11 42.71 24.85
N GLU C 452 -6.74 42.05 23.72
CA GLU C 452 -5.65 41.08 23.64
C GLU C 452 -4.36 41.75 23.17
N ILE C 453 -3.20 41.13 23.49
CA ILE C 453 -1.89 41.44 22.90
C ILE C 453 -1.86 41.10 21.39
N GLN C 454 -2.57 40.03 20.98
CA GLN C 454 -2.57 39.54 19.61
C GLN C 454 -3.13 40.53 18.60
N LYS C 455 -4.08 41.38 19.02
CA LYS C 455 -4.74 42.33 18.13
C LYS C 455 -4.00 43.67 18.01
N LEU C 456 -2.96 43.91 18.84
CA LEU C 456 -2.04 45.04 18.64
C LEU C 456 -1.16 44.85 17.40
N PHE C 457 -0.84 43.60 17.01
CA PHE C 457 -0.06 43.30 15.82
C PHE C 457 -0.85 43.57 14.52
N GLN C 458 -2.21 43.59 14.56
CA GLN C 458 -3.02 43.99 13.41
C GLN C 458 -3.41 45.46 13.45
N GLN C 459 -2.67 46.32 14.19
CA GLN C 459 -2.85 47.77 14.33
C GLN C 459 -4.19 48.09 15.00
N GLY C 460 -4.46 47.47 16.16
CA GLY C 460 -5.68 47.65 16.95
C GLY C 460 -5.58 48.80 17.96
N TYR C 461 -5.47 50.04 17.41
CA TYR C 461 -5.16 51.26 18.14
C TYR C 461 -5.32 52.47 17.22
N GLN C 462 -5.26 53.69 17.76
CA GLN C 462 -5.42 54.93 17.00
C GLN C 462 -4.09 55.36 16.42
N GLY C 463 -4.10 55.73 15.14
CA GLY C 463 -2.86 56.05 14.43
C GLY C 463 -1.98 54.84 14.13
N ALA C 464 -0.75 55.13 13.70
CA ALA C 464 0.22 54.10 13.37
C ALA C 464 1.66 54.63 13.39
N ARG C 465 2.63 53.69 13.45
CA ARG C 465 4.04 54.02 13.40
C ARG C 465 4.68 53.63 12.06
N TYR C 466 5.39 54.58 11.46
CA TYR C 466 6.03 54.45 10.16
C TYR C 466 7.55 54.52 10.39
N SER C 467 8.27 53.40 10.32
CA SER C 467 9.74 53.38 10.36
C SER C 467 10.34 53.80 9.00
N PHE C 468 11.42 54.60 8.99
CA PHE C 468 12.05 55.03 7.74
C PHE C 468 12.74 53.86 7.05
N GLY C 469 12.63 53.75 5.73
CA GLY C 469 13.08 52.56 4.98
C GLY C 469 11.93 51.73 4.41
N TYR C 470 10.81 51.64 5.15
CA TYR C 470 9.55 51.05 4.70
C TYR C 470 8.88 51.91 3.62
N PRO C 471 7.97 51.31 2.78
CA PRO C 471 7.56 51.92 1.51
C PRO C 471 6.99 53.35 1.59
N ALA C 472 6.23 53.60 2.68
CA ALA C 472 5.59 54.88 2.96
C ALA C 472 6.54 56.07 3.01
N CYS C 473 7.78 55.82 3.51
CA CYS C 473 8.77 56.81 3.85
C CYS C 473 10.16 56.18 3.71
N PRO C 474 10.55 55.72 2.51
CA PRO C 474 11.64 54.72 2.34
C PRO C 474 13.11 55.19 2.29
N ASP C 475 13.29 56.52 2.21
CA ASP C 475 14.58 57.17 2.21
C ASP C 475 15.17 56.97 3.61
N LEU C 476 16.23 56.16 3.72
CA LEU C 476 16.91 55.91 4.98
C LEU C 476 17.76 57.11 5.43
N ALA C 477 18.10 58.04 4.52
CA ALA C 477 18.86 59.23 4.86
C ALA C 477 18.01 60.24 5.60
N ASP C 478 16.67 60.06 5.70
CA ASP C 478 15.85 60.82 6.65
C ASP C 478 16.13 60.42 8.10
N GLN C 479 16.74 59.27 8.40
CA GLN C 479 17.19 58.91 9.76
C GLN C 479 18.24 59.86 10.33
N ALA C 480 19.02 60.55 9.48
CA ALA C 480 19.91 61.63 9.90
C ALA C 480 19.13 62.85 10.36
N LYS C 481 18.02 63.17 9.69
CA LYS C 481 17.14 64.25 10.09
C LYS C 481 16.49 63.92 11.44
N LEU C 482 16.19 62.63 11.69
CA LEU C 482 15.58 62.17 12.93
C LEU C 482 16.57 62.22 14.08
N ASP C 483 17.84 61.91 13.83
CA ASP C 483 18.91 62.05 14.83
C ASP C 483 19.19 63.51 15.19
N ARG C 484 19.15 64.45 14.21
CA ARG C 484 19.26 65.89 14.45
C ARG C 484 18.17 66.38 15.36
N LEU C 485 16.98 65.78 15.32
CA LEU C 485 15.86 66.15 16.21
C LEU C 485 16.06 65.53 17.59
N MET C 486 16.37 64.21 17.63
CA MET C 486 16.27 63.41 18.86
C MET C 486 17.59 63.27 19.62
N GLY C 487 18.67 62.99 18.91
CA GLY C 487 20.01 62.86 19.48
C GLY C 487 20.28 61.41 19.87
N PHE C 488 20.60 60.55 18.92
CA PHE C 488 20.60 59.11 19.11
C PHE C 488 21.68 58.65 20.08
N HIS C 489 22.81 59.41 20.16
CA HIS C 489 23.85 59.22 21.16
C HIS C 489 23.36 59.09 22.59
N ARG C 490 22.22 59.71 22.91
CA ARG C 490 21.67 59.78 24.24
C ARG C 490 21.19 58.41 24.75
N VAL C 491 21.04 57.41 23.87
CA VAL C 491 20.82 56.00 24.21
C VAL C 491 21.86 55.12 23.49
N GLY C 492 23.06 55.67 23.24
CA GLY C 492 24.21 54.98 22.68
C GLY C 492 24.04 54.47 21.25
N VAL C 493 23.24 55.18 20.46
CA VAL C 493 22.97 54.78 19.09
C VAL C 493 23.68 55.76 18.16
N ARG C 494 24.22 55.17 17.07
CA ARG C 494 25.04 55.85 16.08
C ARG C 494 24.51 55.51 14.69
N LEU C 495 24.63 56.48 13.76
CA LEU C 495 24.43 56.21 12.34
C LEU C 495 25.76 55.91 11.64
N THR C 496 25.78 54.86 10.78
CA THR C 496 26.89 54.57 9.87
C THR C 496 26.73 55.34 8.56
N GLU C 497 27.65 55.19 7.60
CA GLU C 497 27.61 55.93 6.33
C GLU C 497 26.46 55.41 5.44
N ASN C 498 26.00 54.14 5.61
CA ASN C 498 24.81 53.64 4.93
C ASN C 498 23.54 53.83 5.76
N PHE C 499 23.59 54.66 6.81
CA PHE C 499 22.49 55.11 7.64
C PHE C 499 21.83 53.97 8.41
N GLN C 500 22.61 52.95 8.76
CA GLN C 500 22.18 51.89 9.66
C GLN C 500 22.40 52.35 11.12
N LEU C 501 21.54 51.84 12.01
CA LEU C 501 21.64 52.09 13.43
C LEU C 501 22.62 51.10 14.01
N GLU C 502 23.53 51.62 14.83
CA GLU C 502 24.55 50.90 15.54
C GLU C 502 24.35 51.18 17.02
N PRO C 503 24.02 50.19 17.89
CA PRO C 503 23.92 48.75 17.56
C PRO C 503 22.77 48.31 16.64
N GLU C 504 22.94 47.11 16.04
CA GLU C 504 22.02 46.58 15.03
C GLU C 504 20.62 46.36 15.61
N HIS C 505 20.50 46.01 16.91
CA HIS C 505 19.20 45.77 17.52
C HIS C 505 18.57 47.08 18.01
N ALA C 506 18.16 47.92 17.05
CA ALA C 506 17.54 49.23 17.34
C ALA C 506 16.63 49.63 16.18
N THR C 507 15.53 50.30 16.49
CA THR C 507 14.52 50.63 15.48
C THR C 507 13.87 51.97 15.80
N SER C 508 14.02 52.97 14.92
CA SER C 508 13.30 54.23 14.93
C SER C 508 11.94 54.12 14.26
N ALA C 509 10.98 54.99 14.69
CA ALA C 509 9.61 55.03 14.16
C ALA C 509 9.02 56.43 14.32
N LEU C 510 8.22 56.89 13.33
CA LEU C 510 7.37 58.09 13.42
C LEU C 510 5.99 57.68 13.92
N VAL C 511 5.51 58.30 15.04
CA VAL C 511 4.28 57.88 15.73
C VAL C 511 3.20 58.89 15.37
N VAL C 512 2.19 58.49 14.57
CA VAL C 512 1.12 59.34 14.03
C VAL C 512 -0.15 59.12 14.86
N HIS C 513 -0.86 60.19 15.22
CA HIS C 513 -2.09 60.12 16.03
C HIS C 513 -3.37 59.91 15.20
N HIS C 514 -3.37 60.36 13.93
CA HIS C 514 -4.55 60.48 13.08
C HIS C 514 -5.24 59.12 13.02
N PRO C 515 -6.56 58.96 13.29
CA PRO C 515 -7.14 57.61 13.41
C PRO C 515 -7.22 56.83 12.11
N GLU C 516 -7.28 57.57 10.97
CA GLU C 516 -7.38 56.96 9.64
C GLU C 516 -6.02 56.47 9.13
N ALA C 517 -4.92 56.66 9.86
CA ALA C 517 -3.59 56.30 9.39
C ALA C 517 -3.40 54.80 9.54
N ARG C 518 -3.29 54.10 8.40
CA ARG C 518 -2.84 52.71 8.35
C ARG C 518 -1.84 52.58 7.21
N TYR C 519 -1.22 51.38 7.10
CA TYR C 519 -0.07 51.12 6.25
C TYR C 519 -0.45 50.93 4.79
N PHE C 520 0.43 51.38 3.90
CA PHE C 520 0.23 51.36 2.47
C PHE C 520 1.59 51.25 1.78
N SER C 521 1.56 50.86 0.50
CA SER C 521 2.75 50.70 -0.32
C SER C 521 2.69 51.68 -1.48
N VAL C 522 3.77 52.47 -1.68
CA VAL C 522 3.96 53.24 -2.91
C VAL C 522 4.49 52.37 -4.05
N ASP C 523 5.22 51.28 -3.74
CA ASP C 523 5.77 50.30 -4.68
C ASP C 523 5.13 48.91 -4.45
N PRO D 1 19.22 -1.46 -14.93
CA PRO D 1 20.50 -1.86 -15.53
C PRO D 1 20.39 -3.21 -16.25
N LEU D 2 21.52 -3.71 -16.75
CA LEU D 2 21.62 -5.04 -17.33
C LEU D 2 21.68 -6.17 -16.28
N LEU D 3 22.10 -5.87 -15.03
CA LEU D 3 22.03 -6.80 -13.90
C LEU D 3 20.61 -7.24 -13.57
N GLU D 4 19.68 -6.27 -13.53
CA GLU D 4 18.26 -6.53 -13.28
C GLU D 4 17.61 -7.23 -14.48
N ARG D 5 18.12 -6.99 -15.70
CA ARG D 5 17.65 -7.63 -16.93
C ARG D 5 18.02 -9.12 -17.01
N LEU D 6 19.22 -9.51 -16.53
CA LEU D 6 19.64 -10.91 -16.44
C LEU D 6 18.86 -11.67 -15.36
N LYS D 7 18.51 -11.01 -14.23
CA LYS D 7 17.59 -11.58 -13.23
C LYS D 7 16.19 -11.80 -13.83
N ARG D 8 15.71 -10.83 -14.63
CA ARG D 8 14.39 -10.85 -15.24
C ARG D 8 14.28 -12.04 -16.20
N ARG D 9 15.34 -12.30 -17.01
CA ARG D 9 15.37 -13.37 -18.01
C ARG D 9 15.21 -14.76 -17.39
N VAL D 10 15.71 -14.98 -16.18
CA VAL D 10 15.53 -16.20 -15.42
C VAL D 10 14.06 -16.32 -14.98
N VAL D 11 13.51 -15.29 -14.30
CA VAL D 11 12.19 -15.37 -13.65
C VAL D 11 11.06 -15.49 -14.69
N GLU D 12 11.19 -14.80 -15.84
CA GLU D 12 10.24 -14.91 -16.95
C GLU D 12 10.53 -16.15 -17.80
N GLY D 13 11.79 -16.59 -17.88
CA GLY D 13 12.19 -17.76 -18.61
C GLY D 13 12.41 -17.49 -20.10
N ARG D 14 13.06 -16.35 -20.42
CA ARG D 14 13.25 -15.84 -21.76
C ARG D 14 14.66 -16.17 -22.25
N LYS D 15 14.82 -17.23 -23.06
CA LYS D 15 16.16 -17.65 -23.51
C LYS D 15 16.55 -16.89 -24.78
N GLN D 16 15.58 -16.47 -25.61
CA GLN D 16 15.84 -15.81 -26.89
C GLN D 16 16.34 -14.38 -26.67
N GLY D 17 17.65 -14.16 -26.89
CA GLY D 17 18.36 -12.91 -26.61
C GLY D 17 19.21 -12.91 -25.33
N LEU D 18 19.41 -14.10 -24.74
CA LEU D 18 20.17 -14.27 -23.50
C LEU D 18 21.67 -14.12 -23.79
N GLU D 19 22.18 -14.84 -24.82
CA GLU D 19 23.60 -14.88 -25.12
C GLU D 19 24.14 -13.51 -25.57
N ALA D 20 23.28 -12.66 -26.15
CA ALA D 20 23.59 -11.25 -26.38
C ALA D 20 23.78 -10.47 -25.08
N ASP D 21 22.88 -10.65 -24.10
CA ASP D 21 22.88 -9.93 -22.82
C ASP D 21 24.03 -10.37 -21.90
N LEU D 22 24.43 -11.65 -21.97
CA LEU D 22 25.61 -12.16 -21.24
C LEU D 22 26.90 -11.57 -21.80
N GLU D 23 27.05 -11.57 -23.15
CA GLU D 23 28.21 -11.02 -23.85
C GLU D 23 28.37 -9.52 -23.57
N GLU D 24 27.24 -8.78 -23.48
CA GLU D 24 27.22 -7.36 -23.17
C GLU D 24 27.66 -7.09 -21.73
N ALA D 25 27.27 -7.94 -20.77
CA ALA D 25 27.56 -7.74 -19.36
C ALA D 25 29.04 -7.98 -19.01
N LEU D 26 29.66 -8.97 -19.67
CA LEU D 26 31.05 -9.34 -19.40
C LEU D 26 32.02 -8.38 -20.06
N LYS D 27 31.75 -7.99 -21.32
CA LYS D 27 32.54 -6.95 -21.99
C LYS D 27 32.33 -5.58 -21.35
N ALA D 28 31.18 -5.36 -20.71
CA ALA D 28 30.94 -4.21 -19.85
C ALA D 28 31.83 -4.23 -18.60
N GLY D 29 32.19 -5.42 -18.07
CA GLY D 29 33.03 -5.52 -16.88
C GLY D 29 32.74 -6.71 -15.98
N HIS D 30 31.47 -7.15 -15.83
CA HIS D 30 31.11 -8.19 -14.88
C HIS D 30 31.79 -9.52 -15.20
N LYS D 31 32.16 -10.28 -14.16
CA LYS D 31 32.83 -11.57 -14.35
C LYS D 31 31.77 -12.67 -14.41
N PRO D 32 32.05 -13.81 -15.12
CA PRO D 32 31.06 -14.89 -15.21
C PRO D 32 30.55 -15.44 -13.87
N LEU D 33 31.49 -15.78 -12.98
CA LEU D 33 31.14 -16.25 -11.63
C LEU D 33 30.36 -15.21 -10.81
N ASP D 34 30.72 -13.93 -10.99
CA ASP D 34 30.04 -12.80 -10.35
C ASP D 34 28.56 -12.75 -10.76
N LEU D 35 28.30 -12.92 -12.07
CA LEU D 35 26.95 -13.03 -12.61
C LEU D 35 26.24 -14.30 -12.13
N ILE D 36 26.98 -15.44 -12.10
CA ILE D 36 26.46 -16.72 -11.62
C ILE D 36 25.97 -16.60 -10.18
N ASN D 37 26.82 -16.12 -9.26
CA ASN D 37 26.46 -16.03 -7.84
C ASN D 37 25.56 -14.85 -7.51
N GLY D 38 25.11 -14.04 -8.50
CA GLY D 38 24.42 -12.79 -8.25
C GLY D 38 23.05 -12.73 -8.93
N PRO D 39 22.86 -11.88 -9.98
CA PRO D 39 21.53 -11.67 -10.59
C PRO D 39 20.81 -12.96 -11.03
N LEU D 40 21.58 -13.94 -11.51
CA LEU D 40 21.05 -15.19 -12.02
C LEU D 40 20.49 -16.05 -10.89
N LEU D 41 21.33 -16.33 -9.89
CA LEU D 41 20.96 -17.11 -8.71
C LEU D 41 19.90 -16.41 -7.87
N ALA D 42 19.91 -15.06 -7.84
CA ALA D 42 18.83 -14.27 -7.24
C ALA D 42 17.50 -14.52 -7.95
N GLY D 43 17.54 -14.62 -9.30
CA GLY D 43 16.41 -14.99 -10.12
C GLY D 43 15.84 -16.36 -9.81
N MET D 44 16.72 -17.37 -9.76
CA MET D 44 16.34 -18.75 -9.45
C MET D 44 15.82 -18.94 -8.01
N LYS D 45 16.32 -18.12 -7.05
CA LYS D 45 15.84 -18.14 -5.68
C LYS D 45 14.46 -17.50 -5.56
N GLU D 46 14.17 -16.47 -6.36
CA GLU D 46 12.85 -15.82 -6.38
C GLU D 46 11.79 -16.78 -6.92
N VAL D 47 12.14 -17.52 -7.97
CA VAL D 47 11.28 -18.57 -8.55
C VAL D 47 11.00 -19.69 -7.52
N GLY D 48 12.00 -20.03 -6.69
CA GLY D 48 11.81 -20.95 -5.57
C GLY D 48 10.86 -20.42 -4.49
N ASP D 49 10.91 -19.12 -4.20
CA ASP D 49 10.02 -18.44 -3.25
C ASP D 49 8.58 -18.44 -3.78
N LEU D 50 8.42 -18.10 -5.07
CA LEU D 50 7.14 -18.10 -5.76
C LEU D 50 6.48 -19.48 -5.75
N PHE D 51 7.24 -20.56 -6.08
CA PHE D 51 6.72 -21.93 -6.08
C PHE D 51 6.37 -22.37 -4.65
N GLY D 52 7.22 -22.00 -3.68
CA GLY D 52 6.94 -22.17 -2.25
C GLY D 52 5.62 -21.55 -1.76
N ALA D 53 5.24 -20.38 -2.30
CA ALA D 53 4.01 -19.67 -1.97
C ALA D 53 2.82 -20.02 -2.87
N GLY D 54 3.00 -20.76 -3.97
CA GLY D 54 1.92 -21.08 -4.89
C GLY D 54 1.51 -19.92 -5.81
N LYS D 55 2.48 -19.13 -6.30
CA LYS D 55 2.30 -18.09 -7.32
C LYS D 55 2.93 -18.42 -8.69
N MET D 56 3.86 -19.41 -8.78
CA MET D 56 4.46 -19.86 -10.05
C MET D 56 4.26 -21.38 -10.20
N GLN D 57 3.85 -21.82 -11.42
CA GLN D 57 3.56 -23.23 -11.70
C GLN D 57 4.82 -23.91 -12.24
N LEU D 58 4.88 -25.25 -12.09
CA LEU D 58 6.08 -26.06 -12.33
C LEU D 58 6.62 -26.01 -13.78
N PRO D 59 5.81 -25.89 -14.87
CA PRO D 59 6.37 -25.73 -16.22
C PRO D 59 7.21 -24.46 -16.48
N PHE D 60 6.95 -23.40 -15.69
CA PHE D 60 7.69 -22.15 -15.77
C PHE D 60 8.93 -22.16 -14.87
N VAL D 61 8.92 -22.98 -13.78
CA VAL D 61 10.08 -23.22 -12.94
C VAL D 61 11.18 -23.89 -13.78
N LEU D 62 10.80 -24.92 -14.53
CA LEU D 62 11.74 -25.60 -15.41
C LEU D 62 12.10 -24.75 -16.64
N GLN D 63 11.24 -23.78 -17.01
CA GLN D 63 11.58 -22.79 -18.03
C GLN D 63 12.62 -21.79 -17.52
N ALA D 64 12.56 -21.44 -16.22
CA ALA D 64 13.59 -20.65 -15.57
C ALA D 64 14.95 -21.37 -15.54
N ALA D 65 14.92 -22.68 -15.21
CA ALA D 65 16.12 -23.51 -15.13
C ALA D 65 16.80 -23.68 -16.49
N GLU D 66 16.02 -23.74 -17.59
CA GLU D 66 16.52 -23.74 -18.96
C GLU D 66 17.39 -22.51 -19.20
N VAL D 67 16.96 -21.32 -18.74
CA VAL D 67 17.69 -20.07 -18.93
C VAL D 67 19.00 -20.09 -18.13
N MET D 68 18.92 -20.52 -16.86
CA MET D 68 20.06 -20.58 -15.96
C MET D 68 21.10 -21.57 -16.48
N LYS D 69 20.66 -22.77 -16.90
CA LYS D 69 21.51 -23.79 -17.49
C LYS D 69 22.20 -23.30 -18.75
N ARG D 70 21.48 -22.54 -19.60
CA ARG D 70 22.01 -22.00 -20.84
C ARG D 70 23.00 -20.85 -20.57
N ALA D 71 22.77 -20.04 -19.50
CA ALA D 71 23.69 -18.99 -19.07
C ALA D 71 25.04 -19.56 -18.63
N VAL D 72 25.02 -20.57 -17.76
CA VAL D 72 26.22 -21.24 -17.23
C VAL D 72 27.00 -21.93 -18.35
N ALA D 73 26.31 -22.48 -19.36
CA ALA D 73 26.95 -23.10 -20.52
C ALA D 73 27.71 -22.09 -21.37
N TYR D 74 27.16 -20.88 -21.53
CA TYR D 74 27.81 -19.79 -22.26
C TYR D 74 29.02 -19.22 -21.52
N LEU D 75 28.95 -19.15 -20.18
CA LEU D 75 30.02 -18.62 -19.33
C LEU D 75 31.06 -19.67 -18.92
N GLU D 76 30.97 -20.96 -19.33
CA GLU D 76 31.91 -22.00 -18.94
C GLU D 76 33.25 -21.89 -19.66
N PRO D 77 33.34 -21.55 -20.98
CA PRO D 77 34.61 -21.21 -21.63
C PRO D 77 35.46 -20.08 -21.01
N HIS D 78 34.79 -19.03 -20.52
CA HIS D 78 35.42 -17.91 -19.87
C HIS D 78 35.98 -18.27 -18.49
N MET D 79 35.30 -19.16 -17.77
CA MET D 79 35.71 -19.61 -16.45
C MET D 79 36.72 -20.76 -16.57
N GLU D 80 37.64 -20.86 -15.58
CA GLU D 80 38.60 -21.94 -15.44
C GLU D 80 38.46 -22.52 -14.03
N LYS D 81 37.30 -23.13 -13.75
CA LYS D 81 36.91 -23.62 -12.43
C LYS D 81 36.60 -25.13 -12.49
N GLU D 84 33.20 -26.07 -8.27
CA GLU D 84 33.10 -25.61 -6.85
C GLU D 84 31.75 -24.88 -6.72
N GLY D 85 30.65 -25.68 -6.60
CA GLY D 85 29.33 -25.23 -6.19
C GLY D 85 29.27 -24.82 -4.70
N LYS D 86 28.05 -24.59 -4.18
CA LYS D 86 27.80 -24.36 -2.76
C LYS D 86 27.93 -25.65 -1.91
N GLY D 87 27.78 -26.80 -2.55
CA GLY D 87 28.08 -28.11 -2.00
C GLY D 87 27.65 -29.15 -3.04
N THR D 88 27.92 -30.43 -2.76
CA THR D 88 27.65 -31.49 -3.72
C THR D 88 26.62 -32.46 -3.15
N LEU D 89 25.66 -32.91 -3.98
CA LEU D 89 24.83 -34.09 -3.72
C LEU D 89 25.22 -35.18 -4.72
N VAL D 90 25.60 -36.36 -4.19
CA VAL D 90 25.67 -37.59 -4.97
C VAL D 90 24.27 -38.20 -4.97
N LEU D 91 23.66 -38.33 -6.15
CA LEU D 91 22.25 -38.63 -6.33
C LEU D 91 22.11 -39.86 -7.21
N ALA D 92 21.38 -40.90 -6.75
CA ALA D 92 21.15 -42.15 -7.50
C ALA D 92 19.72 -42.66 -7.33
N THR D 93 19.21 -43.42 -8.29
CA THR D 93 18.04 -44.28 -8.07
C THR D 93 18.57 -45.66 -7.65
N VAL D 94 17.84 -46.34 -6.75
CA VAL D 94 18.33 -47.52 -6.06
C VAL D 94 18.43 -48.73 -7.00
N LYS D 95 19.19 -49.73 -6.53
CA LYS D 95 19.35 -51.03 -7.17
C LYS D 95 18.00 -51.71 -7.34
N GLY D 96 17.77 -52.23 -8.56
CA GLY D 96 16.51 -52.82 -8.96
C GLY D 96 15.40 -51.79 -9.16
N ASP D 97 15.72 -50.60 -9.71
CA ASP D 97 14.73 -49.59 -10.05
C ASP D 97 15.22 -48.80 -11.26
N VAL D 98 14.28 -48.50 -12.18
CA VAL D 98 14.59 -47.88 -13.47
C VAL D 98 13.98 -46.49 -13.62
N HIS D 99 13.31 -46.01 -12.55
CA HIS D 99 12.41 -44.87 -12.61
C HIS D 99 13.24 -43.62 -12.26
N ASP D 100 13.26 -42.61 -13.16
CA ASP D 100 14.26 -41.55 -13.07
C ASP D 100 13.69 -40.14 -13.26
N ILE D 101 12.37 -39.93 -13.15
CA ILE D 101 11.83 -38.58 -13.34
C ILE D 101 12.01 -37.76 -12.06
N GLY D 102 11.78 -38.35 -10.88
CA GLY D 102 11.91 -37.61 -9.63
C GLY D 102 13.36 -37.21 -9.33
N LYS D 103 14.27 -38.19 -9.38
CA LYS D 103 15.71 -37.97 -9.25
C LYS D 103 16.22 -36.90 -10.23
N ASN D 104 15.87 -36.97 -11.51
CA ASN D 104 16.28 -35.97 -12.49
C ASN D 104 15.63 -34.60 -12.22
N LEU D 105 14.43 -34.54 -11.62
CA LEU D 105 13.80 -33.26 -11.21
C LEU D 105 14.58 -32.60 -10.07
N VAL D 106 15.07 -33.41 -9.13
CA VAL D 106 15.95 -32.92 -8.08
C VAL D 106 17.21 -32.32 -8.72
N ASP D 107 17.87 -33.09 -9.63
CA ASP D 107 19.07 -32.69 -10.36
C ASP D 107 18.90 -31.30 -10.99
N ILE D 108 17.75 -31.04 -11.63
CA ILE D 108 17.52 -29.78 -12.35
C ILE D 108 17.43 -28.61 -11.35
N ILE D 109 16.65 -28.78 -10.27
CA ILE D 109 16.41 -27.71 -9.29
C ILE D 109 17.71 -27.40 -8.53
N LEU D 110 18.40 -28.42 -8.03
CA LEU D 110 19.62 -28.23 -7.26
C LEU D 110 20.73 -27.62 -8.13
N SER D 111 20.96 -28.15 -9.34
CA SER D 111 22.00 -27.66 -10.25
C SER D 111 21.82 -26.18 -10.60
N ASN D 112 20.59 -25.79 -10.92
CA ASN D 112 20.29 -24.42 -11.29
C ASN D 112 20.08 -23.53 -10.05
N ASN D 113 20.23 -24.05 -8.82
CA ASN D 113 20.35 -23.23 -7.61
C ASN D 113 21.80 -23.23 -7.07
N GLY D 114 22.80 -23.58 -7.90
CA GLY D 114 24.20 -23.44 -7.58
C GLY D 114 24.79 -24.54 -6.69
N TYR D 115 24.13 -25.70 -6.56
CA TYR D 115 24.72 -26.89 -5.97
C TYR D 115 25.17 -27.83 -7.09
N ARG D 116 26.11 -28.72 -6.77
CA ARG D 116 26.65 -29.68 -7.72
C ARG D 116 25.89 -30.99 -7.54
N VAL D 117 25.44 -31.61 -8.64
CA VAL D 117 24.69 -32.87 -8.61
C VAL D 117 25.45 -33.87 -9.47
N VAL D 118 25.82 -35.00 -8.84
CA VAL D 118 26.50 -36.09 -9.52
C VAL D 118 25.45 -37.19 -9.69
N ASN D 119 24.73 -37.14 -10.84
CA ASN D 119 23.63 -38.05 -11.13
C ASN D 119 24.22 -39.40 -11.57
N LEU D 120 24.07 -40.47 -10.76
CA LEU D 120 24.62 -41.79 -11.05
C LEU D 120 23.69 -42.71 -11.85
N GLY D 121 22.48 -42.24 -12.26
CA GLY D 121 21.61 -43.00 -13.14
C GLY D 121 20.69 -43.93 -12.35
N ILE D 122 20.38 -45.09 -12.92
CA ILE D 122 19.36 -46.01 -12.43
C ILE D 122 20.02 -47.34 -12.13
N LYS D 123 19.37 -48.16 -11.29
CA LYS D 123 19.85 -49.47 -10.84
C LYS D 123 21.24 -49.40 -10.19
N VAL D 124 21.48 -48.35 -9.40
CA VAL D 124 22.80 -48.04 -8.85
C VAL D 124 22.93 -48.77 -7.51
N PRO D 125 23.85 -49.74 -7.32
CA PRO D 125 24.08 -50.33 -5.99
C PRO D 125 24.88 -49.41 -5.07
N ILE D 126 24.83 -49.68 -3.75
CA ILE D 126 25.45 -48.85 -2.71
C ILE D 126 26.98 -48.83 -2.80
N GLU D 127 27.59 -49.90 -3.28
CA GLU D 127 29.00 -50.01 -3.59
C GLU D 127 29.40 -48.87 -4.54
N GLU D 128 28.64 -48.68 -5.64
CA GLU D 128 28.87 -47.63 -6.65
C GLU D 128 28.63 -46.24 -6.10
N ILE D 129 27.61 -46.09 -5.23
CA ILE D 129 27.22 -44.80 -4.67
C ILE D 129 28.33 -44.34 -3.73
N LEU D 130 28.84 -45.23 -2.87
CA LEU D 130 29.89 -44.88 -1.92
C LEU D 130 31.28 -44.70 -2.57
N LYS D 131 31.56 -45.33 -3.72
CA LYS D 131 32.72 -45.02 -4.53
C LYS D 131 32.67 -43.56 -4.99
N ALA D 132 31.49 -43.09 -5.44
CA ALA D 132 31.27 -41.69 -5.77
C ALA D 132 31.44 -40.75 -4.56
N VAL D 133 31.02 -41.16 -3.36
CA VAL D 133 31.13 -40.33 -2.16
C VAL D 133 32.61 -40.15 -1.81
N GLU D 134 33.44 -41.19 -1.99
CA GLU D 134 34.88 -41.13 -1.75
C GLU D 134 35.56 -40.15 -2.72
N ALA D 135 35.20 -40.21 -4.01
CA ALA D 135 35.79 -39.37 -5.07
C ALA D 135 35.47 -37.88 -4.86
N HIS D 136 34.19 -37.56 -4.65
CA HIS D 136 33.69 -36.19 -4.66
C HIS D 136 33.64 -35.57 -3.27
N LYS D 137 33.44 -36.38 -2.20
CA LYS D 137 33.32 -35.94 -0.80
C LYS D 137 32.17 -34.94 -0.67
N PRO D 138 30.92 -35.37 -0.97
CA PRO D 138 29.76 -34.47 -0.99
C PRO D 138 29.27 -34.11 0.41
N HIS D 139 28.40 -33.09 0.48
CA HIS D 139 27.68 -32.76 1.71
C HIS D 139 26.57 -33.76 2.02
N ALA D 140 25.87 -34.35 1.01
CA ALA D 140 24.82 -35.36 1.24
C ALA D 140 24.78 -36.43 0.15
N VAL D 141 24.14 -37.57 0.46
CA VAL D 141 23.77 -38.62 -0.50
C VAL D 141 22.26 -38.60 -0.67
N GLY D 142 21.79 -38.71 -1.94
CA GLY D 142 20.39 -38.80 -2.30
C GLY D 142 20.06 -40.20 -2.81
N MET D 143 18.85 -40.72 -2.52
CA MET D 143 18.39 -41.97 -3.09
C MET D 143 16.92 -41.87 -3.49
N SER D 144 16.59 -42.14 -4.78
CA SER D 144 15.23 -42.18 -5.33
C SER D 144 14.78 -43.62 -5.51
N GLY D 145 13.52 -43.89 -5.11
CA GLY D 145 12.80 -45.11 -5.46
C GLY D 145 11.54 -44.83 -6.25
N LEU D 146 10.77 -45.90 -6.45
CA LEU D 146 9.41 -45.82 -6.96
C LEU D 146 8.52 -46.59 -6.00
N LEU D 147 8.71 -47.92 -5.96
CA LEU D 147 7.81 -48.83 -5.28
C LEU D 147 8.34 -49.12 -3.89
N VAL D 148 7.58 -49.89 -3.09
CA VAL D 148 7.86 -50.08 -1.67
C VAL D 148 9.05 -51.03 -1.52
N LYS D 149 9.23 -51.94 -2.49
CA LYS D 149 10.42 -52.79 -2.55
C LYS D 149 11.67 -51.96 -2.78
N SER D 150 11.58 -50.79 -3.43
CA SER D 150 12.71 -49.85 -3.56
C SER D 150 13.06 -49.15 -2.24
N THR D 151 12.09 -48.97 -1.32
CA THR D 151 12.36 -48.47 0.03
C THR D 151 13.14 -49.50 0.85
N LEU D 152 12.81 -50.80 0.71
CA LEU D 152 13.50 -51.89 1.39
C LEU D 152 14.99 -51.98 1.00
N VAL D 153 15.32 -51.63 -0.25
CA VAL D 153 16.71 -51.51 -0.70
C VAL D 153 17.36 -50.30 -0.01
N MET D 154 16.68 -49.15 0.06
CA MET D 154 17.19 -47.97 0.73
C MET D 154 17.57 -48.27 2.19
N LYS D 155 16.81 -49.13 2.88
CA LYS D 155 17.07 -49.53 4.26
C LYS D 155 18.35 -50.35 4.33
N GLU D 156 18.45 -51.37 3.47
CA GLU D 156 19.65 -52.19 3.37
C GLU D 156 20.88 -51.34 3.04
N ASN D 157 20.70 -50.28 2.23
CA ASN D 157 21.76 -49.32 1.92
C ASN D 157 22.20 -48.50 3.14
N LEU D 158 21.26 -48.11 4.01
CA LEU D 158 21.57 -47.40 5.23
C LEU D 158 22.26 -48.34 6.20
N GLU D 159 21.82 -49.62 6.29
CA GLU D 159 22.51 -50.63 7.07
C GLU D 159 23.96 -50.83 6.59
N TYR D 160 24.16 -50.93 5.25
CA TYR D 160 25.48 -50.97 4.63
C TYR D 160 26.29 -49.73 5.03
N MET D 161 25.72 -48.51 4.91
CA MET D 161 26.45 -47.27 5.11
C MET D 161 26.90 -47.07 6.56
N ARG D 162 26.06 -47.42 7.55
CA ARG D 162 26.41 -47.37 8.96
C ARG D 162 27.48 -48.43 9.27
N ASP D 163 27.32 -49.66 8.74
CA ASP D 163 28.29 -50.75 8.90
C ASP D 163 29.70 -50.38 8.42
N ARG D 164 29.80 -49.67 7.29
CA ARG D 164 31.05 -49.04 6.82
C ARG D 164 31.52 -47.87 7.68
N GLY D 165 30.56 -47.14 8.28
CA GLY D 165 30.82 -46.04 9.19
C GLY D 165 30.71 -44.70 8.52
N TYR D 166 29.78 -44.57 7.56
CA TYR D 166 29.40 -43.28 7.03
C TYR D 166 28.36 -42.70 8.01
N THR D 167 28.51 -41.38 8.28
CA THR D 167 27.59 -40.64 9.13
C THR D 167 26.94 -39.47 8.36
N LEU D 168 27.27 -39.30 7.05
CA LEU D 168 26.87 -38.08 6.37
C LEU D 168 25.39 -38.21 5.99
N PRO D 169 24.68 -37.07 5.85
CA PRO D 169 23.23 -37.10 5.67
C PRO D 169 22.78 -37.82 4.40
N VAL D 170 21.73 -38.63 4.56
CA VAL D 170 21.09 -39.37 3.48
C VAL D 170 19.69 -38.77 3.27
N ILE D 171 19.48 -38.00 2.19
CA ILE D 171 18.15 -37.53 1.78
C ILE D 171 17.45 -38.63 0.97
N LEU D 172 16.36 -39.21 1.48
CA LEU D 172 15.55 -40.19 0.75
C LEU D 172 14.28 -39.53 0.20
N GLY D 173 13.92 -39.87 -1.03
CA GLY D 173 12.61 -39.51 -1.58
C GLY D 173 12.08 -40.61 -2.48
N GLY D 174 10.77 -40.57 -2.72
CA GLY D 174 10.12 -41.55 -3.57
C GLY D 174 8.59 -41.49 -3.45
N ALA D 175 7.95 -42.02 -4.50
CA ALA D 175 6.50 -42.07 -4.59
C ALA D 175 5.95 -42.88 -3.41
N ALA D 176 6.36 -44.15 -3.29
CA ALA D 176 5.94 -45.07 -2.24
C ALA D 176 6.47 -44.69 -0.86
N LEU D 177 7.63 -44.00 -0.80
CA LEU D 177 8.24 -43.65 0.47
C LEU D 177 7.43 -42.56 1.17
N THR D 178 7.17 -42.79 2.46
CA THR D 178 6.36 -41.93 3.32
C THR D 178 7.28 -41.28 4.35
N ARG D 179 6.78 -40.22 4.99
CA ARG D 179 7.51 -39.53 6.04
C ARG D 179 7.66 -40.44 7.27
N SER D 180 6.57 -41.13 7.68
CA SER D 180 6.53 -42.02 8.85
C SER D 180 7.62 -43.10 8.81
N TYR D 181 7.90 -43.64 7.60
CA TYR D 181 8.87 -44.72 7.41
C TYR D 181 10.30 -44.21 7.62
N VAL D 182 10.63 -43.03 7.05
CA VAL D 182 11.95 -42.42 7.19
C VAL D 182 12.29 -42.07 8.65
N GLU D 183 11.28 -41.74 9.48
CA GLU D 183 11.49 -41.50 10.91
C GLU D 183 11.84 -42.79 11.65
N GLU D 184 11.22 -43.92 11.26
CA GLU D 184 11.55 -45.22 11.83
C GLU D 184 12.95 -45.68 11.37
N LEU D 185 13.40 -45.26 10.16
CA LEU D 185 14.76 -45.55 9.68
C LEU D 185 15.85 -44.78 10.41
N ARG D 186 15.51 -43.72 11.16
CA ARG D 186 16.49 -43.01 11.98
C ARG D 186 17.09 -43.89 13.08
N ALA D 187 16.38 -44.97 13.46
CA ALA D 187 16.93 -46.07 14.25
C ALA D 187 18.26 -46.59 13.68
N ILE D 188 18.23 -47.03 12.42
CA ILE D 188 19.35 -47.59 11.71
C ILE D 188 20.40 -46.50 11.46
N TYR D 189 19.99 -45.38 10.84
CA TYR D 189 20.88 -44.32 10.37
C TYR D 189 20.26 -42.98 10.78
N PRO D 190 20.62 -42.43 11.97
CA PRO D 190 20.03 -41.18 12.46
C PRO D 190 19.96 -39.95 11.55
N ASN D 191 20.96 -39.80 10.65
CA ASN D 191 21.06 -38.63 9.77
C ASN D 191 20.37 -38.94 8.43
N VAL D 192 19.07 -39.24 8.48
CA VAL D 192 18.24 -39.59 7.33
C VAL D 192 17.05 -38.63 7.33
N TYR D 193 16.74 -38.07 6.16
CA TYR D 193 15.73 -37.02 6.01
C TYR D 193 14.83 -37.43 4.83
N TYR D 194 13.50 -37.27 4.99
CA TYR D 194 12.53 -37.44 3.90
C TYR D 194 12.40 -36.13 3.11
N ALA D 195 12.12 -36.25 1.80
CA ALA D 195 11.86 -35.12 0.93
C ALA D 195 10.62 -35.42 0.10
N GLU D 196 9.52 -34.67 0.38
CA GLU D 196 8.25 -34.77 -0.31
C GLU D 196 8.38 -34.34 -1.78
N ASP D 197 9.10 -33.25 -2.03
CA ASP D 197 9.37 -32.79 -3.40
C ASP D 197 10.83 -32.38 -3.51
N ALA D 198 11.23 -31.95 -4.73
CA ALA D 198 12.56 -31.40 -5.00
C ALA D 198 12.86 -30.15 -4.16
N PHE D 199 11.85 -29.31 -3.88
CA PHE D 199 12.05 -28.08 -3.14
C PHE D 199 12.31 -28.33 -1.65
N GLU D 200 11.71 -29.41 -1.09
CA GLU D 200 12.12 -29.92 0.22
C GLU D 200 13.57 -30.41 0.20
N GLY D 201 13.96 -31.09 -0.88
CA GLY D 201 15.34 -31.48 -1.14
C GLY D 201 16.34 -30.32 -1.23
N LEU D 202 15.89 -29.18 -1.78
CA LEU D 202 16.69 -27.95 -1.84
C LEU D 202 16.90 -27.36 -0.44
N ARG D 203 15.82 -27.23 0.37
CA ARG D 203 15.88 -26.69 1.74
C ARG D 203 16.81 -27.52 2.65
N LEU D 204 16.72 -28.88 2.58
CA LEU D 204 17.64 -29.79 3.28
C LEU D 204 19.09 -29.50 2.89
N MET D 205 19.37 -29.39 1.58
CA MET D 205 20.70 -29.08 1.08
C MET D 205 21.15 -27.68 1.47
N GLU D 206 20.21 -26.72 1.66
CA GLU D 206 20.53 -25.39 2.20
C GLU D 206 21.01 -25.50 3.65
N GLU D 207 20.21 -26.18 4.51
CA GLU D 207 20.54 -26.40 5.92
C GLU D 207 21.85 -27.17 6.10
N LEU D 208 22.05 -28.23 5.30
CA LEU D 208 23.22 -29.10 5.39
C LEU D 208 24.51 -28.42 4.90
N THR D 209 24.43 -27.43 3.99
CA THR D 209 25.56 -26.59 3.62
C THR D 209 25.64 -25.27 4.40
N GLY D 210 24.78 -25.05 5.40
CA GLY D 210 24.88 -23.90 6.30
C GLY D 210 24.32 -22.59 5.74
N HIS D 211 23.63 -22.63 4.57
CA HIS D 211 22.99 -21.46 3.98
C HIS D 211 21.56 -21.26 4.52
N ALA D 212 21.19 -21.89 5.65
CA ALA D 212 19.86 -21.77 6.25
C ALA D 212 19.91 -22.10 7.75
N PRO D 213 18.89 -21.68 8.53
CA PRO D 213 18.78 -22.07 9.93
C PRO D 213 18.35 -23.53 10.06
N PRO D 214 18.99 -24.36 10.92
CA PRO D 214 18.50 -25.72 11.21
C PRO D 214 17.02 -25.78 11.58
N GLU D 215 16.21 -26.45 10.74
CA GLU D 215 14.76 -26.55 10.89
C GLU D 215 14.36 -28.01 10.75
N LEU D 216 14.39 -28.53 9.52
CA LEU D 216 14.10 -29.92 9.22
C LEU D 216 15.17 -30.80 9.86
N THR D 217 16.43 -30.32 9.80
CA THR D 217 17.55 -30.97 10.47
C THR D 217 17.47 -30.74 11.99
N ARG D 218 17.32 -31.85 12.74
CA ARG D 218 17.35 -31.88 14.20
C ARG D 218 18.23 -33.06 14.63
N ARG D 234 -16.53 -53.46 9.55
CA ARG D 234 -16.58 -52.75 8.24
C ARG D 234 -16.61 -53.79 7.10
N ALA D 235 -17.82 -54.35 6.84
CA ALA D 235 -18.05 -55.18 5.65
C ALA D 235 -19.52 -55.22 5.22
N ARG D 236 -19.72 -55.53 3.94
CA ARG D 236 -20.99 -55.93 3.31
C ARG D 236 -20.84 -57.35 2.74
N PRO D 237 -21.92 -58.15 2.53
CA PRO D 237 -21.83 -59.42 1.79
C PRO D 237 -21.71 -59.23 0.27
N VAL D 238 -20.79 -59.95 -0.40
CA VAL D 238 -20.80 -60.13 -1.85
C VAL D 238 -21.70 -61.33 -2.13
N GLY D 239 -22.66 -61.18 -3.06
CA GLY D 239 -23.56 -62.23 -3.51
C GLY D 239 -23.02 -62.94 -4.75
N GLU D 240 -23.74 -64.00 -5.19
CA GLU D 240 -23.44 -64.73 -6.41
C GLU D 240 -23.62 -63.82 -7.62
N ALA D 241 -22.89 -64.16 -8.68
CA ALA D 241 -22.91 -63.42 -9.92
C ALA D 241 -24.15 -63.77 -10.75
N PRO D 242 -24.56 -62.90 -11.73
CA PRO D 242 -25.62 -63.24 -12.69
C PRO D 242 -25.35 -64.51 -13.50
N ALA D 243 -24.18 -64.54 -14.15
CA ALA D 243 -23.65 -65.66 -14.89
C ALA D 243 -22.12 -65.52 -15.02
N VAL D 244 -21.48 -66.61 -15.46
CA VAL D 244 -20.06 -66.63 -15.80
C VAL D 244 -20.02 -66.18 -17.26
N PRO D 245 -19.48 -64.99 -17.60
CA PRO D 245 -19.36 -64.59 -19.01
C PRO D 245 -18.20 -65.33 -19.71
N ARG D 246 -18.39 -65.52 -21.02
CA ARG D 246 -17.48 -66.38 -21.77
C ARG D 246 -16.50 -65.48 -22.52
N PRO D 247 -15.18 -65.83 -22.46
CA PRO D 247 -14.13 -65.02 -23.09
C PRO D 247 -14.03 -65.29 -24.59
N PRO D 248 -13.43 -64.42 -25.42
CA PRO D 248 -13.22 -64.72 -26.84
C PRO D 248 -12.36 -65.96 -27.06
N PHE D 249 -11.37 -66.16 -26.17
CA PHE D 249 -10.55 -67.37 -26.13
C PHE D 249 -10.02 -67.58 -24.72
N PHE D 250 -9.30 -68.68 -24.52
CA PHE D 250 -8.54 -68.93 -23.31
C PHE D 250 -7.04 -68.94 -23.65
N GLY D 251 -6.20 -68.47 -22.71
CA GLY D 251 -4.80 -68.18 -22.98
C GLY D 251 -4.56 -66.72 -23.34
N VAL D 252 -3.35 -66.40 -23.82
CA VAL D 252 -2.84 -65.04 -23.88
C VAL D 252 -2.26 -64.74 -25.26
N ARG D 253 -2.67 -63.61 -25.86
CA ARG D 253 -2.24 -63.19 -27.19
C ARG D 253 -1.69 -61.76 -27.13
N VAL D 254 -0.91 -61.40 -28.17
CA VAL D 254 -0.30 -60.08 -28.34
C VAL D 254 -1.28 -59.24 -29.16
N GLU D 255 -1.23 -57.91 -29.06
CA GLU D 255 -1.88 -57.01 -30.00
C GLU D 255 -0.95 -55.80 -30.12
N GLU D 256 -0.51 -55.47 -31.33
CA GLU D 256 0.40 -54.35 -31.54
C GLU D 256 -0.21 -53.24 -32.41
N GLY D 257 -1.17 -53.57 -33.26
CA GLY D 257 -1.71 -52.63 -34.22
C GLY D 257 -2.68 -51.67 -33.55
N LEU D 258 -2.16 -50.70 -32.79
CA LEU D 258 -2.99 -49.80 -31.98
C LEU D 258 -2.80 -48.35 -32.43
N ASP D 259 -3.91 -47.64 -32.67
CA ASP D 259 -3.88 -46.25 -33.07
C ASP D 259 -3.66 -45.38 -31.83
N LEU D 260 -2.68 -44.45 -31.92
CA LEU D 260 -2.40 -43.52 -30.84
C LEU D 260 -3.53 -42.50 -30.65
N ALA D 261 -4.19 -42.12 -31.75
CA ALA D 261 -5.35 -41.24 -31.73
C ALA D 261 -6.54 -41.81 -30.96
N THR D 262 -6.80 -43.13 -31.09
CA THR D 262 -7.87 -43.80 -30.34
C THR D 262 -7.56 -43.84 -28.84
N ILE D 263 -6.29 -44.05 -28.48
CA ILE D 263 -5.85 -44.12 -27.09
C ILE D 263 -5.93 -42.74 -26.44
N ALA D 264 -5.55 -41.68 -27.18
CA ALA D 264 -5.58 -40.29 -26.71
C ALA D 264 -6.94 -39.80 -26.23
N HIS D 265 -8.04 -40.37 -26.77
CA HIS D 265 -9.38 -40.12 -26.28
C HIS D 265 -9.60 -40.63 -24.86
N TYR D 266 -8.77 -41.55 -24.31
CA TYR D 266 -8.88 -42.10 -22.96
C TYR D 266 -7.94 -41.43 -21.95
N VAL D 267 -7.28 -40.30 -22.32
CA VAL D 267 -6.31 -39.65 -21.44
C VAL D 267 -7.08 -38.86 -20.40
N ASN D 268 -6.64 -38.98 -19.14
CA ASN D 268 -7.25 -38.33 -18.00
C ASN D 268 -6.64 -36.93 -17.92
N LYS D 269 -7.26 -35.94 -18.60
CA LYS D 269 -6.63 -34.65 -18.85
C LYS D 269 -6.29 -33.89 -17.57
N LEU D 270 -7.03 -34.11 -16.48
CA LEU D 270 -6.74 -33.47 -15.19
C LEU D 270 -5.50 -34.08 -14.55
N ALA D 271 -5.43 -35.43 -14.51
CA ALA D 271 -4.27 -36.17 -14.04
C ALA D 271 -2.96 -35.79 -14.76
N LEU D 272 -3.07 -35.43 -16.05
CA LEU D 272 -1.97 -34.94 -16.86
C LEU D 272 -1.66 -33.47 -16.55
N TYR D 273 -2.65 -32.58 -16.58
CA TYR D 273 -2.41 -31.14 -16.47
C TYR D 273 -2.07 -30.73 -15.04
N ARG D 274 -2.91 -31.14 -14.07
CA ARG D 274 -2.67 -30.88 -12.66
C ARG D 274 -1.63 -31.86 -12.11
N GLY D 275 -1.92 -33.17 -12.19
CA GLY D 275 -1.15 -34.18 -11.48
C GLY D 275 0.32 -34.29 -11.90
N GLN D 276 0.57 -34.30 -13.24
CA GLN D 276 1.88 -34.53 -13.84
C GLN D 276 2.59 -33.23 -14.20
N TRP D 277 1.92 -32.35 -14.98
CA TRP D 277 2.54 -31.11 -15.44
C TRP D 277 2.51 -30.01 -14.39
N GLY D 278 1.66 -30.10 -13.36
CA GLY D 278 1.63 -29.15 -12.27
C GLY D 278 0.99 -27.80 -12.65
N TYR D 279 0.06 -27.79 -13.60
CA TYR D 279 -0.82 -26.66 -13.83
C TYR D 279 -1.89 -26.66 -12.73
N SER D 280 -1.82 -25.76 -11.74
CA SER D 280 -2.82 -25.69 -10.65
C SER D 280 -4.17 -25.12 -11.15
N ARG D 281 -5.28 -25.79 -10.80
CA ARG D 281 -6.65 -25.34 -11.06
C ARG D 281 -7.24 -24.54 -9.89
N LYS D 282 -7.04 -25.03 -8.65
CA LYS D 282 -7.81 -24.62 -7.50
C LYS D 282 -7.40 -23.20 -7.09
N GLY D 283 -8.38 -22.38 -6.68
CA GLY D 283 -8.22 -20.94 -6.42
C GLY D 283 -8.57 -20.02 -7.59
N LEU D 284 -8.96 -20.60 -8.75
CA LEU D 284 -9.52 -19.88 -9.87
C LEU D 284 -10.84 -20.50 -10.33
N SER D 285 -11.53 -19.72 -11.17
CA SER D 285 -12.82 -20.07 -11.72
C SER D 285 -12.71 -21.23 -12.70
N ARG D 286 -13.89 -21.76 -13.07
CA ARG D 286 -14.05 -22.85 -14.02
C ARG D 286 -13.83 -22.35 -15.46
N GLU D 287 -14.21 -21.08 -15.74
CA GLU D 287 -13.92 -20.43 -17.00
C GLU D 287 -12.45 -19.99 -17.07
N ALA D 288 -11.83 -19.65 -15.93
CA ALA D 288 -10.40 -19.35 -15.84
C ALA D 288 -9.50 -20.57 -16.04
N TRP D 289 -9.94 -21.75 -15.54
CA TRP D 289 -9.27 -23.01 -15.80
C TRP D 289 -9.43 -23.44 -17.26
N GLN D 290 -10.67 -23.32 -17.78
CA GLN D 290 -11.00 -23.67 -19.15
C GLN D 290 -10.17 -22.86 -20.15
N ALA D 291 -9.96 -21.56 -19.88
CA ALA D 291 -9.12 -20.69 -20.70
C ALA D 291 -7.65 -21.10 -20.64
N LEU D 292 -7.15 -21.51 -19.46
CA LEU D 292 -5.77 -21.97 -19.32
C LEU D 292 -5.55 -23.24 -20.13
N VAL D 293 -6.48 -24.20 -20.05
CA VAL D 293 -6.40 -25.43 -20.82
C VAL D 293 -6.31 -25.11 -22.32
N GLU D 294 -7.22 -24.28 -22.85
CA GLU D 294 -7.25 -23.87 -24.26
C GLU D 294 -5.94 -23.23 -24.71
N ARG D 295 -5.36 -22.34 -23.88
CA ARG D 295 -4.16 -21.60 -24.23
C ARG D 295 -2.90 -22.44 -23.99
N GLU D 296 -2.73 -23.04 -22.78
CA GLU D 296 -1.46 -23.62 -22.33
C GLU D 296 -1.46 -25.14 -22.47
N ALA D 297 -2.44 -25.83 -21.89
CA ALA D 297 -2.39 -27.27 -21.65
C ALA D 297 -2.70 -28.06 -22.93
N GLU D 298 -3.84 -27.75 -23.58
CA GLU D 298 -4.36 -28.47 -24.75
C GLU D 298 -3.37 -28.40 -25.93
N PRO D 299 -2.83 -27.23 -26.37
CA PRO D 299 -1.91 -27.20 -27.53
C PRO D 299 -0.58 -27.94 -27.36
N VAL D 300 -0.09 -28.07 -26.12
CA VAL D 300 1.04 -28.92 -25.78
C VAL D 300 0.65 -30.39 -25.96
N PHE D 301 -0.52 -30.80 -25.45
CA PHE D 301 -1.06 -32.15 -25.64
C PHE D 301 -1.23 -32.49 -27.12
N GLN D 302 -1.73 -31.51 -27.91
CA GLN D 302 -1.89 -31.65 -29.36
C GLN D 302 -0.57 -31.76 -30.10
N ARG D 303 0.46 -31.02 -29.64
CA ARG D 303 1.79 -31.04 -30.25
C ARG D 303 2.47 -32.39 -30.01
N LEU D 304 2.46 -32.88 -28.78
CA LEU D 304 3.14 -34.13 -28.41
C LEU D 304 2.45 -35.36 -29.02
N LEU D 305 1.15 -35.29 -29.37
CA LEU D 305 0.52 -36.38 -30.10
C LEU D 305 1.03 -36.42 -31.55
N LYS D 306 0.99 -35.27 -32.26
CA LYS D 306 1.53 -35.14 -33.61
C LYS D 306 2.97 -35.67 -33.68
N GLU D 307 3.81 -35.23 -32.72
CA GLU D 307 5.19 -35.69 -32.58
C GLU D 307 5.25 -37.21 -32.39
N ALA D 308 4.53 -37.74 -31.38
CA ALA D 308 4.67 -39.15 -30.99
C ALA D 308 4.20 -40.09 -32.09
N MET D 309 3.26 -39.61 -32.92
CA MET D 309 2.79 -40.35 -34.08
C MET D 309 3.82 -40.32 -35.21
N ALA D 310 4.31 -39.12 -35.57
CA ALA D 310 5.25 -38.93 -36.67
C ALA D 310 6.66 -39.46 -36.34
N GLU D 311 7.23 -39.05 -35.20
CA GLU D 311 8.54 -39.49 -34.70
C GLU D 311 8.55 -40.93 -34.14
N GLY D 312 7.40 -41.52 -33.82
CA GLY D 312 7.29 -42.93 -33.44
C GLY D 312 7.84 -43.27 -32.04
N TRP D 313 7.84 -42.31 -31.09
CA TRP D 313 8.41 -42.51 -29.77
C TRP D 313 7.39 -42.99 -28.74
N LEU D 314 6.16 -43.32 -29.16
CA LEU D 314 5.32 -44.25 -28.42
C LEU D 314 5.05 -45.46 -29.32
N GLU D 315 5.31 -46.67 -28.78
CA GLU D 315 5.11 -47.94 -29.47
C GLU D 315 4.13 -48.76 -28.64
N PRO D 316 2.79 -48.50 -28.73
CA PRO D 316 1.81 -49.23 -27.93
C PRO D 316 1.76 -50.71 -28.30
N LYS D 317 1.95 -51.56 -27.29
CA LYS D 317 1.77 -53.01 -27.37
C LYS D 317 0.82 -53.41 -26.26
N VAL D 318 0.18 -54.59 -26.40
CA VAL D 318 -0.67 -55.16 -25.36
C VAL D 318 -0.47 -56.65 -25.34
N LEU D 319 -0.28 -57.19 -24.15
CA LEU D 319 -0.36 -58.61 -23.90
C LEU D 319 -1.64 -58.84 -23.10
N TYR D 320 -2.54 -59.73 -23.56
CA TYR D 320 -3.86 -59.90 -22.96
C TYR D 320 -4.43 -61.32 -23.17
N GLY D 321 -5.40 -61.69 -22.32
CA GLY D 321 -5.93 -63.03 -22.28
C GLY D 321 -6.96 -63.30 -21.19
N PHE D 322 -7.33 -64.58 -21.05
CA PHE D 322 -8.36 -65.06 -20.13
C PHE D 322 -7.99 -66.45 -19.62
N PHE D 323 -8.44 -66.81 -18.40
CA PHE D 323 -8.08 -68.08 -17.77
C PHE D 323 -9.25 -68.72 -17.03
N PRO D 324 -9.38 -70.08 -17.03
CA PRO D 324 -10.27 -70.80 -16.12
C PRO D 324 -9.68 -70.69 -14.70
N VAL D 325 -10.52 -70.23 -13.76
CA VAL D 325 -10.15 -70.00 -12.37
C VAL D 325 -11.24 -70.57 -11.48
N ALA D 326 -10.91 -70.58 -10.18
CA ALA D 326 -11.82 -70.91 -9.11
C ALA D 326 -11.28 -70.30 -7.81
N ARG D 327 -12.16 -70.14 -6.82
CA ARG D 327 -11.76 -69.96 -5.44
C ARG D 327 -11.65 -71.33 -4.75
N GLU D 328 -10.56 -71.55 -4.02
CA GLU D 328 -10.38 -72.62 -3.06
C GLU D 328 -10.05 -71.96 -1.70
N GLY D 329 -11.07 -71.70 -0.88
CA GLY D 329 -10.90 -70.95 0.35
C GLY D 329 -10.48 -69.51 0.14
N GLU D 330 -9.28 -69.14 0.61
CA GLU D 330 -8.75 -67.79 0.47
C GLU D 330 -7.83 -67.65 -0.76
N GLU D 331 -7.62 -68.74 -1.53
CA GLU D 331 -6.76 -68.78 -2.71
C GLU D 331 -7.62 -68.69 -3.97
N LEU D 332 -7.15 -67.94 -4.97
CA LEU D 332 -7.68 -67.91 -6.33
C LEU D 332 -6.78 -68.79 -7.19
N LEU D 333 -7.25 -70.00 -7.57
CA LEU D 333 -6.49 -70.91 -8.41
C LEU D 333 -6.61 -70.44 -9.86
N VAL D 334 -5.55 -70.66 -10.65
CA VAL D 334 -5.58 -70.45 -12.09
C VAL D 334 -5.21 -71.77 -12.76
N PHE D 335 -6.14 -72.31 -13.57
CA PHE D 335 -6.05 -73.58 -14.27
C PHE D 335 -5.47 -73.35 -15.67
N SER D 336 -4.80 -74.38 -16.22
CA SER D 336 -4.34 -74.35 -17.59
C SER D 336 -5.52 -74.60 -18.53
N PRO D 337 -5.77 -73.77 -19.57
CA PRO D 337 -6.75 -74.11 -20.58
C PRO D 337 -6.50 -75.44 -21.30
N GLU D 338 -5.21 -75.80 -21.47
CA GLU D 338 -4.80 -76.97 -22.22
C GLU D 338 -4.73 -78.20 -21.31
N THR D 339 -4.00 -78.15 -20.17
CA THR D 339 -3.84 -79.31 -19.29
C THR D 339 -4.90 -79.41 -18.18
N GLY D 340 -5.49 -78.28 -17.74
CA GLY D 340 -6.34 -78.26 -16.58
C GLY D 340 -5.62 -78.24 -15.22
N GLU D 341 -4.29 -78.28 -15.15
CA GLU D 341 -3.60 -78.35 -13.86
C GLU D 341 -3.52 -76.93 -13.34
N VAL D 342 -3.36 -76.78 -12.02
CA VAL D 342 -3.29 -75.49 -11.35
C VAL D 342 -1.90 -74.92 -11.59
N LEU D 343 -1.81 -73.74 -12.21
CA LEU D 343 -0.56 -73.11 -12.60
C LEU D 343 -0.07 -72.17 -11.49
N GLU D 344 -0.96 -71.27 -11.07
CA GLU D 344 -0.72 -70.33 -9.99
C GLU D 344 -1.91 -70.35 -9.03
N ARG D 345 -1.64 -69.95 -7.78
CA ARG D 345 -2.63 -69.68 -6.74
C ARG D 345 -2.30 -68.27 -6.24
N PHE D 346 -3.29 -67.42 -6.02
CA PHE D 346 -3.09 -66.11 -5.43
C PHE D 346 -3.84 -66.08 -4.09
N ARG D 347 -3.07 -65.96 -2.99
CA ARG D 347 -3.59 -65.64 -1.66
C ARG D 347 -3.70 -64.11 -1.55
N PHE D 348 -4.90 -63.55 -1.81
CA PHE D 348 -5.13 -62.13 -1.69
C PHE D 348 -5.51 -61.74 -0.25
N PRO D 349 -5.17 -60.51 0.22
CA PRO D 349 -5.47 -60.11 1.60
C PRO D 349 -6.93 -59.71 1.76
N ARG D 350 -7.44 -59.93 2.99
CA ARG D 350 -8.81 -59.63 3.38
C ARG D 350 -8.82 -58.43 4.32
N GLN D 351 -9.90 -57.61 4.24
CA GLN D 351 -10.08 -56.44 5.10
C GLN D 351 -10.28 -56.85 6.56
N LYS D 352 -10.08 -55.88 7.47
CA LYS D 352 -9.93 -56.13 8.90
C LYS D 352 -11.22 -56.72 9.47
N GLY D 353 -11.09 -57.82 10.22
CA GLY D 353 -12.23 -58.51 10.83
C GLY D 353 -13.17 -59.16 9.83
N GLY D 354 -12.59 -59.90 8.88
CA GLY D 354 -13.31 -60.67 7.88
C GLY D 354 -14.19 -59.86 6.94
N GLY D 355 -13.67 -58.76 6.37
CA GLY D 355 -14.39 -57.98 5.36
C GLY D 355 -14.17 -58.56 3.97
N LEU D 356 -13.87 -57.70 2.99
CA LEU D 356 -13.82 -58.06 1.59
C LEU D 356 -12.43 -58.52 1.15
N SER D 357 -12.38 -59.47 0.20
CA SER D 357 -11.16 -59.91 -0.49
C SER D 357 -11.47 -59.96 -1.99
N LEU D 358 -10.45 -60.05 -2.85
CA LEU D 358 -10.67 -60.27 -4.29
C LEU D 358 -11.19 -61.67 -4.59
N VAL D 359 -10.75 -62.71 -3.85
CA VAL D 359 -11.22 -64.08 -4.03
C VAL D 359 -12.75 -64.18 -3.94
N ASP D 360 -13.38 -63.27 -3.18
CA ASP D 360 -14.82 -63.19 -3.07
C ASP D 360 -15.53 -62.84 -4.39
N TYR D 361 -14.83 -62.33 -5.42
CA TYR D 361 -15.45 -62.15 -6.74
C TYR D 361 -15.41 -63.38 -7.66
N PHE D 362 -14.96 -64.54 -7.15
CA PHE D 362 -14.73 -65.72 -7.96
C PHE D 362 -15.55 -66.88 -7.40
N ARG D 363 -16.11 -67.67 -8.33
CA ARG D 363 -16.97 -68.79 -8.01
C ARG D 363 -16.13 -69.85 -7.33
N PRO D 364 -16.66 -70.61 -6.34
CA PRO D 364 -15.89 -71.69 -5.72
C PRO D 364 -15.60 -72.83 -6.68
N ARG D 365 -14.55 -73.59 -6.35
CA ARG D 365 -14.18 -74.77 -7.11
C ARG D 365 -15.30 -75.81 -7.00
N PHE D 366 -15.56 -76.49 -8.14
CA PHE D 366 -16.64 -77.48 -8.31
C PHE D 366 -18.04 -76.92 -8.03
N ALA D 367 -18.22 -75.58 -8.11
CA ALA D 367 -19.52 -74.95 -7.93
C ALA D 367 -20.46 -75.41 -9.03
N ALA D 368 -21.72 -75.71 -8.66
CA ALA D 368 -22.72 -76.13 -9.63
C ALA D 368 -22.93 -74.97 -10.60
N PRO D 369 -22.75 -75.15 -11.94
CA PRO D 369 -22.80 -74.00 -12.87
C PRO D 369 -24.07 -73.16 -12.85
N LEU D 370 -23.92 -71.85 -12.96
CA LEU D 370 -25.02 -70.90 -12.92
C LEU D 370 -25.86 -71.08 -14.17
N GLY D 371 -25.19 -71.04 -15.35
CA GLY D 371 -25.83 -71.24 -16.63
C GLY D 371 -25.17 -72.39 -17.38
N ASP D 372 -24.93 -72.17 -18.69
CA ASP D 372 -24.48 -73.24 -19.58
C ASP D 372 -22.98 -73.14 -19.81
N GLU D 373 -22.21 -72.83 -18.75
CA GLU D 373 -20.77 -72.62 -18.86
C GLU D 373 -20.01 -73.92 -19.14
N ALA D 374 -20.55 -75.06 -18.69
CA ALA D 374 -20.04 -76.37 -19.02
C ALA D 374 -19.97 -76.66 -20.52
N ASP D 375 -20.76 -75.94 -21.36
CA ASP D 375 -20.73 -76.06 -22.82
C ASP D 375 -19.38 -75.62 -23.42
N TRP D 376 -18.72 -74.63 -22.77
CA TRP D 376 -17.59 -73.90 -23.35
C TRP D 376 -16.35 -73.81 -22.46
N MET D 377 -16.45 -74.04 -21.15
CA MET D 377 -15.29 -74.03 -20.27
C MET D 377 -14.34 -75.15 -20.72
N PRO D 378 -12.98 -74.96 -20.73
CA PRO D 378 -12.08 -76.00 -21.19
C PRO D 378 -12.30 -77.31 -20.43
N LYS D 379 -12.54 -78.41 -21.18
CA LYS D 379 -12.87 -79.74 -20.69
C LYS D 379 -12.02 -80.16 -19.49
N GLU D 380 -10.71 -79.95 -19.57
CA GLU D 380 -9.76 -80.46 -18.58
C GLU D 380 -9.87 -79.63 -17.29
N ALA D 381 -9.83 -78.28 -17.45
CA ALA D 381 -10.00 -77.29 -16.39
C ALA D 381 -11.31 -77.49 -15.61
N PHE D 382 -12.42 -77.68 -16.34
CA PHE D 382 -13.73 -77.80 -15.72
C PHE D 382 -13.83 -79.11 -14.94
N ARG D 383 -13.26 -80.21 -15.46
CA ARG D 383 -13.20 -81.47 -14.70
C ARG D 383 -12.32 -81.34 -13.46
N ALA D 384 -11.23 -80.55 -13.56
CA ALA D 384 -10.39 -80.17 -12.42
C ALA D 384 -11.06 -79.19 -11.43
N GLY D 385 -12.19 -78.56 -11.82
CA GLY D 385 -13.05 -77.81 -10.92
C GLY D 385 -13.12 -76.31 -11.19
N ALA D 386 -12.45 -75.79 -12.24
CA ALA D 386 -12.55 -74.38 -12.60
C ALA D 386 -13.99 -74.01 -13.00
N ARG D 387 -14.51 -72.91 -12.42
CA ARG D 387 -15.89 -72.51 -12.63
C ARG D 387 -16.07 -71.04 -12.97
N ASP D 388 -15.00 -70.23 -12.95
CA ASP D 388 -15.10 -68.80 -13.30
C ASP D 388 -13.95 -68.46 -14.26
N VAL D 389 -14.05 -67.24 -14.82
CA VAL D 389 -13.15 -66.74 -15.86
C VAL D 389 -12.54 -65.44 -15.35
N LEU D 390 -11.20 -65.37 -15.34
CA LEU D 390 -10.44 -64.18 -15.01
C LEU D 390 -9.78 -63.63 -16.28
N GLY D 391 -9.91 -62.33 -16.52
CA GLY D 391 -9.16 -61.62 -17.54
C GLY D 391 -7.85 -61.07 -16.99
N VAL D 392 -6.84 -60.88 -17.87
CA VAL D 392 -5.53 -60.31 -17.55
C VAL D 392 -5.08 -59.43 -18.71
N GLN D 393 -4.47 -58.27 -18.43
CA GLN D 393 -3.84 -57.42 -19.44
C GLN D 393 -2.51 -56.86 -18.91
N LEU D 394 -1.48 -56.79 -19.77
CA LEU D 394 -0.33 -55.91 -19.62
C LEU D 394 -0.32 -54.97 -20.82
N VAL D 395 -0.26 -53.66 -20.55
CA VAL D 395 0.03 -52.66 -21.57
C VAL D 395 1.42 -52.07 -21.37
N THR D 396 1.93 -51.40 -22.41
CA THR D 396 3.27 -50.82 -22.45
C THR D 396 3.36 -49.84 -23.63
N MET D 397 4.18 -48.80 -23.49
CA MET D 397 4.51 -47.90 -24.59
C MET D 397 5.98 -48.02 -25.02
N GLY D 398 6.69 -49.07 -24.56
CA GLY D 398 8.04 -49.39 -25.00
C GLY D 398 9.11 -48.59 -24.26
N GLU D 399 10.37 -48.89 -24.63
CA GLU D 399 11.55 -48.17 -24.19
C GLU D 399 11.62 -46.80 -24.88
N ALA D 400 10.98 -46.62 -26.05
CA ALA D 400 11.07 -45.40 -26.88
C ALA D 400 10.77 -44.08 -26.16
N PRO D 401 9.69 -43.94 -25.34
CA PRO D 401 9.42 -42.68 -24.63
C PRO D 401 10.43 -42.39 -23.53
N SER D 402 10.92 -43.45 -22.84
CA SER D 402 12.00 -43.37 -21.87
C SER D 402 13.25 -42.80 -22.54
N ARG D 403 13.59 -43.28 -23.74
CA ARG D 403 14.71 -42.78 -24.55
C ARG D 403 14.53 -41.33 -24.99
N LYS D 404 13.35 -40.99 -25.52
CA LYS D 404 13.00 -39.64 -25.96
C LYS D 404 13.15 -38.63 -24.82
N ALA D 405 12.75 -39.01 -23.60
CA ALA D 405 12.79 -38.14 -22.44
C ALA D 405 14.23 -37.91 -21.98
N GLN D 406 15.04 -38.97 -21.90
CA GLN D 406 16.46 -38.88 -21.54
C GLN D 406 17.25 -38.01 -22.52
N ALA D 407 16.85 -38.01 -23.80
CA ALA D 407 17.38 -37.10 -24.82
C ALA D 407 17.13 -35.62 -24.49
N LEU D 408 15.89 -35.26 -24.13
CA LEU D 408 15.50 -33.90 -23.82
C LEU D 408 16.21 -33.40 -22.56
N PHE D 409 16.24 -34.22 -21.50
CA PHE D 409 16.91 -33.93 -20.24
C PHE D 409 18.39 -33.68 -20.45
N ALA D 410 19.03 -34.51 -21.29
CA ALA D 410 20.44 -34.40 -21.63
C ALA D 410 20.75 -33.11 -22.38
N SER D 411 19.91 -32.77 -23.37
CA SER D 411 19.95 -31.54 -24.17
C SER D 411 19.67 -30.28 -23.35
N GLY D 412 18.92 -30.42 -22.24
CA GLY D 412 18.62 -29.33 -21.34
C GLY D 412 17.24 -28.69 -21.55
N ALA D 413 16.37 -29.25 -22.42
CA ALA D 413 14.98 -28.86 -22.55
C ALA D 413 14.19 -29.45 -21.38
N TYR D 414 14.30 -28.82 -20.21
CA TYR D 414 13.74 -29.33 -18.97
C TYR D 414 12.22 -29.21 -18.95
N GLN D 415 11.67 -28.15 -19.56
CA GLN D 415 10.24 -27.96 -19.75
C GLN D 415 9.67 -29.10 -20.59
N ASP D 416 10.26 -29.34 -21.76
CA ASP D 416 9.81 -30.40 -22.67
C ASP D 416 10.06 -31.77 -22.06
N TYR D 417 11.13 -31.95 -21.26
CA TYR D 417 11.40 -33.15 -20.49
C TYR D 417 10.21 -33.46 -19.59
N LEU D 418 9.68 -32.42 -18.91
CA LEU D 418 8.54 -32.58 -18.02
C LEU D 418 7.31 -33.02 -18.82
N PHE D 419 7.02 -32.25 -19.89
CA PHE D 419 5.80 -32.44 -20.67
C PHE D 419 5.78 -33.85 -21.28
N VAL D 420 6.86 -34.21 -21.99
CA VAL D 420 6.99 -35.48 -22.69
C VAL D 420 6.92 -36.67 -21.74
N HIS D 421 7.48 -36.57 -20.52
CA HIS D 421 7.35 -37.63 -19.53
C HIS D 421 5.88 -37.87 -19.21
N GLY D 422 5.20 -36.84 -18.67
CA GLY D 422 3.83 -36.94 -18.18
C GLY D 422 2.84 -37.40 -19.25
N PHE D 423 3.01 -36.90 -20.47
CA PHE D 423 2.31 -37.36 -21.66
C PHE D 423 2.45 -38.87 -21.79
N SER D 424 3.69 -39.39 -21.81
CA SER D 424 3.96 -40.82 -21.96
C SER D 424 3.31 -41.67 -20.87
N VAL D 425 3.35 -41.16 -19.64
CA VAL D 425 2.82 -41.80 -18.46
C VAL D 425 1.28 -41.87 -18.52
N GLU D 426 0.62 -40.73 -18.82
CA GLU D 426 -0.83 -40.67 -18.84
C GLU D 426 -1.39 -41.31 -20.13
N MET D 427 -0.59 -41.32 -21.21
CA MET D 427 -0.91 -42.11 -22.40
C MET D 427 -0.82 -43.63 -22.10
N THR D 428 0.10 -44.06 -21.23
CA THR D 428 0.22 -45.45 -20.80
C THR D 428 -0.99 -45.87 -19.98
N GLU D 429 -1.45 -45.00 -19.07
CA GLU D 429 -2.65 -45.25 -18.29
C GLU D 429 -3.88 -45.27 -19.20
N ALA D 430 -3.93 -44.36 -20.18
CA ALA D 430 -5.02 -44.30 -21.16
C ALA D 430 -5.16 -45.63 -21.92
N LEU D 431 -4.02 -46.25 -22.25
CA LEU D 431 -3.98 -47.55 -22.93
C LEU D 431 -4.54 -48.66 -22.03
N ALA D 432 -4.18 -48.65 -20.76
CA ALA D 432 -4.77 -49.58 -19.81
C ALA D 432 -6.30 -49.43 -19.78
N GLU D 433 -6.80 -48.18 -19.85
CA GLU D 433 -8.21 -47.86 -19.80
C GLU D 433 -8.92 -48.24 -21.11
N TYR D 434 -8.36 -47.81 -22.24
CA TYR D 434 -8.86 -48.17 -23.55
C TYR D 434 -8.97 -49.69 -23.65
N TRP D 435 -7.89 -50.40 -23.32
CA TRP D 435 -7.87 -51.85 -23.47
C TRP D 435 -8.83 -52.54 -22.50
N HIS D 436 -9.09 -51.96 -21.31
CA HIS D 436 -10.11 -52.49 -20.43
C HIS D 436 -11.48 -52.50 -21.12
N LYS D 437 -11.84 -51.37 -21.78
CA LYS D 437 -13.08 -51.25 -22.55
C LYS D 437 -13.19 -52.38 -23.56
N ARG D 438 -12.06 -52.58 -24.26
CA ARG D 438 -11.94 -53.58 -25.30
C ARG D 438 -12.02 -54.99 -24.70
N MET D 439 -11.50 -55.16 -23.47
CA MET D 439 -11.55 -56.42 -22.74
C MET D 439 -12.97 -56.72 -22.30
N ARG D 440 -13.77 -55.68 -22.01
CA ARG D 440 -15.20 -55.87 -21.70
C ARG D 440 -15.97 -56.32 -22.95
N GLN D 441 -15.76 -55.64 -24.09
CA GLN D 441 -16.51 -55.90 -25.30
C GLN D 441 -16.36 -57.36 -25.69
N MET D 442 -15.08 -57.79 -25.88
CA MET D 442 -14.67 -59.17 -26.17
C MET D 442 -15.39 -60.19 -25.30
N TRP D 443 -15.39 -59.87 -24.00
CA TRP D 443 -15.95 -60.74 -22.97
C TRP D 443 -17.48 -60.75 -23.04
N GLY D 444 -18.05 -59.63 -23.54
CA GLY D 444 -19.46 -59.45 -23.79
C GLY D 444 -20.15 -58.77 -22.62
N ILE D 445 -19.41 -57.89 -21.89
CA ILE D 445 -19.90 -57.22 -20.69
C ILE D 445 -19.87 -55.69 -20.89
N ALA D 446 -20.03 -55.24 -22.14
CA ALA D 446 -20.00 -53.83 -22.54
C ALA D 446 -21.38 -53.27 -22.87
N HIS D 447 -22.47 -53.97 -22.50
CA HIS D 447 -23.85 -53.45 -22.49
C HIS D 447 -23.97 -52.17 -21.64
N GLN D 448 -23.27 -52.13 -20.49
CA GLN D 448 -23.46 -51.13 -19.44
C GLN D 448 -22.27 -50.14 -19.35
N ASP D 449 -21.58 -49.84 -20.48
CA ASP D 449 -20.45 -48.92 -20.50
C ASP D 449 -20.95 -47.48 -20.50
N ALA D 450 -20.04 -46.53 -20.19
CA ALA D 450 -20.34 -45.11 -20.12
C ALA D 450 -20.53 -44.53 -21.54
N THR D 451 -21.41 -43.51 -21.69
CA THR D 451 -21.61 -42.79 -22.95
C THR D 451 -20.48 -41.77 -23.21
N GLU D 452 -19.96 -41.13 -22.15
CA GLU D 452 -18.77 -40.28 -22.20
C GLU D 452 -17.50 -41.07 -21.80
N ILE D 453 -16.33 -40.59 -22.26
CA ILE D 453 -15.02 -41.05 -21.77
C ILE D 453 -14.77 -40.62 -20.33
N GLN D 454 -15.31 -39.46 -19.91
CA GLN D 454 -15.14 -38.89 -18.57
C GLN D 454 -15.69 -39.81 -17.46
N LYS D 455 -16.76 -40.58 -17.74
CA LYS D 455 -17.43 -41.41 -16.74
C LYS D 455 -16.85 -42.82 -16.67
N LEU D 456 -15.91 -43.19 -17.57
CA LEU D 456 -15.11 -44.41 -17.40
C LEU D 456 -14.10 -44.29 -16.25
N PHE D 457 -13.64 -43.07 -15.92
CA PHE D 457 -12.75 -42.83 -14.77
C PHE D 457 -13.49 -42.99 -13.42
N GLN D 458 -14.83 -42.89 -13.40
CA GLN D 458 -15.67 -43.16 -12.24
C GLN D 458 -16.08 -44.64 -12.12
N GLN D 459 -15.50 -45.56 -12.91
CA GLN D 459 -15.78 -47.00 -12.96
C GLN D 459 -17.21 -47.23 -13.48
N GLY D 460 -17.55 -46.59 -14.62
CA GLY D 460 -18.87 -46.65 -15.23
C GLY D 460 -18.99 -47.81 -16.23
N TYR D 461 -18.90 -49.05 -15.71
CA TYR D 461 -18.79 -50.29 -16.47
C TYR D 461 -18.92 -51.49 -15.54
N GLN D 462 -19.01 -52.70 -16.11
CA GLN D 462 -19.16 -53.93 -15.34
C GLN D 462 -17.79 -54.47 -14.93
N GLY D 463 -17.66 -54.87 -13.67
CA GLY D 463 -16.40 -55.31 -13.13
C GLY D 463 -15.39 -54.18 -12.93
N ALA D 464 -14.15 -54.58 -12.67
CA ALA D 464 -13.06 -53.66 -12.40
C ALA D 464 -11.70 -54.34 -12.61
N ARG D 465 -10.65 -53.53 -12.78
CA ARG D 465 -9.28 -53.99 -12.93
C ARG D 465 -8.46 -53.68 -11.68
N TYR D 466 -7.77 -54.71 -11.19
CA TYR D 466 -6.97 -54.67 -9.97
C TYR D 466 -5.51 -54.84 -10.37
N SER D 467 -4.73 -53.74 -10.35
CA SER D 467 -3.29 -53.76 -10.59
C SER D 467 -2.58 -54.18 -9.30
N PHE D 468 -1.54 -55.02 -9.42
CA PHE D 468 -0.82 -55.54 -8.26
C PHE D 468 0.02 -54.44 -7.63
N GLY D 469 0.07 -54.36 -6.30
CA GLY D 469 0.71 -53.24 -5.60
C GLY D 469 -0.29 -52.32 -4.88
N TYR D 470 -1.47 -52.13 -5.47
CA TYR D 470 -2.60 -51.43 -4.86
C TYR D 470 -3.18 -52.23 -3.69
N PRO D 471 -3.94 -51.58 -2.75
CA PRO D 471 -4.23 -52.17 -1.44
C PRO D 471 -4.91 -53.55 -1.45
N ALA D 472 -5.81 -53.73 -2.45
CA ALA D 472 -6.62 -54.91 -2.63
C ALA D 472 -5.79 -56.18 -2.83
N CYS D 473 -4.63 -56.02 -3.50
CA CYS D 473 -3.77 -57.09 -4.00
C CYS D 473 -2.32 -56.60 -4.03
N PRO D 474 -1.74 -56.21 -2.88
CA PRO D 474 -0.54 -55.34 -2.83
C PRO D 474 0.86 -55.95 -2.98
N ASP D 475 0.91 -57.29 -2.91
CA ASP D 475 2.13 -58.07 -3.07
C ASP D 475 2.57 -57.91 -4.52
N LEU D 476 3.66 -57.17 -4.73
CA LEU D 476 4.19 -56.94 -6.06
C LEU D 476 4.92 -58.17 -6.61
N ALA D 477 5.31 -59.13 -5.73
CA ALA D 477 5.94 -60.37 -6.17
C ALA D 477 4.96 -61.30 -6.90
N ASP D 478 3.65 -61.04 -6.83
CA ASP D 478 2.67 -61.76 -7.63
C ASP D 478 2.77 -61.35 -9.10
N GLN D 479 3.44 -60.24 -9.49
CA GLN D 479 3.71 -59.91 -10.89
C GLN D 479 4.59 -60.95 -11.60
N ALA D 480 5.43 -61.68 -10.86
CA ALA D 480 6.16 -62.84 -11.39
C ALA D 480 5.23 -64.00 -11.71
N LYS D 481 4.18 -64.24 -10.90
CA LYS D 481 3.15 -65.23 -11.18
C LYS D 481 2.40 -64.85 -12.47
N LEU D 482 2.17 -63.55 -12.69
CA LEU D 482 1.50 -63.05 -13.87
C LEU D 482 2.37 -63.17 -15.12
N ASP D 483 3.68 -62.96 -15.01
CA ASP D 483 4.64 -63.18 -16.10
C ASP D 483 4.74 -64.66 -16.49
N ARG D 484 4.74 -65.61 -15.52
CA ARG D 484 4.69 -67.05 -15.76
C ARG D 484 3.48 -67.44 -16.58
N LEU D 485 2.33 -66.77 -16.38
CA LEU D 485 1.12 -67.03 -17.13
C LEU D 485 1.19 -66.41 -18.50
N MET D 486 1.61 -65.11 -18.62
CA MET D 486 1.42 -64.29 -19.81
C MET D 486 2.67 -64.30 -20.72
N GLY D 487 3.87 -64.11 -20.12
CA GLY D 487 5.13 -64.09 -20.83
C GLY D 487 5.46 -62.67 -21.27
N PHE D 488 6.00 -61.85 -20.34
CA PHE D 488 6.07 -60.41 -20.55
C PHE D 488 7.03 -60.02 -21.67
N HIS D 489 8.08 -60.86 -21.89
CA HIS D 489 9.00 -60.75 -23.04
C HIS D 489 8.33 -60.57 -24.40
N ARG D 490 7.11 -61.09 -24.56
CA ARG D 490 6.40 -61.10 -25.83
C ARG D 490 6.01 -59.70 -26.29
N VAL D 491 6.01 -58.69 -25.38
CA VAL D 491 5.85 -57.27 -25.70
C VAL D 491 7.04 -56.46 -25.13
N GLY D 492 8.21 -57.12 -25.00
CA GLY D 492 9.45 -56.48 -24.61
C GLY D 492 9.50 -56.00 -23.17
N VAL D 493 8.75 -56.64 -22.28
CA VAL D 493 8.68 -56.22 -20.89
C VAL D 493 9.43 -57.26 -20.04
N ARG D 494 10.14 -56.76 -19.03
CA ARG D 494 11.02 -57.50 -18.14
C ARG D 494 10.69 -57.12 -16.69
N LEU D 495 10.83 -58.07 -15.75
CA LEU D 495 10.80 -57.79 -14.33
C LEU D 495 12.23 -57.64 -13.78
N THR D 496 12.48 -56.62 -12.93
CA THR D 496 13.72 -56.46 -12.16
C THR D 496 13.63 -57.22 -10.83
N GLU D 497 14.68 -57.14 -9.99
CA GLU D 497 14.72 -57.87 -8.71
C GLU D 497 13.74 -57.26 -7.69
N ASN D 498 13.40 -55.95 -7.81
CA ASN D 498 12.37 -55.33 -6.98
C ASN D 498 10.98 -55.38 -7.66
N PHE D 499 10.81 -56.20 -8.70
CA PHE D 499 9.53 -56.51 -9.34
C PHE D 499 8.93 -55.31 -10.08
N GLN D 500 9.80 -54.43 -10.59
CA GLN D 500 9.42 -53.31 -11.41
C GLN D 500 9.32 -53.78 -12.86
N LEU D 501 8.41 -53.19 -13.64
CA LEU D 501 8.28 -53.47 -15.07
C LEU D 501 9.28 -52.56 -15.79
N GLU D 502 10.03 -53.18 -16.70
CA GLU D 502 11.03 -52.54 -17.54
C GLU D 502 10.64 -52.79 -19.00
N PRO D 503 10.25 -51.79 -19.83
CA PRO D 503 10.32 -50.37 -19.52
C PRO D 503 9.36 -49.82 -18.44
N GLU D 504 9.73 -48.64 -17.90
CA GLU D 504 9.01 -48.00 -16.80
C GLU D 504 7.58 -47.65 -17.24
N HIS D 505 7.33 -47.32 -18.52
CA HIS D 505 6.01 -46.99 -19.02
C HIS D 505 5.22 -48.23 -19.39
N ALA D 506 4.83 -49.01 -18.35
CA ALA D 506 4.07 -50.26 -18.52
C ALA D 506 3.29 -50.58 -17.24
N THR D 507 2.11 -51.17 -17.38
CA THR D 507 1.21 -51.40 -16.25
C THR D 507 0.38 -52.67 -16.48
N SER D 508 0.51 -53.70 -15.62
CA SER D 508 -0.37 -54.86 -15.54
C SER D 508 -1.66 -54.62 -14.74
N ALA D 509 -2.71 -55.41 -15.04
CA ALA D 509 -4.00 -55.39 -14.35
C ALA D 509 -4.72 -56.74 -14.46
N LEU D 510 -5.41 -57.18 -13.40
CA LEU D 510 -6.33 -58.31 -13.41
C LEU D 510 -7.74 -57.79 -13.70
N VAL D 511 -8.42 -58.31 -14.76
CA VAL D 511 -9.67 -57.79 -15.29
C VAL D 511 -10.79 -58.69 -14.80
N VAL D 512 -11.66 -58.17 -13.91
CA VAL D 512 -12.72 -58.93 -13.23
C VAL D 512 -14.06 -58.58 -13.91
N HIS D 513 -14.91 -59.59 -14.14
CA HIS D 513 -16.21 -59.43 -14.78
C HIS D 513 -17.32 -59.11 -13.77
N HIS D 514 -17.20 -59.56 -12.51
CA HIS D 514 -18.26 -59.57 -11.52
C HIS D 514 -18.81 -58.16 -11.38
N PRO D 515 -20.14 -57.87 -11.51
CA PRO D 515 -20.62 -56.49 -11.50
C PRO D 515 -20.48 -55.76 -10.16
N GLU D 516 -20.47 -56.53 -9.04
CA GLU D 516 -20.34 -55.98 -7.70
C GLU D 516 -18.89 -55.63 -7.36
N ALA D 517 -17.91 -55.91 -8.22
CA ALA D 517 -16.52 -55.62 -7.96
C ALA D 517 -16.24 -54.13 -8.15
N ARG D 518 -15.92 -53.44 -7.05
CA ARG D 518 -15.33 -52.09 -7.06
C ARG D 518 -14.17 -52.06 -6.08
N TYR D 519 -13.46 -50.92 -6.04
CA TYR D 519 -12.17 -50.75 -5.37
C TYR D 519 -12.35 -50.50 -3.88
N PHE D 520 -11.42 -51.05 -3.10
CA PHE D 520 -11.48 -51.02 -1.65
C PHE D 520 -10.06 -51.02 -1.08
N SER D 521 -9.97 -50.60 0.19
CA SER D 521 -8.70 -50.50 0.90
C SER D 521 -8.73 -51.46 2.10
N VAL D 522 -7.70 -52.31 2.23
CA VAL D 522 -7.45 -53.09 3.44
C VAL D 522 -6.82 -52.26 4.55
N ASP D 523 -6.07 -51.18 4.19
CA ASP D 523 -5.44 -50.21 5.08
C ASP D 523 -6.05 -48.81 4.81
N PRO E 1 -0.33 -14.87 -19.10
CA PRO E 1 -0.66 -15.31 -20.47
C PRO E 1 0.28 -14.70 -21.50
N LEU E 2 0.05 -15.03 -22.79
CA LEU E 2 0.81 -14.48 -23.90
C LEU E 2 0.37 -13.05 -24.28
N LEU E 3 -0.88 -12.65 -23.93
CA LEU E 3 -1.34 -11.27 -24.14
C LEU E 3 -0.57 -10.26 -23.29
N GLU E 4 -0.32 -10.62 -22.01
CA GLU E 4 0.46 -9.79 -21.09
C GLU E 4 1.95 -9.77 -21.52
N ARG E 5 2.44 -10.86 -22.14
CA ARG E 5 3.81 -10.99 -22.63
C ARG E 5 4.07 -10.12 -23.85
N LEU E 6 3.11 -9.95 -24.77
CA LEU E 6 3.22 -9.03 -25.90
C LEU E 6 3.18 -7.55 -25.47
N LYS E 7 2.40 -7.21 -24.41
CA LYS E 7 2.45 -5.89 -23.78
C LYS E 7 3.82 -5.64 -23.15
N ARG E 8 4.38 -6.66 -22.47
CA ARG E 8 5.66 -6.59 -21.78
C ARG E 8 6.81 -6.30 -22.75
N ARG E 9 6.78 -6.95 -23.94
CA ARG E 9 7.80 -6.82 -24.98
C ARG E 9 7.92 -5.38 -25.51
N VAL E 10 6.82 -4.65 -25.58
CA VAL E 10 6.80 -3.23 -25.95
C VAL E 10 7.44 -2.39 -24.83
N VAL E 11 6.97 -2.54 -23.57
CA VAL E 11 7.36 -1.65 -22.47
C VAL E 11 8.84 -1.82 -22.10
N GLU E 12 9.35 -3.07 -22.15
CA GLU E 12 10.77 -3.35 -21.92
C GLU E 12 11.60 -3.11 -23.18
N GLY E 13 11.01 -3.26 -24.37
CA GLY E 13 11.69 -3.00 -25.64
C GLY E 13 12.50 -4.21 -26.11
N ARG E 14 11.93 -5.43 -25.98
CA ARG E 14 12.58 -6.70 -26.25
C ARG E 14 12.15 -7.20 -27.63
N LYS E 15 12.95 -7.03 -28.67
CA LYS E 15 12.58 -7.43 -30.04
C LYS E 15 13.02 -8.87 -30.29
N GLN E 16 14.07 -9.36 -29.62
CA GLN E 16 14.60 -10.71 -29.81
C GLN E 16 13.66 -11.75 -29.19
N GLY E 17 12.93 -12.49 -30.06
CA GLY E 17 11.88 -13.45 -29.69
C GLY E 17 10.44 -12.95 -29.88
N LEU E 18 10.29 -11.80 -30.56
CA LEU E 18 9.00 -11.17 -30.80
C LEU E 18 8.20 -11.96 -31.85
N GLU E 19 8.82 -12.27 -33.00
CA GLU E 19 8.14 -12.90 -34.13
C GLU E 19 7.69 -14.33 -33.81
N ALA E 20 8.36 -15.01 -32.86
CA ALA E 20 7.88 -16.25 -32.27
C ALA E 20 6.58 -16.06 -31.49
N ASP E 21 6.51 -15.01 -30.64
CA ASP E 21 5.38 -14.75 -29.76
C ASP E 21 4.15 -14.23 -30.53
N LEU E 22 4.37 -13.49 -31.63
CA LEU E 22 3.29 -13.06 -32.53
C LEU E 22 2.68 -14.25 -33.26
N GLU E 23 3.52 -15.12 -33.83
CA GLU E 23 3.10 -16.34 -34.53
C GLU E 23 2.31 -17.28 -33.62
N GLU E 24 2.72 -17.40 -32.34
CA GLU E 24 2.03 -18.21 -31.33
C GLU E 24 0.65 -17.65 -30.99
N ALA E 25 0.51 -16.32 -30.92
CA ALA E 25 -0.74 -15.68 -30.52
C ALA E 25 -1.84 -15.75 -31.59
N LEU E 26 -1.46 -15.66 -32.88
CA LEU E 26 -2.40 -15.71 -34.00
C LEU E 26 -2.99 -17.11 -34.15
N LYS E 27 -2.13 -18.16 -34.02
CA LYS E 27 -2.54 -19.54 -34.08
C LYS E 27 -3.37 -19.90 -32.85
N ALA E 28 -3.10 -19.26 -31.69
CA ALA E 28 -4.02 -19.31 -30.55
C ALA E 28 -5.40 -18.73 -30.88
N GLY E 29 -5.50 -17.94 -31.96
CA GLY E 29 -6.73 -17.41 -32.53
C GLY E 29 -6.92 -15.94 -32.09
N HIS E 30 -5.93 -15.08 -32.42
CA HIS E 30 -6.03 -13.64 -32.21
C HIS E 30 -5.73 -12.94 -33.53
N LYS E 31 -6.60 -12.00 -33.95
CA LYS E 31 -6.47 -11.43 -35.29
C LYS E 31 -5.38 -10.35 -35.23
N PRO E 32 -4.75 -10.01 -36.39
CA PRO E 32 -3.75 -8.93 -36.44
C PRO E 32 -4.19 -7.59 -35.82
N LEU E 33 -5.36 -7.08 -36.26
CA LEU E 33 -5.88 -5.80 -35.80
C LEU E 33 -6.24 -5.83 -34.31
N ASP E 34 -6.65 -7.01 -33.80
CA ASP E 34 -6.88 -7.22 -32.38
C ASP E 34 -5.63 -6.97 -31.56
N LEU E 35 -4.48 -7.43 -32.04
CA LEU E 35 -3.19 -7.23 -31.40
C LEU E 35 -2.70 -5.77 -31.48
N ILE E 36 -2.85 -5.17 -32.69
CA ILE E 36 -2.43 -3.81 -33.00
C ILE E 36 -3.16 -2.83 -32.08
N ASN E 37 -4.50 -2.89 -32.01
CA ASN E 37 -5.29 -1.97 -31.19
C ASN E 37 -5.43 -2.46 -29.74
N GLY E 38 -4.69 -3.51 -29.29
CA GLY E 38 -4.95 -4.15 -28.01
C GLY E 38 -3.72 -4.25 -27.13
N PRO E 39 -3.18 -5.47 -26.85
CA PRO E 39 -2.07 -5.65 -25.88
C PRO E 39 -0.83 -4.77 -26.14
N LEU E 40 -0.57 -4.48 -27.44
CA LEU E 40 0.57 -3.68 -27.85
C LEU E 40 0.29 -2.21 -27.55
N LEU E 41 -0.72 -1.59 -28.22
CA LEU E 41 -1.03 -0.17 -28.07
C LEU E 41 -1.22 0.23 -26.59
N ALA E 42 -1.66 -0.72 -25.75
CA ALA E 42 -1.68 -0.58 -24.30
C ALA E 42 -0.28 -0.41 -23.75
N GLY E 43 0.69 -1.18 -24.27
CA GLY E 43 2.11 -1.05 -23.95
C GLY E 43 2.69 0.31 -24.32
N MET E 44 2.42 0.76 -25.56
CA MET E 44 2.90 2.07 -26.05
C MET E 44 2.25 3.26 -25.32
N LYS E 45 1.01 3.11 -24.83
CA LYS E 45 0.34 4.13 -24.04
C LYS E 45 0.94 4.20 -22.63
N GLU E 46 1.34 3.06 -22.04
CA GLU E 46 1.99 3.02 -20.74
C GLU E 46 3.35 3.71 -20.79
N VAL E 47 4.11 3.47 -21.86
CA VAL E 47 5.39 4.11 -22.13
C VAL E 47 5.22 5.64 -22.28
N GLY E 48 4.11 6.09 -22.89
CA GLY E 48 3.76 7.51 -22.95
C GLY E 48 3.46 8.13 -21.59
N ASP E 49 2.78 7.36 -20.70
CA ASP E 49 2.48 7.77 -19.33
C ASP E 49 3.77 7.89 -18.52
N LEU E 50 4.64 6.87 -18.63
CA LEU E 50 5.94 6.83 -17.96
C LEU E 50 6.81 8.03 -18.35
N PHE E 51 6.93 8.33 -19.67
CA PHE E 51 7.74 9.44 -20.16
C PHE E 51 7.14 10.77 -19.72
N GLY E 52 5.80 10.88 -19.74
CA GLY E 52 5.06 12.02 -19.17
C GLY E 52 5.36 12.29 -17.69
N ALA E 53 5.57 11.24 -16.89
CA ALA E 53 5.86 11.33 -15.45
C ALA E 53 7.36 11.35 -15.13
N GLY E 54 8.26 11.11 -16.10
CA GLY E 54 9.69 11.05 -15.83
C GLY E 54 10.16 9.79 -15.11
N LYS E 55 9.59 8.62 -15.47
CA LYS E 55 10.01 7.29 -15.02
C LYS E 55 10.64 6.43 -16.12
N MET E 56 10.52 6.81 -17.40
CA MET E 56 11.24 6.23 -18.54
C MET E 56 11.96 7.35 -19.31
N GLN E 57 13.22 7.11 -19.72
CA GLN E 57 14.01 8.04 -20.52
C GLN E 57 13.81 7.76 -22.03
N LEU E 58 14.11 8.78 -22.87
CA LEU E 58 13.77 8.80 -24.31
C LEU E 58 14.45 7.70 -25.13
N PRO E 59 15.69 7.20 -24.85
CA PRO E 59 16.24 6.06 -25.59
C PRO E 59 15.49 4.74 -25.47
N PHE E 60 14.73 4.55 -24.37
CA PHE E 60 13.90 3.37 -24.15
C PHE E 60 12.50 3.55 -24.75
N VAL E 61 12.01 4.79 -24.88
CA VAL E 61 10.77 5.12 -25.58
C VAL E 61 10.88 4.72 -27.05
N LEU E 62 12.00 5.11 -27.68
CA LEU E 62 12.25 4.75 -29.07
C LEU E 62 12.61 3.27 -29.21
N GLN E 63 13.10 2.63 -28.13
CA GLN E 63 13.29 1.18 -28.10
C GLN E 63 11.96 0.44 -28.06
N ALA E 64 10.96 1.01 -27.36
CA ALA E 64 9.59 0.51 -27.39
C ALA E 64 8.97 0.60 -28.79
N ALA E 65 9.15 1.74 -29.46
CA ALA E 65 8.62 1.99 -30.79
C ALA E 65 9.21 1.04 -31.85
N GLU E 66 10.51 0.67 -31.70
CA GLU E 66 11.17 -0.34 -32.52
C GLU E 66 10.40 -1.67 -32.48
N VAL E 67 9.97 -2.09 -31.27
CA VAL E 67 9.24 -3.34 -31.08
C VAL E 67 7.86 -3.27 -31.76
N MET E 68 7.13 -2.16 -31.54
CA MET E 68 5.80 -1.92 -32.07
C MET E 68 5.85 -1.88 -33.60
N LYS E 69 6.81 -1.13 -34.16
CA LYS E 69 7.00 -1.03 -35.60
C LYS E 69 7.31 -2.40 -36.23
N ARG E 70 8.13 -3.22 -35.53
CA ARG E 70 8.50 -4.54 -36.01
C ARG E 70 7.34 -5.54 -35.90
N ALA E 71 6.47 -5.39 -34.88
CA ALA E 71 5.24 -6.18 -34.73
C ALA E 71 4.27 -5.95 -35.89
N VAL E 72 3.99 -4.68 -36.21
CA VAL E 72 3.09 -4.28 -37.29
C VAL E 72 3.62 -4.73 -38.66
N ALA E 73 4.96 -4.73 -38.85
CA ALA E 73 5.60 -5.21 -40.08
C ALA E 73 5.40 -6.70 -40.28
N TYR E 74 5.46 -7.49 -39.18
CA TYR E 74 5.23 -8.94 -39.21
C TYR E 74 3.75 -9.27 -39.46
N LEU E 75 2.82 -8.48 -38.93
CA LEU E 75 1.37 -8.70 -39.08
C LEU E 75 0.78 -8.08 -40.37
N GLU E 76 1.56 -7.34 -41.20
CA GLU E 76 1.03 -6.61 -42.35
C GLU E 76 0.70 -7.52 -43.53
N PRO E 77 1.47 -8.59 -43.87
CA PRO E 77 1.03 -9.56 -44.89
C PRO E 77 -0.32 -10.26 -44.67
N HIS E 78 -0.61 -10.59 -43.39
CA HIS E 78 -1.86 -11.25 -43.02
C HIS E 78 -3.05 -10.30 -43.12
N MET E 79 -2.83 -9.00 -42.80
CA MET E 79 -3.85 -7.97 -42.80
C MET E 79 -3.98 -7.39 -44.20
N GLU E 80 -5.20 -6.92 -44.56
CA GLU E 80 -5.48 -6.21 -45.81
C GLU E 80 -6.11 -4.84 -45.51
N LYS E 81 -5.39 -3.99 -44.74
CA LYS E 81 -5.74 -2.61 -44.47
C LYS E 81 -4.56 -1.70 -44.85
N GLU E 84 -5.91 2.96 -42.31
CA GLU E 84 -6.90 2.39 -41.35
C GLU E 84 -6.53 2.64 -39.88
N GLY E 85 -5.74 3.70 -39.58
CA GLY E 85 -5.36 4.08 -38.23
C GLY E 85 -6.46 4.86 -37.53
N LYS E 86 -6.10 5.57 -36.44
CA LYS E 86 -7.05 6.32 -35.61
C LYS E 86 -7.35 7.70 -36.20
N GLY E 87 -6.58 8.15 -37.22
CA GLY E 87 -6.60 9.50 -37.76
C GLY E 87 -5.27 9.73 -38.46
N THR E 88 -5.22 10.71 -39.38
CA THR E 88 -4.02 10.94 -40.18
C THR E 88 -3.47 12.33 -39.88
N LEU E 89 -2.12 12.46 -39.75
CA LEU E 89 -1.39 13.72 -39.83
C LEU E 89 -0.58 13.71 -41.13
N VAL E 90 -0.77 14.74 -41.96
CA VAL E 90 0.16 15.08 -43.04
C VAL E 90 1.22 15.99 -42.42
N LEU E 91 2.48 15.53 -42.45
CA LEU E 91 3.58 16.11 -41.70
C LEU E 91 4.70 16.49 -42.66
N ALA E 92 5.17 17.76 -42.62
CA ALA E 92 6.24 18.25 -43.49
C ALA E 92 7.21 19.20 -42.76
N THR E 93 8.45 19.30 -43.24
CA THR E 93 9.33 20.42 -42.90
C THR E 93 9.18 21.50 -43.97
N VAL E 94 9.21 22.78 -43.55
CA VAL E 94 8.76 23.90 -44.37
C VAL E 94 9.76 24.18 -45.49
N LYS E 95 9.29 24.93 -46.50
CA LYS E 95 10.08 25.42 -47.63
C LYS E 95 11.26 26.23 -47.11
N GLY E 96 12.44 25.94 -47.69
CA GLY E 96 13.71 26.54 -47.28
C GLY E 96 14.20 26.03 -45.92
N ASP E 97 14.00 24.73 -45.63
CA ASP E 97 14.47 24.12 -44.40
C ASP E 97 14.74 22.63 -44.63
N VAL E 98 15.85 22.14 -44.07
CA VAL E 98 16.42 20.83 -44.34
C VAL E 98 16.43 19.94 -43.10
N HIS E 99 15.88 20.45 -41.99
CA HIS E 99 16.12 19.93 -40.66
C HIS E 99 14.97 18.96 -40.36
N ASP E 100 15.27 17.68 -40.06
CA ASP E 100 14.27 16.64 -40.07
C ASP E 100 14.33 15.74 -38.84
N ILE E 101 14.99 16.11 -37.74
CA ILE E 101 14.99 15.24 -36.56
C ILE E 101 13.68 15.41 -35.77
N GLY E 102 13.19 16.65 -35.62
CA GLY E 102 11.96 16.89 -34.88
C GLY E 102 10.73 16.26 -35.54
N LYS E 103 10.54 16.59 -36.82
CA LYS E 103 9.49 16.02 -37.66
C LYS E 103 9.52 14.48 -37.66
N ASN E 104 10.68 13.86 -37.86
CA ASN E 104 10.79 12.41 -37.84
C ASN E 104 10.53 11.84 -36.43
N LEU E 105 10.82 12.57 -35.34
CA LEU E 105 10.50 12.13 -33.98
C LEU E 105 8.98 12.12 -33.76
N VAL E 106 8.27 13.11 -34.30
CA VAL E 106 6.82 13.13 -34.28
C VAL E 106 6.29 11.87 -35.00
N ASP E 107 6.79 11.62 -36.23
CA ASP E 107 6.45 10.48 -37.06
C ASP E 107 6.54 9.17 -36.27
N ILE E 108 7.62 8.96 -35.50
CA ILE E 108 7.86 7.72 -34.78
C ILE E 108 6.82 7.53 -33.67
N ILE E 109 6.58 8.60 -32.87
CA ILE E 109 5.71 8.54 -31.70
C ILE E 109 4.26 8.35 -32.16
N LEU E 110 3.79 9.16 -33.13
CA LEU E 110 2.41 9.09 -33.58
C LEU E 110 2.15 7.76 -34.28
N SER E 111 3.03 7.32 -35.19
CA SER E 111 2.87 6.06 -35.92
C SER E 111 2.75 4.85 -34.99
N ASN E 112 3.62 4.76 -34.00
CA ASN E 112 3.62 3.65 -33.05
C ASN E 112 2.56 3.85 -31.95
N ASN E 113 1.80 4.96 -31.94
CA ASN E 113 0.62 5.10 -31.10
C ASN E 113 -0.69 4.98 -31.92
N GLY E 114 -0.62 4.38 -33.13
CA GLY E 114 -1.77 4.02 -33.92
C GLY E 114 -2.38 5.15 -34.75
N TYR E 115 -1.70 6.28 -34.96
CA TYR E 115 -2.07 7.28 -35.95
C TYR E 115 -1.25 7.11 -37.22
N ARG E 116 -1.78 7.61 -38.33
CA ARG E 116 -1.15 7.52 -39.64
C ARG E 116 -0.39 8.82 -39.87
N VAL E 117 0.88 8.72 -40.33
CA VAL E 117 1.74 9.86 -40.60
C VAL E 117 2.19 9.75 -42.05
N VAL E 118 1.90 10.82 -42.81
CA VAL E 118 2.33 10.95 -44.19
C VAL E 118 3.49 11.95 -44.18
N ASN E 119 4.73 11.42 -44.03
CA ASN E 119 5.93 12.25 -43.90
C ASN E 119 6.32 12.73 -45.30
N LEU E 120 6.20 14.06 -45.59
CA LEU E 120 6.49 14.63 -46.90
C LEU E 120 7.94 15.09 -47.08
N GLY E 121 8.83 14.90 -46.10
CA GLY E 121 10.25 15.20 -46.25
C GLY E 121 10.58 16.65 -45.92
N ILE E 122 11.57 17.22 -46.62
CA ILE E 122 12.15 18.52 -46.28
C ILE E 122 11.95 19.45 -47.46
N LYS E 123 12.01 20.77 -47.22
CA LYS E 123 11.85 21.83 -48.22
C LYS E 123 10.51 21.71 -48.95
N VAL E 124 9.43 21.39 -48.22
CA VAL E 124 8.13 21.05 -48.81
C VAL E 124 7.35 22.36 -48.91
N PRO E 125 6.98 22.86 -50.13
CA PRO E 125 6.11 24.02 -50.23
C PRO E 125 4.65 23.66 -49.93
N ILE E 126 3.83 24.69 -49.66
CA ILE E 126 2.44 24.53 -49.23
C ILE E 126 1.54 23.99 -50.34
N GLU E 127 1.90 24.25 -51.61
CA GLU E 127 1.29 23.61 -52.78
C GLU E 127 1.30 22.08 -52.65
N GLU E 128 2.49 21.51 -52.32
CA GLU E 128 2.70 20.08 -52.14
C GLU E 128 1.99 19.53 -50.91
N ILE E 129 1.96 20.31 -49.82
CA ILE E 129 1.37 19.91 -48.55
C ILE E 129 -0.14 19.79 -48.74
N LEU E 130 -0.75 20.78 -49.41
CA LEU E 130 -2.20 20.79 -49.61
C LEU E 130 -2.70 19.80 -50.67
N LYS E 131 -1.84 19.42 -51.63
CA LYS E 131 -2.09 18.28 -52.50
C LYS E 131 -2.25 17.00 -51.68
N ALA E 132 -1.36 16.79 -50.69
CA ALA E 132 -1.45 15.68 -49.76
C ALA E 132 -2.72 15.73 -48.91
N VAL E 133 -3.17 16.93 -48.49
CA VAL E 133 -4.37 17.07 -47.65
C VAL E 133 -5.60 16.65 -48.45
N GLU E 134 -5.65 16.98 -49.74
CA GLU E 134 -6.75 16.59 -50.62
C GLU E 134 -6.81 15.07 -50.81
N ALA E 135 -5.65 14.43 -51.02
CA ALA E 135 -5.54 12.99 -51.25
C ALA E 135 -5.99 12.17 -50.04
N HIS E 136 -5.44 12.51 -48.87
CA HIS E 136 -5.56 11.70 -47.65
C HIS E 136 -6.75 12.13 -46.79
N LYS E 137 -7.13 13.44 -46.82
CA LYS E 137 -8.18 14.06 -45.99
C LYS E 137 -7.87 13.81 -44.51
N PRO E 138 -6.73 14.34 -43.99
CA PRO E 138 -6.28 14.06 -42.62
C PRO E 138 -7.08 14.83 -41.59
N HIS E 139 -6.92 14.45 -40.32
CA HIS E 139 -7.45 15.23 -39.19
C HIS E 139 -6.64 16.51 -38.97
N ALA E 140 -5.30 16.53 -39.21
CA ALA E 140 -4.47 17.72 -39.06
C ALA E 140 -3.32 17.77 -40.07
N VAL E 141 -2.76 18.99 -40.23
CA VAL E 141 -1.50 19.24 -40.93
C VAL E 141 -0.43 19.63 -39.88
N GLY E 142 0.78 19.07 -40.02
CA GLY E 142 1.94 19.37 -39.19
C GLY E 142 2.97 20.15 -39.99
N MET E 143 3.68 21.11 -39.37
CA MET E 143 4.78 21.80 -40.03
C MET E 143 5.93 22.01 -39.04
N SER E 144 7.15 21.53 -39.39
CA SER E 144 8.38 21.63 -38.61
C SER E 144 9.27 22.69 -39.25
N GLY E 145 9.83 23.54 -38.39
CA GLY E 145 10.91 24.46 -38.73
C GLY E 145 12.17 24.16 -37.91
N LEU E 146 13.15 25.05 -38.12
CA LEU E 146 14.33 25.13 -37.27
C LEU E 146 14.45 26.57 -36.80
N LEU E 147 14.74 27.47 -37.74
CA LEU E 147 15.13 28.83 -37.48
C LEU E 147 13.91 29.74 -37.56
N VAL E 148 14.06 31.02 -37.22
CA VAL E 148 12.97 31.97 -37.08
C VAL E 148 12.43 32.32 -38.47
N LYS E 149 13.30 32.32 -39.49
CA LYS E 149 12.89 32.49 -40.87
C LYS E 149 12.01 31.33 -41.33
N SER E 150 12.14 30.12 -40.75
CA SER E 150 11.23 29.01 -41.00
C SER E 150 9.83 29.22 -40.38
N THR E 151 9.72 29.99 -39.27
CA THR E 151 8.42 30.36 -38.71
C THR E 151 7.69 31.35 -39.61
N LEU E 152 8.42 32.29 -40.24
CA LEU E 152 7.87 33.25 -41.19
C LEU E 152 7.27 32.58 -42.42
N VAL E 153 7.84 31.45 -42.86
CA VAL E 153 7.27 30.60 -43.90
C VAL E 153 5.98 29.97 -43.39
N MET E 154 5.97 29.43 -42.17
CA MET E 154 4.76 28.85 -41.57
C MET E 154 3.57 29.85 -41.54
N LYS E 155 3.87 31.14 -41.33
CA LYS E 155 2.87 32.19 -41.32
C LYS E 155 2.31 32.39 -42.73
N GLU E 156 3.20 32.54 -43.72
CA GLU E 156 2.81 32.64 -45.12
C GLU E 156 1.98 31.42 -45.54
N ASN E 157 2.29 30.23 -45.00
CA ASN E 157 1.55 29.01 -45.27
C ASN E 157 0.14 29.05 -44.68
N LEU E 158 -0.04 29.64 -43.48
CA LEU E 158 -1.35 29.81 -42.87
C LEU E 158 -2.13 30.85 -43.66
N GLU E 159 -1.49 31.94 -44.11
CA GLU E 159 -2.14 32.90 -45.00
C GLU E 159 -2.60 32.24 -46.30
N TYR E 160 -1.75 31.41 -46.92
CA TYR E 160 -2.08 30.59 -48.09
C TYR E 160 -3.26 29.69 -47.77
N MET E 161 -3.25 28.96 -46.65
CA MET E 161 -4.27 27.97 -46.33
C MET E 161 -5.65 28.60 -46.07
N ARG E 162 -5.73 29.74 -45.38
CA ARG E 162 -6.97 30.47 -45.17
C ARG E 162 -7.48 31.03 -46.51
N ASP E 163 -6.59 31.61 -47.34
CA ASP E 163 -6.91 32.15 -48.66
C ASP E 163 -7.54 31.11 -49.59
N ARG E 164 -7.03 29.87 -49.56
CA ARG E 164 -7.66 28.70 -50.17
C ARG E 164 -8.94 28.23 -49.50
N GLY E 165 -9.06 28.42 -48.18
CA GLY E 165 -10.24 28.12 -47.40
C GLY E 165 -10.14 26.79 -46.66
N TYR E 166 -8.92 26.46 -46.22
CA TYR E 166 -8.72 25.36 -45.30
C TYR E 166 -8.99 25.90 -43.90
N THR E 167 -9.68 25.08 -43.11
CA THR E 167 -10.01 25.32 -41.71
C THR E 167 -9.41 24.23 -40.82
N LEU E 168 -8.67 23.26 -41.40
CA LEU E 168 -8.18 22.07 -40.73
C LEU E 168 -7.14 22.48 -39.70
N PRO E 169 -7.00 21.80 -38.55
CA PRO E 169 -6.01 22.21 -37.56
C PRO E 169 -4.58 22.08 -38.11
N VAL E 170 -3.78 23.11 -37.83
CA VAL E 170 -2.36 23.17 -38.19
C VAL E 170 -1.55 23.09 -36.88
N ILE E 171 -0.94 21.93 -36.58
CA ILE E 171 0.02 21.79 -35.47
C ILE E 171 1.40 22.29 -35.93
N LEU E 172 1.91 23.39 -35.34
CA LEU E 172 3.25 23.92 -35.61
C LEU E 172 4.21 23.52 -34.48
N GLY E 173 5.42 23.09 -34.87
CA GLY E 173 6.48 22.93 -33.90
C GLY E 173 7.82 23.34 -34.48
N GLY E 174 8.76 23.63 -33.57
CA GLY E 174 10.10 24.00 -33.98
C GLY E 174 10.95 24.52 -32.83
N ALA E 175 12.27 24.45 -33.06
CA ALA E 175 13.27 24.92 -32.10
C ALA E 175 13.03 26.40 -31.81
N ALA E 176 13.11 27.24 -32.86
CA ALA E 176 12.94 28.70 -32.76
C ALA E 176 11.51 29.10 -32.45
N LEU E 177 10.52 28.28 -32.82
CA LEU E 177 9.11 28.61 -32.63
C LEU E 177 8.77 28.50 -31.15
N THR E 178 8.07 29.55 -30.65
CA THR E 178 7.71 29.69 -29.26
C THR E 178 6.19 29.57 -29.16
N ARG E 179 5.70 29.37 -27.96
CA ARG E 179 4.26 29.30 -27.71
C ARG E 179 3.60 30.66 -27.96
N SER E 180 4.21 31.75 -27.46
CA SER E 180 3.73 33.14 -27.60
C SER E 180 3.46 33.53 -29.04
N TYR E 181 4.32 33.06 -29.98
CA TYR E 181 4.23 33.40 -31.38
C TYR E 181 3.05 32.70 -32.05
N VAL E 182 2.85 31.40 -31.75
CA VAL E 182 1.72 30.63 -32.29
C VAL E 182 0.36 31.19 -31.83
N GLU E 183 0.29 31.80 -30.64
CA GLU E 183 -0.92 32.46 -30.16
C GLU E 183 -1.22 33.74 -30.97
N GLU E 184 -0.19 34.50 -31.35
CA GLU E 184 -0.36 35.67 -32.21
C GLU E 184 -0.75 35.25 -33.64
N LEU E 185 -0.33 34.04 -34.11
CA LEU E 185 -0.73 33.49 -35.40
C LEU E 185 -2.19 33.04 -35.45
N ARG E 186 -2.86 32.87 -34.30
CA ARG E 186 -4.29 32.57 -34.27
C ARG E 186 -5.15 33.68 -34.87
N ALA E 187 -4.61 34.92 -34.91
CA ALA E 187 -5.13 36.01 -35.73
C ALA E 187 -5.41 35.58 -37.19
N ILE E 188 -4.36 35.13 -37.87
CA ILE E 188 -4.41 34.71 -39.26
C ILE E 188 -5.26 33.45 -39.39
N TYR E 189 -4.91 32.41 -38.61
CA TYR E 189 -5.50 31.09 -38.74
C TYR E 189 -5.84 30.58 -37.33
N PRO E 190 -7.08 30.82 -36.83
CA PRO E 190 -7.46 30.42 -35.46
C PRO E 190 -7.21 29.00 -34.99
N ASN E 191 -7.25 28.01 -35.92
CA ASN E 191 -7.09 26.60 -35.61
C ASN E 191 -5.61 26.18 -35.76
N VAL E 192 -4.73 26.86 -35.02
CA VAL E 192 -3.28 26.65 -34.99
C VAL E 192 -2.87 26.35 -33.57
N TYR E 193 -2.03 25.33 -33.39
CA TYR E 193 -1.63 24.82 -32.09
C TYR E 193 -0.10 24.67 -32.04
N TYR E 194 0.56 25.08 -30.95
CA TYR E 194 1.99 24.86 -30.72
C TYR E 194 2.20 23.47 -30.09
N ALA E 195 3.34 22.83 -30.39
CA ALA E 195 3.74 21.57 -29.77
C ALA E 195 5.20 21.68 -29.35
N GLU E 196 5.44 21.68 -28.01
CA GLU E 196 6.75 21.75 -27.39
C GLU E 196 7.57 20.50 -27.70
N ASP E 197 6.95 19.31 -27.63
CA ASP E 197 7.58 18.06 -28.02
C ASP E 197 6.59 17.22 -28.83
N ALA E 198 7.06 16.05 -29.28
CA ALA E 198 6.24 15.04 -29.94
C ALA E 198 5.07 14.56 -29.08
N PHE E 199 5.24 14.45 -27.74
CA PHE E 199 4.17 13.99 -26.86
C PHE E 199 3.05 15.02 -26.69
N GLU E 200 3.38 16.33 -26.75
CA GLU E 200 2.37 17.37 -26.92
C GLU E 200 1.64 17.23 -28.26
N GLY E 201 2.39 16.91 -29.33
CA GLY E 201 1.83 16.59 -30.64
C GLY E 201 0.89 15.37 -30.65
N LEU E 202 1.18 14.35 -29.80
CA LEU E 202 0.32 13.19 -29.64
C LEU E 202 -0.99 13.58 -28.94
N ARG E 203 -0.93 14.34 -27.83
CA ARG E 203 -2.12 14.79 -27.08
C ARG E 203 -3.06 15.63 -27.95
N LEU E 204 -2.52 16.59 -28.75
CA LEU E 204 -3.27 17.36 -29.74
C LEU E 204 -4.01 16.44 -30.71
N MET E 205 -3.30 15.45 -31.28
CA MET E 205 -3.87 14.46 -32.19
C MET E 205 -4.89 13.57 -31.50
N GLU E 206 -4.74 13.33 -30.17
CA GLU E 206 -5.75 12.61 -29.39
C GLU E 206 -7.03 13.44 -29.31
N GLU E 207 -6.92 14.71 -28.88
CA GLU E 207 -8.07 15.63 -28.76
C GLU E 207 -8.76 15.86 -30.10
N LEU E 208 -7.99 16.07 -31.19
CA LEU E 208 -8.53 16.35 -32.52
C LEU E 208 -9.24 15.13 -33.14
N THR E 209 -8.85 13.89 -32.78
CA THR E 209 -9.56 12.68 -33.18
C THR E 209 -10.57 12.18 -32.14
N GLY E 210 -10.80 12.94 -31.05
CA GLY E 210 -11.86 12.64 -30.09
C GLY E 210 -11.51 11.56 -29.06
N HIS E 211 -10.25 11.10 -29.01
CA HIS E 211 -9.79 10.11 -28.03
C HIS E 211 -9.29 10.80 -26.73
N ALA E 212 -9.66 12.06 -26.45
CA ALA E 212 -9.17 12.75 -25.26
C ALA E 212 -10.09 13.92 -24.86
N PRO E 213 -10.13 14.26 -23.55
CA PRO E 213 -10.92 15.41 -23.10
C PRO E 213 -10.34 16.73 -23.57
N PRO E 214 -11.07 17.56 -24.34
CA PRO E 214 -10.53 18.78 -24.94
C PRO E 214 -9.93 19.72 -23.89
N GLU E 215 -8.64 20.03 -23.99
CA GLU E 215 -7.90 20.87 -23.05
C GLU E 215 -7.09 21.91 -23.82
N LEU E 216 -6.13 21.42 -24.62
CA LEU E 216 -5.28 22.24 -25.47
C LEU E 216 -6.15 22.92 -26.52
N THR E 217 -7.12 22.14 -27.07
CA THR E 217 -8.02 22.62 -28.11
C THR E 217 -9.13 23.47 -27.50
N ARG E 218 -9.10 24.81 -27.73
CA ARG E 218 -10.09 25.77 -27.26
C ARG E 218 -10.59 26.62 -28.44
N PRO E 233 20.04 52.42 -16.45
CA PRO E 233 20.33 52.21 -15.02
C PRO E 233 21.68 51.52 -14.70
N ARG E 234 22.15 50.59 -15.54
CA ARG E 234 23.36 49.79 -15.29
C ARG E 234 24.07 49.57 -16.63
N ALA E 235 25.40 49.77 -16.73
CA ALA E 235 26.27 49.01 -17.64
C ALA E 235 27.74 49.12 -17.25
N ARG E 236 28.60 48.31 -17.95
CA ARG E 236 30.06 48.45 -18.00
C ARG E 236 30.48 48.98 -19.39
N PRO E 237 31.19 50.14 -19.54
CA PRO E 237 31.71 50.55 -20.86
C PRO E 237 32.91 49.71 -21.30
N VAL E 238 32.97 49.32 -22.59
CA VAL E 238 34.08 48.54 -23.13
C VAL E 238 35.25 49.50 -23.36
N GLY E 239 36.44 49.14 -22.84
CA GLY E 239 37.69 49.87 -23.06
C GLY E 239 38.45 49.37 -24.30
N GLU E 240 39.51 50.11 -24.69
CA GLU E 240 40.45 49.70 -25.73
C GLU E 240 41.15 48.41 -25.31
N ALA E 241 41.56 47.66 -26.33
CA ALA E 241 42.18 46.36 -26.13
C ALA E 241 43.67 46.57 -25.87
N PRO E 242 44.37 45.54 -25.31
CA PRO E 242 45.82 45.59 -25.07
C PRO E 242 46.65 45.86 -26.33
N ALA E 243 46.42 45.04 -27.36
CA ALA E 243 47.01 45.21 -28.68
C ALA E 243 46.15 44.52 -29.75
N VAL E 244 46.43 44.83 -31.03
CA VAL E 244 45.79 44.18 -32.16
C VAL E 244 46.65 42.94 -32.40
N PRO E 245 46.17 41.70 -32.15
CA PRO E 245 46.96 40.51 -32.45
C PRO E 245 47.01 40.21 -33.96
N ARG E 246 48.12 39.58 -34.37
CA ARG E 246 48.46 39.41 -35.78
C ARG E 246 47.98 38.01 -36.19
N PRO E 247 47.26 37.89 -37.34
CA PRO E 247 46.79 36.57 -37.79
C PRO E 247 47.86 35.81 -38.55
N PRO E 248 47.80 34.47 -38.70
CA PRO E 248 48.79 33.75 -39.52
C PRO E 248 48.79 34.21 -40.99
N PHE E 249 47.60 34.57 -41.51
CA PHE E 249 47.45 35.20 -42.82
C PHE E 249 46.17 36.04 -42.87
N PHE E 250 45.93 36.70 -43.98
CA PHE E 250 44.67 37.40 -44.24
C PHE E 250 43.98 36.72 -45.42
N GLY E 251 42.66 36.70 -45.43
CA GLY E 251 41.86 35.86 -46.33
C GLY E 251 41.48 34.52 -45.70
N VAL E 252 40.92 33.63 -46.53
CA VAL E 252 40.22 32.45 -46.04
C VAL E 252 40.77 31.20 -46.76
N ARG E 253 41.09 30.15 -45.97
CA ARG E 253 41.61 28.90 -46.49
C ARG E 253 40.83 27.73 -45.91
N VAL E 254 40.93 26.58 -46.57
CA VAL E 254 40.22 25.35 -46.26
C VAL E 254 41.14 24.56 -45.35
N GLU E 255 40.62 23.65 -44.54
CA GLU E 255 41.39 22.63 -43.84
C GLU E 255 40.48 21.41 -43.81
N GLU E 256 40.93 20.31 -44.39
CA GLU E 256 40.29 19.00 -44.28
C GLU E 256 41.33 18.16 -43.55
N GLY E 257 40.99 16.91 -43.26
CA GLY E 257 42.00 16.00 -42.72
C GLY E 257 42.27 16.40 -41.27
N LEU E 258 41.19 16.22 -40.50
CA LEU E 258 41.11 16.51 -39.09
C LEU E 258 40.74 15.19 -38.40
N ASP E 259 41.46 14.85 -37.33
CA ASP E 259 41.25 13.60 -36.62
C ASP E 259 39.95 13.70 -35.82
N LEU E 260 39.04 12.74 -36.02
CA LEU E 260 37.78 12.65 -35.27
C LEU E 260 38.05 12.36 -33.78
N ALA E 261 39.14 11.63 -33.46
CA ALA E 261 39.56 11.38 -32.08
C ALA E 261 39.93 12.66 -31.34
N THR E 262 40.61 13.61 -32.01
CA THR E 262 40.97 14.91 -31.42
C THR E 262 39.73 15.76 -31.15
N ILE E 263 38.74 15.71 -32.07
CA ILE E 263 37.50 16.48 -31.97
C ILE E 263 36.64 15.92 -30.83
N ALA E 264 36.58 14.59 -30.68
CA ALA E 264 35.80 13.91 -29.64
C ALA E 264 36.14 14.31 -28.21
N HIS E 265 37.39 14.77 -27.96
CA HIS E 265 37.80 15.34 -26.69
C HIS E 265 37.10 16.67 -26.40
N TYR E 266 36.51 17.37 -27.40
CA TYR E 266 35.81 18.64 -27.22
C TYR E 266 34.28 18.50 -27.12
N VAL E 267 33.76 17.24 -27.02
CA VAL E 267 32.32 17.00 -27.01
C VAL E 267 31.84 17.32 -25.61
N ASN E 268 30.70 18.03 -25.56
CA ASN E 268 30.08 18.46 -24.31
C ASN E 268 29.18 17.31 -23.86
N LYS E 269 29.72 16.39 -23.05
CA LYS E 269 29.07 15.09 -22.80
C LYS E 269 27.68 15.22 -22.17
N LEU E 270 27.43 16.29 -21.39
CA LEU E 270 26.11 16.52 -20.80
C LEU E 270 25.11 16.96 -21.86
N ALA E 271 25.49 17.92 -22.72
CA ALA E 271 24.69 18.38 -23.87
C ALA E 271 24.28 17.24 -24.79
N LEU E 272 25.15 16.21 -24.91
CA LEU E 272 24.86 14.99 -25.67
C LEU E 272 23.96 14.04 -24.89
N TYR E 273 24.30 13.72 -23.63
CA TYR E 273 23.59 12.67 -22.89
C TYR E 273 22.24 13.15 -22.39
N ARG E 274 22.19 14.31 -21.73
CA ARG E 274 20.96 14.94 -21.28
C ARG E 274 20.26 15.62 -22.46
N GLY E 275 20.95 16.59 -23.08
CA GLY E 275 20.31 17.53 -24.01
C GLY E 275 19.73 16.86 -25.25
N GLN E 276 20.52 15.96 -25.88
CA GLN E 276 20.19 15.33 -27.15
C GLN E 276 19.59 13.94 -26.97
N TRP E 277 20.26 13.06 -26.20
CA TRP E 277 19.79 11.68 -26.03
C TRP E 277 18.68 11.55 -24.99
N GLY E 278 18.51 12.52 -24.09
CA GLY E 278 17.46 12.51 -23.10
C GLY E 278 17.70 11.55 -21.95
N TYR E 279 18.96 11.26 -21.61
CA TYR E 279 19.30 10.57 -20.37
C TYR E 279 19.19 11.58 -19.24
N SER E 280 18.14 11.47 -18.38
CA SER E 280 17.93 12.38 -17.26
C SER E 280 18.95 12.13 -16.13
N ARG E 281 19.56 13.24 -15.65
CA ARG E 281 20.47 13.27 -14.51
C ARG E 281 19.73 13.59 -13.21
N LYS E 282 18.84 14.59 -13.28
CA LYS E 282 18.31 15.25 -12.09
C LYS E 282 17.33 14.33 -11.37
N GLY E 283 17.36 14.35 -10.02
CA GLY E 283 16.64 13.41 -9.16
C GLY E 283 17.46 12.21 -8.68
N LEU E 284 18.73 12.10 -9.12
CA LEU E 284 19.68 11.10 -8.66
C LEU E 284 21.01 11.75 -8.29
N SER E 285 21.83 10.98 -7.57
CA SER E 285 23.13 11.42 -7.09
C SER E 285 24.12 11.57 -8.26
N ARG E 286 25.29 12.16 -7.96
CA ARG E 286 26.36 12.32 -8.93
C ARG E 286 27.15 11.03 -9.11
N GLU E 287 27.18 10.12 -8.10
CA GLU E 287 27.68 8.75 -8.24
C GLU E 287 26.68 7.88 -9.03
N ALA E 288 25.36 8.14 -8.89
CA ALA E 288 24.32 7.46 -9.66
C ALA E 288 24.29 7.88 -11.13
N TRP E 289 24.58 9.16 -11.42
CA TRP E 289 24.75 9.66 -12.77
C TRP E 289 26.04 9.11 -13.40
N GLN E 290 27.13 9.12 -12.63
CA GLN E 290 28.43 8.62 -13.08
C GLN E 290 28.36 7.13 -13.45
N ALA E 291 27.60 6.33 -12.69
CA ALA E 291 27.37 4.93 -13.00
C ALA E 291 26.53 4.73 -14.27
N LEU E 292 25.52 5.61 -14.49
CA LEU E 292 24.71 5.58 -15.71
C LEU E 292 25.58 5.87 -16.94
N VAL E 293 26.41 6.90 -16.87
CA VAL E 293 27.33 7.25 -17.94
C VAL E 293 28.23 6.08 -18.30
N GLU E 294 28.88 5.46 -17.30
CA GLU E 294 29.77 4.29 -17.47
C GLU E 294 29.05 3.12 -18.16
N ARG E 295 27.81 2.82 -17.73
CA ARG E 295 27.05 1.68 -18.24
C ARG E 295 26.40 2.01 -19.59
N GLU E 296 25.64 3.11 -19.68
CA GLU E 296 24.73 3.38 -20.81
C GLU E 296 25.31 4.38 -21.80
N ALA E 297 25.76 5.56 -21.33
CA ALA E 297 26.02 6.71 -22.20
C ALA E 297 27.38 6.59 -22.89
N GLU E 298 28.45 6.36 -22.12
CA GLU E 298 29.83 6.33 -22.58
C GLU E 298 30.04 5.23 -23.63
N PRO E 299 29.63 3.94 -23.45
CA PRO E 299 29.88 2.91 -24.47
C PRO E 299 29.17 3.09 -25.82
N VAL E 300 28.03 3.79 -25.82
CA VAL E 300 27.35 4.22 -27.04
C VAL E 300 28.19 5.28 -27.74
N PHE E 301 28.69 6.29 -27.00
CA PHE E 301 29.57 7.33 -27.52
C PHE E 301 30.85 6.73 -28.10
N GLN E 302 31.42 5.71 -27.41
CA GLN E 302 32.60 4.99 -27.85
C GLN E 302 32.36 4.16 -29.11
N ARG E 303 31.16 3.56 -29.23
CA ARG E 303 30.79 2.77 -30.39
C ARG E 303 30.65 3.64 -31.64
N LEU E 304 29.91 4.76 -31.53
CA LEU E 304 29.64 5.65 -32.65
C LEU E 304 30.90 6.38 -33.13
N LEU E 305 31.92 6.56 -32.27
CA LEU E 305 33.19 7.09 -32.75
C LEU E 305 33.92 6.08 -33.63
N LYS E 306 34.09 4.83 -33.14
CA LYS E 306 34.70 3.73 -33.88
C LYS E 306 34.03 3.58 -35.24
N GLU E 307 32.68 3.57 -35.25
CA GLU E 307 31.87 3.51 -36.47
C GLU E 307 32.17 4.69 -37.39
N ALA E 308 32.05 5.93 -36.88
CA ALA E 308 32.13 7.13 -37.72
C ALA E 308 33.51 7.30 -38.35
N MET E 309 34.54 6.77 -37.67
CA MET E 309 35.89 6.75 -38.19
C MET E 309 36.04 5.69 -39.30
N ALA E 310 35.62 4.43 -39.01
CA ALA E 310 35.74 3.32 -39.94
C ALA E 310 34.81 3.43 -41.15
N GLU E 311 33.50 3.62 -40.90
CA GLU E 311 32.46 3.78 -41.91
C GLU E 311 32.46 5.16 -42.61
N GLY E 312 33.16 6.16 -42.08
CA GLY E 312 33.42 7.41 -42.78
C GLY E 312 32.22 8.36 -42.89
N TRP E 313 31.24 8.27 -41.98
CA TRP E 313 29.99 9.02 -42.05
C TRP E 313 30.06 10.33 -41.28
N LEU E 314 31.23 10.73 -40.75
CA LEU E 314 31.55 12.11 -40.48
C LEU E 314 32.75 12.52 -41.34
N GLU E 315 32.58 13.65 -42.07
CA GLU E 315 33.61 14.21 -42.93
C GLU E 315 33.90 15.62 -42.44
N PRO E 316 34.71 15.82 -41.36
CA PRO E 316 35.01 17.16 -40.83
C PRO E 316 35.78 17.99 -41.84
N LYS E 317 35.25 19.16 -42.18
CA LYS E 317 35.92 20.18 -42.99
C LYS E 317 35.87 21.49 -42.21
N VAL E 318 36.76 22.43 -42.53
CA VAL E 318 36.77 23.77 -41.95
C VAL E 318 37.12 24.78 -43.01
N LEU E 319 36.34 25.84 -43.06
CA LEU E 319 36.70 27.03 -43.81
C LEU E 319 36.99 28.11 -42.79
N TYR E 320 38.15 28.76 -42.85
CA TYR E 320 38.59 29.69 -41.80
C TYR E 320 39.55 30.76 -42.35
N GLY E 321 39.66 31.85 -41.59
CA GLY E 321 40.40 33.02 -42.07
C GLY E 321 40.38 34.22 -41.14
N PHE E 322 40.90 35.33 -41.64
CA PHE E 322 41.06 36.59 -40.90
C PHE E 322 40.91 37.76 -41.86
N PHE E 323 40.43 38.92 -41.36
CA PHE E 323 40.20 40.09 -42.19
C PHE E 323 40.60 41.39 -41.52
N PRO E 324 41.14 42.41 -42.26
CA PRO E 324 41.28 43.78 -41.77
C PRO E 324 39.89 44.40 -41.66
N VAL E 325 39.57 44.94 -40.46
CA VAL E 325 38.27 45.51 -40.12
C VAL E 325 38.50 46.83 -39.38
N ALA E 326 37.40 47.56 -39.21
CA ALA E 326 37.29 48.76 -38.40
C ALA E 326 35.83 48.95 -37.98
N ARG E 327 35.59 49.68 -36.89
CA ARG E 327 34.27 50.25 -36.62
C ARG E 327 34.22 51.66 -37.22
N GLU E 328 33.11 51.95 -37.92
CA GLU E 328 32.75 53.31 -38.31
C GLU E 328 31.33 53.56 -37.78
N GLY E 329 31.24 54.19 -36.60
CA GLY E 329 30.01 54.31 -35.86
C GLY E 329 29.48 52.95 -35.42
N GLU E 330 28.26 52.61 -35.89
CA GLU E 330 27.61 51.37 -35.52
C GLU E 330 27.81 50.26 -36.53
N GLU E 331 28.65 50.48 -37.57
CA GLU E 331 28.85 49.53 -38.65
C GLU E 331 30.28 49.01 -38.51
N LEU E 332 30.49 47.66 -38.46
CA LEU E 332 31.79 47.01 -38.58
C LEU E 332 32.14 46.78 -40.06
N LEU E 333 33.07 47.57 -40.60
CA LEU E 333 33.51 47.43 -41.98
C LEU E 333 34.46 46.23 -42.09
N VAL E 334 34.44 45.52 -43.23
CA VAL E 334 35.40 44.48 -43.56
C VAL E 334 36.09 44.85 -44.87
N PHE E 335 37.41 45.04 -44.79
CA PHE E 335 38.28 45.49 -45.87
C PHE E 335 38.84 44.26 -46.59
N SER E 336 39.14 44.44 -47.90
CA SER E 336 39.83 43.41 -48.67
C SER E 336 41.29 43.44 -48.29
N PRO E 337 41.94 42.30 -47.96
CA PRO E 337 43.39 42.30 -47.80
C PRO E 337 44.18 42.71 -49.04
N GLU E 338 43.61 42.40 -50.23
CA GLU E 338 44.26 42.64 -51.52
C GLU E 338 43.96 44.06 -52.03
N THR E 339 42.67 44.45 -52.14
CA THR E 339 42.31 45.77 -52.68
C THR E 339 42.20 46.87 -51.62
N GLY E 340 41.88 46.54 -50.35
CA GLY E 340 41.57 47.53 -49.35
C GLY E 340 40.16 48.10 -49.41
N GLU E 341 39.30 47.68 -50.35
CA GLU E 341 38.00 48.29 -50.53
C GLU E 341 37.13 47.62 -49.50
N VAL E 342 36.00 48.29 -49.14
CA VAL E 342 35.09 47.76 -48.15
C VAL E 342 34.25 46.70 -48.85
N LEU E 343 34.27 45.46 -48.35
CA LEU E 343 33.54 44.34 -48.96
C LEU E 343 32.16 44.20 -48.36
N GLU E 344 32.10 44.14 -47.03
CA GLU E 344 30.86 44.07 -46.27
C GLU E 344 30.94 45.07 -45.12
N ARG E 345 29.77 45.44 -44.59
CA ARG E 345 29.56 46.24 -43.40
C ARG E 345 28.53 45.46 -42.58
N PHE E 346 28.70 45.34 -41.27
CA PHE E 346 27.73 44.72 -40.41
C PHE E 346 27.21 45.79 -39.42
N ARG E 347 25.92 46.15 -39.53
CA ARG E 347 25.19 46.91 -38.53
C ARG E 347 24.63 45.95 -37.47
N PHE E 348 25.34 45.73 -36.36
CA PHE E 348 24.92 44.85 -35.27
C PHE E 348 24.03 45.55 -34.27
N PRO E 349 23.10 44.83 -33.59
CA PRO E 349 22.16 45.45 -32.65
C PRO E 349 22.84 45.76 -31.32
N ARG E 350 22.32 46.83 -30.66
CA ARG E 350 22.82 47.34 -29.39
C ARG E 350 21.74 47.06 -28.33
N GLN E 351 22.18 46.80 -27.09
CA GLN E 351 21.28 46.57 -25.94
C GLN E 351 20.51 47.82 -25.60
N LYS E 352 19.39 47.64 -24.88
CA LYS E 352 18.39 48.69 -24.63
C LYS E 352 19.03 49.85 -23.86
N GLY E 353 18.82 51.08 -24.37
CA GLY E 353 19.34 52.29 -23.71
C GLY E 353 20.84 52.42 -23.78
N GLY E 354 21.37 52.20 -24.99
CA GLY E 354 22.78 52.36 -25.32
C GLY E 354 23.73 51.47 -24.52
N GLY E 355 23.42 50.16 -24.44
CA GLY E 355 24.28 49.19 -23.76
C GLY E 355 25.33 48.67 -24.72
N LEU E 356 25.54 47.35 -24.72
CA LEU E 356 26.64 46.70 -25.44
C LEU E 356 26.25 46.34 -26.88
N SER E 357 27.21 46.43 -27.80
CA SER E 357 27.10 45.95 -29.18
C SER E 357 28.38 45.18 -29.51
N LEU E 358 28.41 44.39 -30.61
CA LEU E 358 29.64 43.75 -31.06
C LEU E 358 30.64 44.74 -31.63
N VAL E 359 30.16 45.81 -32.32
CA VAL E 359 31.04 46.86 -32.87
C VAL E 359 31.95 47.46 -31.80
N ASP E 360 31.50 47.47 -30.52
CA ASP E 360 32.31 47.93 -29.41
C ASP E 360 33.58 47.09 -29.18
N TYR E 361 33.69 45.84 -29.70
CA TYR E 361 34.96 45.11 -29.60
C TYR E 361 35.98 45.40 -30.73
N PHE E 362 35.72 46.42 -31.58
CA PHE E 362 36.55 46.70 -32.74
C PHE E 362 37.05 48.13 -32.68
N ARG E 363 38.31 48.29 -33.13
CA ARG E 363 38.97 49.56 -33.08
C ARG E 363 38.31 50.50 -34.06
N PRO E 364 38.24 51.83 -33.80
CA PRO E 364 37.73 52.78 -34.76
C PRO E 364 38.55 52.89 -36.02
N ARG E 365 37.89 53.29 -37.12
CA ARG E 365 38.59 53.53 -38.38
C ARG E 365 39.56 54.69 -38.20
N PHE E 366 40.75 54.55 -38.81
CA PHE E 366 41.88 55.50 -38.72
C PHE E 366 42.39 55.71 -37.28
N ALA E 367 42.11 54.77 -36.36
CA ALA E 367 42.58 54.84 -35.00
C ALA E 367 44.10 54.77 -34.96
N ALA E 368 44.72 55.61 -34.12
CA ALA E 368 46.16 55.65 -33.99
C ALA E 368 46.62 54.28 -33.46
N PRO E 369 47.53 53.56 -34.14
CA PRO E 369 47.83 52.17 -33.77
C PRO E 369 48.33 51.95 -32.34
N LEU E 370 47.87 50.85 -31.72
CA LEU E 370 48.19 50.53 -30.34
C LEU E 370 49.64 50.15 -30.24
N GLY E 371 50.08 49.22 -31.11
CA GLY E 371 51.49 48.82 -31.22
C GLY E 371 52.01 49.06 -32.64
N ASP E 372 52.74 48.07 -33.20
CA ASP E 372 53.43 48.26 -34.48
C ASP E 372 52.66 47.51 -35.55
N GLU E 373 51.32 47.65 -35.56
CA GLU E 373 50.44 46.90 -36.46
C GLU E 373 50.58 47.37 -37.90
N ALA E 374 50.95 48.63 -38.14
CA ALA E 374 51.26 49.15 -39.46
C ALA E 374 52.37 48.40 -40.16
N ASP E 375 53.26 47.66 -39.42
CA ASP E 375 54.33 46.84 -40.01
C ASP E 375 53.77 45.68 -40.83
N TRP E 376 52.60 45.15 -40.41
CA TRP E 376 52.05 43.89 -40.92
C TRP E 376 50.60 43.95 -41.45
N MET E 377 49.81 44.96 -41.09
CA MET E 377 48.46 45.15 -41.58
C MET E 377 48.53 45.33 -43.11
N PRO E 378 47.61 44.75 -43.93
CA PRO E 378 47.68 44.93 -45.37
C PRO E 378 47.66 46.41 -45.75
N LYS E 379 48.68 46.80 -46.54
CA LYS E 379 49.00 48.14 -46.98
C LYS E 379 47.77 48.94 -47.42
N GLU E 380 46.93 48.33 -48.25
CA GLU E 380 45.82 49.01 -48.90
C GLU E 380 44.69 49.24 -47.88
N ALA E 381 44.34 48.17 -47.13
CA ALA E 381 43.37 48.18 -46.05
C ALA E 381 43.70 49.23 -44.98
N PHE E 382 44.97 49.29 -44.56
CA PHE E 382 45.39 50.17 -43.50
C PHE E 382 45.34 51.62 -43.98
N ARG E 383 45.71 51.91 -45.23
CA ARG E 383 45.56 53.25 -45.81
C ARG E 383 44.09 53.65 -45.93
N ALA E 384 43.21 52.68 -46.23
CA ALA E 384 41.77 52.84 -46.22
C ALA E 384 41.18 52.98 -44.80
N GLY E 385 41.93 52.65 -43.74
CA GLY E 385 41.58 52.96 -42.36
C GLY E 385 41.33 51.75 -41.47
N ALA E 386 41.45 50.50 -41.99
CA ALA E 386 41.31 49.30 -41.18
C ALA E 386 42.36 49.24 -40.06
N ARG E 387 41.92 48.97 -38.81
CA ARG E 387 42.83 49.00 -37.68
C ARG E 387 42.71 47.81 -36.75
N ASP E 388 41.77 46.88 -37.00
CA ASP E 388 41.62 45.67 -36.17
C ASP E 388 41.48 44.46 -37.10
N VAL E 389 41.54 43.28 -36.46
CA VAL E 389 41.58 41.98 -37.13
C VAL E 389 40.42 41.17 -36.59
N LEU E 390 39.53 40.71 -37.48
CA LEU E 390 38.42 39.82 -37.15
C LEU E 390 38.72 38.44 -37.72
N GLY E 391 38.54 37.39 -36.89
CA GLY E 391 38.60 36.00 -37.30
C GLY E 391 37.19 35.54 -37.71
N VAL E 392 37.13 34.53 -38.63
CA VAL E 392 35.89 33.89 -39.09
C VAL E 392 36.16 32.40 -39.27
N GLN E 393 35.24 31.53 -38.88
CA GLN E 393 35.30 30.08 -39.14
C GLN E 393 33.91 29.58 -39.55
N LEU E 394 33.84 28.68 -40.53
CA LEU E 394 32.74 27.75 -40.75
C LEU E 394 33.28 26.33 -40.53
N VAL E 395 32.63 25.55 -39.69
CA VAL E 395 32.83 24.11 -39.63
C VAL E 395 31.61 23.37 -40.20
N THR E 396 31.81 22.07 -40.52
CA THR E 396 30.80 21.20 -41.10
C THR E 396 31.22 19.76 -40.92
N MET E 397 30.26 18.85 -40.80
CA MET E 397 30.53 17.41 -40.82
C MET E 397 29.94 16.72 -42.08
N GLY E 398 29.53 17.50 -43.10
CA GLY E 398 29.16 16.98 -44.40
C GLY E 398 27.70 16.52 -44.47
N GLU E 399 27.30 16.10 -45.69
CA GLU E 399 26.02 15.47 -45.96
C GLU E 399 26.01 14.03 -45.40
N ALA E 400 27.16 13.39 -45.20
CA ALA E 400 27.31 12.01 -44.79
C ALA E 400 26.55 11.60 -43.52
N PRO E 401 26.57 12.36 -42.40
CA PRO E 401 25.82 11.97 -41.21
C PRO E 401 24.31 12.12 -41.37
N SER E 402 23.87 13.13 -42.15
CA SER E 402 22.47 13.30 -42.54
C SER E 402 22.01 12.06 -43.31
N ARG E 403 22.82 11.56 -44.25
CA ARG E 403 22.58 10.32 -45.00
C ARG E 403 22.51 9.07 -44.10
N LYS E 404 23.49 8.89 -43.23
CA LYS E 404 23.57 7.77 -42.28
C LYS E 404 22.34 7.72 -41.39
N ALA E 405 21.84 8.88 -40.95
CA ALA E 405 20.69 8.96 -40.04
C ALA E 405 19.39 8.60 -40.76
N GLN E 406 19.18 9.13 -41.99
CA GLN E 406 18.04 8.81 -42.83
C GLN E 406 17.95 7.31 -43.11
N ALA E 407 19.12 6.65 -43.25
CA ALA E 407 19.22 5.19 -43.40
C ALA E 407 18.62 4.43 -42.22
N LEU E 408 19.03 4.81 -40.99
CA LEU E 408 18.61 4.15 -39.76
C LEU E 408 17.10 4.35 -39.53
N PHE E 409 16.61 5.58 -39.70
CA PHE E 409 15.22 5.95 -39.53
C PHE E 409 14.34 5.16 -40.49
N ALA E 410 14.82 5.03 -41.75
CA ALA E 410 14.10 4.31 -42.80
C ALA E 410 13.99 2.82 -42.48
N SER E 411 15.09 2.21 -42.02
CA SER E 411 15.13 0.80 -41.63
C SER E 411 14.41 0.53 -40.29
N GLY E 412 14.18 1.56 -39.47
CA GLY E 412 13.37 1.46 -38.28
C GLY E 412 14.16 1.33 -36.98
N ALA E 413 15.51 1.45 -37.02
CA ALA E 413 16.35 1.55 -35.83
C ALA E 413 16.22 2.97 -35.25
N TYR E 414 15.11 3.22 -34.55
CA TYR E 414 14.76 4.54 -34.06
C TYR E 414 15.65 4.95 -32.90
N GLN E 415 16.07 4.00 -32.05
CA GLN E 415 17.04 4.22 -30.98
C GLN E 415 18.37 4.69 -31.57
N ASP E 416 18.90 3.93 -32.54
CA ASP E 416 20.18 4.27 -33.17
C ASP E 416 20.06 5.55 -33.99
N TYR E 417 18.87 5.82 -34.58
CA TYR E 417 18.56 7.08 -35.25
C TYR E 417 18.77 8.24 -34.30
N LEU E 418 18.27 8.10 -33.06
CA LEU E 418 18.38 9.15 -32.06
C LEU E 418 19.85 9.37 -31.72
N PHE E 419 20.54 8.26 -31.40
CA PHE E 419 21.92 8.31 -30.91
C PHE E 419 22.83 8.95 -31.96
N VAL E 420 22.80 8.43 -33.19
CA VAL E 420 23.61 8.86 -34.30
C VAL E 420 23.36 10.34 -34.67
N HIS E 421 22.12 10.83 -34.57
CA HIS E 421 21.80 12.23 -34.79
C HIS E 421 22.57 13.09 -33.80
N GLY E 422 22.30 12.89 -32.50
CA GLY E 422 22.83 13.72 -31.43
C GLY E 422 24.36 13.73 -31.37
N PHE E 423 24.95 12.55 -31.60
CA PHE E 423 26.37 12.37 -31.80
C PHE E 423 26.86 13.34 -32.87
N SER E 424 26.27 13.26 -34.09
CA SER E 424 26.69 14.10 -35.22
C SER E 424 26.60 15.62 -34.91
N VAL E 425 25.53 15.99 -34.21
CA VAL E 425 25.23 17.37 -33.84
C VAL E 425 26.25 17.89 -32.82
N GLU E 426 26.50 17.12 -31.75
CA GLU E 426 27.42 17.52 -30.69
C GLU E 426 28.88 17.37 -31.12
N MET E 427 29.16 16.46 -32.05
CA MET E 427 30.46 16.39 -32.72
C MET E 427 30.70 17.61 -33.62
N THR E 428 29.63 18.15 -34.25
CA THR E 428 29.71 19.38 -35.05
C THR E 428 30.06 20.58 -34.19
N GLU E 429 29.40 20.65 -33.01
CA GLU E 429 29.68 21.70 -32.05
C GLU E 429 31.11 21.57 -31.52
N ALA E 430 31.52 20.33 -31.24
CA ALA E 430 32.87 20.04 -30.75
C ALA E 430 33.95 20.56 -31.72
N LEU E 431 33.69 20.43 -33.04
CA LEU E 431 34.59 20.91 -34.07
C LEU E 431 34.66 22.44 -34.07
N ALA E 432 33.53 23.12 -33.90
CA ALA E 432 33.55 24.56 -33.76
C ALA E 432 34.41 24.97 -32.57
N GLU E 433 34.34 24.19 -31.46
CA GLU E 433 35.07 24.46 -30.23
C GLU E 433 36.56 24.16 -30.39
N TYR E 434 36.88 22.96 -30.90
CA TYR E 434 38.24 22.56 -31.21
C TYR E 434 38.90 23.62 -32.10
N TRP E 435 38.22 23.99 -33.19
CA TRP E 435 38.79 24.92 -34.15
C TRP E 435 38.92 26.32 -33.57
N HIS E 436 38.03 26.73 -32.64
CA HIS E 436 38.21 27.99 -31.94
C HIS E 436 39.56 28.02 -31.20
N LYS E 437 39.88 26.93 -30.47
CA LYS E 437 41.16 26.77 -29.78
C LYS E 437 42.30 27.02 -30.75
N ARG E 438 42.16 26.35 -31.91
CA ARG E 438 43.15 26.38 -32.97
C ARG E 438 43.23 27.77 -33.59
N MET E 439 42.10 28.49 -33.63
CA MET E 439 42.03 29.86 -34.13
C MET E 439 42.70 30.81 -33.16
N ARG E 440 42.64 30.51 -31.85
CA ARG E 440 43.37 31.32 -30.87
C ARG E 440 44.90 31.11 -31.01
N GLN E 441 45.35 29.85 -31.14
CA GLN E 441 46.76 29.52 -31.16
C GLN E 441 47.41 30.27 -32.30
N MET E 442 46.91 30.06 -33.52
CA MET E 442 47.31 30.72 -34.76
C MET E 442 47.47 32.23 -34.61
N TRP E 443 46.47 32.80 -33.94
CA TRP E 443 46.38 34.24 -33.73
C TRP E 443 47.41 34.70 -32.69
N GLY E 444 47.74 33.78 -31.78
CA GLY E 444 48.74 33.93 -30.74
C GLY E 444 48.11 34.36 -29.43
N ILE E 445 46.83 33.99 -29.18
CA ILE E 445 46.07 34.41 -28.01
C ILE E 445 45.65 33.19 -27.16
N ALA E 446 46.45 32.10 -27.21
CA ALA E 446 46.23 30.87 -26.47
C ALA E 446 47.18 30.70 -25.26
N HIS E 447 47.85 31.78 -24.81
CA HIS E 447 48.56 31.84 -23.54
C HIS E 447 47.63 31.52 -22.35
N GLN E 448 46.36 31.99 -22.42
CA GLN E 448 45.42 32.03 -21.30
C GLN E 448 44.28 31.00 -21.48
N ASP E 449 44.54 29.84 -22.13
CA ASP E 449 43.52 28.80 -22.35
C ASP E 449 43.34 27.96 -21.09
N ALA E 450 42.22 27.21 -21.04
CA ALA E 450 41.85 26.39 -19.89
C ALA E 450 42.77 25.15 -19.77
N THR E 451 43.04 24.69 -18.53
CA THR E 451 43.79 23.46 -18.27
C THR E 451 42.93 22.19 -18.47
N GLU E 452 41.63 22.28 -18.15
CA GLU E 452 40.62 21.24 -18.38
C GLU E 452 39.87 21.53 -19.71
N ILE E 453 39.30 20.47 -20.33
CA ILE E 453 38.34 20.60 -21.44
C ILE E 453 37.01 21.21 -20.94
N GLN E 454 36.62 20.91 -19.69
CA GLN E 454 35.38 21.33 -19.07
C GLN E 454 35.27 22.86 -18.95
N LYS E 455 36.39 23.58 -18.76
CA LYS E 455 36.38 25.02 -18.54
C LYS E 455 36.49 25.81 -19.84
N LEU E 456 36.68 25.15 -21.01
CA LEU E 456 36.51 25.80 -22.31
C LEU E 456 35.04 26.11 -22.62
N PHE E 457 34.09 25.32 -22.07
CA PHE E 457 32.66 25.56 -22.23
C PHE E 457 32.19 26.76 -21.37
N GLN E 458 32.96 27.19 -20.35
CA GLN E 458 32.72 28.40 -19.57
C GLN E 458 33.39 29.64 -20.16
N GLN E 459 33.92 29.59 -21.42
CA GLN E 459 34.67 30.64 -22.10
C GLN E 459 35.98 30.95 -21.37
N GLY E 460 36.77 29.91 -21.08
CA GLY E 460 38.06 30.02 -20.38
C GLY E 460 39.23 30.25 -21.36
N TYR E 461 39.21 31.43 -22.00
CA TYR E 461 40.08 31.80 -23.12
C TYR E 461 39.87 33.28 -23.47
N GLN E 462 40.72 33.82 -24.35
CA GLN E 462 40.67 35.22 -24.73
C GLN E 462 39.71 35.41 -25.91
N GLY E 463 38.88 36.44 -25.82
CA GLY E 463 37.83 36.67 -26.80
C GLY E 463 36.70 35.64 -26.75
N ALA E 464 35.87 35.70 -27.79
CA ALA E 464 34.73 34.80 -27.92
C ALA E 464 34.27 34.70 -29.38
N ARG E 465 33.46 33.66 -29.66
CA ARG E 465 32.86 33.46 -30.98
C ARG E 465 31.34 33.75 -30.94
N TYR E 466 30.89 34.56 -31.89
CA TYR E 466 29.49 34.99 -32.03
C TYR E 466 28.94 34.38 -33.32
N SER E 467 28.12 33.34 -33.23
CA SER E 467 27.41 32.78 -34.39
C SER E 467 26.18 33.67 -34.74
N PHE E 468 25.92 33.87 -36.06
CA PHE E 468 24.77 34.65 -36.50
C PHE E 468 23.46 33.95 -36.18
N GLY E 469 22.44 34.69 -35.74
CA GLY E 469 21.18 34.11 -35.29
C GLY E 469 20.97 34.22 -33.78
N TYR E 470 22.06 34.08 -33.01
CA TYR E 470 22.11 34.33 -31.58
C TYR E 470 21.95 35.83 -31.27
N PRO E 471 21.58 36.16 -29.99
CA PRO E 471 21.00 37.49 -29.68
C PRO E 471 21.87 38.70 -30.04
N ALA E 472 23.20 38.53 -29.87
CA ALA E 472 24.19 39.54 -30.11
C ALA E 472 24.22 40.05 -31.56
N CYS E 473 23.90 39.15 -32.51
CA CYS E 473 24.06 39.36 -33.95
C CYS E 473 23.02 38.51 -34.68
N PRO E 474 21.71 38.74 -34.44
CA PRO E 474 20.67 37.74 -34.74
C PRO E 474 20.09 37.62 -36.17
N ASP E 475 20.43 38.61 -37.01
CA ASP E 475 20.04 38.67 -38.41
C ASP E 475 20.75 37.51 -39.13
N LEU E 476 19.98 36.51 -39.54
CA LEU E 476 20.51 35.37 -40.25
C LEU E 476 20.87 35.69 -41.70
N ALA E 477 20.35 36.78 -42.27
CA ALA E 477 20.70 37.19 -43.62
C ALA E 477 22.12 37.77 -43.70
N ASP E 478 22.79 38.06 -42.57
CA ASP E 478 24.21 38.37 -42.56
C ASP E 478 25.07 37.14 -42.86
N GLN E 479 24.55 35.89 -42.77
CA GLN E 479 25.27 34.70 -43.21
C GLN E 479 25.57 34.69 -44.74
N ALA E 480 24.77 35.40 -45.54
CA ALA E 480 25.07 35.64 -46.96
C ALA E 480 26.28 36.56 -47.13
N LYS E 481 26.42 37.58 -46.25
CA LYS E 481 27.61 38.44 -46.24
C LYS E 481 28.84 37.62 -45.90
N LEU E 482 28.70 36.63 -44.98
CA LEU E 482 29.78 35.77 -44.56
C LEU E 482 30.21 34.79 -45.65
N ASP E 483 29.26 34.28 -46.44
CA ASP E 483 29.55 33.43 -47.59
C ASP E 483 30.23 34.21 -48.73
N ARG E 484 29.85 35.48 -48.99
CA ARG E 484 30.54 36.38 -49.92
C ARG E 484 31.99 36.59 -49.54
N LEU E 485 32.32 36.60 -48.24
CA LEU E 485 33.69 36.72 -47.76
C LEU E 485 34.42 35.39 -47.89
N MET E 486 33.82 34.27 -47.44
CA MET E 486 34.51 32.99 -47.20
C MET E 486 34.40 32.02 -48.37
N GLY E 487 33.20 31.87 -48.93
CA GLY E 487 32.95 30.98 -50.07
C GLY E 487 32.59 29.58 -49.58
N PHE E 488 31.34 29.38 -49.14
CA PHE E 488 30.98 28.22 -48.36
C PHE E 488 31.03 26.93 -49.20
N HIS E 489 30.83 27.04 -50.53
CA HIS E 489 31.02 25.95 -51.50
C HIS E 489 32.33 25.19 -51.37
N ARG E 490 33.38 25.88 -50.90
CA ARG E 490 34.72 25.33 -50.82
C ARG E 490 34.84 24.21 -49.79
N VAL E 491 33.84 24.03 -48.89
CA VAL E 491 33.68 22.87 -48.00
C VAL E 491 32.26 22.27 -48.17
N GLY E 492 31.68 22.43 -49.36
CA GLY E 492 30.41 21.84 -49.75
C GLY E 492 29.18 22.37 -49.02
N VAL E 493 29.23 23.62 -48.58
CA VAL E 493 28.14 24.21 -47.81
C VAL E 493 27.43 25.25 -48.69
N ARG E 494 26.08 25.24 -48.56
CA ARG E 494 25.22 26.14 -49.30
C ARG E 494 24.20 26.77 -48.36
N LEU E 495 23.78 27.99 -48.72
CA LEU E 495 22.65 28.66 -48.08
C LEU E 495 21.33 28.39 -48.83
N THR E 496 20.24 28.09 -48.10
CA THR E 496 18.88 28.01 -48.60
C THR E 496 18.20 29.39 -48.59
N GLU E 497 16.93 29.47 -48.99
CA GLU E 497 16.14 30.70 -49.06
C GLU E 497 15.94 31.35 -47.67
N ASN E 498 15.80 30.50 -46.63
CA ASN E 498 15.66 30.94 -45.26
C ASN E 498 17.02 31.02 -44.54
N PHE E 499 18.14 31.01 -45.30
CA PHE E 499 19.50 31.25 -44.85
C PHE E 499 19.99 30.16 -43.90
N GLN E 500 19.50 28.93 -44.06
CA GLN E 500 20.00 27.77 -43.34
C GLN E 500 21.22 27.20 -44.09
N LEU E 501 22.15 26.60 -43.36
CA LEU E 501 23.32 25.93 -43.91
C LEU E 501 22.90 24.53 -44.28
N GLU E 502 23.28 24.14 -45.51
CA GLU E 502 23.05 22.83 -46.09
C GLU E 502 24.42 22.26 -46.45
N PRO E 503 24.92 21.15 -45.84
CA PRO E 503 24.18 20.31 -44.87
C PRO E 503 23.86 20.91 -43.49
N GLU E 504 22.86 20.32 -42.83
CA GLU E 504 22.31 20.81 -41.57
C GLU E 504 23.37 20.79 -40.46
N HIS E 505 24.29 19.84 -40.46
CA HIS E 505 25.35 19.73 -39.47
C HIS E 505 26.54 20.62 -39.83
N ALA E 506 26.33 21.94 -39.72
CA ALA E 506 27.34 22.97 -39.98
C ALA E 506 27.02 24.23 -39.19
N THR E 507 28.06 24.95 -38.77
CA THR E 507 27.88 26.11 -37.90
C THR E 507 28.98 27.14 -38.19
N SER E 508 28.63 28.35 -38.61
CA SER E 508 29.50 29.51 -38.73
C SER E 508 29.64 30.27 -37.42
N ALA E 509 30.79 30.98 -37.25
CA ALA E 509 31.07 31.83 -36.08
C ALA E 509 32.03 32.97 -36.41
N LEU E 510 31.81 34.17 -35.85
CA LEU E 510 32.76 35.30 -35.88
C LEU E 510 33.69 35.22 -34.67
N VAL E 511 35.02 35.18 -34.88
CA VAL E 511 36.01 34.90 -33.84
C VAL E 511 36.66 36.22 -33.44
N VAL E 512 36.39 36.72 -32.22
CA VAL E 512 36.83 38.01 -31.70
C VAL E 512 38.02 37.77 -30.75
N HIS E 513 39.07 38.60 -30.86
CA HIS E 513 40.28 38.51 -30.02
C HIS E 513 40.14 39.29 -28.70
N HIS E 514 39.33 40.37 -28.67
CA HIS E 514 39.28 41.34 -27.58
C HIS E 514 39.03 40.60 -26.27
N PRO E 515 39.84 40.77 -25.18
CA PRO E 515 39.72 39.90 -23.99
C PRO E 515 38.45 40.13 -23.18
N GLU E 516 37.85 41.35 -23.26
CA GLU E 516 36.65 41.69 -22.53
C GLU E 516 35.39 41.14 -23.22
N ALA E 517 35.49 40.49 -24.38
CA ALA E 517 34.34 40.00 -25.12
C ALA E 517 33.82 38.74 -24.45
N ARG E 518 32.61 38.81 -23.86
CA ARG E 518 31.79 37.65 -23.51
C ARG E 518 30.37 37.86 -23.98
N TYR E 519 29.53 36.82 -23.79
CA TYR E 519 28.20 36.73 -24.39
C TYR E 519 27.19 37.54 -23.61
N PHE E 520 26.23 38.11 -24.35
CA PHE E 520 25.21 38.97 -23.83
C PHE E 520 23.94 38.81 -24.66
N SER E 521 22.82 39.23 -24.06
CA SER E 521 21.51 39.15 -24.67
C SER E 521 20.96 40.56 -24.89
N VAL E 522 20.55 40.89 -26.12
CA VAL E 522 19.73 42.07 -26.40
C VAL E 522 18.26 41.82 -26.05
N ASP E 523 17.79 40.54 -26.10
CA ASP E 523 16.42 40.09 -25.84
C ASP E 523 16.46 39.11 -24.64
N PRO F 1 -5.04 14.00 18.02
CA PRO F 1 -5.12 14.55 19.40
C PRO F 1 -4.04 13.96 20.31
N LEU F 2 -4.08 14.34 21.60
CA LEU F 2 -3.22 13.78 22.62
C LEU F 2 -3.65 12.37 23.07
N LEU F 3 -4.94 12.00 22.88
CA LEU F 3 -5.46 10.66 23.15
C LEU F 3 -4.80 9.59 22.27
N GLU F 4 -4.66 9.90 20.96
CA GLU F 4 -3.99 9.01 20.01
C GLU F 4 -2.47 8.93 20.27
N ARG F 5 -1.89 10.03 20.80
CA ARG F 5 -0.47 10.13 21.13
C ARG F 5 -0.10 9.27 22.35
N LEU F 6 -0.99 9.19 23.38
CA LEU F 6 -0.79 8.33 24.54
C LEU F 6 -0.93 6.84 24.18
N LYS F 7 -1.83 6.49 23.24
CA LYS F 7 -1.92 5.15 22.69
C LYS F 7 -0.64 4.77 21.91
N ARG F 8 -0.10 5.73 21.14
CA ARG F 8 1.10 5.56 20.33
C ARG F 8 2.32 5.25 21.22
N ARG F 9 2.46 5.96 22.36
CA ARG F 9 3.59 5.81 23.27
C ARG F 9 3.68 4.42 23.92
N VAL F 10 2.53 3.76 24.13
CA VAL F 10 2.46 2.38 24.57
C VAL F 10 2.95 1.44 23.46
N VAL F 11 2.40 1.56 22.24
CA VAL F 11 2.62 0.58 21.17
C VAL F 11 4.07 0.66 20.66
N GLU F 12 4.66 1.86 20.60
CA GLU F 12 6.07 2.04 20.24
C GLU F 12 6.98 1.79 21.44
N GLY F 13 6.52 2.05 22.67
CA GLY F 13 7.29 1.83 23.89
C GLY F 13 8.22 3.01 24.21
N ARG F 14 7.71 4.25 24.05
CA ARG F 14 8.45 5.51 24.17
C ARG F 14 8.24 6.12 25.55
N LYS F 15 9.21 5.96 26.46
CA LYS F 15 9.11 6.46 27.83
C LYS F 15 9.47 7.94 27.90
N GLN F 16 10.47 8.38 27.11
CA GLN F 16 11.04 9.73 27.28
C GLN F 16 10.09 10.76 26.64
N GLY F 17 9.44 11.55 27.52
CA GLY F 17 8.40 12.52 27.17
C GLY F 17 6.97 12.06 27.50
N LEU F 18 6.84 10.93 28.24
CA LEU F 18 5.56 10.38 28.64
C LEU F 18 4.95 11.24 29.76
N GLU F 19 5.73 11.56 30.81
CA GLU F 19 5.26 12.27 31.99
C GLU F 19 4.83 13.71 31.65
N ALA F 20 5.40 14.31 30.60
CA ALA F 20 4.89 15.54 30.02
C ALA F 20 3.50 15.38 29.40
N ASP F 21 3.28 14.30 28.62
CA ASP F 21 2.04 14.05 27.90
C ASP F 21 0.89 13.62 28.84
N LEU F 22 1.20 12.94 29.95
CA LEU F 22 0.22 12.60 30.98
C LEU F 22 -0.25 13.86 31.72
N GLU F 23 0.71 14.71 32.13
CA GLU F 23 0.43 15.98 32.81
C GLU F 23 -0.43 16.91 31.96
N GLU F 24 -0.23 16.89 30.61
CA GLU F 24 -1.00 17.66 29.66
C GLU F 24 -2.43 17.15 29.51
N ALA F 25 -2.64 15.80 29.47
CA ALA F 25 -3.93 15.23 29.07
C ALA F 25 -5.05 15.38 30.10
N LEU F 26 -4.70 15.30 31.39
CA LEU F 26 -5.63 15.66 32.48
C LEU F 26 -6.22 17.06 32.28
N LYS F 27 -5.38 18.00 31.82
CA LYS F 27 -5.77 19.36 31.48
C LYS F 27 -6.71 19.39 30.28
N ALA F 28 -6.52 18.44 29.32
CA ALA F 28 -7.45 18.29 28.21
C ALA F 28 -8.86 17.85 28.67
N GLY F 29 -8.97 17.34 29.91
CA GLY F 29 -10.20 17.03 30.58
C GLY F 29 -10.50 15.53 30.61
N HIS F 30 -9.50 14.68 30.94
CA HIS F 30 -9.69 13.27 31.20
C HIS F 30 -9.09 12.95 32.56
N LYS F 31 -9.70 11.99 33.30
CA LYS F 31 -9.28 11.65 34.66
C LYS F 31 -8.20 10.57 34.60
N PRO F 32 -7.32 10.43 35.62
CA PRO F 32 -6.35 9.31 35.71
C PRO F 32 -6.84 7.92 35.35
N LEU F 33 -7.97 7.49 35.95
CA LEU F 33 -8.58 6.20 35.65
C LEU F 33 -9.19 6.18 34.24
N ASP F 34 -9.44 7.37 33.66
CA ASP F 34 -10.00 7.51 32.33
C ASP F 34 -9.02 7.03 31.29
N LEU F 35 -7.82 7.64 31.26
CA LEU F 35 -6.82 7.38 30.22
C LEU F 35 -6.27 5.96 30.29
N ILE F 36 -6.17 5.41 31.55
CA ILE F 36 -5.73 4.05 31.82
C ILE F 36 -6.57 3.05 31.02
N ASN F 37 -7.90 3.07 31.22
CA ASN F 37 -8.79 2.10 30.59
C ASN F 37 -9.09 2.45 29.14
N GLY F 38 -8.64 3.62 28.63
CA GLY F 38 -9.01 4.08 27.31
C GLY F 38 -7.92 3.82 26.27
N PRO F 39 -7.17 4.86 25.79
CA PRO F 39 -6.15 4.67 24.75
C PRO F 39 -4.99 3.73 25.13
N LEU F 40 -4.48 3.85 26.38
CA LEU F 40 -3.37 3.05 26.87
C LEU F 40 -3.73 1.57 26.81
N LEU F 41 -4.88 1.16 27.39
CA LEU F 41 -5.28 -0.25 27.42
C LEU F 41 -5.57 -0.79 26.03
N ALA F 42 -6.11 0.04 25.12
CA ALA F 42 -6.27 -0.36 23.72
C ALA F 42 -4.90 -0.55 23.05
N GLY F 43 -3.95 0.38 23.36
CA GLY F 43 -2.55 0.28 22.93
C GLY F 43 -1.92 -1.05 23.35
N MET F 44 -2.11 -1.41 24.63
CA MET F 44 -1.75 -2.71 25.19
C MET F 44 -2.56 -3.84 24.56
N LYS F 45 -3.87 -3.62 24.40
CA LYS F 45 -4.72 -4.59 23.71
C LYS F 45 -4.24 -4.79 22.26
N GLU F 46 -3.83 -3.70 21.61
CA GLU F 46 -3.31 -3.73 20.25
C GLU F 46 -1.99 -4.50 20.18
N VAL F 47 -1.10 -4.26 21.18
CA VAL F 47 0.16 -4.98 21.31
C VAL F 47 -0.08 -6.48 21.53
N GLY F 48 -1.13 -6.85 22.28
CA GLY F 48 -1.56 -8.22 22.43
C GLY F 48 -2.02 -8.89 21.12
N ASP F 49 -2.74 -8.12 20.29
CA ASP F 49 -3.21 -8.55 18.97
C ASP F 49 -2.02 -8.77 18.02
N LEU F 50 -1.10 -7.79 18.00
CA LEU F 50 0.12 -7.85 17.21
C LEU F 50 0.97 -9.08 17.55
N PHE F 51 1.21 -9.35 18.85
CA PHE F 51 2.02 -10.48 19.31
C PHE F 51 1.30 -11.80 19.00
N GLY F 52 -0.04 -11.83 19.15
CA GLY F 52 -0.89 -12.93 18.70
C GLY F 52 -0.76 -13.29 17.22
N ALA F 53 -0.57 -12.28 16.35
CA ALA F 53 -0.41 -12.44 14.91
C ALA F 53 1.05 -12.55 14.44
N GLY F 54 2.04 -12.34 15.32
CA GLY F 54 3.45 -12.41 14.95
C GLY F 54 3.96 -11.21 14.17
N LYS F 55 3.48 -9.99 14.49
CA LYS F 55 3.91 -8.72 13.90
C LYS F 55 4.64 -7.80 14.89
N MET F 56 4.64 -8.12 16.20
CA MET F 56 5.48 -7.52 17.24
C MET F 56 6.22 -8.64 17.98
N GLN F 57 7.52 -8.43 18.25
CA GLN F 57 8.38 -9.36 18.98
C GLN F 57 8.36 -9.05 20.48
N LEU F 58 8.66 -10.08 21.31
CA LEU F 58 8.50 -10.06 22.75
C LEU F 58 9.32 -8.99 23.49
N PRO F 59 10.54 -8.58 23.08
CA PRO F 59 11.25 -7.47 23.73
C PRO F 59 10.57 -6.09 23.65
N PHE F 60 9.72 -5.88 22.63
CA PHE F 60 8.96 -4.66 22.46
C PHE F 60 7.63 -4.73 23.23
N VAL F 61 7.06 -5.94 23.44
CA VAL F 61 5.88 -6.15 24.27
C VAL F 61 6.21 -5.72 25.71
N LEU F 62 7.36 -6.17 26.23
CA LEU F 62 7.80 -5.81 27.56
C LEU F 62 8.27 -4.34 27.62
N GLN F 63 8.66 -3.75 26.47
CA GLN F 63 8.94 -2.33 26.37
C GLN F 63 7.66 -1.50 26.44
N ALA F 64 6.55 -2.03 25.87
CA ALA F 64 5.23 -1.43 26.02
C ALA F 64 4.76 -1.45 27.48
N ALA F 65 4.96 -2.59 28.18
CA ALA F 65 4.57 -2.76 29.58
C ALA F 65 5.34 -1.80 30.51
N GLU F 66 6.62 -1.53 30.21
CA GLU F 66 7.42 -0.52 30.87
C GLU F 66 6.74 0.85 30.81
N VAL F 67 6.19 1.25 29.66
CA VAL F 67 5.50 2.53 29.47
C VAL F 67 4.22 2.59 30.32
N MET F 68 3.43 1.50 30.27
CA MET F 68 2.17 1.39 30.99
C MET F 68 2.42 1.41 32.50
N LYS F 69 3.41 0.64 32.99
CA LYS F 69 3.82 0.60 34.38
C LYS F 69 4.27 1.99 34.85
N ARG F 70 5.01 2.73 34.00
CA ARG F 70 5.49 4.06 34.32
C ARG F 70 4.36 5.11 34.30
N ALA F 71 3.34 4.93 33.43
CA ALA F 71 2.13 5.76 33.39
C ALA F 71 1.32 5.63 34.68
N VAL F 72 1.06 4.39 35.12
CA VAL F 72 0.30 4.08 36.34
C VAL F 72 1.04 4.60 37.59
N ALA F 73 2.38 4.57 37.60
CA ALA F 73 3.20 5.11 38.69
C ALA F 73 3.05 6.63 38.81
N TYR F 74 2.98 7.33 37.66
CA TYR F 74 2.78 8.77 37.62
C TYR F 74 1.37 9.19 38.05
N LEU F 75 0.34 8.39 37.70
CA LEU F 75 -1.06 8.65 38.02
C LEU F 75 -1.50 8.13 39.40
N GLU F 76 -0.64 7.45 40.18
CA GLU F 76 -1.01 6.84 41.45
C GLU F 76 -1.19 7.86 42.58
N PRO F 77 -0.36 8.94 42.72
CA PRO F 77 -0.66 10.03 43.66
C PRO F 77 -2.01 10.74 43.54
N HIS F 78 -2.47 10.96 42.27
CA HIS F 78 -3.76 11.58 42.00
C HIS F 78 -4.94 10.66 42.39
N MET F 79 -4.77 9.35 42.20
CA MET F 79 -5.80 8.35 42.47
C MET F 79 -5.74 7.94 43.94
N GLU F 80 -6.89 7.56 44.52
CA GLU F 80 -7.02 6.99 45.85
C GLU F 80 -7.76 5.66 45.74
N LYS F 81 -7.11 4.68 45.07
CA LYS F 81 -7.70 3.39 44.73
C LYS F 81 -6.80 2.27 45.26
N GLU F 84 -8.11 -0.97 42.06
CA GLU F 84 -9.46 -1.60 41.97
C GLU F 84 -9.69 -2.06 40.53
N GLY F 85 -8.93 -3.10 40.14
CA GLY F 85 -8.76 -3.52 38.75
C GLY F 85 -9.93 -4.34 38.25
N LYS F 86 -9.73 -5.04 37.11
CA LYS F 86 -10.80 -5.78 36.42
C LYS F 86 -11.08 -7.14 37.08
N GLY F 87 -10.16 -7.63 37.91
CA GLY F 87 -10.26 -8.88 38.62
C GLY F 87 -8.88 -9.19 39.20
N THR F 88 -8.79 -10.17 40.11
CA THR F 88 -7.53 -10.51 40.76
C THR F 88 -7.12 -11.95 40.40
N LEU F 89 -5.81 -12.18 40.13
CA LEU F 89 -5.18 -13.49 40.11
C LEU F 89 -4.23 -13.57 41.29
N VAL F 90 -4.42 -14.60 42.15
CA VAL F 90 -3.43 -15.03 43.10
C VAL F 90 -2.51 -16.01 42.37
N LEU F 91 -1.22 -15.66 42.26
CA LEU F 91 -0.25 -16.30 41.37
C LEU F 91 0.95 -16.78 42.19
N ALA F 92 1.31 -18.08 42.10
CA ALA F 92 2.41 -18.66 42.88
C ALA F 92 3.19 -19.69 42.07
N THR F 93 4.49 -19.90 42.38
CA THR F 93 5.21 -21.09 41.95
C THR F 93 5.10 -22.14 43.06
N VAL F 94 4.99 -23.42 42.66
CA VAL F 94 4.59 -24.49 43.57
C VAL F 94 5.71 -24.84 44.56
N LYS F 95 5.31 -25.54 45.64
CA LYS F 95 6.19 -26.07 46.67
C LYS F 95 7.24 -26.98 46.04
N GLY F 96 8.50 -26.78 46.44
CA GLY F 96 9.65 -27.47 45.88
C GLY F 96 10.02 -27.01 44.48
N ASP F 97 9.87 -25.70 44.18
CA ASP F 97 10.27 -25.14 42.89
C ASP F 97 10.71 -23.68 43.09
N VAL F 98 11.80 -23.31 42.40
CA VAL F 98 12.46 -22.02 42.60
C VAL F 98 12.42 -21.13 41.35
N HIS F 99 11.72 -21.62 40.32
CA HIS F 99 11.80 -21.09 38.97
C HIS F 99 10.68 -20.06 38.82
N ASP F 100 11.02 -18.80 38.45
CA ASP F 100 10.09 -17.69 38.54
C ASP F 100 10.05 -16.82 37.30
N ILE F 101 10.56 -17.23 36.14
CA ILE F 101 10.50 -16.36 34.96
C ILE F 101 9.10 -16.40 34.31
N GLY F 102 8.49 -17.59 34.21
CA GLY F 102 7.19 -17.71 33.58
C GLY F 102 6.09 -17.01 34.40
N LYS F 103 6.03 -17.33 35.69
CA LYS F 103 5.14 -16.70 36.65
C LYS F 103 5.27 -15.16 36.63
N ASN F 104 6.49 -14.63 36.69
CA ASN F 104 6.71 -13.20 36.64
C ASN F 104 6.34 -12.60 35.27
N LEU F 105 6.44 -13.36 34.16
CA LEU F 105 5.99 -12.91 32.84
C LEU F 105 4.47 -12.78 32.79
N VAL F 106 3.75 -13.70 33.44
CA VAL F 106 2.30 -13.60 33.58
C VAL F 106 1.95 -12.31 34.33
N ASP F 107 2.62 -12.09 35.49
CA ASP F 107 2.46 -10.92 36.35
C ASP F 107 2.56 -9.62 35.54
N ILE F 108 3.56 -9.52 34.63
CA ILE F 108 3.80 -8.30 33.86
C ILE F 108 2.66 -8.05 32.87
N ILE F 109 2.24 -9.09 32.13
CA ILE F 109 1.22 -8.98 31.09
C ILE F 109 -0.15 -8.67 31.72
N LEU F 110 -0.54 -9.41 32.75
CA LEU F 110 -1.83 -9.22 33.41
C LEU F 110 -1.90 -7.86 34.09
N SER F 111 -0.88 -7.48 34.86
CA SER F 111 -0.86 -6.20 35.57
C SER F 111 -0.98 -4.99 34.62
N ASN F 112 -0.24 -5.01 33.52
CA ASN F 112 -0.29 -3.93 32.53
C ASN F 112 -1.47 -4.07 31.56
N ASN F 113 -2.34 -5.09 31.71
CA ASN F 113 -3.65 -5.14 31.05
C ASN F 113 -4.81 -4.87 32.03
N GLY F 114 -4.52 -4.27 33.21
CA GLY F 114 -5.53 -3.82 34.14
C GLY F 114 -6.15 -4.89 35.06
N TYR F 115 -5.50 -6.05 35.23
CA TYR F 115 -5.84 -7.01 36.27
C TYR F 115 -4.87 -6.85 37.45
N ARG F 116 -5.30 -7.31 38.62
CA ARG F 116 -4.49 -7.28 39.84
C ARG F 116 -3.81 -8.66 39.98
N VAL F 117 -2.50 -8.66 40.25
CA VAL F 117 -1.73 -9.90 40.44
C VAL F 117 -1.09 -9.83 41.83
N VAL F 118 -1.37 -10.87 42.64
CA VAL F 118 -0.80 -11.05 43.95
C VAL F 118 0.27 -12.14 43.80
N ASN F 119 1.51 -11.73 43.49
CA ASN F 119 2.62 -12.65 43.25
C ASN F 119 3.14 -13.17 44.60
N LEU F 120 2.95 -14.47 44.91
CA LEU F 120 3.35 -15.07 46.19
C LEU F 120 4.77 -15.64 46.20
N GLY F 121 5.55 -15.54 45.10
CA GLY F 121 6.95 -15.96 45.08
C GLY F 121 7.09 -17.44 44.75
N ILE F 122 8.12 -18.09 45.32
CA ILE F 122 8.57 -19.42 44.95
C ILE F 122 8.46 -20.31 46.18
N LYS F 123 8.40 -21.63 45.95
CA LYS F 123 8.28 -22.65 46.98
C LYS F 123 7.05 -22.44 47.87
N VAL F 124 5.92 -22.03 47.28
CA VAL F 124 4.74 -21.59 48.01
C VAL F 124 3.87 -22.83 48.24
N PRO F 125 3.61 -23.29 49.50
CA PRO F 125 2.64 -24.38 49.73
C PRO F 125 1.19 -23.91 49.59
N ILE F 126 0.27 -24.87 49.42
CA ILE F 126 -1.15 -24.62 49.16
C ILE F 126 -1.86 -23.97 50.35
N GLU F 127 -1.40 -24.25 51.58
CA GLU F 127 -1.82 -23.57 52.80
C GLU F 127 -1.68 -22.06 52.63
N GLU F 128 -0.50 -21.58 52.18
CA GLU F 128 -0.19 -20.17 51.95
C GLU F 128 -1.00 -19.57 50.80
N ILE F 129 -1.23 -20.36 49.73
CA ILE F 129 -1.92 -19.91 48.53
C ILE F 129 -3.38 -19.68 48.89
N LEU F 130 -4.00 -20.61 49.64
CA LEU F 130 -5.41 -20.49 50.02
C LEU F 130 -5.65 -19.44 51.12
N LYS F 131 -4.65 -19.14 51.97
CA LYS F 131 -4.69 -17.98 52.86
C LYS F 131 -4.82 -16.69 52.05
N ALA F 132 -4.03 -16.57 50.97
CA ALA F 132 -4.15 -15.45 50.03
C ALA F 132 -5.51 -15.40 49.34
N VAL F 133 -6.12 -16.54 48.98
CA VAL F 133 -7.42 -16.57 48.30
C VAL F 133 -8.50 -16.06 49.25
N GLU F 134 -8.41 -16.39 50.55
CA GLU F 134 -9.33 -15.90 51.57
C GLU F 134 -9.26 -14.38 51.72
N ALA F 135 -8.03 -13.84 51.78
CA ALA F 135 -7.78 -12.41 51.99
C ALA F 135 -8.27 -11.56 50.82
N HIS F 136 -7.89 -11.95 49.59
CA HIS F 136 -8.08 -11.14 48.39
C HIS F 136 -9.39 -11.45 47.68
N LYS F 137 -9.89 -12.71 47.76
CA LYS F 137 -11.08 -13.21 47.07
C LYS F 137 -10.95 -13.00 45.57
N PRO F 138 -9.95 -13.65 44.92
CA PRO F 138 -9.67 -13.42 43.50
C PRO F 138 -10.68 -14.11 42.60
N HIS F 139 -10.66 -13.75 41.31
CA HIS F 139 -11.36 -14.50 40.26
C HIS F 139 -10.72 -15.86 39.97
N ALA F 140 -9.37 -16.00 40.03
CA ALA F 140 -8.68 -17.27 39.78
C ALA F 140 -7.40 -17.41 40.62
N VAL F 141 -6.91 -18.67 40.71
CA VAL F 141 -5.60 -19.01 41.24
C VAL F 141 -4.72 -19.47 40.08
N GLY F 142 -3.45 -19.03 40.06
CA GLY F 142 -2.43 -19.43 39.11
C GLY F 142 -1.37 -20.29 39.79
N MET F 143 -0.82 -21.29 39.11
CA MET F 143 0.29 -22.09 39.64
C MET F 143 1.30 -22.37 38.53
N SER F 144 2.58 -21.98 38.73
CA SER F 144 3.69 -22.18 37.81
C SER F 144 4.58 -23.31 38.35
N GLY F 145 4.97 -24.22 37.44
CA GLY F 145 6.01 -25.20 37.66
C GLY F 145 7.19 -25.00 36.71
N LEU F 146 8.13 -25.94 36.83
CA LEU F 146 9.19 -26.11 35.86
C LEU F 146 9.16 -27.56 35.39
N LEU F 147 9.46 -28.47 36.31
CA LEU F 147 9.71 -29.87 36.01
C LEU F 147 8.43 -30.65 36.25
N VAL F 148 8.43 -31.94 35.88
CA VAL F 148 7.23 -32.78 35.86
C VAL F 148 6.85 -33.13 37.30
N LYS F 149 7.85 -33.20 38.20
CA LYS F 149 7.58 -33.34 39.63
C LYS F 149 6.87 -32.13 40.20
N SER F 150 7.03 -30.92 39.61
CA SER F 150 6.23 -29.75 39.96
C SER F 150 4.76 -29.85 39.54
N THR F 151 4.45 -30.59 38.46
CA THR F 151 3.06 -30.88 38.08
C THR F 151 2.38 -31.81 39.09
N LEU F 152 3.11 -32.81 39.61
CA LEU F 152 2.61 -33.72 40.64
C LEU F 152 2.23 -33.01 41.94
N VAL F 153 2.92 -31.93 42.28
CA VAL F 153 2.57 -31.05 43.39
C VAL F 153 1.26 -30.30 43.07
N MET F 154 1.15 -29.76 41.83
CA MET F 154 -0.07 -29.10 41.38
C MET F 154 -1.31 -30.01 41.53
N LYS F 155 -1.16 -31.32 41.27
CA LYS F 155 -2.23 -32.29 41.41
C LYS F 155 -2.64 -32.44 42.88
N GLU F 156 -1.64 -32.66 43.75
CA GLU F 156 -1.86 -32.74 45.19
C GLU F 156 -2.53 -31.45 45.71
N ASN F 157 -2.18 -30.28 45.13
CA ASN F 157 -2.79 -29.02 45.47
C ASN F 157 -4.27 -28.94 45.05
N LEU F 158 -4.62 -29.50 43.88
CA LEU F 158 -6.00 -29.57 43.42
C LEU F 158 -6.78 -30.53 44.29
N GLU F 159 -6.19 -31.66 44.69
CA GLU F 159 -6.81 -32.56 45.65
C GLU F 159 -7.06 -31.89 47.00
N TYR F 160 -6.08 -31.12 47.50
CA TYR F 160 -6.21 -30.29 48.70
C TYR F 160 -7.36 -29.29 48.51
N MET F 161 -7.40 -28.57 47.38
CA MET F 161 -8.36 -27.49 47.15
C MET F 161 -9.80 -27.99 47.07
N ARG F 162 -10.05 -29.13 46.40
CA ARG F 162 -11.38 -29.76 46.32
C ARG F 162 -11.79 -30.28 47.70
N ASP F 163 -10.87 -30.93 48.45
CA ASP F 163 -11.11 -31.43 49.80
C ASP F 163 -11.56 -30.33 50.77
N ARG F 164 -10.93 -29.14 50.69
CA ARG F 164 -11.37 -27.94 51.40
C ARG F 164 -12.68 -27.36 50.86
N GLY F 165 -12.95 -27.55 49.56
CA GLY F 165 -14.19 -27.18 48.92
C GLY F 165 -14.07 -25.88 48.16
N TYR F 166 -12.89 -25.61 47.58
CA TYR F 166 -12.72 -24.53 46.64
C TYR F 166 -13.19 -25.04 45.29
N THR F 167 -13.92 -24.16 44.57
CA THR F 167 -14.43 -24.39 43.23
C THR F 167 -13.87 -23.32 42.26
N LEU F 168 -12.99 -22.41 42.73
CA LEU F 168 -12.49 -21.27 42.00
C LEU F 168 -11.61 -21.76 40.85
N PRO F 169 -11.56 -21.09 39.68
CA PRO F 169 -10.74 -21.57 38.57
C PRO F 169 -9.25 -21.59 38.92
N VAL F 170 -8.58 -22.67 38.54
CA VAL F 170 -7.14 -22.87 38.73
C VAL F 170 -6.49 -22.88 37.34
N ILE F 171 -5.81 -21.80 36.95
CA ILE F 171 -4.99 -21.74 35.74
C ILE F 171 -3.62 -22.35 36.04
N LEU F 172 -3.27 -23.50 35.42
CA LEU F 172 -1.95 -24.11 35.53
C LEU F 172 -1.12 -23.81 34.28
N GLY F 173 0.16 -23.47 34.47
CA GLY F 173 1.11 -23.38 33.37
C GLY F 173 2.50 -23.86 33.80
N GLY F 174 3.31 -24.19 32.79
CA GLY F 174 4.66 -24.67 33.07
C GLY F 174 5.35 -25.22 31.85
N ALA F 175 6.70 -25.26 31.94
CA ALA F 175 7.54 -25.78 30.87
C ALA F 175 7.17 -27.24 30.60
N ALA F 176 7.31 -28.10 31.64
CA ALA F 176 7.04 -29.53 31.56
C ALA F 176 5.54 -29.83 31.44
N LEU F 177 4.67 -28.95 31.95
CA LEU F 177 3.23 -29.18 31.95
C LEU F 177 2.70 -29.07 30.51
N THR F 178 1.90 -30.07 30.13
CA THR F 178 1.26 -30.21 28.84
C THR F 178 -0.23 -30.00 29.01
N ARG F 179 -0.92 -29.76 27.90
CA ARG F 179 -2.37 -29.60 27.91
C ARG F 179 -3.04 -30.94 28.25
N SER F 180 -2.55 -32.05 27.65
CA SER F 180 -3.04 -33.42 27.87
C SER F 180 -3.16 -33.81 29.35
N TYR F 181 -2.18 -33.36 30.17
CA TYR F 181 -2.13 -33.66 31.59
C TYR F 181 -3.18 -32.87 32.33
N VAL F 182 -3.34 -31.56 32.03
CA VAL F 182 -4.35 -30.69 32.63
C VAL F 182 -5.77 -31.16 32.32
N GLU F 183 -6.00 -31.79 31.13
CA GLU F 183 -7.30 -32.37 30.81
C GLU F 183 -7.60 -33.59 31.68
N GLU F 184 -6.61 -34.42 32.00
CA GLU F 184 -6.76 -35.53 32.93
C GLU F 184 -7.00 -35.03 34.36
N LEU F 185 -6.43 -33.86 34.74
CA LEU F 185 -6.66 -33.23 36.04
C LEU F 185 -8.05 -32.59 36.14
N ARG F 186 -8.77 -32.34 35.03
CA ARG F 186 -10.15 -31.84 35.07
C ARG F 186 -11.09 -32.84 35.77
N ALA F 187 -10.72 -34.14 35.74
CA ALA F 187 -11.35 -35.17 36.58
C ALA F 187 -11.40 -34.76 38.06
N ILE F 188 -10.22 -34.50 38.62
CA ILE F 188 -9.98 -34.24 40.03
C ILE F 188 -10.60 -32.90 40.39
N TYR F 189 -10.25 -31.85 39.65
CA TYR F 189 -10.77 -30.50 39.86
C TYR F 189 -11.44 -29.95 38.60
N PRO F 190 -12.79 -29.83 38.58
CA PRO F 190 -13.50 -29.46 37.36
C PRO F 190 -13.08 -28.20 36.57
N ASN F 191 -12.67 -27.16 37.31
CA ASN F 191 -12.40 -25.81 36.81
C ASN F 191 -10.89 -25.58 36.77
N VAL F 192 -10.15 -26.39 35.98
CA VAL F 192 -8.71 -26.29 35.76
C VAL F 192 -8.46 -26.05 34.28
N TYR F 193 -7.56 -25.11 33.97
CA TYR F 193 -7.29 -24.68 32.60
C TYR F 193 -5.76 -24.65 32.38
N TYR F 194 -5.29 -25.12 31.21
CA TYR F 194 -3.88 -24.98 30.82
C TYR F 194 -3.64 -23.61 30.16
N ALA F 195 -2.41 -23.07 30.32
CA ALA F 195 -1.98 -21.86 29.64
C ALA F 195 -0.60 -22.07 29.02
N GLU F 196 -0.53 -22.09 27.67
CA GLU F 196 0.65 -22.27 26.86
C GLU F 196 1.65 -21.14 27.05
N ASP F 197 1.16 -19.89 27.06
CA ASP F 197 1.97 -18.72 27.38
C ASP F 197 1.18 -17.79 28.32
N ALA F 198 1.81 -16.67 28.68
CA ALA F 198 1.18 -15.56 29.40
C ALA F 198 -0.07 -15.00 28.70
N PHE F 199 -0.06 -14.92 27.36
CA PHE F 199 -1.14 -14.36 26.56
C PHE F 199 -2.36 -15.27 26.56
N GLU F 200 -2.18 -16.60 26.62
CA GLU F 200 -3.26 -17.53 26.89
C GLU F 200 -3.80 -17.32 28.31
N GLY F 201 -2.91 -17.08 29.29
CA GLY F 201 -3.29 -16.69 30.64
C GLY F 201 -4.11 -15.39 30.72
N LEU F 202 -3.82 -14.42 29.83
CA LEU F 202 -4.60 -13.19 29.71
C LEU F 202 -6.01 -13.47 29.20
N ARG F 203 -6.15 -14.24 28.10
CA ARG F 203 -7.44 -14.58 27.49
C ARG F 203 -8.35 -15.34 28.47
N LEU F 204 -7.82 -16.33 29.21
CA LEU F 204 -8.54 -17.03 30.28
C LEU F 204 -9.06 -16.05 31.33
N MET F 205 -8.21 -15.13 31.80
CA MET F 205 -8.59 -14.11 32.77
C MET F 205 -9.59 -13.11 32.19
N GLU F 206 -9.57 -12.88 30.86
CA GLU F 206 -10.58 -12.08 30.17
C GLU F 206 -11.94 -12.79 30.24
N GLU F 207 -11.99 -14.07 29.84
CA GLU F 207 -13.20 -14.89 29.84
C GLU F 207 -13.76 -15.08 31.26
N LEU F 208 -12.91 -15.33 32.27
CA LEU F 208 -13.31 -15.53 33.66
C LEU F 208 -13.86 -14.25 34.31
N THR F 209 -13.41 -13.05 33.88
CA THR F 209 -13.98 -11.76 34.31
C THR F 209 -15.04 -11.22 33.35
N GLY F 210 -15.45 -11.98 32.33
CA GLY F 210 -16.60 -11.66 31.49
C GLY F 210 -16.32 -10.67 30.36
N HIS F 211 -15.04 -10.32 30.11
CA HIS F 211 -14.64 -9.45 29.01
C HIS F 211 -14.40 -10.27 27.72
N ALA F 212 -14.86 -11.53 27.61
CA ALA F 212 -14.71 -12.31 26.37
C ALA F 212 -15.75 -13.43 26.27
N PRO F 213 -15.98 -14.00 25.06
CA PRO F 213 -16.72 -15.26 24.93
C PRO F 213 -15.90 -16.45 25.46
N PRO F 214 -16.48 -17.37 26.26
CA PRO F 214 -15.72 -18.52 26.78
C PRO F 214 -14.95 -19.32 25.73
N GLU F 215 -13.62 -19.48 25.89
CA GLU F 215 -12.78 -20.29 24.99
C GLU F 215 -11.68 -21.00 25.78
N LEU F 216 -11.85 -22.29 26.05
CA LEU F 216 -10.96 -23.10 26.90
C LEU F 216 -10.20 -24.12 26.04
N THR F 217 -9.19 -24.84 26.60
CA THR F 217 -8.29 -25.72 25.84
C THR F 217 -8.15 -27.14 26.43
N ARG F 218 -7.31 -28.01 25.83
CA ARG F 218 -7.01 -29.37 26.30
C ARG F 218 -6.22 -29.31 27.62
N ALA F 235 15.64 -51.41 15.43
CA ALA F 235 16.72 -50.74 16.23
C ALA F 235 18.11 -51.31 15.84
N ARG F 236 19.14 -50.44 15.67
CA ARG F 236 20.51 -50.83 15.44
C ARG F 236 21.10 -51.41 16.74
N PRO F 237 21.83 -52.57 16.76
CA PRO F 237 22.52 -53.02 17.98
C PRO F 237 23.76 -52.17 18.30
N VAL F 238 23.99 -51.81 19.58
CA VAL F 238 25.22 -51.09 19.97
C VAL F 238 26.35 -52.11 20.04
N GLY F 239 27.47 -51.83 19.33
CA GLY F 239 28.66 -52.67 19.31
C GLY F 239 29.69 -52.23 20.36
N GLU F 240 30.79 -53.02 20.41
CA GLU F 240 31.92 -52.80 21.31
C GLU F 240 32.60 -51.48 20.94
N ALA F 241 33.19 -50.86 21.95
CA ALA F 241 33.88 -49.58 21.75
C ALA F 241 35.31 -49.84 21.23
N PRO F 242 36.01 -48.82 20.68
CA PRO F 242 37.44 -48.93 20.33
C PRO F 242 38.35 -49.31 21.48
N ALA F 243 38.26 -48.55 22.58
CA ALA F 243 38.99 -48.78 23.82
C ALA F 243 38.27 -48.14 25.01
N VAL F 244 38.69 -48.50 26.24
CA VAL F 244 38.23 -47.80 27.44
C VAL F 244 39.16 -46.63 27.59
N PRO F 245 38.74 -45.35 27.41
CA PRO F 245 39.63 -44.21 27.59
C PRO F 245 39.86 -43.94 29.09
N ARG F 246 41.05 -43.41 29.37
CA ARG F 246 41.58 -43.28 30.71
C ARG F 246 41.28 -41.85 31.17
N PRO F 247 40.70 -41.66 32.38
CA PRO F 247 40.38 -40.32 32.88
C PRO F 247 41.61 -39.67 33.49
N PRO F 248 41.67 -38.33 33.64
CA PRO F 248 42.80 -37.69 34.32
C PRO F 248 42.95 -38.16 35.78
N PHE F 249 41.81 -38.42 36.44
CA PHE F 249 41.78 -39.01 37.77
C PHE F 249 40.46 -39.76 37.97
N PHE F 250 40.31 -40.38 39.13
CA PHE F 250 39.04 -40.95 39.57
C PHE F 250 38.54 -40.19 40.79
N GLY F 251 37.22 -40.07 40.91
CA GLY F 251 36.58 -39.19 41.90
C GLY F 251 36.25 -37.82 41.31
N VAL F 252 35.93 -36.83 42.18
CA VAL F 252 35.27 -35.59 41.78
C VAL F 252 35.99 -34.38 42.39
N ARG F 253 36.29 -33.37 41.57
CA ARG F 253 36.99 -32.15 41.99
C ARG F 253 36.18 -30.92 41.58
N VAL F 254 36.50 -29.80 42.25
CA VAL F 254 35.87 -28.50 42.02
C VAL F 254 36.74 -27.77 41.01
N GLU F 255 36.17 -26.84 40.23
CA GLU F 255 36.93 -25.92 39.40
C GLU F 255 36.16 -24.62 39.45
N GLU F 256 36.79 -23.56 39.96
CA GLU F 256 36.30 -22.20 39.81
C GLU F 256 37.38 -21.50 39.00
N GLY F 257 37.24 -20.19 38.78
CA GLY F 257 38.25 -19.44 38.06
C GLY F 257 38.18 -19.84 36.58
N LEU F 258 37.01 -19.54 36.01
CA LEU F 258 36.65 -19.84 34.64
C LEU F 258 36.32 -18.50 34.00
N ASP F 259 36.90 -18.24 32.82
CA ASP F 259 36.73 -16.97 32.14
C ASP F 259 35.34 -16.94 31.51
N LEU F 260 34.55 -15.89 31.82
CA LEU F 260 33.23 -15.71 31.20
C LEU F 260 33.35 -15.44 29.70
N ALA F 261 34.47 -14.81 29.26
CA ALA F 261 34.73 -14.59 27.84
C ALA F 261 34.90 -15.90 27.07
N THR F 262 35.56 -16.91 27.64
CA THR F 262 35.73 -18.22 27.00
C THR F 262 34.40 -18.96 26.89
N ILE F 263 33.54 -18.82 27.92
CA ILE F 263 32.22 -19.46 27.96
C ILE F 263 31.29 -18.83 26.93
N ALA F 264 31.33 -17.48 26.78
CA ALA F 264 30.50 -16.74 25.83
C ALA F 264 30.65 -17.17 24.36
N HIS F 265 31.83 -17.70 24.00
CA HIS F 265 32.07 -18.29 22.68
C HIS F 265 31.28 -19.58 22.49
N TYR F 266 30.74 -20.23 23.53
CA TYR F 266 29.91 -21.45 23.44
C TYR F 266 28.39 -21.16 23.51
N VAL F 267 27.96 -19.88 23.44
CA VAL F 267 26.55 -19.54 23.59
C VAL F 267 25.88 -19.83 22.26
N ASN F 268 24.69 -20.46 22.36
CA ASN F 268 23.90 -20.86 21.22
C ASN F 268 23.06 -19.65 20.83
N LYS F 269 23.59 -18.78 19.94
CA LYS F 269 23.04 -17.44 19.71
C LYS F 269 21.59 -17.46 19.23
N LEU F 270 21.17 -18.52 18.51
CA LEU F 270 19.79 -18.66 18.06
C LEU F 270 18.86 -19.01 19.22
N ALA F 271 19.26 -19.99 20.06
CA ALA F 271 18.55 -20.37 21.29
C ALA F 271 18.33 -19.18 22.24
N LEU F 272 19.29 -18.24 22.25
CA LEU F 272 19.17 -16.99 23.02
C LEU F 272 18.26 -15.98 22.32
N TYR F 273 18.50 -15.70 21.04
CA TYR F 273 17.79 -14.62 20.35
C TYR F 273 16.35 -15.00 20.01
N ARG F 274 16.16 -16.17 19.36
CA ARG F 274 14.84 -16.69 19.04
C ARG F 274 14.20 -17.34 20.27
N GLY F 275 14.87 -18.35 20.85
CA GLY F 275 14.28 -19.19 21.89
C GLY F 275 13.88 -18.44 23.16
N GLN F 276 14.79 -17.62 23.70
CA GLN F 276 14.68 -16.96 24.99
C GLN F 276 14.16 -15.53 24.86
N TRP F 277 14.80 -14.70 24.01
CA TRP F 277 14.42 -13.31 23.86
C TRP F 277 13.22 -13.11 22.94
N GLY F 278 12.89 -14.09 22.09
CA GLY F 278 11.71 -14.00 21.24
C GLY F 278 11.88 -13.08 20.03
N TYR F 279 13.13 -12.86 19.55
CA TYR F 279 13.38 -12.21 18.28
C TYR F 279 13.06 -13.20 17.14
N SER F 280 11.96 -12.97 16.41
CA SER F 280 11.53 -13.80 15.29
C SER F 280 12.45 -13.63 14.06
N ARG F 281 12.87 -14.76 13.48
CA ARG F 281 13.64 -14.84 12.24
C ARG F 281 12.70 -15.05 11.03
N LYS F 282 11.73 -15.97 11.17
CA LYS F 282 11.06 -16.56 10.02
C LYS F 282 10.07 -15.55 9.43
N GLY F 283 9.95 -15.57 8.09
CA GLY F 283 9.32 -14.54 7.27
C GLY F 283 10.28 -13.47 6.76
N LEU F 284 11.59 -13.65 7.02
CA LEU F 284 12.64 -12.71 6.62
C LEU F 284 13.79 -13.53 6.00
N SER F 285 14.60 -12.81 5.22
CA SER F 285 15.81 -13.35 4.61
C SER F 285 16.88 -13.60 5.67
N ARG F 286 17.94 -14.30 5.27
CA ARG F 286 19.07 -14.59 6.14
C ARG F 286 20.01 -13.38 6.27
N GLU F 287 20.06 -12.50 5.26
CA GLU F 287 20.72 -11.19 5.35
C GLU F 287 19.87 -10.21 6.18
N ALA F 288 18.53 -10.33 6.14
CA ALA F 288 17.62 -9.54 6.97
C ALA F 288 17.68 -9.94 8.46
N TRP F 289 17.85 -11.23 8.75
CA TRP F 289 18.08 -11.72 10.10
C TRP F 289 19.46 -11.31 10.61
N GLN F 290 20.49 -11.45 9.75
CA GLN F 290 21.87 -11.08 10.09
C GLN F 290 21.97 -9.59 10.45
N ALA F 291 21.24 -8.72 9.73
CA ALA F 291 21.17 -7.29 10.04
C ALA F 291 20.47 -7.01 11.37
N LEU F 292 19.40 -7.78 11.69
CA LEU F 292 18.70 -7.65 12.97
C LEU F 292 19.63 -8.04 14.13
N VAL F 293 20.36 -9.15 13.99
CA VAL F 293 21.32 -9.58 15.01
C VAL F 293 22.34 -8.47 15.27
N GLU F 294 22.96 -7.92 14.21
CA GLU F 294 23.97 -6.85 14.30
C GLU F 294 23.43 -5.61 15.01
N ARG F 295 22.19 -5.20 14.70
CA ARG F 295 21.59 -3.99 15.26
C ARG F 295 21.02 -4.24 16.67
N GLU F 296 20.18 -5.28 16.84
CA GLU F 296 19.34 -5.47 18.04
C GLU F 296 19.97 -6.49 19.01
N ALA F 297 20.27 -7.71 18.52
CA ALA F 297 20.53 -8.86 19.39
C ALA F 297 21.97 -8.83 19.93
N GLU F 298 22.96 -8.68 19.04
CA GLU F 298 24.38 -8.76 19.35
C GLU F 298 24.80 -7.67 20.36
N PRO F 299 24.47 -6.36 20.20
CA PRO F 299 24.92 -5.34 21.17
C PRO F 299 24.35 -5.45 22.59
N VAL F 300 23.16 -6.06 22.73
CA VAL F 300 22.59 -6.42 24.01
C VAL F 300 23.42 -7.56 24.64
N PHE F 301 23.75 -8.59 23.85
CA PHE F 301 24.63 -9.68 24.30
C PHE F 301 26.01 -9.16 24.72
N GLN F 302 26.56 -8.20 23.95
CA GLN F 302 27.84 -7.56 24.25
C GLN F 302 27.78 -6.72 25.54
N ARG F 303 26.64 -6.02 25.78
CA ARG F 303 26.43 -5.22 26.98
C ARG F 303 26.38 -6.09 28.25
N LEU F 304 25.56 -7.15 28.22
CA LEU F 304 25.36 -8.01 29.39
C LEU F 304 26.59 -8.83 29.73
N LEU F 305 27.51 -9.10 28.78
CA LEU F 305 28.77 -9.73 29.11
C LEU F 305 29.67 -8.78 29.89
N LYS F 306 29.87 -7.55 29.38
CA LYS F 306 30.65 -6.51 30.04
C LYS F 306 30.15 -6.29 31.46
N GLU F 307 28.82 -6.18 31.61
CA GLU F 307 28.16 -6.07 32.92
C GLU F 307 28.48 -7.28 33.81
N ALA F 308 28.21 -8.50 33.33
CA ALA F 308 28.29 -9.70 34.16
C ALA F 308 29.72 -9.98 34.62
N MET F 309 30.70 -9.53 33.82
CA MET F 309 32.11 -9.63 34.17
C MET F 309 32.48 -8.59 35.23
N ALA F 310 32.12 -7.31 35.00
CA ALA F 310 32.48 -6.20 35.87
C ALA F 310 31.68 -6.24 37.19
N GLU F 311 30.34 -6.32 37.11
CA GLU F 311 29.42 -6.39 38.25
C GLU F 311 29.44 -7.76 38.98
N GLY F 312 29.97 -8.83 38.36
CA GLY F 312 30.17 -10.10 39.02
C GLY F 312 28.89 -10.90 39.30
N TRP F 313 27.82 -10.71 38.49
CA TRP F 313 26.54 -11.37 38.71
C TRP F 313 26.40 -12.69 37.95
N LEU F 314 27.48 -13.18 37.31
CA LEU F 314 27.65 -14.59 37.02
C LEU F 314 28.90 -15.06 37.76
N GLU F 315 28.75 -16.17 38.53
CA GLU F 315 29.82 -16.82 39.28
C GLU F 315 29.93 -18.25 38.78
N PRO F 316 30.60 -18.52 37.63
CA PRO F 316 30.74 -19.88 37.10
C PRO F 316 31.54 -20.79 38.02
N LYS F 317 30.96 -21.90 38.44
CA LYS F 317 31.64 -22.98 39.15
C LYS F 317 31.39 -24.30 38.40
N VAL F 318 32.23 -25.31 38.62
CA VAL F 318 32.04 -26.64 38.05
C VAL F 318 32.46 -27.68 39.06
N LEU F 319 31.58 -28.67 39.22
CA LEU F 319 31.90 -29.89 39.95
C LEU F 319 31.98 -31.01 38.92
N TYR F 320 33.10 -31.75 38.85
CA TYR F 320 33.35 -32.71 37.77
C TYR F 320 34.26 -33.86 38.19
N GLY F 321 34.19 -34.95 37.42
CA GLY F 321 34.87 -36.19 37.82
C GLY F 321 34.64 -37.38 36.89
N PHE F 322 35.16 -38.55 37.33
CA PHE F 322 35.13 -39.80 36.58
C PHE F 322 35.02 -40.97 37.55
N PHE F 323 34.42 -42.09 37.13
CA PHE F 323 34.15 -43.24 37.99
C PHE F 323 34.38 -44.57 37.30
N PRO F 324 34.88 -45.62 38.01
CA PRO F 324 34.87 -47.00 37.51
C PRO F 324 33.43 -47.50 37.55
N VAL F 325 32.93 -48.00 36.40
CA VAL F 325 31.55 -48.46 36.22
C VAL F 325 31.57 -49.78 35.48
N ALA F 326 30.37 -50.40 35.43
CA ALA F 326 30.10 -51.58 34.64
C ALA F 326 28.58 -51.69 34.40
N ARG F 327 28.19 -52.42 33.35
CA ARG F 327 26.83 -52.88 33.18
C ARG F 327 26.69 -54.27 33.81
N GLU F 328 25.62 -54.46 34.60
CA GLU F 328 25.15 -55.76 35.05
C GLU F 328 23.69 -55.90 34.65
N GLY F 329 23.45 -56.54 33.50
CA GLY F 329 22.12 -56.58 32.92
C GLY F 329 21.62 -55.20 32.50
N GLU F 330 20.51 -54.75 33.11
CA GLU F 330 19.91 -53.46 32.81
C GLU F 330 20.35 -52.36 33.79
N GLU F 331 21.24 -52.68 34.76
CA GLU F 331 21.76 -51.74 35.73
C GLU F 331 23.15 -51.28 35.30
N LEU F 332 23.45 -49.97 35.49
CA LEU F 332 24.79 -49.40 35.43
C LEU F 332 25.31 -49.24 36.86
N LEU F 333 26.25 -50.11 37.31
CA LEU F 333 26.87 -50.01 38.62
C LEU F 333 27.90 -48.86 38.61
N VAL F 334 28.07 -48.19 39.76
CA VAL F 334 29.16 -47.22 39.96
C VAL F 334 29.96 -47.66 41.19
N PHE F 335 31.26 -47.94 40.96
CA PHE F 335 32.20 -48.45 41.95
C PHE F 335 32.94 -47.27 42.61
N SER F 336 33.41 -47.47 43.86
CA SER F 336 34.25 -46.50 44.55
C SER F 336 35.67 -46.61 43.99
N PRO F 337 36.33 -45.50 43.58
CA PRO F 337 37.75 -45.56 43.24
C PRO F 337 38.67 -46.02 44.36
N GLU F 338 38.30 -45.72 45.62
CA GLU F 338 39.12 -46.04 46.77
C GLU F 338 38.77 -47.45 47.28
N THR F 339 37.49 -47.75 47.57
CA THR F 339 37.11 -49.05 48.17
C THR F 339 36.77 -50.13 47.15
N GLY F 340 36.30 -49.77 45.94
CA GLY F 340 35.77 -50.73 44.99
C GLY F 340 34.33 -51.18 45.24
N GLU F 341 33.65 -50.72 46.30
CA GLU F 341 32.31 -51.21 46.60
C GLU F 341 31.33 -50.47 45.70
N VAL F 342 30.15 -51.04 45.47
CA VAL F 342 29.14 -50.46 44.60
C VAL F 342 28.46 -49.34 45.38
N LEU F 343 28.51 -48.11 44.85
CA LEU F 343 27.96 -46.94 45.53
C LEU F 343 26.53 -46.67 45.09
N GLU F 344 26.32 -46.61 43.77
CA GLU F 344 25.03 -46.41 43.15
C GLU F 344 24.85 -47.40 42.01
N ARG F 345 23.57 -47.65 41.67
CA ARG F 345 23.14 -48.49 40.56
C ARG F 345 22.08 -47.67 39.81
N PHE F 346 22.15 -47.59 38.49
CA PHE F 346 21.15 -46.86 37.71
C PHE F 346 20.43 -47.85 36.79
N ARG F 347 19.14 -48.07 37.03
CA ARG F 347 18.25 -48.78 36.11
C ARG F 347 17.66 -47.76 35.12
N PHE F 348 18.28 -47.64 33.94
CA PHE F 348 17.82 -46.72 32.89
C PHE F 348 16.73 -47.35 32.03
N PRO F 349 15.78 -46.55 31.45
CA PRO F 349 14.73 -47.08 30.61
C PRO F 349 15.21 -47.45 29.22
N ARG F 350 14.57 -48.49 28.64
CA ARG F 350 14.86 -49.03 27.32
C ARG F 350 13.69 -48.69 26.40
N GLN F 351 14.00 -48.46 25.10
CA GLN F 351 13.01 -48.19 24.08
C GLN F 351 12.13 -49.42 23.83
N LYS F 352 10.95 -49.16 23.23
CA LYS F 352 9.86 -50.13 23.14
C LYS F 352 10.31 -51.31 22.28
N GLY F 353 10.07 -52.54 22.76
CA GLY F 353 10.43 -53.77 22.05
C GLY F 353 11.94 -53.99 21.94
N GLY F 354 12.60 -53.83 23.10
CA GLY F 354 14.03 -54.08 23.28
C GLY F 354 14.94 -53.25 22.39
N GLY F 355 14.72 -51.93 22.32
CA GLY F 355 15.55 -51.01 21.53
C GLY F 355 16.73 -50.55 22.37
N LEU F 356 17.01 -49.24 22.35
CA LEU F 356 18.22 -48.68 22.95
C LEU F 356 18.03 -48.28 24.41
N SER F 357 19.08 -48.45 25.24
CA SER F 357 19.18 -47.97 26.61
C SER F 357 20.53 -47.30 26.80
N LEU F 358 20.73 -46.53 27.88
CA LEU F 358 22.04 -45.97 28.20
C LEU F 358 23.04 -47.03 28.65
N VAL F 359 22.58 -48.07 29.38
CA VAL F 359 23.45 -49.17 29.84
C VAL F 359 24.17 -49.84 28.68
N ASP F 360 23.59 -49.80 27.47
CA ASP F 360 24.21 -50.31 26.27
C ASP F 360 25.50 -49.59 25.87
N TYR F 361 25.79 -48.37 26.38
CA TYR F 361 27.10 -47.73 26.14
C TYR F 361 28.22 -48.13 27.11
N PHE F 362 27.98 -49.11 28.00
CA PHE F 362 28.90 -49.47 29.06
C PHE F 362 29.28 -50.94 28.93
N ARG F 363 30.57 -51.22 29.21
CA ARG F 363 31.13 -52.55 29.10
C ARG F 363 30.50 -53.40 30.20
N PRO F 364 30.23 -54.72 29.97
CA PRO F 364 29.74 -55.59 31.02
C PRO F 364 30.73 -55.79 32.18
N ARG F 365 30.18 -56.13 33.35
CA ARG F 365 30.99 -56.44 34.52
C ARG F 365 31.83 -57.69 34.24
N PHE F 366 33.10 -57.66 34.71
CA PHE F 366 34.12 -58.70 34.51
C PHE F 366 34.43 -58.98 33.03
N ALA F 367 34.11 -58.01 32.13
CA ALA F 367 34.39 -58.15 30.70
C ALA F 367 35.90 -58.23 30.49
N ALA F 368 36.32 -59.12 29.57
CA ALA F 368 37.72 -59.27 29.24
C ALA F 368 38.19 -57.95 28.62
N PRO F 369 39.24 -57.29 29.16
CA PRO F 369 39.61 -55.93 28.74
C PRO F 369 39.92 -55.75 27.25
N LEU F 370 39.49 -54.61 26.69
CA LEU F 370 39.74 -54.28 25.29
C LEU F 370 41.23 -54.06 25.07
N GLY F 371 41.81 -53.20 25.91
CA GLY F 371 43.21 -52.88 25.88
C GLY F 371 43.84 -53.19 27.24
N ASP F 372 44.75 -52.28 27.67
CA ASP F 372 45.57 -52.46 28.85
C ASP F 372 44.97 -51.61 29.98
N GLU F 373 43.64 -51.66 30.15
CA GLU F 373 42.94 -50.87 31.16
C GLU F 373 43.22 -51.38 32.57
N ALA F 374 43.52 -52.68 32.74
CA ALA F 374 43.99 -53.24 33.98
C ALA F 374 45.26 -52.58 34.53
N ASP F 375 46.07 -51.90 33.68
CA ASP F 375 47.25 -51.12 34.10
C ASP F 375 46.90 -49.94 35.01
N TRP F 376 45.70 -49.34 34.82
CA TRP F 376 45.33 -48.06 35.42
C TRP F 376 43.97 -48.02 36.12
N MET F 377 43.05 -48.97 35.85
CA MET F 377 41.74 -48.99 36.51
C MET F 377 41.98 -49.19 38.00
N PRO F 378 41.25 -48.53 38.95
CA PRO F 378 41.47 -48.74 40.36
C PRO F 378 41.43 -50.23 40.74
N LYS F 379 42.51 -50.73 41.35
CA LYS F 379 42.76 -52.13 41.70
C LYS F 379 41.55 -52.79 42.33
N GLU F 380 40.90 -52.10 43.27
CA GLU F 380 39.81 -52.62 44.09
C GLU F 380 38.54 -52.76 43.23
N ALA F 381 38.20 -51.67 42.50
CA ALA F 381 37.10 -51.58 41.55
C ALA F 381 37.19 -52.65 40.46
N PHE F 382 38.38 -52.83 39.88
CA PHE F 382 38.58 -53.75 38.77
C PHE F 382 38.46 -55.19 39.27
N ARG F 383 38.95 -55.51 40.48
CA ARG F 383 38.74 -56.83 41.09
C ARG F 383 37.26 -57.08 41.39
N ALA F 384 36.54 -56.03 41.81
CA ALA F 384 35.08 -56.04 41.96
C ALA F 384 34.32 -56.11 40.63
N GLY F 385 34.96 -55.86 39.48
CA GLY F 385 34.42 -56.13 38.15
C GLY F 385 34.19 -54.92 37.28
N ALA F 386 34.52 -53.69 37.75
CA ALA F 386 34.39 -52.49 36.94
C ALA F 386 35.29 -52.54 35.69
N ARG F 387 34.70 -52.26 34.51
CA ARG F 387 35.46 -52.35 33.27
C ARG F 387 35.32 -51.15 32.36
N ASP F 388 34.52 -50.13 32.71
CA ASP F 388 34.38 -48.91 31.91
C ASP F 388 34.44 -47.69 32.81
N VAL F 389 34.52 -46.51 32.18
CA VAL F 389 34.74 -45.22 32.83
C VAL F 389 33.60 -44.30 32.45
N LEU F 390 32.90 -43.77 33.46
CA LEU F 390 31.83 -42.80 33.26
C LEU F 390 32.29 -41.42 33.73
N GLY F 391 32.09 -40.39 32.91
CA GLY F 391 32.30 -39.01 33.29
C GLY F 391 31.01 -38.40 33.85
N VAL F 392 31.15 -37.39 34.74
CA VAL F 392 30.03 -36.66 35.36
C VAL F 392 30.43 -35.20 35.50
N GLN F 393 29.51 -34.26 35.24
CA GLN F 393 29.72 -32.83 35.48
C GLN F 393 28.43 -32.20 36.06
N LEU F 394 28.56 -31.28 37.03
CA LEU F 394 27.57 -30.26 37.33
C LEU F 394 28.21 -28.90 37.06
N VAL F 395 27.50 -28.05 36.29
CA VAL F 395 27.82 -26.63 36.18
C VAL F 395 26.75 -25.79 36.86
N THR F 396 27.10 -24.51 37.14
CA THR F 396 26.23 -23.55 37.82
C THR F 396 26.77 -22.13 37.60
N MET F 397 25.88 -21.14 37.60
CA MET F 397 26.25 -19.73 37.57
C MET F 397 25.87 -19.01 38.88
N GLY F 398 25.51 -19.75 39.95
CA GLY F 398 25.32 -19.21 41.28
C GLY F 398 23.93 -18.62 41.50
N GLU F 399 23.70 -18.15 42.74
CA GLU F 399 22.52 -17.42 43.14
C GLU F 399 22.53 -15.98 42.55
N ALA F 400 23.70 -15.42 42.23
CA ALA F 400 23.89 -14.05 41.75
C ALA F 400 23.01 -13.61 40.58
N PRO F 401 22.86 -14.39 39.48
CA PRO F 401 22.00 -13.99 38.36
C PRO F 401 20.51 -14.02 38.70
N SER F 402 20.10 -14.97 39.56
CA SER F 402 18.75 -15.05 40.12
C SER F 402 18.43 -13.76 40.88
N ARG F 403 19.38 -13.29 41.70
CA ARG F 403 19.27 -12.03 42.44
C ARG F 403 19.21 -10.79 41.53
N LYS F 404 20.12 -10.72 40.56
CA LYS F 404 20.19 -9.63 39.59
C LYS F 404 18.87 -9.47 38.82
N ALA F 405 18.25 -10.61 38.45
CA ALA F 405 17.01 -10.61 37.67
C ALA F 405 15.83 -10.13 38.51
N GLN F 406 15.70 -10.63 39.75
CA GLN F 406 14.66 -10.21 40.69
C GLN F 406 14.73 -8.70 40.98
N ALA F 407 15.95 -8.13 40.99
CA ALA F 407 16.18 -6.69 41.10
C ALA F 407 15.55 -5.90 39.95
N LEU F 408 15.79 -6.33 38.71
CA LEU F 408 15.28 -5.66 37.50
C LEU F 408 13.75 -5.71 37.44
N PHE F 409 13.20 -6.91 37.68
CA PHE F 409 11.75 -7.14 37.69
C PHE F 409 11.07 -6.25 38.73
N ALA F 410 11.67 -6.15 39.92
CA ALA F 410 11.15 -5.35 41.03
C ALA F 410 11.15 -3.86 40.68
N SER F 411 12.26 -3.35 40.09
CA SER F 411 12.39 -1.96 39.67
C SER F 411 11.56 -1.64 38.42
N GLY F 412 11.15 -2.66 37.65
CA GLY F 412 10.20 -2.51 36.55
C GLY F 412 10.84 -2.45 35.17
N ALA F 413 12.17 -2.68 35.06
CA ALA F 413 12.86 -2.86 33.79
C ALA F 413 12.53 -4.27 33.25
N TYR F 414 11.34 -4.43 32.67
CA TYR F 414 10.82 -5.72 32.24
C TYR F 414 11.56 -6.22 31.00
N GLN F 415 11.97 -5.30 30.10
CA GLN F 415 12.80 -5.61 28.94
C GLN F 415 14.13 -6.19 29.40
N ASP F 416 14.84 -5.46 30.30
CA ASP F 416 16.13 -5.92 30.79
C ASP F 416 15.99 -7.17 31.65
N TYR F 417 14.85 -7.33 32.36
CA TYR F 417 14.52 -8.56 33.10
C TYR F 417 14.53 -9.75 32.16
N LEU F 418 13.91 -9.57 30.97
CA LEU F 418 13.85 -10.64 29.97
C LEU F 418 15.26 -10.98 29.49
N PHE F 419 16.00 -9.92 29.09
CA PHE F 419 17.31 -10.08 28.48
C PHE F 419 18.27 -10.79 29.44
N VAL F 420 18.39 -10.25 30.66
CA VAL F 420 19.29 -10.75 31.69
C VAL F 420 18.97 -12.20 32.11
N HIS F 421 17.69 -12.57 32.16
CA HIS F 421 17.30 -13.95 32.42
C HIS F 421 17.91 -14.88 31.36
N GLY F 422 17.49 -14.69 30.10
CA GLY F 422 17.85 -15.54 28.98
C GLY F 422 19.35 -15.67 28.77
N PHE F 423 20.07 -14.54 28.90
CA PHE F 423 21.52 -14.49 28.95
C PHE F 423 22.05 -15.49 29.96
N SER F 424 21.61 -15.37 31.23
CA SER F 424 22.08 -16.24 32.33
C SER F 424 21.82 -17.74 32.05
N VAL F 425 20.66 -18.03 31.46
CA VAL F 425 20.22 -19.38 31.14
C VAL F 425 21.08 -19.98 30.03
N GLU F 426 21.27 -19.23 28.93
CA GLU F 426 22.03 -19.72 27.78
C GLU F 426 23.55 -19.68 28.05
N MET F 427 23.99 -18.77 28.95
CA MET F 427 25.35 -18.80 29.47
C MET F 427 25.59 -20.03 30.34
N THR F 428 24.56 -20.49 31.08
CA THR F 428 24.65 -21.71 31.90
C THR F 428 24.78 -22.94 31.01
N GLU F 429 23.99 -22.99 29.92
CA GLU F 429 24.09 -24.05 28.93
C GLU F 429 25.44 -24.03 28.23
N ALA F 430 25.93 -22.82 27.90
CA ALA F 430 27.24 -22.63 27.28
C ALA F 430 28.36 -23.22 28.16
N LEU F 431 28.25 -23.06 29.48
CA LEU F 431 29.23 -23.62 30.43
C LEU F 431 29.17 -25.14 30.44
N ALA F 432 27.96 -25.73 30.40
CA ALA F 432 27.83 -27.17 30.27
C ALA F 432 28.54 -27.66 29.01
N GLU F 433 28.42 -26.89 27.89
CA GLU F 433 28.99 -27.22 26.60
C GLU F 433 30.51 -27.04 26.61
N TYR F 434 30.98 -25.86 27.05
CA TYR F 434 32.40 -25.59 27.20
C TYR F 434 33.05 -26.68 28.04
N TRP F 435 32.47 -26.98 29.21
CA TRP F 435 33.06 -27.96 30.11
C TRP F 435 33.00 -29.38 29.54
N HIS F 436 31.99 -29.70 28.72
CA HIS F 436 31.98 -30.97 28.00
C HIS F 436 33.23 -31.12 27.13
N LYS F 437 33.56 -30.06 26.36
CA LYS F 437 34.77 -30.03 25.54
C LYS F 437 36.00 -30.34 26.39
N ARG F 438 36.05 -29.66 27.52
CA ARG F 438 37.14 -29.78 28.47
C ARG F 438 37.18 -31.17 29.12
N MET F 439 36.00 -31.78 29.30
CA MET F 439 35.87 -33.14 29.81
C MET F 439 36.36 -34.15 28.79
N ARG F 440 36.16 -33.86 27.48
CA ARG F 440 36.69 -34.72 26.41
C ARG F 440 38.22 -34.67 26.37
N GLN F 441 38.79 -33.45 26.45
CA GLN F 441 40.20 -33.22 26.30
C GLN F 441 40.95 -34.03 27.35
N MET F 442 40.63 -33.79 28.63
CA MET F 442 41.27 -34.47 29.75
C MET F 442 41.15 -36.00 29.64
N TRP F 443 39.99 -36.48 29.14
CA TRP F 443 39.75 -37.89 28.95
C TRP F 443 40.59 -38.45 27.77
N GLY F 444 40.87 -37.58 26.81
CA GLY F 444 41.70 -37.84 25.65
C GLY F 444 40.87 -38.26 24.45
N ILE F 445 39.63 -37.74 24.35
CA ILE F 445 38.69 -38.08 23.28
C ILE F 445 38.34 -36.82 22.45
N ALA F 446 39.28 -35.85 22.39
CA ALA F 446 39.09 -34.59 21.71
C ALA F 446 39.87 -34.50 20.40
N HIS F 447 40.39 -35.62 19.88
CA HIS F 447 40.94 -35.70 18.53
C HIS F 447 39.89 -35.34 17.45
N GLN F 448 38.62 -35.74 17.69
CA GLN F 448 37.52 -35.70 16.73
C GLN F 448 36.50 -34.57 17.01
N ASP F 449 36.92 -33.44 17.62
CA ASP F 449 36.03 -32.32 17.95
C ASP F 449 35.80 -31.47 16.70
N ALA F 450 34.77 -30.61 16.78
CA ALA F 450 34.36 -29.74 15.67
C ALA F 450 35.36 -28.61 15.45
N THR F 451 35.56 -28.20 14.18
CA THR F 451 36.45 -27.10 13.80
C THR F 451 35.76 -25.74 14.07
N GLU F 452 34.42 -25.65 13.83
CA GLU F 452 33.58 -24.51 14.22
C GLU F 452 32.89 -24.72 15.58
N ILE F 453 32.48 -23.61 16.21
CA ILE F 453 31.64 -23.58 17.41
C ILE F 453 30.21 -24.07 17.11
N GLN F 454 29.71 -23.76 15.89
CA GLN F 454 28.33 -24.05 15.51
C GLN F 454 28.06 -25.57 15.43
N LYS F 455 29.08 -26.38 15.11
CA LYS F 455 28.94 -27.81 14.90
C LYS F 455 29.11 -28.62 16.20
N LEU F 456 29.49 -27.97 17.33
CA LEU F 456 29.40 -28.60 18.65
C LEU F 456 27.94 -28.80 19.12
N PHE F 457 27.02 -27.92 18.69
CA PHE F 457 25.59 -28.05 19.02
C PHE F 457 24.93 -29.21 18.24
N GLN F 458 25.52 -29.68 17.13
CA GLN F 458 25.10 -30.85 16.35
C GLN F 458 25.73 -32.16 16.86
N GLN F 459 26.39 -32.17 18.05
CA GLN F 459 27.11 -33.30 18.64
C GLN F 459 28.29 -33.74 17.77
N GLY F 460 29.14 -32.77 17.39
CA GLY F 460 30.32 -32.98 16.55
C GLY F 460 31.56 -33.33 17.38
N TYR F 461 31.53 -34.49 18.04
CA TYR F 461 32.51 -34.92 19.05
C TYR F 461 32.24 -36.38 19.40
N GLN F 462 33.13 -37.00 20.20
CA GLN F 462 32.99 -38.39 20.61
C GLN F 462 32.16 -38.49 21.88
N GLY F 463 31.23 -39.44 21.88
CA GLY F 463 30.29 -39.57 22.98
C GLY F 463 29.25 -38.46 23.05
N ALA F 464 28.55 -38.41 24.18
CA ALA F 464 27.49 -37.46 24.41
C ALA F 464 27.19 -37.31 25.90
N ARG F 465 26.50 -36.21 26.26
CA ARG F 465 26.07 -35.95 27.63
C ARG F 465 24.55 -36.13 27.77
N TYR F 466 24.16 -36.90 28.79
CA TYR F 466 22.77 -37.24 29.10
C TYR F 466 22.45 -36.59 30.44
N SER F 467 21.68 -35.48 30.43
CA SER F 467 21.17 -34.86 31.65
C SER F 467 19.93 -35.64 32.16
N PHE F 468 19.80 -35.82 33.48
CA PHE F 468 18.66 -36.53 34.06
C PHE F 468 17.38 -35.70 33.91
N GLY F 469 16.25 -36.34 33.57
CA GLY F 469 15.01 -35.65 33.24
C GLY F 469 14.65 -35.74 31.76
N TYR F 470 15.66 -35.74 30.87
CA TYR F 470 15.54 -35.99 29.45
C TYR F 470 15.15 -37.45 29.17
N PRO F 471 14.56 -37.76 27.97
CA PRO F 471 13.86 -39.03 27.77
C PRO F 471 14.67 -40.32 28.03
N ALA F 472 15.97 -40.26 27.70
CA ALA F 472 16.90 -41.36 27.82
C ALA F 472 17.08 -41.85 29.26
N CYS F 473 16.98 -40.91 30.23
CA CYS F 473 17.28 -41.13 31.65
C CYS F 473 16.39 -40.19 32.47
N PRO F 474 15.05 -40.31 32.40
CA PRO F 474 14.12 -39.22 32.79
C PRO F 474 13.72 -39.07 34.26
N ASP F 475 14.09 -40.07 35.07
CA ASP F 475 13.86 -40.10 36.50
C ASP F 475 14.76 -39.03 37.10
N LEU F 476 14.13 -37.95 37.59
CA LEU F 476 14.85 -36.84 38.21
C LEU F 476 15.36 -37.19 39.60
N ALA F 477 14.81 -38.25 40.24
CA ALA F 477 15.28 -38.69 41.54
C ALA F 477 16.63 -39.37 41.47
N ASP F 478 17.15 -39.70 40.26
CA ASP F 478 18.52 -40.14 40.10
C ASP F 478 19.51 -38.99 40.31
N GLN F 479 19.09 -37.71 40.28
CA GLN F 479 19.94 -36.58 40.67
C GLN F 479 20.41 -36.61 42.13
N ALA F 480 19.64 -37.27 43.03
CA ALA F 480 20.09 -37.53 44.40
C ALA F 480 21.22 -38.54 44.43
N LYS F 481 21.19 -39.57 43.55
CA LYS F 481 22.27 -40.53 43.41
C LYS F 481 23.54 -39.82 42.92
N LEU F 482 23.38 -38.83 42.03
CA LEU F 482 24.50 -38.06 41.49
C LEU F 482 25.09 -37.12 42.52
N ASP F 483 24.26 -36.52 43.39
CA ASP F 483 24.72 -35.70 44.51
C ASP F 483 25.47 -36.53 45.56
N ARG F 484 25.02 -37.76 45.88
CA ARG F 484 25.73 -38.68 46.77
C ARG F 484 27.12 -39.01 46.25
N LEU F 485 27.31 -39.07 44.93
CA LEU F 485 28.61 -39.32 44.33
C LEU F 485 29.46 -38.06 44.34
N MET F 486 28.91 -36.90 43.92
CA MET F 486 29.66 -35.69 43.61
C MET F 486 29.74 -34.71 44.78
N GLY F 487 28.61 -34.44 45.45
CA GLY F 487 28.53 -33.53 46.60
C GLY F 487 28.24 -32.12 46.12
N PHE F 488 26.97 -31.82 45.80
CA PHE F 488 26.61 -30.61 45.07
C PHE F 488 26.88 -29.34 45.88
N HIS F 489 26.79 -29.43 47.23
CA HIS F 489 27.18 -28.36 48.16
C HIS F 489 28.54 -27.74 47.90
N ARG F 490 29.47 -28.52 47.33
CA ARG F 490 30.84 -28.10 47.09
C ARG F 490 30.94 -26.98 46.04
N VAL F 491 29.89 -26.73 45.24
CA VAL F 491 29.75 -25.55 44.37
C VAL F 491 28.43 -24.82 44.68
N GLY F 492 27.96 -24.92 45.93
CA GLY F 492 26.78 -24.22 46.44
C GLY F 492 25.46 -24.61 45.83
N VAL F 493 25.34 -25.87 45.39
CA VAL F 493 24.12 -26.36 44.77
C VAL F 493 23.42 -27.32 45.76
N ARG F 494 22.09 -27.24 45.79
CA ARG F 494 21.24 -28.06 46.66
C ARG F 494 20.07 -28.60 45.84
N LEU F 495 19.56 -29.77 46.27
CA LEU F 495 18.35 -30.37 45.74
C LEU F 495 17.15 -30.03 46.62
N THR F 496 16.02 -29.65 45.99
CA THR F 496 14.74 -29.46 46.68
C THR F 496 13.97 -30.79 46.73
N GLU F 497 12.75 -30.77 47.28
CA GLU F 497 11.88 -31.94 47.41
C GLU F 497 11.45 -32.52 46.06
N ASN F 498 11.29 -31.64 45.04
CA ASN F 498 10.96 -32.04 43.67
C ASN F 498 12.22 -32.26 42.82
N PHE F 499 13.40 -32.34 43.45
CA PHE F 499 14.68 -32.69 42.85
C PHE F 499 15.16 -31.64 41.85
N GLN F 500 14.78 -30.37 42.07
CA GLN F 500 15.27 -29.25 41.29
C GLN F 500 16.59 -28.77 41.92
N LEU F 501 17.49 -28.24 41.08
CA LEU F 501 18.76 -27.68 41.48
C LEU F 501 18.51 -26.25 41.91
N GLU F 502 19.07 -25.90 43.07
CA GLU F 502 19.04 -24.59 43.68
C GLU F 502 20.50 -24.14 43.85
N PRO F 503 21.00 -23.09 43.15
CA PRO F 503 20.21 -22.17 42.32
C PRO F 503 19.65 -22.71 40.99
N GLU F 504 18.63 -22.02 40.45
CA GLU F 504 17.90 -22.46 39.26
C GLU F 504 18.82 -22.55 38.03
N HIS F 505 19.84 -21.69 37.93
CA HIS F 505 20.77 -21.65 36.81
C HIS F 505 21.90 -22.65 37.03
N ALA F 506 21.56 -23.95 36.94
CA ALA F 506 22.51 -25.05 37.11
C ALA F 506 22.02 -26.29 36.35
N THR F 507 22.94 -27.11 35.84
CA THR F 507 22.59 -28.26 35.03
C THR F 507 23.64 -29.36 35.22
N SER F 508 23.22 -30.53 35.72
CA SER F 508 24.00 -31.76 35.76
C SER F 508 23.93 -32.57 34.46
N ALA F 509 24.95 -33.40 34.20
CA ALA F 509 25.05 -34.22 32.98
C ALA F 509 25.95 -35.43 33.21
N LEU F 510 25.58 -36.61 32.62
CA LEU F 510 26.44 -37.78 32.55
C LEU F 510 27.21 -37.74 31.24
N VAL F 511 28.57 -37.82 31.29
CA VAL F 511 29.45 -37.62 30.14
C VAL F 511 29.93 -39.00 29.69
N VAL F 512 29.47 -39.45 28.49
CA VAL F 512 29.73 -40.80 27.96
C VAL F 512 30.82 -40.69 26.89
N HIS F 513 31.78 -41.62 26.89
CA HIS F 513 32.89 -41.63 25.93
C HIS F 513 32.57 -42.38 24.63
N HIS F 514 31.67 -43.39 24.67
CA HIS F 514 31.46 -44.34 23.59
C HIS F 514 31.11 -43.57 22.31
N PRO F 515 31.78 -43.76 21.14
CA PRO F 515 31.58 -42.89 19.98
C PRO F 515 30.21 -43.04 19.31
N GLU F 516 29.55 -44.20 19.45
CA GLU F 516 28.22 -44.44 18.90
C GLU F 516 27.10 -43.82 19.75
N ALA F 517 27.40 -43.17 20.88
CA ALA F 517 26.38 -42.62 21.76
C ALA F 517 25.86 -41.33 21.18
N ARG F 518 24.58 -41.33 20.75
CA ARG F 518 23.82 -40.13 20.38
C ARG F 518 22.44 -40.22 21.00
N TYR F 519 21.66 -39.12 20.87
CA TYR F 519 20.43 -38.90 21.62
C TYR F 519 19.24 -39.62 21.01
N PHE F 520 18.34 -40.08 21.87
CA PHE F 520 17.18 -40.87 21.49
C PHE F 520 16.04 -40.63 22.48
N SER F 521 14.82 -40.97 22.05
CA SER F 521 13.60 -40.84 22.83
C SER F 521 13.02 -42.22 23.13
N VAL F 522 12.77 -42.53 24.41
CA VAL F 522 11.98 -43.71 24.81
C VAL F 522 10.47 -43.45 24.67
N ASP F 523 10.05 -42.17 24.76
CA ASP F 523 8.68 -41.66 24.67
C ASP F 523 8.50 -40.80 23.39
CO B12 G . -23.21 33.45 -18.32
N21 B12 G . -21.73 34.64 -18.21
N22 B12 G . -24.22 34.81 -19.17
N23 B12 G . -24.62 32.26 -18.03
N24 B12 G . -22.06 32.30 -17.41
C1 B12 G . -20.66 34.27 -17.23
C20 B12 G . -21.09 34.62 -15.80
C2 B12 G . -19.45 35.06 -17.76
C25 B12 G . -18.32 35.35 -16.78
C26 B12 G . -18.85 34.33 -19.02
C27 B12 G . -17.55 34.84 -19.57
O28 B12 G . -17.39 35.95 -20.11
N29 B12 G . -16.54 33.99 -19.43
C3 B12 G . -20.18 36.32 -18.26
C30 B12 G . -20.09 37.69 -17.52
C31 B12 G . -19.32 38.71 -18.38
C32 B12 G . -19.53 40.14 -17.88
O34 B12 G . -19.28 41.15 -18.54
N33 B12 G . -20.09 40.47 -16.74
C4 B12 G . -21.61 35.87 -18.56
C5 B12 G . -22.60 36.58 -19.33
C35 B12 G . -22.05 37.52 -20.35
C6 B12 G . -23.86 36.09 -19.54
C7 B12 G . -25.14 36.81 -20.01
C36 B12 G . -25.19 38.32 -19.71
C37 B12 G . -25.44 36.40 -21.52
C38 B12 G . -26.24 37.52 -22.25
O39 B12 G . -25.57 38.37 -22.88
N40 B12 G . -27.54 37.62 -22.15
C8 B12 G . -26.18 36.03 -19.14
C41 B12 G . -26.11 36.32 -17.64
C42 B12 G . -27.36 35.89 -16.91
C43 B12 G . -28.33 36.95 -16.68
O44 B12 G . -28.22 38.11 -17.32
N45 B12 G . -29.38 36.58 -15.85
C9 B12 G . -25.55 34.67 -19.13
C10 B12 G . -26.30 33.51 -19.11
C11 B12 G . -25.88 32.33 -18.55
C12 B12 G . -26.73 31.20 -18.10
C46 B12 G . -26.64 30.08 -19.16
C47 B12 G . -28.24 31.44 -17.96
C13 B12 G . -26.04 30.88 -16.79
C48 B12 G . -26.48 31.80 -15.64
C49 B12 G . -27.01 31.11 -14.38
C50 B12 G . -25.95 31.13 -13.27
O51 B12 G . -25.92 30.22 -12.40
N52 B12 G . -25.07 32.09 -13.20
C14 B12 G . -24.63 31.23 -17.18
C15 B12 G . -23.52 30.49 -16.92
C53 B12 G . -23.68 29.04 -16.80
C16 B12 G . -22.24 31.11 -17.02
C17 B12 G . -20.89 30.52 -16.49
C54 B12 G . -20.52 29.63 -17.73
C55 B12 G . -20.77 29.65 -15.22
C56 B12 G . -21.34 30.30 -13.99
C57 B12 G . -21.53 29.41 -12.80
O58 B12 G . -22.67 28.99 -12.71
N59 B12 G . -20.55 29.29 -11.94
C18 B12 G . -20.01 31.79 -16.44
C60 B12 G . -18.47 31.61 -16.61
C61 B12 G . -17.69 31.76 -15.33
O63 B12 G . -16.49 32.05 -15.44
N62 B12 G . -18.14 31.60 -14.08
C19 B12 G . -20.69 32.71 -17.40
C1P B12 G . -20.69 28.45 -10.74
C2P B12 G . -21.23 29.34 -9.59
C3P B12 G . -21.58 28.54 -8.32
O3 B12 G . -20.11 30.18 -9.29
O4 B12 G . -21.53 32.23 -8.79
O5 B12 G . -18.92 32.38 -9.36
P B12 G . -20.18 31.68 -8.73
O2 B12 G . -19.82 31.49 -7.18
C3R B12 G . -18.62 30.91 -6.79
C2R B12 G . -17.52 31.75 -6.28
O7R B12 G . -17.31 32.98 -6.87
C1R B12 G . -17.85 31.81 -4.82
O6R B12 G . -18.75 30.73 -4.53
C4R B12 G . -18.93 29.92 -5.67
C5R B12 G . -18.07 28.62 -5.66
O8R B12 G . -18.27 27.98 -4.37
N1B B12 G . -18.58 33.01 -4.40
C8B B12 G . -18.48 33.59 -3.14
C2B B12 G . -19.48 33.73 -5.07
N3B B12 G . -19.97 34.75 -4.36
C9B B12 G . -19.35 34.70 -3.13
C4B B12 G . -19.48 35.50 -1.99
C5B B12 G . -18.70 35.11 -0.87
C5M B12 G . -18.80 35.91 0.39
C6B B12 G . -17.79 33.96 -0.88
C6M B12 G . -16.94 33.58 0.27
C7B B12 G . -17.71 33.21 -2.04
CO B12 H . -30.69 -31.35 21.70
N21 B12 H . -29.35 -32.63 21.41
N22 B12 H . -31.71 -32.57 22.73
N23 B12 H . -31.94 -30.00 21.60
N24 B12 H . -29.49 -30.28 20.67
C1 B12 H . -28.42 -32.39 20.26
C20 B12 H . -29.08 -32.68 18.90
C2 B12 H . -27.23 -33.30 20.68
C25 B12 H . -26.24 -33.69 19.54
C26 B12 H . -26.46 -32.63 21.92
C27 B12 H . -25.12 -33.23 22.30
O28 B12 H . -24.94 -34.38 22.84
N29 B12 H . -24.09 -32.42 21.95
C3 B12 H . -28.02 -34.52 21.24
C30 B12 H . -28.28 -35.82 20.40
C31 B12 H . -27.51 -37.01 20.97
C32 B12 H . -28.18 -38.43 20.85
O34 B12 H . -27.69 -39.42 21.46
N33 B12 H . -29.31 -38.73 20.16
C4 B12 H . -29.31 -33.89 21.76
C5 B12 H . -30.21 -34.48 22.71
C35 B12 H . -29.59 -35.44 23.66
C6 B12 H . -31.42 -33.91 23.02
C7 B12 H . -32.70 -34.52 23.63
C36 B12 H . -32.91 -36.03 23.34
C37 B12 H . -32.66 -34.12 25.18
C38 B12 H . -33.75 -34.86 25.99
O39 B12 H . -33.36 -35.70 26.89
N40 B12 H . -35.00 -34.66 25.73
C8 B12 H . -33.77 -33.65 22.92
C41 B12 H . -33.97 -34.00 21.43
C42 B12 H . -35.20 -33.34 20.85
C43 B12 H . -36.43 -34.13 20.75
O44 B12 H . -36.51 -35.28 21.26
N45 B12 H . -37.49 -33.60 20.10
C9 B12 H . -33.02 -32.35 22.89
C10 B12 H . -33.62 -31.11 22.89
C11 B12 H . -33.16 -30.01 22.19
C12 B12 H . -34.03 -28.87 21.64
C46 B12 H . -33.76 -27.64 22.57
C47 B12 H . -35.61 -29.07 21.60
C13 B12 H . -33.36 -28.72 20.25
C48 B12 H . -33.81 -29.79 19.23
C49 B12 H . -34.64 -29.23 18.06
C50 B12 H . -33.75 -28.90 16.88
O51 B12 H . -34.16 -28.06 16.06
N52 B12 H . -32.61 -29.45 16.62
C14 B12 H . -31.96 -29.06 20.64
C15 B12 H . -30.87 -28.38 20.19
C53 B12 H . -30.92 -26.88 20.15
C16 B12 H . -29.60 -29.08 20.25
C17 B12 H . -28.25 -28.68 19.52
C54 B12 H . -27.68 -27.85 20.73
C55 B12 H . -28.25 -27.80 18.22
C56 B12 H . -29.14 -28.30 17.07
C57 B12 H . -29.40 -27.34 15.95
O58 B12 H . -30.54 -26.82 16.02
N59 B12 H . -28.47 -27.21 15.00
C18 B12 H . -27.61 -30.04 19.29
C60 B12 H . -26.07 -30.06 19.13
C61 B12 H . -25.54 -30.30 17.67
O63 B12 H . -24.44 -30.88 17.42
N62 B12 H . -26.18 -29.90 16.56
C19 B12 H . -28.21 -30.85 20.39
C1P B12 H . -28.71 -26.27 13.86
C2P B12 H . -29.44 -27.02 12.74
C3P B12 H . -29.94 -26.15 11.59
O3 B12 H . -28.44 -27.97 12.21
O4 B12 H . -30.11 -29.87 12.21
O5 B12 H . -27.59 -30.41 12.22
P B12 H . -28.76 -29.52 11.78
O2 B12 H . -28.65 -29.39 10.18
C3R B12 H . -27.45 -28.96 9.61
C2R B12 H . -26.48 -30.00 9.13
O7R B12 H . -26.37 -31.18 9.85
C1R B12 H . -26.87 -30.22 7.65
O6R B12 H . -27.61 -29.05 7.23
C4R B12 H . -27.83 -28.17 8.35
C5R B12 H . -27.05 -26.84 8.24
O8R B12 H . -27.26 -26.33 6.89
N1B B12 H . -27.79 -31.30 7.39
C8B B12 H . -27.99 -31.90 6.16
C2B B12 H . -28.70 -31.88 8.18
N3B B12 H . -29.45 -32.83 7.58
C9B B12 H . -29.02 -32.87 6.29
C4B B12 H . -29.40 -33.63 5.18
C5B B12 H . -28.73 -33.40 3.95
C5M B12 H . -29.11 -34.17 2.73
C6B B12 H . -27.67 -32.41 3.80
C6M B12 H . -26.96 -32.11 2.53
C7B B12 H . -27.31 -31.66 4.95
CO B12 I . 14.01 45.85 9.91
N21 B12 I . 13.90 46.14 8.09
N22 B12 I . 14.38 47.72 10.19
N23 B12 I . 14.33 45.30 11.65
N24 B12 I . 13.75 44.06 9.38
C1 B12 I . 13.89 44.93 7.18
C20 B12 I . 15.30 44.34 6.93
C2 B12 I . 13.15 45.47 5.90
C25 B12 I . 13.51 44.81 4.57
C26 B12 I . 11.58 45.45 6.11
C27 B12 I . 10.76 45.86 4.86
O28 B12 I . 10.92 46.84 4.03
N29 B12 I . 9.75 45.03 4.58
C3 B12 I . 13.59 46.96 5.97
C30 B12 I . 14.67 47.49 4.98
C31 B12 I . 14.03 48.55 4.03
C32 B12 I . 15.05 49.15 3.08
O34 B12 I . 14.76 50.10 2.35
N33 B12 I . 16.30 48.77 3.03
C4 B12 I . 13.89 47.25 7.44
C5 B12 I . 14.02 48.57 8.03
C35 B12 I . 13.34 49.68 7.34
C6 B12 I . 14.26 48.80 9.34
C7 B12 I . 14.87 50.01 10.02
C36 B12 I . 15.63 50.98 9.09
C37 B12 I . 13.77 50.71 10.90
C38 B12 I . 14.11 52.25 11.15
O39 B12 I . 13.57 53.09 10.39
N40 B12 I . 14.99 52.62 12.05
C8 B12 I . 15.86 49.30 11.06
C41 B12 I . 17.18 48.88 10.43
C42 B12 I . 18.11 48.16 11.38
C43 B12 I . 19.25 48.94 11.84
O44 B12 I . 19.48 50.10 11.33
N45 B12 I . 20.01 48.39 12.83
C9 B12 I . 15.03 48.07 11.31
C10 B12 I . 15.07 47.40 12.52
C11 B12 I . 14.67 46.10 12.70
C12 B12 I . 14.86 45.29 13.97
C46 B12 I . 13.47 45.11 14.63
C47 B12 I . 15.79 45.84 15.09
C13 B12 I . 15.37 44.03 13.32
C48 B12 I . 16.79 44.10 12.81
C49 B12 I . 17.62 42.92 13.34
C50 B12 I . 18.56 42.58 12.22
O51 B12 I . 18.70 41.29 11.92
N52 B12 I . 19.13 43.62 11.55
C14 B12 I . 14.50 44.05 12.08
C15 B12 I . 14.00 42.93 11.48
C53 B12 I . 13.59 41.80 12.33
C16 B12 I . 13.62 42.99 10.11
C17 B12 I . 13.03 41.86 9.27
C54 B12 I . 11.53 41.87 9.72
C55 B12 I . 13.57 40.41 9.33
C56 B12 I . 15.08 40.34 9.46
C57 B12 I . 15.66 38.96 9.62
O58 B12 I . 15.78 38.59 10.78
N59 B12 I . 16.02 38.35 8.50
C18 B12 I . 13.12 42.46 7.86
C60 B12 I . 12.19 41.85 6.75
C61 B12 I . 12.90 41.02 5.70
O63 B12 I . 12.43 40.82 4.59
N62 B12 I . 14.11 40.51 5.87
C19 B12 I . 13.14 43.92 8.10
C1P B12 I . 16.63 37.00 8.57
C2P B12 I . 18.13 37.17 8.32
C3P B12 I . 18.98 36.01 8.89
O3 B12 I . 18.21 37.18 6.84
O4 B12 I . 20.20 38.63 6.88
O5 B12 I . 18.81 38.36 4.74
P B12 I . 19.41 37.81 6.02
O2 B12 I . 20.29 36.54 5.61
C3R B12 I . 19.73 35.54 4.84
C2R B12 I . 19.88 35.61 3.35
O7R B12 I . 19.79 36.86 2.73
C1R B12 I . 21.23 34.96 3.17
O6R B12 I . 21.48 34.18 4.35
C4R B12 I . 20.42 34.27 5.29
C5R B12 I . 19.53 33.05 5.32
O8R B12 I . 20.44 31.93 5.55
N1B B12 I . 22.38 35.87 3.08
C8B B12 I . 23.56 35.58 2.41
C2B B12 I . 22.55 37.07 3.62
N3B B12 I . 23.74 37.62 3.35
C9B B12 I . 24.41 36.71 2.57
C4B B12 I . 25.71 36.70 2.00
C5B B12 I . 26.09 35.56 1.28
C5M B12 I . 27.43 35.50 0.64
C6B B12 I . 25.20 34.41 1.08
C6M B12 I . 25.57 33.21 0.31
C7B B12 I . 23.90 34.44 1.68
CO B12 J . 1.67 -46.54 -10.58
N21 B12 J . 1.58 -46.83 -8.74
N22 B12 J . 2.30 -48.34 -10.86
N23 B12 J . 1.45 -45.99 -12.35
N24 B12 J . 1.40 -44.76 -10.04
C1 B12 J . 1.86 -45.63 -7.90
C20 B12 J . 3.43 -45.36 -8.05
C2 B12 J . 1.27 -46.11 -6.50
C25 B12 J . 1.82 -45.32 -5.26
C26 B12 J . -0.30 -46.06 -6.47
C27 B12 J . -0.92 -46.17 -5.07
O28 B12 J . -0.79 -47.11 -4.24
N29 B12 J . -1.63 -45.08 -4.67
C3 B12 J . 1.64 -47.64 -6.57
C30 B12 J . 2.82 -48.29 -5.75
C31 B12 J . 2.27 -49.23 -4.67
C32 B12 J . 3.36 -50.06 -3.98
O34 B12 J . 3.10 -51.07 -3.28
N33 B12 J . 4.65 -49.81 -4.08
C4 B12 J . 1.82 -47.94 -8.04
C5 B12 J . 1.89 -49.29 -8.63
C35 B12 J . 1.05 -50.30 -7.92
C6 B12 J . 2.14 -49.44 -9.97
C7 B12 J . 2.25 -50.73 -10.77
C36 B12 J . 3.12 -51.76 -9.97
C37 B12 J . 0.80 -51.23 -11.24
C38 B12 J . 0.87 -52.71 -11.76
O39 B12 J . 0.32 -53.63 -11.09
N40 B12 J . 1.51 -52.98 -12.84
C8 B12 J . 2.87 -50.16 -12.12
C41 B12 J . 4.39 -50.31 -12.16
C42 B12 J . 5.11 -49.56 -13.27
C43 B12 J . 6.45 -50.11 -13.57
O44 B12 J . 6.93 -51.02 -12.81
N45 B12 J . 7.20 -49.67 -14.59
C9 B12 J . 2.44 -48.74 -12.10
C10 B12 J . 1.88 -48.16 -13.21
C11 B12 J . 1.61 -46.83 -13.40
C12 B12 J . 2.23 -46.07 -14.56
C46 B12 J . 1.06 -45.31 -15.29
C47 B12 J . 3.03 -46.90 -15.63
C13 B12 J . 3.08 -45.07 -13.76
C48 B12 J . 4.29 -45.60 -12.93
C49 B12 J . 5.59 -45.56 -13.74
C50 B12 J . 6.04 -44.18 -14.05
O51 B12 J . 6.63 -44.14 -15.14
N52 B12 J . 5.82 -43.13 -13.29
C14 B12 J . 2.01 -44.81 -12.74
C15 B12 J . 2.05 -43.65 -12.05
C53 B12 J . 2.35 -42.42 -12.79
C16 B12 J . 1.73 -43.67 -10.66
C17 B12 J . 1.17 -42.49 -9.82
C54 B12 J . -0.28 -42.36 -10.44
C55 B12 J . 1.79 -41.08 -9.80
C56 B12 J . 3.30 -40.99 -9.57
C57 B12 J . 4.06 -39.98 -10.40
O58 B12 J . 3.50 -39.38 -11.29
N59 B12 J . 5.29 -39.75 -10.05
C18 B12 J . 1.16 -43.11 -8.44
C60 B12 J . 0.23 -42.46 -7.37
C61 B12 J . 0.94 -41.71 -6.26
O63 B12 J . 0.16 -41.43 -5.35
N62 B12 J . 2.26 -41.35 -6.31
C19 B12 J . 1.01 -44.56 -8.68
C1P B12 J . 6.03 -38.70 -10.84
C2P B12 J . 7.36 -38.40 -10.21
C3P B12 J . 7.89 -37.08 -10.71
O3 B12 J . 7.15 -38.31 -8.78
O4 B12 J . 8.67 -40.35 -8.37
O5 B12 J . 7.23 -39.24 -6.42
P B12 J . 8.08 -39.14 -7.73
O2 B12 J . 9.18 -38.04 -7.39
C3R B12 J . 8.87 -36.95 -6.59
C2R B12 J . 9.21 -36.99 -5.12
O7R B12 J . 8.99 -38.21 -4.46
C1R B12 J . 10.66 -36.47 -5.07
O6R B12 J . 10.89 -35.81 -6.29
C4R B12 J . 9.68 -35.78 -7.09
C5R B12 J . 8.94 -34.45 -7.06
O8R B12 J . 9.99 -33.43 -7.30
N1B B12 J . 11.69 -37.51 -5.04
C8B B12 J . 12.94 -37.34 -4.49
C2B B12 J . 11.70 -38.75 -5.58
N3B B12 J . 12.83 -39.41 -5.38
C9B B12 J . 13.65 -38.54 -4.69
C4B B12 J . 14.97 -38.64 -4.20
C5B B12 J . 15.51 -37.52 -3.54
C5M B12 J . 16.90 -37.57 -3.00
C6B B12 J . 14.78 -36.25 -3.34
C6M B12 J . 15.32 -35.05 -2.65
C7B B12 J . 13.47 -36.21 -3.82
CO B12 K . 22.04 25.89 -33.44
N21 B12 K . 20.82 27.30 -33.00
N22 B12 K . 22.80 26.97 -34.82
N23 B12 K . 22.82 24.30 -33.91
N24 B12 K . 21.16 25.06 -32.01
C1 B12 K . 19.60 26.88 -32.23
C20 B12 K . 18.56 26.14 -33.08
C2 B12 K . 19.09 28.27 -31.70
C25 B12 K . 17.59 28.28 -31.26
C26 B12 K . 20.04 28.75 -30.49
C27 B12 K . 19.56 30.02 -29.78
O28 B12 K . 19.31 31.16 -30.30
N29 B12 K . 19.33 29.80 -28.46
C3 B12 K . 19.45 29.22 -32.88
C30 B12 K . 18.30 29.82 -33.77
C31 B12 K . 18.07 31.30 -33.53
C32 B12 K . 17.47 32.08 -34.78
O34 B12 K . 17.56 33.33 -35.13
N33 B12 K . 16.82 31.46 -35.74
C4 B12 K . 20.58 28.49 -33.59
C5 B12 K . 21.43 29.04 -34.62
C35 B12 K . 21.61 30.48 -34.50
C6 B12 K . 22.45 28.30 -35.20
C7 B12 K . 23.18 28.56 -36.52
C36 B12 K . 22.42 29.50 -37.47
C37 B12 K . 24.64 29.03 -36.16
C38 B12 K . 25.33 29.80 -37.32
O39 B12 K . 25.49 31.00 -37.22
N40 B12 K . 25.61 29.22 -38.42
C8 B12 K . 23.33 27.09 -37.06
C41 B12 K . 22.06 26.51 -37.67
C42 B12 K . 22.27 25.24 -38.48
C43 B12 K . 22.18 25.38 -39.93
O44 B12 K . 21.99 26.54 -40.45
N45 B12 K . 22.36 24.28 -40.68
C9 B12 K . 23.45 26.35 -35.79
C10 B12 K . 24.15 25.17 -35.66
C11 B12 K . 23.88 24.18 -34.76
C12 B12 K . 24.30 22.71 -34.85
C46 B12 K . 25.44 22.43 -33.84
C47 B12 K . 24.85 22.22 -36.20
C13 B12 K . 22.98 22.05 -34.45
C48 B12 K . 21.95 21.91 -35.58
C49 B12 K . 21.57 20.46 -35.91
C50 B12 K . 20.12 20.23 -35.55
O51 B12 K . 19.71 19.15 -35.02
N52 B12 K . 19.25 21.13 -35.73
C14 B12 K . 22.51 23.08 -33.46
C15 B12 K . 21.94 22.79 -32.30
C53 B12 K . 22.31 21.54 -31.66
C16 B12 K . 21.28 23.83 -31.58
C17 B12 K . 20.31 23.63 -30.41
C54 B12 K . 21.35 23.72 -29.28
C55 B12 K . 19.45 22.33 -30.24
C56 B12 K . 18.57 21.91 -31.41
C57 B12 K . 18.03 20.50 -31.33
O58 B12 K . 18.58 19.71 -32.11
N59 B12 K . 16.98 20.27 -30.55
C18 B12 K . 19.46 24.92 -30.48
C60 B12 K . 18.84 25.44 -29.13
C61 B12 K . 17.34 25.27 -28.98
O63 B12 K . 16.75 25.90 -28.13
N62 B12 K . 16.64 24.45 -29.71
C19 B12 K . 20.26 25.86 -31.26
C1P B12 K . 16.39 18.91 -30.48
C2P B12 K . 15.37 18.76 -31.64
C3P B12 K . 14.79 17.36 -31.81
O3 B12 K . 14.30 19.70 -31.32
O4 B12 K . 14.06 20.39 -33.71
O5 B12 K . 12.87 21.74 -31.91
P B12 K . 13.38 20.41 -32.45
O2 B12 K . 12.07 19.49 -32.41
C3R B12 K . 11.32 19.32 -31.25
C2R B12 K . 10.08 20.11 -31.08
O7R B12 K . 10.10 21.41 -31.54
C1R B12 K . 9.06 19.24 -31.76
O6R B12 K . 9.59 17.92 -31.84
C4R B12 K . 10.87 17.86 -31.22
C5R B12 K . 10.83 17.22 -29.83
O8R B12 K . 10.09 15.98 -29.94
N1B B12 K . 8.72 19.59 -33.16
C8B B12 K . 7.46 19.38 -33.75
C2B B12 K . 9.51 20.13 -34.11
N3B B12 K . 8.87 20.31 -35.28
C9B B12 K . 7.58 19.84 -35.09
C4B B12 K . 6.44 19.76 -35.92
C5B B12 K . 5.28 19.21 -35.37
C5M B12 K . 4.03 19.06 -36.22
C6B B12 K . 5.20 18.73 -33.99
C6M B12 K . 3.95 18.14 -33.41
C7B B12 K . 6.31 18.85 -33.19
CO B12 L . 16.23 -27.76 31.27
N21 B12 L . 14.83 -28.97 31.03
N22 B12 L . 17.05 -28.84 32.57
N23 B12 L . 17.27 -26.24 31.55
N24 B12 L . 15.30 -26.82 29.87
C1 B12 L . 13.60 -28.51 30.31
C20 B12 L . 12.75 -27.73 31.33
C2 B12 L . 13.02 -29.87 29.76
C25 B12 L . 11.51 -29.81 29.44
C26 B12 L . 13.88 -30.36 28.52
C27 B12 L . 13.28 -31.50 27.70
O28 B12 L . 13.01 -32.71 28.10
N29 B12 L . 12.95 -31.06 26.43
C3 B12 L . 13.40 -30.80 30.94
C30 B12 L . 12.38 -31.21 32.06
C31 B12 L . 11.97 -32.67 31.89
C32 B12 L . 11.42 -33.34 33.16
O34 B12 L . 11.30 -34.59 33.22
N33 B12 L . 11.10 -32.70 34.28
C4 B12 L . 14.67 -30.17 31.52
C5 B12 L . 15.63 -30.80 32.36
C35 B12 L . 15.71 -32.24 32.16
C6 B12 L . 16.71 -30.12 32.93
C7 B12 L . 17.61 -30.52 34.12
C36 B12 L . 16.88 -31.45 35.17
C37 B12 L . 18.96 -31.12 33.51
C38 B12 L . 19.72 -31.91 34.63
O39 B12 L . 19.83 -33.18 34.58
N40 B12 L . 20.21 -31.28 35.64
C8 B12 L . 18.03 -29.11 34.67
C41 B12 L . 17.18 -28.69 35.85
C42 B12 L . 17.24 -27.27 36.31
C43 B12 L . 17.13 -27.16 37.77
O44 B12 L . 16.93 -28.21 38.46
N45 B12 L . 17.29 -25.95 38.39
C9 B12 L . 17.76 -28.25 33.50
C10 B12 L . 18.57 -27.14 33.30
C11 B12 L . 18.28 -26.13 32.43
C12 B12 L . 18.86 -24.74 32.44
C46 B12 L . 19.99 -24.71 31.33
C47 B12 L . 19.46 -24.23 33.78
C13 B12 L . 17.59 -23.99 32.01
C48 B12 L . 16.54 -23.80 33.07
C49 B12 L . 16.54 -22.39 33.70
C50 B12 L . 15.17 -21.85 33.93
O51 B12 L . 15.11 -20.70 34.42
N52 B12 L . 14.08 -22.48 33.64
C14 B12 L . 17.09 -25.01 31.04
C15 B12 L . 16.48 -24.72 29.85
C53 B12 L . 17.04 -23.55 29.09
C16 B12 L . 15.53 -25.66 29.34
C17 B12 L . 14.37 -25.31 28.36
C54 B12 L . 15.24 -25.45 27.04
C55 B12 L . 13.67 -23.93 28.34
C56 B12 L . 13.17 -23.40 29.68
C57 B12 L . 12.78 -21.94 29.70
O58 B12 L . 13.52 -21.17 30.33
N59 B12 L . 11.62 -21.66 29.12
C18 B12 L . 13.40 -26.49 28.60
C60 B12 L . 12.53 -26.99 27.39
C61 B12 L . 11.10 -26.53 27.36
O63 B12 L . 10.33 -27.07 26.54
N62 B12 L . 10.62 -25.53 28.13
C19 B12 L . 14.23 -27.51 29.26
C1P B12 L . 11.06 -20.27 29.13
C2P B12 L . 10.15 -20.08 30.36
C3P B12 L . 9.76 -18.63 30.60
O3 B12 L . 8.92 -20.77 30.00
O4 B12 L . 8.53 -21.73 32.32
O5 B12 L . 7.37 -22.71 30.26
P B12 L . 7.95 -21.54 31.03
O2 B12 L . 6.76 -20.46 31.12
C3R B12 L . 5.88 -20.22 30.07
C2R B12 L . 4.64 -21.06 29.95
O7R B12 L . 4.70 -22.40 30.37
C1R B12 L . 3.60 -20.26 30.73
O6R B12 L . 3.96 -18.93 30.52
C4R B12 L . 5.37 -18.79 30.26
C5R B12 L . 5.57 -17.87 29.08
O8R B12 L . 4.71 -16.70 29.28
N1B B12 L . 3.56 -20.43 32.18
C8B B12 L . 2.51 -20.05 32.97
C2B B12 L . 4.49 -20.89 33.04
N3B B12 L . 4.11 -20.89 34.31
C9B B12 L . 2.84 -20.37 34.32
C4B B12 L . 1.91 -20.10 35.35
C5B B12 L . 0.68 -19.52 34.98
C5M B12 L . -0.35 -19.20 36.05
C6B B12 L . 0.32 -19.18 33.58
C6M B12 L . -0.95 -18.57 33.14
C7B B12 L . 1.28 -19.48 32.59
#